data_6CHS
#
_entry.id   6CHS
#
_cell.length_a   1
_cell.length_b   1
_cell.length_c   1
_cell.angle_alpha   90.00
_cell.angle_beta   90.00
_cell.angle_gamma   90.00
#
_symmetry.space_group_name_H-M   'P 1'
#
loop_
_entity.id
_entity.type
_entity.pdbx_description
1 polymer Npl4
2 polymer 'Putative cell division control protein'
3 non-polymer 'ZINC ION'
4 non-polymer 'PHOSPHOTHIOPHOSPHORIC ACID-ADENYLATE ESTER'
5 non-polymer 'MAGNESIUM ION'
#
loop_
_entity_poly.entity_id
_entity_poly.type
_entity_poly.pdbx_seq_one_letter_code
_entity_poly.pdbx_strand_id
1 'polypeptide(L)'
;MLLRMRCPDGMFRLTVEKDDTFGELVRQLVPKLPPTVDPKSITLSNHPSGGDSKRIDEIARFKIGQVGHGDLIFVRYQTS
DTVANGRSVDISSQTAGLSSSANRLNGKPVLPTEDHPIDPPPNTSAERIKNPWEVVRQSPLDDRLDKLDGKIPRKRGAMC
RHGPKGMCDYCTPLDPFNPQYLEEKKIKYMSVHAYMRKINSATNRPELGSSFIPPLVEPYYRVKRDCPSGHPQWPEGICT
KCQPSAITLQPQPFRMVDHVEFASPQIIDRFLDAWRRTGVQRLGILYGRYLEYDAVPLGIKAVVEAIYEPPQVDEIDGIT
LNPWENEQEVNQVAKYCGLEQVGVIWTDLLDAGKGDGSVVCKRHADSYFLAAQEIVFAARLQAQHPKPSKWSDTGRFGSN
FVTCVVSGNEQGEISISAYQMSNDAVEMVRADIIEPSADPTLMLVREEEEDDGSPSKTRYIPEVFYRKINEYGANVLENA
KPAFPVEYLFVTLTHGFPDSPSPLFTDNIFPIENREYVGEAQEVSAVAKALKVHEADAPMNVSDFHLLCFIHQMSVLSKE
EEALLCRVATLHDLAESFQLRSTTGWQTLHMILQSTGERVPKRPRFSDNVPSSSQDTQEALGGNNLDPGEPLAKRFAAVR
LNENNQSSPKPYAPSRWNL
;
A
2 'polypeptide(L)'
;MAPESKDHKKKVNLTDPSGAEHREENDTATAILKKKKKPNQLMVTDAVNDDNSIIALSNNTMEALQLFRGDTVLVRGKKR
RDTVLIVLADDDLDDGSARINRVVRHNLRVKHGDMITIHPCPDIKYAKRIAVLPIADTVEGLTGSLFDVFLAPYFREAYR
PVRQGDLFTVRGGMRQVEFKVVEVDPPEYGIVAQDTIIHCEGEPIPREEEENNLNEVGYDDIGGCRKQLAQIREMVELPL
RHPQLFKSIGIKPPRGVLLYGPPGTGKTLMARAVANETGAFFFLINGPEIMSKMAGESESNLRKAFEEAEKNSPAIIFID
EIDSIAPKREKTNGEVERRVVSQLLTLMDGMKARSNVVVMAATNRPNSIDPALRRFGRFDREVDIGIPDPTGRLEILQIH
TKNMKLADDVDLEQIAAETHGYVGSDLAALCSEAAMQQIREKMDLIDLDEDTIDAEVLDSLGVTMDNFRYALGVSNPSAL
REVAVVEVPNVRWEDIGGLEQVKQELKEQVQYPVDHPEKFLKFGLSPSRGVLFYGPPGTGKTMLAKAVANECAANFISVK
GPELLSMWFGESESNIRDIFDKARAAAPCVVFLDELDSIAKARGGSIGDAGGASDRVVNQLLTEMDGMTSKKNVFVIGAT
NRPEQLDPALCRPGRLDQLIYVPLPDEAGRLSILKAQLRKTPVSKDVDLAYIASKTHGFSGADLAFITQRAVKLAIKESI
AAEIERQKAREAAGEDVNMEDDEDPVPELTKRHFEEAMRDARRSVSDVEIRRYEAFAQQMKNAGPGAFFKFPDSTTDNSA
SNAAGNSFGDAGNDDDLYT
;
H,I,J,D,E,F
#
# COMPACT_ATOMS: atom_id res chain seq x y z
N ILE A 129 43.85 -24.41 -19.43
CA ILE A 129 45.09 -24.43 -18.67
C ILE A 129 44.88 -23.30 -17.63
N LYS A 130 45.95 -22.80 -17.01
CA LYS A 130 45.84 -22.00 -15.80
C LYS A 130 45.31 -20.61 -16.08
N ASN A 131 45.12 -19.87 -14.99
CA ASN A 131 44.83 -18.47 -15.06
C ASN A 131 46.10 -17.70 -15.42
N PRO A 132 45.98 -16.46 -15.91
CA PRO A 132 47.17 -15.62 -15.99
C PRO A 132 47.74 -15.32 -14.62
N TRP A 133 46.89 -14.97 -13.65
CA TRP A 133 47.36 -14.80 -12.27
C TRP A 133 47.78 -16.10 -11.61
N GLU A 134 47.60 -17.24 -12.26
CA GLU A 134 48.26 -18.47 -11.86
C GLU A 134 49.54 -18.72 -12.65
N VAL A 135 49.84 -17.94 -13.69
CA VAL A 135 51.12 -18.12 -14.39
C VAL A 135 51.93 -16.83 -14.40
N VAL A 136 51.30 -15.66 -14.21
CA VAL A 136 52.11 -14.45 -14.15
C VAL A 136 52.80 -14.39 -12.80
N ARG A 137 53.87 -13.59 -12.76
CA ARG A 137 54.74 -13.51 -11.61
C ARG A 137 54.87 -12.04 -11.21
N GLN A 138 54.58 -11.75 -9.95
CA GLN A 138 54.68 -10.39 -9.45
C GLN A 138 56.13 -9.95 -9.31
N SER A 139 56.31 -8.65 -9.11
CA SER A 139 57.59 -8.12 -8.72
C SER A 139 57.90 -8.55 -7.29
N PRO A 140 59.18 -8.57 -6.90
CA PRO A 140 59.51 -8.80 -5.48
C PRO A 140 58.93 -7.77 -4.54
N LEU A 141 58.77 -6.52 -4.98
CA LEU A 141 58.08 -5.52 -4.18
C LEU A 141 56.63 -5.91 -3.95
N ASP A 142 55.97 -6.37 -5.01
CA ASP A 142 54.61 -6.85 -4.87
C ASP A 142 54.54 -8.10 -4.02
N ASP A 143 55.61 -8.89 -4.00
CA ASP A 143 55.71 -9.95 -3.02
C ASP A 143 55.90 -9.40 -1.63
N ARG A 144 56.66 -8.31 -1.50
CA ARG A 144 56.85 -7.71 -0.18
C ARG A 144 55.58 -7.05 0.31
N LEU A 145 54.80 -6.45 -0.59
CA LEU A 145 53.65 -5.68 -0.16
C LEU A 145 52.43 -6.53 0.16
N ASP A 146 52.42 -7.80 -0.25
CA ASP A 146 51.22 -8.59 -0.04
C ASP A 146 51.07 -9.07 1.39
N LYS A 147 52.17 -9.31 2.09
CA LYS A 147 52.11 -9.92 3.41
C LYS A 147 51.76 -8.94 4.52
N LEU A 148 51.40 -7.71 4.19
CA LEU A 148 51.04 -6.71 5.19
C LEU A 148 49.59 -6.32 5.04
N ASP A 149 48.90 -6.16 6.17
CA ASP A 149 47.56 -5.59 6.14
C ASP A 149 47.60 -4.09 5.92
N GLY A 150 48.64 -3.43 6.42
CA GLY A 150 48.68 -1.99 6.42
C GLY A 150 47.76 -1.34 7.42
N LYS A 151 47.23 -2.11 8.36
CA LYS A 151 46.28 -1.56 9.32
C LYS A 151 46.98 -0.68 10.34
N ILE A 152 46.31 0.42 10.68
CA ILE A 152 46.83 1.45 11.58
C ILE A 152 46.21 1.21 12.95
N PRO A 153 46.96 0.71 13.92
CA PRO A 153 46.35 0.30 15.20
C PRO A 153 46.10 1.48 16.12
N ARG A 154 44.83 1.70 16.48
CA ARG A 154 44.53 2.67 17.52
C ARG A 154 44.71 2.03 18.88
N LYS A 155 45.05 2.86 19.86
CA LYS A 155 44.94 2.48 21.24
C LYS A 155 43.53 2.85 21.72
N ARG A 156 43.32 2.80 23.04
CA ARG A 156 41.99 3.04 23.62
C ARG A 156 41.53 4.45 23.33
N GLY A 157 40.48 4.55 22.53
CA GLY A 157 40.00 5.83 22.04
C GLY A 157 39.16 6.56 23.05
N ALA A 158 38.12 7.23 22.55
CA ALA A 158 37.30 8.07 23.41
C ALA A 158 36.26 7.29 24.19
N MET A 159 35.34 6.64 23.49
CA MET A 159 34.18 6.01 24.12
C MET A 159 34.43 4.56 24.45
N CYS A 160 35.54 4.28 25.11
CA CYS A 160 35.84 2.92 25.55
C CYS A 160 34.96 2.53 26.71
N ARG A 161 34.22 1.44 26.55
CA ARG A 161 33.36 0.91 27.59
C ARG A 161 33.96 -0.38 28.13
N HIS A 162 35.28 -0.44 28.15
CA HIS A 162 35.93 -1.72 28.34
C HIS A 162 37.17 -1.56 29.18
N GLY A 163 37.67 -2.68 29.67
CA GLY A 163 39.01 -2.75 30.17
C GLY A 163 39.99 -2.61 29.02
N PRO A 164 41.27 -2.51 29.36
CA PRO A 164 42.29 -2.21 28.34
C PRO A 164 42.49 -3.30 27.30
N LYS A 165 42.02 -4.52 27.55
CA LYS A 165 41.96 -5.55 26.53
C LYS A 165 40.53 -5.81 26.09
N GLY A 166 39.74 -4.74 26.01
CA GLY A 166 38.48 -4.75 25.32
C GLY A 166 38.49 -3.81 24.13
N MET A 167 37.32 -3.63 23.52
CA MET A 167 37.26 -2.71 22.40
C MET A 167 35.88 -2.06 22.40
N CYS A 168 35.81 -0.92 21.72
CA CYS A 168 34.59 -0.18 21.55
C CYS A 168 34.51 0.20 20.08
N ASP A 169 33.60 1.12 19.76
CA ASP A 169 33.49 1.57 18.39
C ASP A 169 34.61 2.52 18.00
N TYR A 170 35.48 2.89 18.93
CA TYR A 170 36.44 3.96 18.69
C TYR A 170 37.85 3.58 19.08
N CYS A 171 38.16 2.29 19.21
CA CYS A 171 39.54 1.91 19.43
C CYS A 171 39.90 0.68 18.61
N THR A 172 39.24 0.49 17.49
CA THR A 172 39.64 -0.49 16.51
C THR A 172 40.89 0.02 15.80
N PRO A 173 41.72 -0.89 15.30
CA PRO A 173 42.74 -0.49 14.33
C PRO A 173 42.10 0.06 13.07
N LEU A 174 42.85 0.89 12.36
CA LEU A 174 42.31 1.64 11.25
C LEU A 174 42.63 0.97 9.93
N ASP A 175 42.03 1.50 8.89
CA ASP A 175 42.15 0.99 7.54
C ASP A 175 43.22 1.75 6.77
N PRO A 176 43.89 1.07 5.82
CA PRO A 176 44.71 1.81 4.85
C PRO A 176 43.87 2.69 3.95
N PHE A 177 42.63 2.29 3.67
CA PHE A 177 41.73 3.04 2.81
C PHE A 177 40.82 3.99 3.57
N ASN A 178 41.08 4.19 4.86
CA ASN A 178 40.19 4.97 5.73
C ASN A 178 40.16 6.44 5.29
N PRO A 179 39.01 6.96 4.85
CA PRO A 179 38.98 8.30 4.26
C PRO A 179 39.23 9.41 5.26
N GLN A 180 38.69 9.28 6.47
CA GLN A 180 38.98 10.24 7.52
C GLN A 180 40.46 10.22 7.87
N TYR A 181 41.07 9.05 7.79
CA TYR A 181 42.52 8.96 7.98
C TYR A 181 43.27 9.60 6.83
N LEU A 182 42.77 9.44 5.60
CA LEU A 182 43.42 10.07 4.48
C LEU A 182 43.16 11.57 4.46
N GLU A 183 42.03 12.00 5.04
CA GLU A 183 41.72 13.42 5.06
C GLU A 183 42.57 14.14 6.09
N GLU A 184 42.73 13.57 7.28
CA GLU A 184 43.55 14.20 8.30
C GLU A 184 45.02 14.19 7.92
N LYS A 185 45.45 13.19 7.18
CA LYS A 185 46.82 13.12 6.69
C LYS A 185 46.99 13.81 5.35
N LYS A 186 45.93 14.47 4.85
CA LYS A 186 45.93 15.25 3.61
C LYS A 186 46.29 14.41 2.39
N ILE A 187 46.09 13.11 2.47
CA ILE A 187 46.48 12.20 1.40
C ILE A 187 45.34 12.20 0.41
N LYS A 188 45.68 12.37 -0.87
CA LYS A 188 44.65 12.57 -1.89
C LYS A 188 43.90 11.29 -2.17
N TYR A 189 44.60 10.30 -2.69
CA TYR A 189 44.02 9.01 -3.00
C TYR A 189 44.74 7.95 -2.19
N MET A 190 44.06 6.83 -1.97
CA MET A 190 44.72 5.68 -1.39
C MET A 190 45.67 5.06 -2.42
N SER A 191 46.57 4.21 -1.93
CA SER A 191 47.40 3.47 -2.85
C SER A 191 46.59 2.39 -3.53
N VAL A 192 47.16 1.86 -4.62
CA VAL A 192 46.49 0.80 -5.36
C VAL A 192 46.40 -0.48 -4.53
N HIS A 193 47.34 -0.69 -3.62
CA HIS A 193 47.20 -1.79 -2.67
C HIS A 193 46.17 -1.47 -1.61
N ALA A 194 46.13 -0.22 -1.14
CA ALA A 194 45.05 0.18 -0.25
C ALA A 194 43.72 0.14 -0.97
N TYR A 195 43.73 0.40 -2.28
CA TYR A 195 42.55 0.11 -3.09
C TYR A 195 42.31 -1.39 -3.18
N MET A 196 43.37 -2.18 -3.24
CA MET A 196 43.22 -3.61 -3.42
C MET A 196 42.63 -4.26 -2.18
N ARG A 197 43.04 -3.82 -1.02
CA ARG A 197 42.57 -4.43 0.21
C ARG A 197 41.22 -3.87 0.61
N LYS A 198 40.82 -2.77 0.00
CA LYS A 198 39.48 -2.23 0.23
C LYS A 198 38.44 -3.04 -0.52
N ILE A 199 38.60 -3.15 -1.84
CA ILE A 199 37.57 -3.72 -2.71
C ILE A 199 37.43 -5.22 -2.57
N ASN A 200 38.38 -5.89 -1.93
CA ASN A 200 38.36 -7.33 -1.88
C ASN A 200 38.30 -7.79 -0.44
N SER A 201 37.61 -8.91 -0.23
CA SER A 201 37.69 -9.61 1.03
C SER A 201 39.06 -10.25 1.19
N ALA A 202 39.40 -10.57 2.44
CA ALA A 202 40.67 -11.20 2.74
C ALA A 202 40.71 -12.66 2.34
N THR A 203 39.56 -13.34 2.35
CA THR A 203 39.50 -14.75 1.98
C THR A 203 39.81 -14.95 0.51
N ASN A 204 39.31 -14.05 -0.33
CA ASN A 204 39.56 -14.09 -1.76
C ASN A 204 41.00 -13.67 -2.00
N ARG A 205 41.91 -14.64 -2.06
CA ARG A 205 43.30 -14.32 -1.95
C ARG A 205 44.06 -15.39 -2.72
N PRO A 206 45.01 -15.03 -3.60
CA PRO A 206 45.53 -15.98 -4.60
C PRO A 206 46.30 -17.17 -4.05
N GLU A 207 46.60 -17.21 -2.75
CA GLU A 207 47.14 -18.42 -2.13
C GLU A 207 46.10 -19.53 -2.04
N LEU A 208 44.82 -19.22 -2.24
CA LEU A 208 43.86 -20.24 -2.61
C LEU A 208 44.28 -20.92 -3.91
N GLY A 209 44.76 -20.14 -4.87
CA GLY A 209 45.12 -20.70 -6.15
C GLY A 209 43.95 -20.73 -7.10
N SER A 210 43.28 -21.89 -7.14
CA SER A 210 42.25 -22.12 -8.15
C SER A 210 40.99 -21.32 -7.86
N SER A 211 40.55 -21.27 -6.60
CA SER A 211 39.28 -20.66 -6.24
C SER A 211 39.37 -19.15 -6.09
N PHE A 212 40.36 -18.51 -6.69
CA PHE A 212 40.60 -17.08 -6.52
C PHE A 212 39.87 -16.26 -7.58
N ILE A 213 39.23 -15.19 -7.14
CA ILE A 213 38.70 -14.16 -8.02
C ILE A 213 39.68 -13.00 -7.99
N PRO A 214 40.19 -12.57 -9.14
CA PRO A 214 40.90 -11.31 -9.21
C PRO A 214 39.96 -10.15 -9.02
N PRO A 215 40.16 -9.34 -7.98
CA PRO A 215 39.24 -8.21 -7.78
C PRO A 215 39.45 -7.10 -8.79
N LEU A 216 40.67 -6.89 -9.23
CA LEU A 216 40.93 -5.85 -10.21
C LEU A 216 40.46 -6.27 -11.59
N VAL A 217 39.89 -5.33 -12.31
CA VAL A 217 39.48 -5.52 -13.69
C VAL A 217 40.18 -4.46 -14.51
N GLU A 218 41.07 -4.90 -15.39
CA GLU A 218 41.61 -3.99 -16.39
C GLU A 218 40.47 -3.56 -17.32
N PRO A 219 40.33 -2.27 -17.63
CA PRO A 219 39.20 -1.82 -18.44
C PRO A 219 39.29 -2.33 -19.86
N TYR A 220 38.12 -2.62 -20.43
CA TYR A 220 38.02 -3.11 -21.80
C TYR A 220 36.99 -2.29 -22.56
N TYR A 221 37.38 -1.08 -22.96
CA TYR A 221 36.49 -0.18 -23.68
C TYR A 221 36.63 -0.28 -25.20
N ARG A 222 37.20 -1.39 -25.67
CA ARG A 222 37.37 -1.60 -27.10
C ARG A 222 36.08 -2.08 -27.74
N VAL A 223 35.96 -3.40 -27.89
CA VAL A 223 34.77 -4.00 -28.48
C VAL A 223 34.73 -5.50 -28.18
N LYS A 224 33.63 -5.95 -27.58
CA LYS A 224 33.46 -7.36 -27.24
C LYS A 224 33.69 -8.24 -28.47
N ARG A 225 34.89 -8.79 -28.58
CA ARG A 225 35.24 -9.65 -29.70
C ARG A 225 34.71 -11.07 -29.51
N ASP A 226 34.56 -11.78 -30.62
CA ASP A 226 34.06 -13.16 -30.60
C ASP A 226 32.72 -13.24 -29.88
N CYS A 227 31.78 -12.45 -30.39
CA CYS A 227 30.53 -12.20 -29.70
C CYS A 227 29.59 -13.40 -29.79
N PRO A 228 29.12 -13.91 -28.68
CA PRO A 228 28.30 -15.13 -28.70
C PRO A 228 26.81 -14.83 -28.86
N SER A 229 26.45 -14.16 -29.95
CA SER A 229 25.04 -13.90 -30.22
C SER A 229 24.66 -13.96 -31.69
N GLY A 230 25.39 -14.70 -32.52
CA GLY A 230 25.02 -14.93 -33.90
C GLY A 230 25.39 -13.81 -34.86
N HIS A 231 25.47 -12.59 -34.37
CA HIS A 231 25.83 -11.48 -35.22
C HIS A 231 27.34 -11.52 -35.48
N PRO A 232 27.76 -11.04 -36.65
CA PRO A 232 29.13 -10.98 -37.14
C PRO A 232 30.15 -10.59 -36.07
N GLN A 233 31.31 -10.09 -36.48
CA GLN A 233 32.27 -9.61 -35.48
C GLN A 233 31.72 -8.26 -34.99
N TRP A 234 32.57 -7.38 -34.47
CA TRP A 234 32.06 -6.07 -34.08
C TRP A 234 31.76 -5.48 -35.44
N PRO A 235 32.78 -5.49 -36.32
CA PRO A 235 32.65 -5.05 -37.71
C PRO A 235 31.63 -5.98 -38.36
N GLU A 236 30.71 -5.38 -39.11
CA GLU A 236 29.60 -6.06 -39.79
C GLU A 236 28.55 -6.61 -38.82
N GLY A 237 28.90 -6.88 -37.56
CA GLY A 237 27.85 -7.33 -36.68
C GLY A 237 27.92 -6.64 -35.33
N ILE A 238 26.75 -6.35 -34.78
CA ILE A 238 26.63 -5.75 -33.46
C ILE A 238 25.34 -6.25 -32.82
N CYS A 239 25.37 -6.47 -31.50
CA CYS A 239 24.17 -6.59 -30.71
C CYS A 239 24.48 -6.02 -29.32
N THR A 240 23.65 -6.35 -28.36
CA THR A 240 23.88 -5.88 -27.00
C THR A 240 25.01 -6.63 -26.32
N LYS A 241 25.21 -7.90 -26.67
CA LYS A 241 26.22 -8.72 -26.00
C LYS A 241 27.64 -8.41 -26.42
N CYS A 242 27.84 -7.48 -27.35
CA CYS A 242 29.18 -7.17 -27.82
C CYS A 242 29.57 -5.71 -27.65
N GLN A 243 28.68 -4.86 -27.19
CA GLN A 243 29.00 -3.46 -27.09
C GLN A 243 29.66 -3.14 -25.74
N PRO A 244 30.61 -2.22 -25.72
CA PRO A 244 31.15 -1.77 -24.44
C PRO A 244 30.28 -0.69 -23.82
N SER A 245 30.62 -0.31 -22.60
CA SER A 245 29.79 0.61 -21.83
C SER A 245 30.28 2.04 -21.96
N ALA A 246 29.33 2.96 -21.79
CA ALA A 246 29.64 4.38 -21.77
C ALA A 246 30.41 4.74 -20.50
N ILE A 247 31.33 5.68 -20.66
CA ILE A 247 32.39 5.90 -19.69
C ILE A 247 31.94 6.96 -18.70
N THR A 248 32.07 6.65 -17.42
CA THR A 248 31.82 7.60 -16.35
C THR A 248 33.17 8.08 -15.85
N LEU A 249 33.63 9.22 -16.35
CA LEU A 249 34.91 9.74 -15.88
C LEU A 249 34.72 10.43 -14.54
N GLN A 250 34.66 9.63 -13.51
CA GLN A 250 34.89 10.05 -12.15
C GLN A 250 36.38 10.30 -11.95
N PRO A 251 36.79 10.93 -10.87
CA PRO A 251 38.19 10.84 -10.47
C PRO A 251 38.53 9.42 -10.04
N GLN A 252 39.69 8.96 -10.46
CA GLN A 252 40.17 7.64 -10.08
C GLN A 252 40.43 7.58 -8.59
N PRO A 253 39.83 6.64 -7.86
CA PRO A 253 39.89 6.67 -6.39
C PRO A 253 41.20 6.19 -5.80
N PHE A 254 42.23 6.03 -6.61
CA PHE A 254 43.48 5.46 -6.17
C PHE A 254 44.55 5.81 -7.19
N ARG A 255 45.78 5.50 -6.83
CA ARG A 255 46.89 5.70 -7.73
C ARG A 255 47.91 4.60 -7.50
N MET A 256 48.85 4.50 -8.44
CA MET A 256 49.85 3.44 -8.39
C MET A 256 50.99 3.81 -7.44
N VAL A 257 51.64 4.92 -7.73
CA VAL A 257 52.80 5.40 -6.98
C VAL A 257 52.35 6.66 -6.25
N ASP A 258 52.87 6.86 -5.04
CA ASP A 258 52.50 8.01 -4.25
C ASP A 258 53.58 9.07 -4.24
N HIS A 259 54.81 8.68 -3.94
CA HIS A 259 55.91 9.62 -3.87
C HIS A 259 56.91 9.36 -4.99
N VAL A 260 57.51 10.43 -5.49
CA VAL A 260 58.51 10.34 -6.54
C VAL A 260 59.83 10.80 -5.91
N GLU A 261 60.59 9.86 -5.37
CA GLU A 261 61.86 10.22 -4.75
C GLU A 261 62.93 10.29 -5.81
N PHE A 262 63.25 11.51 -6.22
CA PHE A 262 64.47 11.75 -6.98
C PHE A 262 65.66 11.56 -6.08
N ALA A 263 66.53 10.60 -6.44
CA ALA A 263 67.54 10.13 -5.50
C ALA A 263 68.66 11.13 -5.25
N SER A 264 68.78 12.17 -6.08
CA SER A 264 69.80 13.20 -5.88
C SER A 264 69.37 14.45 -6.62
N PRO A 265 69.67 15.63 -6.08
CA PRO A 265 69.53 16.85 -6.87
C PRO A 265 70.49 16.90 -8.04
N GLN A 266 71.66 16.25 -7.93
CA GLN A 266 72.62 16.18 -9.02
C GLN A 266 72.13 15.33 -10.18
N ILE A 267 71.17 14.45 -9.93
CA ILE A 267 70.46 13.80 -11.03
C ILE A 267 69.69 14.84 -11.83
N ILE A 268 69.08 15.80 -11.12
CA ILE A 268 68.32 16.85 -11.79
C ILE A 268 69.26 17.93 -12.33
N ASP A 269 70.26 18.32 -11.52
CA ASP A 269 71.14 19.42 -11.88
C ASP A 269 72.03 19.08 -13.06
N ARG A 270 72.36 17.81 -13.25
CA ARG A 270 72.90 17.39 -14.54
C ARG A 270 71.85 17.53 -15.64
N PHE A 271 70.63 17.12 -15.34
CA PHE A 271 69.61 16.96 -16.37
C PHE A 271 69.12 18.30 -16.89
N LEU A 272 69.12 19.32 -16.04
CA LEU A 272 68.64 20.62 -16.48
C LEU A 272 69.75 21.50 -17.07
N ASP A 273 70.89 20.92 -17.43
CA ASP A 273 71.92 21.73 -18.05
C ASP A 273 71.61 22.07 -19.50
N ALA A 274 70.75 21.28 -20.15
CA ALA A 274 70.36 21.59 -21.52
C ALA A 274 69.48 22.83 -21.58
N TRP A 275 68.60 22.99 -20.59
CA TRP A 275 67.68 24.13 -20.61
C TRP A 275 68.38 25.43 -20.25
N ARG A 276 69.37 25.38 -19.36
CA ARG A 276 70.05 26.61 -18.98
C ARG A 276 70.93 27.13 -20.11
N ARG A 277 71.40 26.24 -20.98
CA ARG A 277 72.21 26.66 -22.11
C ARG A 277 71.38 27.04 -23.32
N THR A 278 70.19 26.47 -23.47
CA THR A 278 69.36 26.75 -24.64
C THR A 278 68.10 27.52 -24.30
N GLY A 279 67.27 27.00 -23.39
CA GLY A 279 65.98 27.58 -23.09
C GLY A 279 64.81 26.83 -23.69
N VAL A 280 65.06 25.79 -24.47
CA VAL A 280 64.02 24.97 -25.03
C VAL A 280 63.79 23.80 -24.10
N GLN A 281 62.71 23.07 -24.32
CA GLN A 281 62.28 22.09 -23.32
C GLN A 281 63.10 20.81 -23.41
N ARG A 282 62.80 19.88 -22.52
CA ARG A 282 63.53 18.63 -22.47
C ARG A 282 62.69 17.46 -21.95
N LEU A 283 62.81 16.34 -22.66
CA LEU A 283 62.13 15.11 -22.33
C LEU A 283 63.18 14.10 -21.89
N GLY A 284 62.78 13.20 -21.01
CA GLY A 284 63.65 12.12 -20.59
C GLY A 284 62.85 10.88 -20.29
N ILE A 285 63.51 9.90 -19.67
CA ILE A 285 62.89 8.64 -19.25
C ILE A 285 63.30 8.36 -17.82
N LEU A 286 62.31 8.18 -16.95
CA LEU A 286 62.62 7.82 -15.57
C LEU A 286 63.07 6.37 -15.49
N TYR A 287 64.24 6.16 -14.90
CA TYR A 287 64.73 4.83 -14.59
C TYR A 287 64.90 4.68 -13.09
N GLY A 288 64.76 3.46 -12.62
CA GLY A 288 65.05 3.19 -11.23
C GLY A 288 64.34 1.96 -10.71
N ARG A 289 63.72 2.09 -9.55
CA ARG A 289 63.06 0.97 -8.91
C ARG A 289 61.96 1.49 -8.00
N TYR A 290 61.11 0.58 -7.57
CA TYR A 290 59.97 0.88 -6.74
C TYR A 290 60.17 0.28 -5.36
N LEU A 291 60.14 1.12 -4.35
CA LEU A 291 60.37 0.68 -2.98
C LEU A 291 59.20 1.11 -2.12
N GLU A 292 59.22 0.65 -0.88
CA GLU A 292 58.19 1.03 0.08
C GLU A 292 58.35 2.49 0.46
N TYR A 293 57.26 3.23 0.42
CA TYR A 293 57.25 4.61 0.87
C TYR A 293 56.40 4.65 2.13
N ASP A 294 57.06 4.76 3.27
CA ASP A 294 56.43 4.49 4.55
C ASP A 294 55.74 5.69 5.16
N ALA A 295 55.86 6.87 4.54
CA ALA A 295 55.18 8.04 5.06
C ALA A 295 53.68 7.93 4.87
N VAL A 296 53.25 7.50 3.70
CA VAL A 296 51.84 7.20 3.48
C VAL A 296 51.68 5.69 3.64
N PRO A 297 50.51 5.18 4.03
CA PRO A 297 50.36 3.73 4.21
C PRO A 297 50.38 3.02 2.86
N LEU A 298 51.16 1.94 2.81
CA LEU A 298 51.35 1.10 1.63
C LEU A 298 51.84 1.90 0.43
N GLY A 299 52.68 2.89 0.71
CA GLY A 299 53.15 3.76 -0.35
C GLY A 299 54.25 3.11 -1.15
N ILE A 300 54.10 3.18 -2.47
CA ILE A 300 55.14 2.80 -3.40
C ILE A 300 55.81 4.07 -3.88
N LYS A 301 57.13 4.12 -3.79
CA LYS A 301 57.88 5.27 -4.25
C LYS A 301 58.67 4.94 -5.51
N ALA A 302 58.59 5.86 -6.47
CA ALA A 302 59.35 5.76 -7.71
C ALA A 302 60.73 6.33 -7.41
N VAL A 303 61.62 5.46 -6.95
CA VAL A 303 63.01 5.85 -6.77
C VAL A 303 63.64 6.01 -8.14
N VAL A 304 64.17 7.18 -8.41
CA VAL A 304 64.64 7.54 -9.75
C VAL A 304 66.16 7.61 -9.72
N GLU A 305 66.79 6.86 -10.61
CA GLU A 305 68.23 6.77 -10.68
C GLU A 305 68.82 7.34 -11.97
N ALA A 306 68.13 7.22 -13.08
CA ALA A 306 68.80 7.38 -14.36
C ALA A 306 67.83 7.89 -15.41
N ILE A 307 68.39 8.51 -16.46
CA ILE A 307 67.62 9.07 -17.58
C ILE A 307 68.36 8.79 -18.88
N TYR A 308 67.70 8.13 -19.83
CA TYR A 308 68.21 8.08 -21.20
C TYR A 308 67.18 8.71 -22.14
N GLU A 309 67.68 9.30 -23.21
CA GLU A 309 66.88 10.05 -24.16
C GLU A 309 67.06 9.49 -25.57
N PRO A 310 65.98 9.17 -26.26
CA PRO A 310 66.09 8.69 -27.63
C PRO A 310 66.42 9.84 -28.57
N PRO A 311 66.71 9.54 -29.84
CA PRO A 311 66.75 10.61 -30.84
C PRO A 311 65.38 11.28 -30.98
N GLN A 312 65.41 12.59 -31.16
CA GLN A 312 64.20 13.41 -31.13
C GLN A 312 64.50 14.73 -31.82
N VAL A 313 63.46 15.31 -32.41
CA VAL A 313 63.52 16.64 -32.98
C VAL A 313 62.78 17.56 -32.02
N ASP A 314 63.54 18.41 -31.33
CA ASP A 314 63.02 19.21 -30.22
C ASP A 314 62.52 20.55 -30.71
N GLU A 315 61.36 20.96 -30.20
CA GLU A 315 60.80 22.28 -30.41
C GLU A 315 60.48 22.89 -29.04
N ILE A 316 59.69 23.96 -29.05
CA ILE A 316 59.50 24.72 -27.83
C ILE A 316 58.26 24.27 -27.07
N ASP A 317 57.07 24.40 -27.67
CA ASP A 317 55.84 24.04 -26.97
C ASP A 317 55.51 22.55 -27.07
N GLY A 318 56.01 21.87 -28.09
CA GLY A 318 55.80 20.44 -28.22
C GLY A 318 57.10 19.79 -28.64
N ILE A 319 57.14 18.47 -28.51
CA ILE A 319 58.31 17.67 -28.90
C ILE A 319 57.82 16.50 -29.73
N THR A 320 58.47 16.27 -30.87
CA THR A 320 58.22 15.09 -31.68
C THR A 320 59.46 14.21 -31.67
N LEU A 321 59.26 12.90 -31.51
CA LEU A 321 60.39 11.98 -31.41
C LEU A 321 60.87 11.55 -32.79
N ASN A 322 62.15 11.23 -32.86
CA ASN A 322 62.64 10.27 -33.82
C ASN A 322 62.48 8.88 -33.21
N PRO A 323 62.47 7.82 -34.02
CA PRO A 323 62.33 6.47 -33.44
C PRO A 323 63.56 6.07 -32.64
N TRP A 324 63.34 5.36 -31.54
CA TRP A 324 64.45 4.94 -30.70
C TRP A 324 65.06 3.65 -31.23
N GLU A 325 66.38 3.64 -31.34
CA GLU A 325 67.07 2.68 -32.19
C GLU A 325 67.74 1.56 -31.43
N ASN A 326 68.30 1.83 -30.25
CA ASN A 326 69.00 0.85 -29.45
C ASN A 326 68.13 0.32 -28.32
N GLU A 327 66.87 0.01 -28.67
CA GLU A 327 65.83 -0.29 -27.71
C GLU A 327 66.14 -1.47 -26.81
N GLN A 328 66.77 -2.49 -27.38
CA GLN A 328 67.18 -3.60 -26.53
C GLN A 328 68.47 -3.29 -25.79
N GLU A 329 69.19 -2.25 -26.20
CA GLU A 329 70.54 -2.06 -25.68
C GLU A 329 70.50 -1.35 -24.33
N VAL A 330 69.83 -0.20 -24.25
CA VAL A 330 69.78 0.55 -23.01
C VAL A 330 68.92 -0.19 -21.99
N ASN A 331 67.93 -0.95 -22.46
CA ASN A 331 67.17 -1.82 -21.58
C ASN A 331 68.04 -2.92 -21.00
N GLN A 332 69.07 -3.35 -21.74
CA GLN A 332 69.96 -4.37 -21.21
C GLN A 332 70.83 -3.81 -20.10
N VAL A 333 71.14 -2.50 -20.18
CA VAL A 333 71.92 -1.86 -19.12
C VAL A 333 71.12 -1.83 -17.83
N ALA A 334 69.82 -1.52 -17.93
CA ALA A 334 68.94 -1.55 -16.76
C ALA A 334 68.79 -2.96 -16.23
N LYS A 335 68.76 -3.95 -17.13
CA LYS A 335 68.76 -5.35 -16.72
C LYS A 335 70.06 -5.71 -16.04
N TYR A 336 71.17 -5.15 -16.53
CA TYR A 336 72.45 -5.31 -15.84
C TYR A 336 72.43 -4.59 -14.49
N CYS A 337 72.10 -3.29 -14.50
CA CYS A 337 72.16 -2.46 -13.30
C CYS A 337 71.09 -2.81 -12.28
N GLY A 338 70.07 -3.58 -12.64
CA GLY A 338 68.97 -3.77 -11.72
C GLY A 338 68.00 -2.61 -11.71
N LEU A 339 68.00 -1.81 -12.78
CA LEU A 339 67.05 -0.74 -12.98
C LEU A 339 66.00 -1.22 -13.99
N GLU A 340 65.08 -0.32 -14.33
CA GLU A 340 64.19 -0.50 -15.49
C GLU A 340 63.55 0.84 -15.81
N GLN A 341 62.82 0.87 -16.92
CA GLN A 341 62.08 2.06 -17.33
C GLN A 341 60.89 2.21 -16.40
N VAL A 342 61.06 3.00 -15.34
CA VAL A 342 60.01 3.12 -14.34
C VAL A 342 59.03 4.23 -14.65
N GLY A 343 59.35 5.13 -15.58
CA GLY A 343 58.42 6.17 -15.91
C GLY A 343 59.00 7.11 -16.95
N VAL A 344 58.34 8.25 -17.10
CA VAL A 344 58.79 9.29 -18.03
C VAL A 344 58.89 10.60 -17.27
N ILE A 345 59.88 11.39 -17.63
CA ILE A 345 59.97 12.77 -17.18
C ILE A 345 60.09 13.66 -18.41
N TRP A 346 59.47 14.82 -18.35
CA TRP A 346 59.86 15.90 -19.23
C TRP A 346 59.75 17.20 -18.47
N THR A 347 59.95 18.30 -19.19
CA THR A 347 60.00 19.62 -18.60
C THR A 347 58.91 20.47 -19.19
N ASP A 348 58.42 21.40 -18.38
CA ASP A 348 57.77 22.61 -18.90
C ASP A 348 58.45 23.75 -18.17
N LEU A 349 59.63 24.12 -18.66
CA LEU A 349 60.43 25.18 -18.09
C LEU A 349 60.51 26.34 -19.06
N LEU A 350 59.66 27.34 -18.85
CA LEU A 350 59.74 28.56 -19.64
C LEU A 350 60.14 29.67 -18.69
N ASP A 351 61.37 30.17 -18.84
CA ASP A 351 61.85 31.23 -17.96
C ASP A 351 61.03 32.50 -18.20
N ALA A 352 60.63 33.14 -17.11
CA ALA A 352 59.73 34.27 -17.20
C ALA A 352 60.42 35.56 -17.63
N GLY A 353 61.70 35.51 -18.01
CA GLY A 353 62.36 36.65 -18.60
C GLY A 353 62.92 37.66 -17.63
N LYS A 354 62.99 37.32 -16.34
CA LYS A 354 63.62 38.18 -15.35
C LYS A 354 64.99 37.68 -14.94
N GLY A 355 65.43 36.52 -15.45
CA GLY A 355 66.78 36.04 -15.28
C GLY A 355 67.06 35.25 -14.02
N ASP A 356 66.02 34.84 -13.28
CA ASP A 356 66.22 34.11 -12.04
C ASP A 356 65.87 32.63 -12.15
N GLY A 357 65.05 32.25 -13.12
CA GLY A 357 64.48 30.92 -13.14
C GLY A 357 63.01 30.88 -12.81
N SER A 358 62.38 32.04 -12.66
CA SER A 358 60.93 32.08 -12.51
C SER A 358 60.26 31.70 -13.81
N VAL A 359 59.06 31.15 -13.71
CA VAL A 359 58.31 30.76 -14.89
C VAL A 359 57.10 31.65 -15.02
N VAL A 360 56.55 31.66 -16.23
CA VAL A 360 55.17 32.05 -16.42
C VAL A 360 54.35 31.01 -15.68
N CYS A 361 53.57 31.46 -14.68
CA CYS A 361 52.78 30.52 -13.90
C CYS A 361 51.70 29.98 -14.83
N LYS A 362 51.96 28.81 -15.41
CA LYS A 362 51.19 28.22 -16.48
C LYS A 362 50.64 26.86 -16.15
N ARG A 363 51.13 26.22 -15.10
CA ARG A 363 50.61 24.92 -14.70
C ARG A 363 50.15 25.06 -13.26
N HIS A 364 48.90 25.49 -13.10
CA HIS A 364 48.35 25.83 -11.81
C HIS A 364 46.83 25.77 -11.91
N ALA A 365 46.14 26.38 -10.95
CA ALA A 365 44.70 26.24 -10.85
C ALA A 365 43.99 26.88 -12.03
N ASP A 366 44.34 28.12 -12.35
CA ASP A 366 43.56 28.86 -13.33
C ASP A 366 43.90 28.48 -14.76
N SER A 367 45.09 27.96 -15.01
CA SER A 367 45.50 27.74 -16.40
C SER A 367 45.17 26.31 -16.85
N TYR A 368 45.91 25.33 -16.31
CA TYR A 368 45.76 23.89 -16.50
C TYR A 368 46.85 23.21 -15.67
N PHE A 369 46.95 21.90 -15.76
CA PHE A 369 48.09 21.18 -15.21
C PHE A 369 48.81 20.31 -16.22
N LEU A 370 48.07 19.61 -17.08
CA LEU A 370 48.65 18.75 -18.09
C LEU A 370 48.20 19.21 -19.46
N ALA A 371 49.15 19.34 -20.38
CA ALA A 371 48.80 19.49 -21.79
C ALA A 371 48.20 18.19 -22.29
N ALA A 372 47.17 18.29 -23.13
CA ALA A 372 46.45 17.09 -23.52
C ALA A 372 47.18 16.29 -24.59
N GLN A 373 48.09 16.92 -25.34
CA GLN A 373 48.98 16.13 -26.20
C GLN A 373 49.95 15.32 -25.36
N GLU A 374 50.37 15.87 -24.23
CA GLU A 374 51.23 15.14 -23.31
C GLU A 374 50.51 13.96 -22.69
N ILE A 375 49.20 14.10 -22.48
CA ILE A 375 48.40 13.05 -21.87
C ILE A 375 48.31 11.85 -22.81
N VAL A 376 48.01 12.09 -24.08
CA VAL A 376 47.86 11.01 -25.05
C VAL A 376 49.20 10.35 -25.31
N PHE A 377 50.25 11.16 -25.46
CA PHE A 377 51.57 10.64 -25.80
C PHE A 377 52.17 9.82 -24.67
N ALA A 378 51.93 10.23 -23.43
CA ALA A 378 52.37 9.41 -22.31
C ALA A 378 51.56 8.13 -22.22
N ALA A 379 50.26 8.21 -22.50
CA ALA A 379 49.42 7.01 -22.48
C ALA A 379 49.77 6.08 -23.63
N ARG A 380 50.37 6.60 -24.70
CA ARG A 380 50.98 5.72 -25.70
C ARG A 380 52.12 4.94 -25.09
N LEU A 381 52.99 5.62 -24.35
CA LEU A 381 54.10 4.94 -23.70
C LEU A 381 53.62 4.12 -22.51
N GLN A 382 52.53 4.52 -21.90
CA GLN A 382 52.04 3.80 -20.72
C GLN A 382 51.36 2.51 -21.14
N ALA A 383 50.71 2.50 -22.30
CA ALA A 383 50.26 1.26 -22.90
C ALA A 383 51.43 0.37 -23.30
N GLN A 384 52.59 0.97 -23.58
CA GLN A 384 53.79 0.18 -23.82
C GLN A 384 54.40 -0.38 -22.55
N HIS A 385 53.89 0.01 -21.38
CA HIS A 385 54.43 -0.49 -20.10
C HIS A 385 53.32 -0.74 -19.09
N PRO A 386 52.64 -1.89 -19.18
CA PRO A 386 51.71 -2.27 -18.13
C PRO A 386 52.45 -3.04 -17.03
N LYS A 387 51.73 -3.34 -15.95
CA LYS A 387 52.31 -4.10 -14.86
C LYS A 387 51.59 -5.43 -14.70
N PRO A 388 52.30 -6.55 -14.70
CA PRO A 388 51.63 -7.83 -14.40
C PRO A 388 51.18 -7.88 -12.96
N SER A 389 50.02 -8.49 -12.74
CA SER A 389 49.39 -8.50 -11.42
C SER A 389 48.66 -9.81 -11.18
N LYS A 390 48.86 -10.37 -10.00
CA LYS A 390 48.13 -11.56 -9.59
C LYS A 390 46.78 -11.24 -8.99
N TRP A 391 46.25 -10.06 -9.24
CA TRP A 391 44.97 -9.66 -8.71
C TRP A 391 44.04 -9.14 -9.80
N SER A 392 44.41 -9.31 -11.06
CA SER A 392 43.62 -8.78 -12.16
C SER A 392 43.32 -9.88 -13.16
N ASP A 393 42.24 -9.66 -13.92
CA ASP A 393 41.66 -10.67 -14.80
C ASP A 393 42.54 -11.06 -15.98
N THR A 394 43.41 -10.18 -16.44
CA THR A 394 44.35 -10.52 -17.50
C THR A 394 45.68 -10.97 -16.98
N GLY A 395 45.85 -11.04 -15.66
CA GLY A 395 47.15 -11.19 -15.07
C GLY A 395 47.99 -9.94 -15.09
N ARG A 396 47.48 -8.84 -15.63
CA ARG A 396 48.16 -7.56 -15.58
C ARG A 396 47.16 -6.47 -15.21
N PHE A 397 47.63 -5.51 -14.46
CA PHE A 397 46.82 -4.37 -14.06
C PHE A 397 47.69 -3.13 -14.04
N GLY A 398 47.11 -2.03 -14.53
CA GLY A 398 47.69 -0.71 -14.35
C GLY A 398 49.03 -0.59 -15.04
N SER A 399 49.92 0.17 -14.40
CA SER A 399 51.21 0.45 -15.00
C SER A 399 52.17 0.91 -13.92
N ASN A 400 53.36 0.32 -13.90
CA ASN A 400 54.46 0.90 -13.14
C ASN A 400 54.89 2.24 -13.71
N PHE A 401 54.73 2.41 -15.02
CA PHE A 401 55.19 3.58 -15.75
C PHE A 401 54.48 4.84 -15.27
N VAL A 402 55.26 5.83 -14.84
CA VAL A 402 54.73 7.07 -14.27
C VAL A 402 55.16 8.27 -15.09
N THR A 403 54.77 9.47 -14.63
CA THR A 403 54.89 10.68 -15.44
C THR A 403 55.28 11.85 -14.55
N CYS A 404 56.27 12.63 -14.99
CA CYS A 404 56.71 13.80 -14.25
C CYS A 404 56.91 14.99 -15.18
N VAL A 405 56.53 16.17 -14.72
CA VAL A 405 56.68 17.42 -15.46
C VAL A 405 57.44 18.40 -14.59
N VAL A 406 58.61 18.81 -15.06
CA VAL A 406 59.45 19.78 -14.36
C VAL A 406 58.99 21.18 -14.77
N SER A 407 58.73 22.04 -13.80
CA SER A 407 58.12 23.33 -14.08
C SER A 407 58.63 24.34 -13.06
N GLY A 408 57.88 25.41 -12.88
CA GLY A 408 58.22 26.35 -11.83
C GLY A 408 57.03 26.74 -10.99
N ASN A 409 57.28 27.11 -9.75
CA ASN A 409 56.20 27.37 -8.81
C ASN A 409 55.71 28.82 -8.93
N GLU A 410 54.84 29.21 -8.00
CA GLU A 410 54.50 30.62 -7.86
C GLU A 410 55.68 31.42 -7.34
N GLN A 411 56.55 30.78 -6.54
CA GLN A 411 57.69 31.45 -5.93
C GLN A 411 58.83 31.66 -6.89
N GLY A 412 58.70 31.22 -8.14
CA GLY A 412 59.72 31.48 -9.11
C GLY A 412 60.87 30.53 -9.09
N GLU A 413 60.69 29.36 -8.52
CA GLU A 413 61.75 28.37 -8.42
C GLU A 413 61.36 27.10 -9.16
N ILE A 414 62.36 26.35 -9.60
CA ILE A 414 62.17 25.21 -10.48
C ILE A 414 61.43 24.10 -9.72
N SER A 415 60.16 23.88 -10.08
CA SER A 415 59.36 22.89 -9.39
C SER A 415 59.05 21.74 -10.33
N ILE A 416 58.29 20.78 -9.81
CA ILE A 416 58.03 19.50 -10.48
C ILE A 416 56.58 19.14 -10.20
N SER A 417 55.88 18.69 -11.23
CA SER A 417 54.52 18.18 -11.05
C SER A 417 54.45 16.77 -11.62
N ALA A 418 54.20 15.80 -10.74
CA ALA A 418 54.20 14.39 -11.12
C ALA A 418 52.77 13.88 -11.25
N TYR A 419 52.51 13.11 -12.30
CA TYR A 419 51.17 12.59 -12.57
C TYR A 419 51.25 11.18 -13.15
N GLN A 420 50.11 10.70 -13.61
CA GLN A 420 49.93 9.43 -14.32
C GLN A 420 48.51 9.41 -14.86
N MET A 421 48.34 8.88 -16.07
CA MET A 421 47.00 8.77 -16.65
C MET A 421 46.18 7.74 -15.89
N SER A 422 44.87 7.96 -15.88
CA SER A 422 43.99 7.00 -15.23
C SER A 422 43.84 5.75 -16.09
N ASN A 423 43.35 4.68 -15.47
CA ASN A 423 43.12 3.45 -16.19
C ASN A 423 42.01 3.56 -17.23
N ASP A 424 41.13 4.55 -17.12
CA ASP A 424 40.31 4.93 -18.25
C ASP A 424 41.12 5.69 -19.29
N ALA A 425 42.00 6.59 -18.84
CA ALA A 425 42.75 7.42 -19.77
C ALA A 425 43.76 6.60 -20.55
N VAL A 426 44.24 5.49 -20.00
CA VAL A 426 45.02 4.58 -20.82
C VAL A 426 44.12 3.87 -21.81
N GLU A 427 42.95 3.42 -21.34
CA GLU A 427 42.07 2.60 -22.16
C GLU A 427 41.45 3.41 -23.29
N MET A 428 41.11 4.67 -23.04
CA MET A 428 40.52 5.50 -24.10
C MET A 428 41.55 5.88 -25.15
N VAL A 429 42.83 5.82 -24.80
CA VAL A 429 43.87 5.88 -25.81
C VAL A 429 44.03 4.51 -26.47
N ARG A 430 43.93 3.43 -25.68
CA ARG A 430 43.97 2.09 -26.26
C ARG A 430 42.73 1.80 -27.10
N ALA A 431 41.58 2.35 -26.72
CA ALA A 431 40.38 2.19 -27.51
C ALA A 431 40.07 3.41 -28.38
N ASP A 432 40.99 4.38 -28.46
CA ASP A 432 41.01 5.47 -29.44
C ASP A 432 39.74 6.31 -29.36
N ILE A 433 39.59 7.00 -28.23
CA ILE A 433 38.34 7.68 -27.90
C ILE A 433 38.50 9.19 -27.79
N ILE A 434 39.43 9.67 -26.99
CA ILE A 434 39.50 11.08 -26.66
C ILE A 434 40.49 11.77 -27.59
N GLU A 435 40.44 13.10 -27.59
CA GLU A 435 41.29 13.88 -28.47
C GLU A 435 41.55 15.25 -27.85
N PRO A 436 42.77 15.78 -27.93
CA PRO A 436 43.03 17.13 -27.44
C PRO A 436 42.30 18.20 -28.24
N SER A 437 42.02 19.32 -27.57
CA SER A 437 41.44 20.50 -28.19
C SER A 437 42.47 21.62 -28.25
N ALA A 438 42.03 22.77 -28.76
CA ALA A 438 42.84 23.97 -28.64
C ALA A 438 42.92 24.42 -27.20
N ASP A 439 41.82 24.33 -26.48
CA ASP A 439 41.82 24.54 -25.04
C ASP A 439 42.51 23.35 -24.40
N PRO A 440 43.61 23.54 -23.67
CA PRO A 440 44.23 22.41 -22.97
C PRO A 440 43.36 21.84 -21.88
N THR A 441 42.45 22.63 -21.30
CA THR A 441 41.57 22.08 -20.29
C THR A 441 40.42 21.28 -20.88
N LEU A 442 40.08 21.48 -22.14
CA LEU A 442 38.99 20.73 -22.76
C LEU A 442 39.52 19.57 -23.57
N MET A 443 38.89 18.41 -23.40
CA MET A 443 39.24 17.22 -24.14
C MET A 443 38.11 16.90 -25.11
N LEU A 444 38.43 16.74 -26.38
CA LEU A 444 37.40 16.48 -27.38
C LEU A 444 37.00 15.02 -27.41
N VAL A 445 35.73 14.77 -27.70
CA VAL A 445 35.24 13.42 -27.94
C VAL A 445 35.17 13.19 -29.44
N ARG A 446 35.76 12.10 -29.91
CA ARG A 446 35.92 11.91 -31.34
C ARG A 446 34.63 11.45 -32.00
N GLU A 447 34.25 12.14 -33.08
CA GLU A 447 33.08 11.76 -33.85
C GLU A 447 33.38 10.51 -34.69
N GLU A 448 32.30 9.84 -35.11
CA GLU A 448 32.45 8.65 -35.94
C GLU A 448 32.94 9.03 -37.33
N THR A 458 33.30 0.30 -37.27
CA THR A 458 34.70 0.15 -36.88
C THR A 458 34.87 0.34 -35.38
N ARG A 459 34.56 1.54 -34.91
CA ARG A 459 34.63 1.83 -33.49
C ARG A 459 33.24 2.16 -32.97
N TYR A 460 33.17 2.58 -31.71
CA TYR A 460 31.94 2.65 -30.96
C TYR A 460 32.18 3.70 -29.89
N ILE A 461 31.63 4.90 -30.07
CA ILE A 461 31.83 5.99 -29.12
C ILE A 461 30.51 6.24 -28.41
N PRO A 462 30.28 5.68 -27.24
CA PRO A 462 29.08 6.01 -26.47
C PRO A 462 29.32 7.25 -25.64
N GLU A 463 28.38 7.56 -24.73
CA GLU A 463 28.48 8.67 -23.79
C GLU A 463 29.79 8.67 -23.04
N VAL A 464 30.21 9.86 -22.65
CA VAL A 464 31.16 10.04 -21.57
C VAL A 464 30.49 11.00 -20.60
N PHE A 465 30.69 10.78 -19.31
CA PHE A 465 30.25 11.73 -18.29
C PHE A 465 31.43 12.17 -17.46
N TYR A 466 31.14 13.06 -16.53
CA TYR A 466 32.03 13.37 -15.43
C TYR A 466 31.17 13.86 -14.28
N ARG A 467 31.33 13.24 -13.11
CA ARG A 467 30.57 13.65 -11.95
C ARG A 467 31.11 14.97 -11.42
N LYS A 468 30.21 15.88 -11.12
CA LYS A 468 30.63 17.17 -10.61
C LYS A 468 30.41 17.24 -9.11
N ILE A 469 30.95 18.31 -8.55
CA ILE A 469 30.50 18.85 -7.29
C ILE A 469 30.14 20.30 -7.57
N ASN A 470 28.87 20.62 -7.49
CA ASN A 470 28.45 22.00 -7.68
C ASN A 470 28.70 22.77 -6.38
N GLU A 471 28.15 23.97 -6.30
CA GLU A 471 28.30 24.79 -5.10
C GLU A 471 27.46 24.31 -3.93
N TYR A 472 26.68 23.23 -4.08
CA TYR A 472 26.01 22.59 -2.96
C TYR A 472 26.19 21.07 -3.05
N GLY A 473 27.39 20.66 -3.45
CA GLY A 473 27.84 19.30 -3.29
C GLY A 473 27.18 18.24 -4.14
N ALA A 474 26.28 18.60 -5.05
CA ALA A 474 25.57 17.60 -5.84
C ALA A 474 26.47 17.01 -6.91
N ASN A 475 26.14 15.78 -7.32
CA ASN A 475 26.90 15.04 -8.31
C ASN A 475 26.11 15.05 -9.62
N VAL A 476 26.58 15.85 -10.57
CA VAL A 476 25.91 16.02 -11.85
C VAL A 476 26.81 15.46 -12.93
N LEU A 477 26.39 14.35 -13.51
CA LEU A 477 27.08 13.77 -14.67
C LEU A 477 26.74 14.61 -15.88
N GLU A 478 27.64 15.52 -16.26
CA GLU A 478 27.40 16.32 -17.45
C GLU A 478 27.76 15.52 -18.69
N ASN A 479 27.06 15.84 -19.78
CA ASN A 479 27.38 15.29 -21.10
C ASN A 479 28.76 15.77 -21.50
N ALA A 480 29.65 14.82 -21.75
CA ALA A 480 31.00 15.18 -22.14
C ALA A 480 31.15 15.34 -23.64
N LYS A 481 30.18 14.92 -24.40
CA LYS A 481 30.20 15.29 -25.80
C LYS A 481 29.79 16.74 -25.95
N PRO A 482 30.51 17.53 -26.75
CA PRO A 482 31.70 17.12 -27.50
C PRO A 482 33.00 17.38 -26.76
N ALA A 483 32.93 18.03 -25.60
CA ALA A 483 34.12 18.42 -24.86
C ALA A 483 33.85 18.38 -23.36
N PHE A 484 34.92 18.29 -22.59
CA PHE A 484 34.82 18.08 -21.15
C PHE A 484 36.17 18.40 -20.51
N PRO A 485 36.18 18.74 -19.22
CA PRO A 485 37.46 19.02 -18.55
C PRO A 485 38.36 17.79 -18.44
N VAL A 486 39.66 18.07 -18.51
CA VAL A 486 40.70 17.04 -18.54
C VAL A 486 41.09 16.64 -17.12
N GLU A 487 40.37 17.15 -16.14
CA GLU A 487 40.69 16.91 -14.74
C GLU A 487 40.53 15.46 -14.36
N TYR A 488 39.62 14.75 -15.01
CA TYR A 488 39.22 13.43 -14.59
C TYR A 488 40.11 12.34 -15.16
N LEU A 489 41.36 12.64 -15.49
CA LEU A 489 42.22 11.71 -16.19
C LEU A 489 43.53 11.42 -15.49
N PHE A 490 43.95 12.27 -14.57
CA PHE A 490 45.24 12.12 -13.92
C PHE A 490 45.06 11.74 -12.45
N VAL A 491 46.20 11.45 -11.84
CA VAL A 491 46.33 11.30 -10.39
C VAL A 491 47.54 12.10 -9.96
N THR A 492 47.47 12.67 -8.77
CA THR A 492 48.55 13.51 -8.27
C THR A 492 49.52 12.68 -7.43
N LEU A 493 50.79 13.06 -7.50
CA LEU A 493 51.85 12.36 -6.80
C LEU A 493 52.75 13.38 -6.11
N THR A 494 53.29 12.99 -4.97
CA THR A 494 54.29 13.80 -4.28
C THR A 494 55.68 13.45 -4.82
N HIS A 495 56.65 14.30 -4.50
CA HIS A 495 57.97 14.19 -5.10
C HIS A 495 59.00 14.85 -4.21
N GLY A 496 60.21 14.30 -4.22
CA GLY A 496 61.26 14.81 -3.37
C GLY A 496 62.62 14.16 -3.50
N PHE A 497 63.29 13.99 -2.35
CA PHE A 497 64.69 13.60 -2.29
C PHE A 497 64.88 12.73 -1.07
N PRO A 498 66.00 12.00 -0.98
CA PRO A 498 66.39 11.43 0.30
C PRO A 498 66.87 12.50 1.25
N ASP A 499 67.06 12.10 2.50
CA ASP A 499 67.68 12.99 3.48
C ASP A 499 69.13 13.27 3.14
N SER A 500 69.85 12.26 2.64
CA SER A 500 71.20 12.42 2.17
C SER A 500 71.31 11.54 0.94
N PRO A 501 71.94 12.03 -0.13
CA PRO A 501 71.98 11.28 -1.38
C PRO A 501 72.96 10.11 -1.31
N SER A 502 72.43 8.90 -1.30
CA SER A 502 73.21 7.69 -1.56
C SER A 502 72.52 6.85 -2.62
N PRO A 503 72.60 7.24 -3.89
CA PRO A 503 71.95 6.45 -4.94
C PRO A 503 72.85 5.30 -5.35
N LEU A 504 72.41 4.57 -6.36
CA LEU A 504 73.29 3.60 -7.00
C LEU A 504 74.30 4.25 -7.94
N PHE A 505 74.31 5.58 -8.06
CA PHE A 505 75.24 6.24 -8.98
C PHE A 505 75.82 7.46 -8.27
N THR A 506 77.15 7.59 -8.34
CA THR A 506 77.86 8.66 -7.66
C THR A 506 78.74 9.48 -8.59
N ASP A 507 78.80 9.16 -9.88
CA ASP A 507 79.71 9.83 -10.80
C ASP A 507 78.95 10.47 -11.95
N ASN A 508 79.53 11.56 -12.49
CA ASN A 508 78.90 12.45 -13.47
C ASN A 508 80.01 12.96 -14.39
N ILE A 509 80.32 12.21 -15.45
CA ILE A 509 81.41 12.58 -16.35
C ILE A 509 81.12 12.44 -17.84
N PHE A 510 79.85 12.49 -18.26
CA PHE A 510 79.59 12.17 -19.66
C PHE A 510 78.73 13.18 -20.41
N PRO A 511 79.13 13.58 -21.62
CA PRO A 511 78.29 14.49 -22.44
C PRO A 511 77.13 13.78 -23.09
N ILE A 512 75.94 14.36 -22.95
CA ILE A 512 74.67 13.66 -23.15
C ILE A 512 74.38 13.51 -24.65
N GLU A 513 73.79 12.36 -25.00
CA GLU A 513 73.50 11.96 -26.37
C GLU A 513 72.53 12.92 -27.05
N ASN A 514 72.51 12.84 -28.39
CA ASN A 514 71.53 13.48 -29.27
C ASN A 514 71.53 15.00 -29.13
N ARG A 515 72.67 15.56 -28.74
CA ARG A 515 72.83 17.00 -28.57
C ARG A 515 73.96 17.50 -29.45
N GLU A 516 74.02 17.02 -30.69
CA GLU A 516 75.02 17.55 -31.61
C GLU A 516 74.61 18.91 -32.13
N TYR A 517 73.35 19.31 -31.94
CA TYR A 517 72.92 20.67 -32.23
C TYR A 517 73.49 21.69 -31.25
N VAL A 518 73.98 21.25 -30.09
CA VAL A 518 74.76 22.11 -29.21
C VAL A 518 76.20 21.61 -29.10
N GLY A 519 76.61 20.71 -30.00
CA GLY A 519 77.98 20.21 -30.01
C GLY A 519 78.31 19.26 -28.88
N GLU A 520 77.31 18.63 -28.28
CA GLU A 520 77.49 17.70 -27.16
C GLU A 520 77.22 16.30 -27.70
N ALA A 521 78.29 15.58 -28.00
CA ALA A 521 78.23 14.34 -28.75
C ALA A 521 78.82 13.16 -27.98
N GLN A 522 78.76 11.98 -28.60
CA GLN A 522 79.25 10.72 -28.05
C GLN A 522 80.45 10.24 -28.86
N GLU A 523 81.65 10.45 -28.33
CA GLU A 523 82.87 10.01 -28.99
C GLU A 523 83.73 9.22 -28.02
N VAL A 524 84.58 8.36 -28.59
CA VAL A 524 85.36 7.40 -27.80
C VAL A 524 86.46 8.10 -27.02
N SER A 525 86.85 9.32 -27.43
CA SER A 525 88.04 9.97 -26.91
C SER A 525 87.90 10.46 -25.46
N ALA A 526 86.70 10.42 -24.89
CA ALA A 526 86.53 10.92 -23.53
C ALA A 526 86.95 9.89 -22.48
N VAL A 527 87.03 8.61 -22.87
CA VAL A 527 87.23 7.52 -21.92
C VAL A 527 88.67 7.51 -21.40
N ALA A 528 89.59 8.09 -22.17
CA ALA A 528 90.95 8.33 -21.69
C ALA A 528 90.98 9.22 -20.46
N LYS A 529 90.00 10.12 -20.32
CA LYS A 529 89.83 10.92 -19.12
C LYS A 529 88.69 10.44 -18.23
N ALA A 530 87.69 9.76 -18.80
CA ALA A 530 86.54 9.34 -18.01
C ALA A 530 86.85 8.10 -17.17
N LEU A 531 87.19 6.99 -17.82
CA LEU A 531 87.59 5.81 -17.05
C LEU A 531 89.04 5.86 -16.63
N LYS A 532 89.81 6.80 -17.18
CA LYS A 532 91.23 7.04 -16.85
C LYS A 532 92.05 5.77 -17.11
N VAL A 533 92.15 5.44 -18.40
CA VAL A 533 92.74 4.18 -18.80
C VAL A 533 94.18 4.39 -19.25
N HIS A 534 94.45 5.50 -19.94
CA HIS A 534 95.83 5.90 -20.17
C HIS A 534 96.52 6.30 -18.88
N GLU A 535 95.77 6.77 -17.89
CA GLU A 535 96.24 6.88 -16.52
C GLU A 535 95.89 5.58 -15.78
N ALA A 536 96.59 4.50 -16.17
CA ALA A 536 96.18 3.13 -15.88
C ALA A 536 96.15 2.77 -14.40
N ASP A 537 96.77 3.57 -13.53
CA ASP A 537 96.66 3.34 -12.10
C ASP A 537 95.29 3.70 -11.55
N ALA A 538 94.61 4.63 -12.20
CA ALA A 538 93.49 5.34 -11.59
C ALA A 538 92.24 4.45 -11.51
N PRO A 539 91.44 4.60 -10.42
CA PRO A 539 90.31 3.68 -10.20
C PRO A 539 89.13 3.91 -11.12
N MET A 540 88.04 3.20 -10.82
CA MET A 540 86.94 3.00 -11.76
C MET A 540 85.89 4.09 -11.62
N ASN A 541 85.80 4.98 -12.60
CA ASN A 541 84.72 5.95 -12.71
C ASN A 541 83.78 5.49 -13.81
N VAL A 542 82.89 4.57 -13.46
CA VAL A 542 81.83 4.08 -14.32
C VAL A 542 80.46 4.31 -13.70
N SER A 543 80.41 4.96 -12.55
CA SER A 543 79.18 5.13 -11.77
C SER A 543 78.30 6.22 -12.38
N ASP A 544 77.94 6.02 -13.64
CA ASP A 544 77.37 7.03 -14.51
C ASP A 544 76.61 6.28 -15.59
N PHE A 545 75.29 6.35 -15.51
CA PHE A 545 74.44 5.56 -16.39
C PHE A 545 74.56 6.02 -17.83
N HIS A 546 74.68 7.34 -18.03
CA HIS A 546 75.00 7.91 -19.33
C HIS A 546 76.30 7.33 -19.88
N LEU A 547 77.30 7.19 -19.02
CA LEU A 547 78.55 6.58 -19.42
C LEU A 547 78.43 5.06 -19.48
N LEU A 548 77.62 4.46 -18.59
CA LEU A 548 77.39 3.02 -18.67
C LEU A 548 76.69 2.63 -19.95
N CYS A 549 75.76 3.45 -20.43
CA CYS A 549 75.22 3.21 -21.76
C CYS A 549 76.25 3.50 -22.83
N PHE A 550 77.20 4.40 -22.57
CA PHE A 550 78.26 4.64 -23.53
C PHE A 550 79.27 3.49 -23.54
N ILE A 551 79.55 2.93 -22.36
CA ILE A 551 80.33 1.70 -22.29
C ILE A 551 79.54 0.58 -22.97
N HIS A 552 78.22 0.56 -22.76
CA HIS A 552 77.39 -0.37 -23.50
C HIS A 552 77.26 0.04 -24.97
N GLN A 553 77.41 1.33 -25.28
CA GLN A 553 77.56 1.73 -26.68
C GLN A 553 78.90 1.26 -27.23
N MET A 554 79.92 1.23 -26.40
CA MET A 554 81.16 0.59 -26.84
C MET A 554 81.02 -0.92 -26.86
N SER A 555 80.18 -1.48 -25.99
CA SER A 555 79.75 -2.89 -26.01
C SER A 555 80.92 -3.86 -25.91
N VAL A 556 81.94 -3.48 -25.15
CA VAL A 556 83.16 -4.27 -25.02
C VAL A 556 82.98 -5.42 -24.04
N LEU A 557 82.48 -5.12 -22.84
CA LEU A 557 82.34 -6.13 -21.81
C LEU A 557 81.18 -7.06 -22.14
N SER A 558 81.43 -8.35 -22.01
CA SER A 558 80.41 -9.36 -22.30
C SER A 558 79.31 -9.33 -21.24
N LYS A 559 78.30 -10.19 -21.47
CA LYS A 559 77.06 -10.12 -20.70
C LYS A 559 77.26 -10.48 -19.24
N GLU A 560 78.31 -11.24 -18.92
CA GLU A 560 78.60 -11.53 -17.53
C GLU A 560 79.58 -10.51 -16.96
N GLU A 561 80.50 -10.02 -17.79
CA GLU A 561 81.50 -9.08 -17.31
C GLU A 561 80.94 -7.66 -17.22
N GLU A 562 79.97 -7.32 -18.06
CA GLU A 562 79.27 -6.05 -17.90
C GLU A 562 78.28 -6.13 -16.75
N ALA A 563 77.72 -7.32 -16.52
CA ALA A 563 76.96 -7.54 -15.29
C ALA A 563 77.91 -7.79 -14.13
N LEU A 564 79.21 -7.92 -14.40
CA LEU A 564 80.21 -7.73 -13.36
C LEU A 564 80.64 -6.28 -13.31
N LEU A 565 80.57 -5.57 -14.44
CA LEU A 565 80.72 -4.12 -14.38
C LEU A 565 79.56 -3.48 -13.65
N CYS A 566 78.32 -3.72 -14.11
CA CYS A 566 77.17 -3.11 -13.47
C CYS A 566 76.88 -3.68 -12.10
N ARG A 567 77.53 -4.80 -11.75
CA ARG A 567 77.75 -5.15 -10.35
C ARG A 567 78.58 -4.09 -9.66
N VAL A 568 79.77 -3.80 -10.19
CA VAL A 568 80.67 -2.83 -9.54
C VAL A 568 80.23 -1.40 -9.85
N ALA A 569 79.51 -1.19 -10.96
CA ALA A 569 79.05 0.16 -11.24
C ALA A 569 77.89 0.58 -10.36
N THR A 570 77.24 -0.36 -9.68
CA THR A 570 76.13 -0.07 -8.79
C THR A 570 76.39 -0.43 -7.33
N LEU A 571 77.24 -1.42 -7.06
CA LEU A 571 77.53 -1.81 -5.69
C LEU A 571 78.92 -1.41 -5.23
N HIS A 572 79.89 -1.36 -6.17
CA HIS A 572 81.27 -0.93 -5.91
C HIS A 572 81.96 -1.76 -4.84
N ASP A 573 82.08 -3.06 -5.10
CA ASP A 573 82.81 -3.94 -4.20
C ASP A 573 84.29 -3.90 -4.52
N LEU A 574 85.11 -3.85 -3.47
CA LEU A 574 86.55 -3.64 -3.65
C LEU A 574 87.25 -4.88 -4.20
N ALA A 575 86.96 -6.05 -3.62
CA ALA A 575 87.54 -7.28 -4.13
C ALA A 575 86.98 -7.67 -5.49
N GLU A 576 85.78 -7.19 -5.83
CA GLU A 576 85.20 -7.43 -7.14
C GLU A 576 85.59 -6.36 -8.15
N SER A 577 85.96 -5.17 -7.70
CA SER A 577 86.74 -4.27 -8.55
C SER A 577 88.13 -4.84 -8.78
N PHE A 578 88.73 -5.41 -7.73
CA PHE A 578 89.99 -6.13 -7.86
C PHE A 578 89.82 -7.40 -8.66
N GLN A 579 88.64 -8.02 -8.62
CA GLN A 579 88.37 -9.07 -9.58
C GLN A 579 88.23 -8.51 -10.98
N LEU A 580 87.49 -7.40 -11.15
CA LEU A 580 87.26 -6.85 -12.49
C LEU A 580 88.54 -6.23 -13.04
N ARG A 581 89.34 -5.57 -12.19
CA ARG A 581 90.68 -5.16 -12.64
C ARG A 581 91.64 -6.37 -12.85
N SER A 582 91.24 -7.60 -12.52
CA SER A 582 91.98 -8.79 -12.90
C SER A 582 91.26 -9.65 -13.93
N THR A 583 90.03 -9.32 -14.29
CA THR A 583 89.36 -10.00 -15.40
C THR A 583 90.03 -9.67 -16.72
N THR A 584 89.86 -10.57 -17.68
CA THR A 584 90.48 -10.38 -18.99
C THR A 584 89.81 -9.25 -19.76
N GLY A 585 88.49 -9.23 -19.79
CA GLY A 585 87.77 -8.28 -20.63
C GLY A 585 87.86 -6.83 -20.16
N TRP A 586 88.02 -6.62 -18.86
CA TRP A 586 88.21 -5.25 -18.37
C TRP A 586 89.67 -4.84 -18.52
N GLN A 587 90.58 -5.81 -18.45
CA GLN A 587 91.95 -5.58 -18.89
C GLN A 587 92.04 -5.52 -20.40
N THR A 588 91.15 -6.21 -21.12
CA THR A 588 90.99 -5.91 -22.53
C THR A 588 90.46 -4.51 -22.74
N LEU A 589 89.51 -4.09 -21.90
CA LEU A 589 89.03 -2.72 -21.95
C LEU A 589 90.10 -1.76 -21.45
N HIS A 590 91.03 -2.25 -20.61
CA HIS A 590 92.23 -1.46 -20.39
C HIS A 590 93.08 -1.39 -21.65
N MET A 591 93.57 -2.53 -22.14
CA MET A 591 94.62 -2.54 -23.16
C MET A 591 94.14 -2.05 -24.53
N ILE A 592 92.84 -2.07 -24.81
CA ILE A 592 92.34 -1.37 -25.98
C ILE A 592 92.42 0.13 -25.77
N LEU A 593 91.97 0.60 -24.61
CA LEU A 593 91.94 2.04 -24.32
C LEU A 593 93.22 2.52 -23.64
N GLN A 594 94.26 1.71 -23.59
CA GLN A 594 95.62 2.17 -23.35
C GLN A 594 96.34 2.54 -24.63
N SER A 595 95.65 2.43 -25.78
CA SER A 595 96.27 2.59 -27.08
C SER A 595 95.44 3.50 -27.98
N THR A 596 94.45 4.19 -27.43
CA THR A 596 93.70 5.19 -28.15
C THR A 596 94.27 6.57 -27.85
N GLY A 597 93.60 7.60 -28.37
CA GLY A 597 94.06 8.97 -28.17
C GLY A 597 92.97 9.89 -27.67
N ASN B 215 5.40 15.97 -45.24
CA ASN B 215 5.75 15.91 -43.84
C ASN B 215 5.56 17.28 -43.23
N GLU B 216 5.21 18.24 -44.07
CA GLU B 216 5.01 19.61 -43.62
C GLU B 216 3.54 19.94 -43.89
N VAL B 217 2.83 20.35 -42.85
CA VAL B 217 1.37 20.24 -42.81
C VAL B 217 0.73 21.59 -43.05
N GLY B 218 -0.17 21.65 -44.03
CA GLY B 218 -1.01 22.80 -44.25
C GLY B 218 -2.40 22.61 -43.67
N TYR B 219 -3.27 23.60 -43.95
CA TYR B 219 -4.65 23.48 -43.52
C TYR B 219 -5.39 22.39 -44.27
N ASP B 220 -5.01 22.14 -45.51
CA ASP B 220 -5.72 21.16 -46.32
C ASP B 220 -5.41 19.75 -45.88
N ASP B 221 -4.30 19.55 -45.18
CA ASP B 221 -3.88 18.22 -44.78
C ASP B 221 -4.71 17.70 -43.61
N ILE B 222 -5.33 18.60 -42.87
CA ILE B 222 -6.27 18.24 -41.83
C ILE B 222 -7.66 18.53 -42.36
N GLY B 223 -8.64 17.75 -41.92
CA GLY B 223 -10.00 18.03 -42.33
C GLY B 223 -10.99 17.53 -41.31
N GLY B 224 -12.20 18.06 -41.42
CA GLY B 224 -13.33 17.62 -40.63
C GLY B 224 -13.62 18.46 -39.41
N CYS B 225 -12.62 18.80 -38.61
CA CYS B 225 -12.82 19.52 -37.37
C CYS B 225 -12.69 21.00 -37.67
N ARG B 226 -13.67 21.53 -38.39
CA ARG B 226 -13.59 22.89 -38.88
C ARG B 226 -13.88 23.88 -37.77
N LYS B 227 -14.84 23.56 -36.92
CA LYS B 227 -15.21 24.44 -35.81
C LYS B 227 -14.06 24.58 -34.83
N GLN B 228 -13.31 23.52 -34.62
CA GLN B 228 -12.15 23.56 -33.73
C GLN B 228 -11.03 24.40 -34.34
N LEU B 229 -10.81 24.24 -35.65
CA LEU B 229 -9.81 25.07 -36.31
C LEU B 229 -10.26 26.51 -36.41
N ALA B 230 -11.57 26.74 -36.42
CA ALA B 230 -12.07 28.10 -36.34
C ALA B 230 -11.72 28.74 -35.00
N GLN B 231 -11.66 27.94 -33.95
CA GLN B 231 -11.28 28.47 -32.65
C GLN B 231 -9.81 28.84 -32.63
N ILE B 232 -8.96 27.94 -33.13
CA ILE B 232 -7.51 28.09 -32.94
C ILE B 232 -6.97 29.22 -33.79
N ARG B 233 -7.55 29.43 -34.98
CA ARG B 233 -7.17 30.58 -35.78
C ARG B 233 -7.54 31.88 -35.10
N GLU B 234 -8.64 31.88 -34.33
CA GLU B 234 -8.94 33.03 -33.50
C GLU B 234 -7.98 33.13 -32.32
N MET B 235 -7.41 32.01 -31.90
CA MET B 235 -6.58 32.00 -30.70
C MET B 235 -5.10 32.09 -30.99
N VAL B 236 -4.65 31.62 -32.15
CA VAL B 236 -3.23 31.54 -32.46
C VAL B 236 -2.88 32.35 -33.70
N GLU B 237 -3.59 32.12 -34.80
CA GLU B 237 -3.34 32.87 -36.03
C GLU B 237 -3.66 34.35 -35.83
N LEU B 238 -4.73 34.62 -35.10
CA LEU B 238 -5.17 36.01 -34.92
C LEU B 238 -4.23 36.87 -34.08
N PRO B 239 -3.68 36.45 -32.92
CA PRO B 239 -2.79 37.37 -32.22
C PRO B 239 -1.45 37.53 -32.90
N LEU B 240 -1.06 36.60 -33.76
CA LEU B 240 0.29 36.69 -34.29
C LEU B 240 0.36 37.59 -35.51
N ARG B 241 -0.47 37.33 -36.52
CA ARG B 241 -0.43 38.19 -37.70
C ARG B 241 -1.08 39.53 -37.45
N HIS B 242 -1.90 39.65 -36.41
CA HIS B 242 -2.45 40.95 -36.01
C HIS B 242 -2.47 41.04 -34.50
N PRO B 243 -1.34 41.36 -33.88
CA PRO B 243 -1.36 41.70 -32.45
C PRO B 243 -1.96 43.06 -32.20
N GLN B 244 -2.10 43.87 -33.25
CA GLN B 244 -2.64 45.21 -33.10
C GLN B 244 -4.10 45.19 -32.71
N LEU B 245 -4.82 44.13 -33.06
CA LEU B 245 -6.25 44.04 -32.77
C LEU B 245 -6.48 43.99 -31.27
N PHE B 246 -5.76 43.12 -30.57
CA PHE B 246 -5.82 43.11 -29.12
C PHE B 246 -5.18 44.35 -28.54
N LYS B 247 -4.24 44.94 -29.27
CA LYS B 247 -3.67 46.21 -28.86
C LYS B 247 -4.67 47.34 -29.08
N SER B 248 -5.42 47.30 -30.18
CA SER B 248 -6.42 48.34 -30.41
C SER B 248 -7.59 48.20 -29.46
N ILE B 249 -8.05 46.98 -29.24
CA ILE B 249 -9.17 46.80 -28.34
C ILE B 249 -8.73 46.85 -26.89
N GLY B 250 -7.42 46.69 -26.64
CA GLY B 250 -6.92 46.83 -25.30
C GLY B 250 -7.21 45.65 -24.40
N ILE B 251 -7.14 44.43 -24.92
CA ILE B 251 -7.25 43.24 -24.08
C ILE B 251 -5.95 42.48 -24.16
N LYS B 252 -5.82 41.53 -23.29
CA LYS B 252 -4.62 40.71 -23.30
C LYS B 252 -4.82 39.53 -24.23
N PRO B 253 -3.85 39.23 -25.09
CA PRO B 253 -3.91 38.02 -25.89
C PRO B 253 -3.80 36.78 -25.02
N PRO B 254 -4.67 35.79 -25.24
CA PRO B 254 -4.57 34.54 -24.48
C PRO B 254 -3.33 33.76 -24.89
N ARG B 255 -2.49 33.46 -23.91
CA ARG B 255 -1.29 32.66 -24.13
C ARG B 255 -1.44 31.25 -23.59
N GLY B 256 -2.67 30.81 -23.39
CA GLY B 256 -2.94 29.55 -22.71
C GLY B 256 -3.74 28.55 -23.51
N VAL B 257 -3.37 28.40 -24.78
CA VAL B 257 -4.06 27.46 -25.66
C VAL B 257 -3.76 26.04 -25.24
N LEU B 258 -4.81 25.28 -24.94
CA LEU B 258 -4.69 23.88 -24.56
C LEU B 258 -5.54 23.02 -25.47
N LEU B 259 -4.93 22.00 -26.05
CA LEU B 259 -5.63 21.01 -26.85
C LEU B 259 -5.80 19.74 -26.05
N TYR B 260 -6.92 19.05 -26.27
CA TYR B 260 -7.14 17.76 -25.64
C TYR B 260 -8.20 17.02 -26.43
N GLY B 261 -8.27 15.71 -26.19
CA GLY B 261 -9.23 14.87 -26.84
C GLY B 261 -8.89 13.42 -26.65
N PRO B 262 -9.46 12.54 -27.47
CA PRO B 262 -9.06 11.15 -27.46
C PRO B 262 -7.69 10.99 -28.08
N PRO B 263 -7.00 9.89 -27.80
CA PRO B 263 -5.68 9.68 -28.42
C PRO B 263 -5.79 9.45 -29.91
N GLY B 264 -4.76 9.85 -30.62
CA GLY B 264 -4.70 9.57 -32.05
C GLY B 264 -5.73 10.33 -32.85
N THR B 265 -6.00 11.57 -32.50
CA THR B 265 -7.04 12.36 -33.16
C THR B 265 -6.49 13.59 -33.84
N GLY B 266 -5.26 13.52 -34.34
CA GLY B 266 -4.71 14.64 -35.07
C GLY B 266 -4.29 15.79 -34.20
N LYS B 267 -4.16 15.56 -32.89
CA LYS B 267 -3.79 16.63 -31.98
C LYS B 267 -2.36 17.10 -32.24
N THR B 268 -1.46 16.16 -32.51
CA THR B 268 -0.15 16.56 -32.97
C THR B 268 -0.24 17.10 -34.40
N LEU B 269 -1.18 16.58 -35.18
CA LEU B 269 -1.30 17.00 -36.58
C LEU B 269 -1.82 18.41 -36.70
N MET B 270 -2.78 18.79 -35.86
CA MET B 270 -3.33 20.14 -35.97
C MET B 270 -2.40 21.20 -35.44
N ALA B 271 -1.36 20.81 -34.70
CA ALA B 271 -0.37 21.78 -34.23
C ALA B 271 0.40 22.37 -35.39
N ARG B 272 1.05 21.52 -36.17
CA ARG B 272 1.78 21.99 -37.34
C ARG B 272 0.85 22.50 -38.43
N ALA B 273 -0.40 22.05 -38.44
CA ALA B 273 -1.38 22.59 -39.37
C ALA B 273 -1.64 24.07 -39.11
N VAL B 274 -1.49 24.50 -37.88
CA VAL B 274 -1.50 25.92 -37.57
C VAL B 274 -0.11 26.52 -37.68
N ALA B 275 0.89 25.79 -37.18
CA ALA B 275 2.24 26.33 -37.04
C ALA B 275 2.90 26.59 -38.38
N ASN B 276 2.71 25.69 -39.33
CA ASN B 276 3.31 25.90 -40.64
C ASN B 276 2.55 26.92 -41.46
N GLU B 277 1.35 27.27 -41.04
CA GLU B 277 0.54 28.26 -41.73
C GLU B 277 0.63 29.63 -41.10
N THR B 278 1.64 29.86 -40.28
CA THR B 278 1.99 31.19 -39.84
C THR B 278 3.29 31.61 -40.51
N GLY B 279 3.63 32.88 -40.33
CA GLY B 279 4.96 33.33 -40.66
C GLY B 279 5.76 33.47 -39.38
N ALA B 280 5.28 32.81 -38.33
CA ALA B 280 5.85 32.94 -37.01
C ALA B 280 6.93 31.90 -36.80
N PHE B 281 7.81 32.17 -35.84
CA PHE B 281 8.75 31.16 -35.41
C PHE B 281 8.01 30.05 -34.69
N PHE B 282 8.54 28.85 -34.79
CA PHE B 282 7.97 27.70 -34.12
C PHE B 282 9.03 26.97 -33.32
N PHE B 283 8.66 26.54 -32.12
CA PHE B 283 9.56 25.81 -31.24
C PHE B 283 8.89 24.57 -30.69
N LEU B 284 9.18 23.42 -31.31
CA LEU B 284 8.61 22.15 -30.89
C LEU B 284 9.16 21.66 -29.56
N ILE B 285 8.30 21.04 -28.76
CA ILE B 285 8.69 20.51 -27.46
C ILE B 285 7.85 19.28 -27.12
N ASN B 286 8.48 18.11 -27.13
CA ASN B 286 7.79 16.86 -26.84
C ASN B 286 7.77 16.54 -25.34
N GLY B 287 6.81 15.70 -24.95
CA GLY B 287 6.67 15.30 -23.56
C GLY B 287 7.75 14.34 -23.09
N PRO B 288 7.79 13.12 -23.66
CA PRO B 288 8.80 12.15 -23.23
C PRO B 288 10.22 12.53 -23.57
N GLU B 289 10.43 13.47 -24.49
CA GLU B 289 11.79 13.87 -24.81
C GLU B 289 12.44 14.60 -23.65
N ILE B 290 11.67 15.44 -22.96
CA ILE B 290 12.19 16.09 -21.77
C ILE B 290 12.34 15.08 -20.65
N MET B 291 11.37 14.18 -20.51
CA MET B 291 11.42 13.19 -19.45
C MET B 291 12.49 12.13 -19.73
N SER B 292 12.93 11.99 -20.98
CA SER B 292 14.05 11.12 -21.26
C SER B 292 15.34 11.68 -20.70
N LYS B 293 15.43 12.99 -20.56
CA LYS B 293 16.68 13.63 -20.21
C LYS B 293 17.02 13.40 -18.75
N MET B 294 18.26 13.74 -18.40
CA MET B 294 18.72 13.55 -17.03
C MET B 294 18.25 14.69 -16.15
N ALA B 295 18.59 14.58 -14.87
CA ALA B 295 18.11 15.51 -13.87
C ALA B 295 18.80 16.86 -14.00
N GLY B 296 18.02 17.92 -13.91
CA GLY B 296 18.55 19.28 -14.07
C GLY B 296 18.69 19.70 -15.52
N GLU B 297 19.25 18.83 -16.35
CA GLU B 297 19.42 19.11 -17.76
C GLU B 297 18.08 19.18 -18.48
N SER B 298 17.10 18.40 -18.02
CA SER B 298 15.76 18.43 -18.61
C SER B 298 15.10 19.78 -18.39
N GLU B 299 15.23 20.32 -17.18
CA GLU B 299 14.69 21.64 -16.90
C GLU B 299 15.49 22.74 -17.56
N SER B 300 16.72 22.45 -17.97
CA SER B 300 17.50 23.43 -18.71
C SER B 300 16.91 23.68 -20.08
N ASN B 301 16.41 22.63 -20.72
CA ASN B 301 15.93 22.75 -22.09
C ASN B 301 14.65 23.58 -22.16
N LEU B 302 13.86 23.57 -21.09
CA LEU B 302 12.69 24.43 -21.04
C LEU B 302 13.09 25.88 -20.95
N ARG B 303 14.14 26.15 -20.19
CA ARG B 303 14.67 27.51 -20.12
C ARG B 303 15.34 27.87 -21.44
N LYS B 304 15.86 26.85 -22.10
CA LYS B 304 16.48 27.03 -23.41
C LYS B 304 15.38 27.19 -24.46
N ALA B 305 14.17 26.72 -24.16
CA ALA B 305 13.06 26.87 -25.08
C ALA B 305 12.57 28.29 -25.12
N PHE B 306 12.24 28.85 -23.95
CA PHE B 306 11.47 30.09 -23.94
C PHE B 306 12.34 31.29 -24.25
N GLU B 307 13.63 31.20 -24.00
CA GLU B 307 14.53 32.29 -24.34
C GLU B 307 14.63 32.45 -25.85
N GLU B 308 14.60 31.34 -26.58
CA GLU B 308 14.61 31.43 -28.03
C GLU B 308 13.29 31.98 -28.55
N ALA B 309 12.19 31.63 -27.89
CA ALA B 309 10.89 32.13 -28.32
C ALA B 309 10.73 33.59 -27.97
N GLU B 310 11.20 34.00 -26.79
CA GLU B 310 11.20 35.41 -26.47
C GLU B 310 12.25 36.18 -27.23
N LYS B 311 13.22 35.49 -27.83
CA LYS B 311 14.10 36.15 -28.79
C LYS B 311 13.37 36.37 -30.11
N ASN B 312 12.94 35.30 -30.75
CA ASN B 312 12.19 35.38 -32.00
C ASN B 312 10.72 35.58 -31.63
N SER B 313 10.34 36.82 -31.36
CA SER B 313 9.11 37.18 -30.65
C SER B 313 7.79 36.72 -31.30
N PRO B 314 7.60 36.76 -32.63
CA PRO B 314 6.47 36.00 -33.16
C PRO B 314 6.78 34.53 -33.07
N ALA B 315 6.23 33.86 -32.06
CA ALA B 315 6.70 32.52 -31.72
C ALA B 315 5.54 31.62 -31.36
N ILE B 316 5.68 30.35 -31.70
CA ILE B 316 4.72 29.32 -31.38
C ILE B 316 5.45 28.22 -30.62
N ILE B 317 4.98 27.94 -29.42
CA ILE B 317 5.53 26.85 -28.62
C ILE B 317 4.44 25.80 -28.51
N PHE B 318 4.62 24.70 -29.22
CA PHE B 318 3.74 23.57 -29.06
C PHE B 318 4.43 22.50 -28.23
N ILE B 319 3.69 21.96 -27.27
CA ILE B 319 4.18 20.89 -26.41
C ILE B 319 3.26 19.70 -26.60
N ASP B 320 3.77 18.65 -27.22
CA ASP B 320 2.99 17.44 -27.35
C ASP B 320 3.12 16.61 -26.08
N GLU B 321 2.00 16.00 -25.67
CA GLU B 321 1.89 15.09 -24.53
C GLU B 321 2.35 15.79 -23.25
N ILE B 322 1.58 16.83 -22.91
CA ILE B 322 1.90 17.70 -21.79
C ILE B 322 1.76 16.98 -20.46
N ASP B 323 0.96 15.92 -20.39
CA ASP B 323 0.76 15.23 -19.13
C ASP B 323 1.98 14.43 -18.70
N SER B 324 2.85 14.08 -19.65
CA SER B 324 4.04 13.32 -19.30
C SER B 324 5.05 14.17 -18.54
N ILE B 325 5.13 15.46 -18.86
CA ILE B 325 5.94 16.36 -18.06
C ILE B 325 5.15 17.03 -16.97
N ALA B 326 3.82 16.89 -16.98
CA ALA B 326 2.98 17.52 -15.96
C ALA B 326 1.87 16.57 -15.54
N PRO B 327 2.17 15.65 -14.63
CA PRO B 327 1.08 14.93 -13.97
C PRO B 327 0.54 15.75 -12.81
N LYS B 328 -0.36 15.17 -12.04
CA LYS B 328 -0.74 15.78 -10.77
C LYS B 328 0.42 15.73 -9.81
N ARG B 329 0.68 16.85 -9.13
CA ARG B 329 1.71 16.88 -8.10
C ARG B 329 1.29 16.07 -6.88
N GLU B 330 -0.02 15.90 -6.67
CA GLU B 330 -0.48 15.01 -5.62
C GLU B 330 -0.22 13.56 -5.99
N LYS B 331 -0.38 13.20 -7.26
CA LYS B 331 -0.24 11.83 -7.70
C LYS B 331 1.00 11.73 -8.57
N THR B 332 2.15 11.64 -7.91
CA THR B 332 3.46 11.51 -8.52
C THR B 332 4.44 11.11 -7.42
N ASN B 333 5.58 10.59 -7.84
CA ASN B 333 6.56 10.08 -6.89
C ASN B 333 7.88 10.83 -6.96
N GLY B 334 8.45 10.97 -8.14
CA GLY B 334 9.76 11.59 -8.25
C GLY B 334 9.68 13.11 -8.12
N GLU B 335 10.61 13.65 -7.34
CA GLU B 335 10.74 15.10 -7.24
C GLU B 335 11.26 15.71 -8.53
N VAL B 336 11.95 14.91 -9.35
CA VAL B 336 12.38 15.36 -10.66
C VAL B 336 11.16 15.66 -11.53
N GLU B 337 10.12 14.86 -11.40
CA GLU B 337 8.83 15.21 -11.98
C GLU B 337 8.27 16.46 -11.34
N ARG B 338 8.46 16.61 -10.04
CA ARG B 338 7.90 17.77 -9.35
C ARG B 338 8.69 19.02 -9.67
N ARG B 339 9.97 18.90 -9.98
CA ARG B 339 10.74 20.07 -10.40
C ARG B 339 10.31 20.53 -11.78
N VAL B 340 10.13 19.60 -12.70
CA VAL B 340 9.89 19.99 -14.09
C VAL B 340 8.47 20.51 -14.24
N VAL B 341 7.55 20.09 -13.38
CA VAL B 341 6.28 20.78 -13.26
C VAL B 341 6.50 22.18 -12.73
N SER B 342 7.30 22.28 -11.66
CA SER B 342 7.58 23.57 -11.05
C SER B 342 8.43 24.44 -11.96
N GLN B 343 9.23 23.83 -12.82
CA GLN B 343 9.92 24.60 -13.84
C GLN B 343 8.91 25.16 -14.85
N LEU B 344 7.90 24.37 -15.17
CA LEU B 344 6.93 24.79 -16.17
C LEU B 344 6.02 25.88 -15.64
N LEU B 345 5.54 25.72 -14.40
CA LEU B 345 4.66 26.71 -13.79
C LEU B 345 5.38 28.04 -13.62
N THR B 346 6.68 27.99 -13.35
CA THR B 346 7.46 29.21 -13.25
C THR B 346 7.59 29.88 -14.61
N LEU B 347 8.00 29.12 -15.61
CA LEU B 347 8.35 29.72 -16.89
C LEU B 347 7.14 30.16 -17.69
N MET B 348 5.95 29.60 -17.41
CA MET B 348 4.74 30.12 -18.03
C MET B 348 4.44 31.52 -17.54
N ASP B 349 4.67 31.77 -16.26
CA ASP B 349 4.39 33.07 -15.69
C ASP B 349 5.47 34.08 -16.00
N GLY B 350 6.68 33.62 -16.31
CA GLY B 350 7.76 34.52 -16.66
C GLY B 350 7.61 35.16 -18.03
N MET B 351 6.64 34.72 -18.81
CA MET B 351 6.39 35.28 -20.13
C MET B 351 5.79 36.67 -20.03
N LYS B 352 5.76 37.36 -21.17
CA LYS B 352 5.21 38.70 -21.24
C LYS B 352 4.21 38.80 -22.38
N ALA B 353 3.32 39.78 -22.26
CA ALA B 353 2.40 40.08 -23.36
C ALA B 353 3.13 40.76 -24.51
N ARG B 354 4.19 41.51 -24.22
CA ARG B 354 5.02 42.09 -25.27
C ARG B 354 5.85 41.05 -25.99
N SER B 355 5.99 39.86 -25.42
CA SER B 355 6.72 38.80 -26.10
C SER B 355 5.96 38.32 -27.33
N ASN B 356 4.62 38.34 -27.27
CA ASN B 356 3.72 37.87 -28.33
C ASN B 356 4.01 36.43 -28.70
N VAL B 357 4.16 35.60 -27.68
CA VAL B 357 4.55 34.21 -27.83
C VAL B 357 3.41 33.35 -27.33
N VAL B 358 2.99 32.39 -28.16
CA VAL B 358 1.81 31.58 -27.88
C VAL B 358 2.28 30.19 -27.47
N VAL B 359 1.75 29.69 -26.36
CA VAL B 359 2.06 28.36 -25.87
C VAL B 359 0.92 27.43 -26.22
N MET B 360 1.22 26.40 -27.00
CA MET B 360 0.26 25.35 -27.31
C MET B 360 0.64 24.08 -26.55
N ALA B 361 -0.37 23.34 -26.13
CA ALA B 361 -0.13 22.08 -25.44
C ALA B 361 -1.27 21.14 -25.78
N ALA B 362 -0.92 19.86 -25.94
CA ALA B 362 -1.88 18.84 -26.30
C ALA B 362 -1.73 17.65 -25.37
N THR B 363 -2.85 16.98 -25.13
CA THR B 363 -2.84 15.75 -24.38
C THR B 363 -4.01 14.89 -24.81
N ASN B 364 -3.98 13.65 -24.38
CA ASN B 364 -5.12 12.77 -24.48
C ASN B 364 -5.79 12.54 -23.14
N ARG B 365 -5.15 12.93 -22.05
CA ARG B 365 -5.71 12.80 -20.71
C ARG B 365 -5.75 14.18 -20.10
N PRO B 366 -6.84 14.93 -20.31
CA PRO B 366 -6.94 16.27 -19.73
C PRO B 366 -7.12 16.27 -18.22
N ASN B 367 -7.45 15.13 -17.62
CA ASN B 367 -7.66 15.08 -16.19
C ASN B 367 -6.41 14.77 -15.41
N SER B 368 -5.43 14.11 -16.02
CA SER B 368 -4.20 13.76 -15.32
C SER B 368 -3.27 14.94 -15.09
N ILE B 369 -3.57 16.09 -15.68
CA ILE B 369 -2.71 17.25 -15.58
C ILE B 369 -2.86 17.87 -14.19
N ASP B 370 -1.77 18.45 -13.69
CA ASP B 370 -1.86 19.35 -12.56
C ASP B 370 -2.77 20.53 -12.93
N PRO B 371 -3.84 20.77 -12.15
CA PRO B 371 -4.78 21.84 -12.54
C PRO B 371 -4.24 23.24 -12.40
N ALA B 372 -3.08 23.43 -11.78
CA ALA B 372 -2.49 24.76 -11.67
C ALA B 372 -2.12 25.32 -13.04
N LEU B 373 -1.81 24.45 -13.99
CA LEU B 373 -1.67 24.88 -15.37
C LEU B 373 -3.00 25.33 -15.93
N ARG B 374 -4.06 24.58 -15.68
CA ARG B 374 -5.38 24.87 -16.22
C ARG B 374 -6.05 26.05 -15.53
N ARG B 375 -5.40 26.66 -14.54
CA ARG B 375 -5.90 27.87 -13.93
C ARG B 375 -5.57 29.07 -14.81
N PHE B 376 -5.96 30.25 -14.35
CA PHE B 376 -5.92 31.44 -15.18
C PHE B 376 -4.50 31.96 -15.32
N GLY B 377 -4.20 32.56 -16.46
CA GLY B 377 -2.90 33.07 -16.76
C GLY B 377 -1.96 32.07 -17.39
N ARG B 378 -2.19 30.79 -17.19
CA ARG B 378 -1.31 29.75 -17.71
C ARG B 378 -1.97 28.97 -18.83
N PHE B 379 -3.13 28.37 -18.57
CA PHE B 379 -3.91 27.73 -19.64
C PHE B 379 -5.37 27.98 -19.37
N ASP B 380 -5.99 28.75 -20.24
CA ASP B 380 -7.39 29.13 -20.17
C ASP B 380 -8.21 28.55 -21.31
N ARG B 381 -7.59 28.28 -22.44
CA ARG B 381 -8.32 27.90 -23.64
C ARG B 381 -8.35 26.39 -23.75
N GLU B 382 -9.33 25.79 -23.09
CA GLU B 382 -9.59 24.37 -23.22
C GLU B 382 -10.23 24.12 -24.59
N VAL B 383 -9.52 23.43 -25.47
CA VAL B 383 -10.04 23.14 -26.80
C VAL B 383 -10.08 21.63 -26.96
N ASP B 384 -11.30 21.10 -27.04
CA ASP B 384 -11.50 19.68 -27.25
C ASP B 384 -11.55 19.36 -28.74
N ILE B 385 -11.00 18.21 -29.11
CA ILE B 385 -11.09 17.71 -30.46
C ILE B 385 -11.96 16.46 -30.41
N GLY B 386 -13.23 16.62 -30.79
CA GLY B 386 -14.17 15.52 -30.69
C GLY B 386 -14.04 14.51 -31.81
N ILE B 387 -14.79 13.43 -31.67
CA ILE B 387 -14.88 12.42 -32.73
C ILE B 387 -15.68 12.99 -33.88
N PRO B 388 -15.17 12.92 -35.11
CA PRO B 388 -15.87 13.55 -36.23
C PRO B 388 -17.12 12.80 -36.64
N ASP B 389 -18.01 13.54 -37.29
CA ASP B 389 -19.21 13.00 -37.87
C ASP B 389 -18.86 12.17 -39.11
N PRO B 390 -19.81 11.39 -39.65
CA PRO B 390 -19.56 10.75 -40.95
C PRO B 390 -19.32 11.72 -42.09
N THR B 391 -19.77 12.97 -41.98
CA THR B 391 -19.39 13.97 -42.97
C THR B 391 -17.91 14.30 -42.88
N GLY B 392 -17.43 14.59 -41.68
CA GLY B 392 -16.05 15.01 -41.54
C GLY B 392 -15.07 13.88 -41.72
N ARG B 393 -15.45 12.68 -41.33
CA ARG B 393 -14.53 11.56 -41.52
C ARG B 393 -14.49 11.13 -42.97
N LEU B 394 -15.52 11.44 -43.75
CA LEU B 394 -15.45 11.30 -45.20
C LEU B 394 -14.33 12.13 -45.77
N GLU B 395 -14.22 13.37 -45.29
CA GLU B 395 -13.14 14.26 -45.70
C GLU B 395 -11.78 13.70 -45.33
N ILE B 396 -11.69 13.04 -44.16
CA ILE B 396 -10.44 12.49 -43.69
C ILE B 396 -10.00 11.32 -44.57
N LEU B 397 -10.97 10.55 -45.05
CA LEU B 397 -10.66 9.47 -45.98
C LEU B 397 -10.11 10.00 -47.29
N GLN B 398 -10.66 11.12 -47.75
CA GLN B 398 -10.21 11.74 -48.98
C GLN B 398 -8.80 12.29 -48.85
N ILE B 399 -8.40 12.64 -47.62
CA ILE B 399 -7.05 13.11 -47.39
C ILE B 399 -6.06 11.97 -47.57
N HIS B 400 -6.38 10.80 -47.05
CA HIS B 400 -5.41 9.72 -47.09
C HIS B 400 -5.42 9.02 -48.43
N THR B 401 -6.57 8.96 -49.10
CA THR B 401 -6.69 8.21 -50.33
C THR B 401 -6.27 9.00 -51.55
N LYS B 402 -6.17 10.33 -51.46
CA LYS B 402 -5.74 11.11 -52.62
C LYS B 402 -4.28 10.89 -52.92
N ASN B 403 -3.50 10.44 -51.96
CA ASN B 403 -2.15 9.97 -52.24
C ASN B 403 -2.18 8.53 -52.72
N MET B 404 -3.18 7.76 -52.28
CA MET B 404 -3.26 6.36 -52.63
C MET B 404 -3.68 6.19 -54.09
N LYS B 405 -3.46 4.98 -54.60
CA LYS B 405 -3.88 4.59 -55.93
C LYS B 405 -5.03 3.60 -55.79
N LEU B 406 -6.21 4.01 -56.21
CA LEU B 406 -7.41 3.23 -55.96
C LEU B 406 -7.97 2.69 -57.25
N ALA B 407 -9.00 1.87 -57.11
CA ALA B 407 -9.84 1.47 -58.23
C ALA B 407 -11.11 2.30 -58.22
N ASP B 408 -11.84 2.21 -59.32
CA ASP B 408 -13.00 3.07 -59.52
C ASP B 408 -14.21 2.65 -58.71
N ASP B 409 -14.20 1.43 -58.17
CA ASP B 409 -15.30 0.95 -57.35
C ASP B 409 -15.34 1.58 -55.98
N VAL B 410 -14.30 2.31 -55.59
CA VAL B 410 -14.13 2.77 -54.23
C VAL B 410 -15.15 3.87 -53.95
N ASP B 411 -16.04 3.62 -53.01
CA ASP B 411 -17.00 4.60 -52.52
C ASP B 411 -16.63 4.90 -51.09
N LEU B 412 -15.93 6.02 -50.89
CA LEU B 412 -15.60 6.46 -49.54
C LEU B 412 -16.85 6.86 -48.79
N GLU B 413 -17.85 7.37 -49.50
CA GLU B 413 -19.10 7.77 -48.87
C GLU B 413 -19.85 6.57 -48.32
N GLN B 414 -19.75 5.44 -49.04
CA GLN B 414 -20.26 4.21 -48.47
C GLN B 414 -19.44 3.77 -47.27
N ILE B 415 -18.12 3.99 -47.32
CA ILE B 415 -17.28 3.66 -46.19
C ILE B 415 -17.57 4.58 -45.02
N ALA B 416 -17.63 5.89 -45.28
CA ALA B 416 -17.81 6.87 -44.21
C ALA B 416 -19.17 6.74 -43.54
N ALA B 417 -20.16 6.25 -44.28
CA ALA B 417 -21.42 5.90 -43.65
C ALA B 417 -21.26 4.69 -42.74
N GLU B 418 -20.44 3.72 -43.15
CA GLU B 418 -20.30 2.49 -42.42
C GLU B 418 -19.29 2.57 -41.29
N THR B 419 -18.62 3.71 -41.13
CA THR B 419 -17.68 3.93 -40.06
C THR B 419 -18.25 5.00 -39.14
N HIS B 420 -18.31 4.71 -37.84
CA HIS B 420 -19.16 5.51 -36.97
C HIS B 420 -18.41 6.09 -35.78
N GLY B 421 -17.47 5.34 -35.23
CA GLY B 421 -16.76 5.82 -34.07
C GLY B 421 -15.27 5.79 -34.25
N TYR B 422 -14.79 6.07 -35.45
CA TYR B 422 -13.37 5.95 -35.72
C TYR B 422 -12.71 7.31 -35.59
N VAL B 423 -11.49 7.31 -35.09
CA VAL B 423 -10.64 8.48 -35.17
C VAL B 423 -9.92 8.42 -36.51
N GLY B 424 -9.24 9.51 -36.87
CA GLY B 424 -8.47 9.52 -38.10
C GLY B 424 -7.34 8.53 -38.12
N SER B 425 -6.80 8.18 -36.95
CA SER B 425 -5.80 7.13 -36.87
C SER B 425 -6.39 5.78 -37.21
N ASP B 426 -7.65 5.55 -36.80
CA ASP B 426 -8.34 4.34 -37.20
C ASP B 426 -8.61 4.33 -38.70
N LEU B 427 -8.91 5.50 -39.25
CA LEU B 427 -9.19 5.59 -40.68
C LEU B 427 -7.92 5.47 -41.49
N ALA B 428 -6.82 6.02 -40.98
CA ALA B 428 -5.55 5.87 -41.67
C ALA B 428 -5.08 4.42 -41.63
N ALA B 429 -5.31 3.74 -40.50
CA ALA B 429 -5.07 2.31 -40.45
C ALA B 429 -6.04 1.56 -41.34
N LEU B 430 -7.27 2.06 -41.47
CA LEU B 430 -8.24 1.46 -42.38
C LEU B 430 -7.79 1.59 -43.82
N CYS B 431 -7.23 2.74 -44.18
CA CYS B 431 -6.69 2.89 -45.52
C CYS B 431 -5.45 2.03 -45.71
N SER B 432 -4.64 1.90 -44.67
CA SER B 432 -3.44 1.09 -44.79
C SER B 432 -3.77 -0.39 -44.82
N GLU B 433 -4.91 -0.78 -44.25
CA GLU B 433 -5.24 -2.20 -44.20
C GLU B 433 -5.71 -2.72 -45.54
N ALA B 434 -6.63 -2.00 -46.18
CA ALA B 434 -7.16 -2.41 -47.46
C ALA B 434 -6.11 -2.35 -48.56
N ALA B 435 -5.08 -1.53 -48.37
CA ALA B 435 -3.96 -1.54 -49.29
C ALA B 435 -3.21 -2.85 -49.21
N MET B 436 -3.06 -3.41 -48.01
CA MET B 436 -2.30 -4.63 -47.86
C MET B 436 -3.04 -5.82 -48.45
N GLN B 437 -4.36 -5.87 -48.25
CA GLN B 437 -5.15 -6.94 -48.86
C GLN B 437 -5.13 -6.86 -50.36
N GLN B 438 -5.07 -5.64 -50.91
CA GLN B 438 -4.85 -5.48 -52.34
C GLN B 438 -3.51 -6.08 -52.76
N ILE B 439 -2.49 -5.94 -51.92
CA ILE B 439 -1.20 -6.56 -52.21
C ILE B 439 -1.28 -8.07 -52.00
N ARG B 440 -2.10 -8.52 -51.04
CA ARG B 440 -2.26 -9.95 -50.78
C ARG B 440 -2.87 -10.65 -51.98
N GLU B 441 -3.75 -9.96 -52.70
CA GLU B 441 -4.29 -10.46 -53.95
C GLU B 441 -3.24 -10.54 -55.04
N LYS B 442 -2.16 -9.77 -54.93
CA LYS B 442 -1.12 -9.73 -55.94
C LYS B 442 0.08 -10.58 -55.57
N MET B 443 0.09 -11.18 -54.37
CA MET B 443 1.21 -11.98 -53.89
C MET B 443 1.47 -13.20 -54.75
N ASP B 444 0.45 -13.72 -55.42
CA ASP B 444 0.67 -14.78 -56.39
C ASP B 444 1.50 -14.30 -57.57
N LEU B 445 1.35 -13.03 -57.94
CA LEU B 445 2.11 -12.47 -59.05
C LEU B 445 3.43 -11.87 -58.61
N ILE B 446 3.75 -11.93 -57.33
CA ILE B 446 4.93 -11.28 -56.78
C ILE B 446 5.78 -12.33 -56.10
N ASP B 447 7.01 -12.47 -56.57
CA ASP B 447 7.96 -13.40 -55.98
C ASP B 447 8.93 -12.62 -55.10
N LEU B 448 9.01 -13.01 -53.83
CA LEU B 448 9.78 -12.27 -52.85
C LEU B 448 11.28 -12.49 -52.96
N ASP B 449 11.70 -13.59 -53.58
CA ASP B 449 13.12 -13.80 -53.82
C ASP B 449 13.67 -12.83 -54.87
N GLU B 450 12.80 -12.27 -55.71
CA GLU B 450 13.20 -11.22 -56.62
C GLU B 450 13.61 -9.98 -55.84
N ASP B 451 14.58 -9.26 -56.39
CA ASP B 451 15.08 -8.07 -55.74
C ASP B 451 14.27 -6.84 -56.12
N THR B 452 13.51 -6.93 -57.20
CA THR B 452 12.65 -5.84 -57.66
C THR B 452 11.53 -6.44 -58.48
N ILE B 453 10.29 -6.19 -58.08
CA ILE B 453 9.16 -6.65 -58.85
C ILE B 453 8.95 -5.71 -60.04
N ASP B 454 8.32 -6.23 -61.09
CA ASP B 454 8.09 -5.49 -62.31
C ASP B 454 7.01 -4.42 -62.10
N ALA B 455 6.95 -3.48 -63.04
CA ALA B 455 6.05 -2.35 -62.89
C ALA B 455 4.63 -2.63 -63.34
N GLU B 456 4.41 -3.76 -64.03
CA GLU B 456 3.08 -4.06 -64.55
C GLU B 456 2.12 -4.41 -63.43
N VAL B 457 2.61 -5.14 -62.42
CA VAL B 457 1.77 -5.39 -61.27
C VAL B 457 1.63 -4.14 -60.43
N LEU B 458 2.57 -3.21 -60.54
CA LEU B 458 2.45 -1.94 -59.82
C LEU B 458 1.34 -1.09 -60.42
N ASP B 459 1.20 -1.13 -61.74
CA ASP B 459 0.16 -0.37 -62.39
C ASP B 459 -1.20 -0.99 -62.15
N SER B 460 -1.26 -2.32 -62.07
CA SER B 460 -2.50 -2.99 -61.74
C SER B 460 -2.82 -2.93 -60.26
N LEU B 461 -1.91 -2.45 -59.44
CA LEU B 461 -2.10 -2.40 -58.00
C LEU B 461 -3.04 -1.25 -57.69
N GLY B 462 -4.34 -1.51 -57.79
CA GLY B 462 -5.34 -0.51 -57.48
C GLY B 462 -6.32 -1.06 -56.48
N VAL B 463 -6.50 -0.38 -55.36
CA VAL B 463 -7.24 -0.95 -54.24
C VAL B 463 -8.73 -0.95 -54.54
N THR B 464 -9.36 -2.10 -54.35
CA THR B 464 -10.77 -2.28 -54.63
C THR B 464 -11.61 -1.82 -53.45
N MET B 465 -12.90 -1.64 -53.73
CA MET B 465 -13.88 -1.38 -52.70
C MET B 465 -14.02 -2.57 -51.76
N ASP B 466 -13.86 -3.77 -52.30
CA ASP B 466 -14.02 -4.97 -51.49
C ASP B 466 -12.86 -5.15 -50.54
N ASN B 467 -11.70 -4.57 -50.85
CA ASN B 467 -10.61 -4.55 -49.90
C ASN B 467 -11.00 -3.78 -48.65
N PHE B 468 -11.73 -2.68 -48.81
CA PHE B 468 -12.25 -1.97 -47.66
C PHE B 468 -13.37 -2.75 -47.01
N ARG B 469 -14.14 -3.50 -47.79
CA ARG B 469 -15.11 -4.41 -47.22
C ARG B 469 -14.42 -5.50 -46.43
N TYR B 470 -13.27 -5.96 -46.91
CA TYR B 470 -12.40 -6.78 -46.09
C TYR B 470 -11.87 -5.98 -44.91
N ALA B 471 -11.44 -4.74 -45.16
CA ALA B 471 -10.81 -3.97 -44.10
C ALA B 471 -11.80 -3.44 -43.09
N LEU B 472 -13.09 -3.54 -43.33
CA LEU B 472 -14.03 -3.13 -42.32
C LEU B 472 -14.30 -4.24 -41.30
N GLY B 473 -14.01 -5.48 -41.68
CA GLY B 473 -14.23 -6.61 -40.80
C GLY B 473 -12.94 -7.13 -40.18
N VAL B 474 -11.92 -6.28 -40.18
CA VAL B 474 -10.62 -6.66 -39.62
C VAL B 474 -10.43 -6.07 -38.24
N SER B 475 -9.27 -6.34 -37.63
CA SER B 475 -8.95 -5.84 -36.30
C SER B 475 -8.87 -4.32 -36.29
N ASN B 476 -8.95 -3.72 -37.47
CA ASN B 476 -8.88 -2.27 -37.60
C ASN B 476 -10.08 -1.63 -36.92
N PRO B 477 -11.28 -2.12 -37.20
CA PRO B 477 -12.56 -1.67 -36.64
C PRO B 477 -12.52 -1.35 -35.14
N SER B 478 -11.90 -2.20 -34.32
CA SER B 478 -11.76 -1.98 -32.88
C SER B 478 -11.26 -0.56 -32.65
N ALA B 479 -12.21 0.34 -32.47
CA ALA B 479 -11.94 1.74 -32.32
C ALA B 479 -11.70 2.08 -30.85
N LEU B 480 -11.66 3.37 -30.57
CA LEU B 480 -11.61 3.88 -29.22
C LEU B 480 -12.95 4.57 -28.97
N ARG B 481 -13.91 3.80 -28.48
CA ARG B 481 -15.25 4.31 -28.23
C ARG B 481 -15.69 4.10 -26.79
N GLU B 482 -14.77 3.66 -25.93
CA GLU B 482 -15.10 3.25 -24.57
C GLU B 482 -15.04 4.39 -23.58
N VAL B 483 -15.34 5.62 -24.03
CA VAL B 483 -15.27 6.79 -23.18
C VAL B 483 -16.62 7.49 -23.16
N ALA B 484 -16.71 8.59 -22.44
CA ALA B 484 -17.90 9.44 -22.45
C ALA B 484 -17.86 10.33 -23.69
N VAL B 485 -18.66 9.97 -24.68
CA VAL B 485 -18.57 10.58 -25.98
C VAL B 485 -19.74 11.55 -26.18
N VAL B 486 -19.54 12.54 -27.04
CA VAL B 486 -20.62 13.37 -27.56
C VAL B 486 -20.76 13.08 -29.06
N GLU B 487 -21.99 12.86 -29.51
CA GLU B 487 -22.22 12.49 -30.89
C GLU B 487 -23.64 12.85 -31.26
N VAL B 488 -23.80 13.47 -32.43
CA VAL B 488 -25.12 13.79 -32.95
C VAL B 488 -25.82 12.49 -33.35
N PRO B 489 -27.10 12.35 -33.07
CA PRO B 489 -27.79 11.09 -33.38
C PRO B 489 -28.20 10.99 -34.83
N ASN B 490 -28.94 9.93 -35.16
CA ASN B 490 -29.40 9.70 -36.52
C ASN B 490 -30.86 9.34 -36.63
N VAL B 491 -31.49 8.88 -35.57
CA VAL B 491 -32.90 8.49 -35.62
C VAL B 491 -33.75 9.76 -35.61
N ARG B 492 -34.95 9.66 -36.17
CA ARG B 492 -35.84 10.81 -36.25
C ARG B 492 -37.24 10.43 -35.78
N TRP B 493 -38.16 11.37 -35.94
CA TRP B 493 -39.51 11.17 -35.42
C TRP B 493 -40.28 10.15 -36.23
N GLU B 494 -39.94 10.03 -37.51
CA GLU B 494 -40.62 9.10 -38.39
C GLU B 494 -40.23 7.67 -38.06
N ASP B 495 -39.04 7.48 -37.51
CA ASP B 495 -38.53 6.17 -37.18
C ASP B 495 -39.04 5.67 -35.84
N ILE B 496 -39.77 6.49 -35.10
CA ILE B 496 -40.41 6.08 -33.87
C ILE B 496 -41.91 6.22 -34.09
N GLY B 497 -42.60 5.09 -34.17
CA GLY B 497 -44.02 5.10 -34.45
C GLY B 497 -44.82 5.34 -33.19
N GLY B 498 -45.90 6.09 -33.34
CA GLY B 498 -46.81 6.35 -32.24
C GLY B 498 -46.23 7.28 -31.18
N LEU B 499 -46.98 7.38 -30.08
CA LEU B 499 -46.63 8.17 -28.89
C LEU B 499 -46.42 9.64 -29.22
N GLU B 500 -47.25 10.16 -30.12
CA GLU B 500 -47.14 11.54 -30.56
C GLU B 500 -47.48 12.54 -29.45
N GLN B 501 -48.19 12.09 -28.42
CA GLN B 501 -48.48 12.96 -27.27
C GLN B 501 -47.21 13.33 -26.55
N VAL B 502 -46.42 12.32 -26.16
CA VAL B 502 -45.16 12.60 -25.49
C VAL B 502 -44.10 13.07 -26.46
N LYS B 503 -44.30 12.88 -27.76
CA LYS B 503 -43.48 13.58 -28.75
C LYS B 503 -43.65 15.07 -28.61
N GLN B 504 -44.90 15.53 -28.62
CA GLN B 504 -45.20 16.95 -28.46
C GLN B 504 -44.82 17.46 -27.08
N GLU B 505 -44.85 16.59 -26.08
CA GLU B 505 -44.42 16.97 -24.75
C GLU B 505 -42.93 17.30 -24.74
N LEU B 506 -42.14 16.53 -25.48
CA LEU B 506 -40.74 16.89 -25.65
C LEU B 506 -40.61 18.12 -26.53
N LYS B 507 -41.52 18.26 -27.49
CA LYS B 507 -41.55 19.49 -28.28
C LYS B 507 -41.89 20.68 -27.40
N GLU B 508 -42.74 20.47 -26.40
CA GLU B 508 -42.95 21.49 -25.38
C GLU B 508 -41.71 21.68 -24.53
N GLN B 509 -41.30 20.62 -23.83
CA GLN B 509 -40.45 20.81 -22.66
C GLN B 509 -39.00 21.07 -23.00
N VAL B 510 -38.46 20.44 -24.04
CA VAL B 510 -37.05 20.57 -24.32
C VAL B 510 -36.79 21.33 -25.62
N GLN B 511 -37.76 21.41 -26.53
CA GLN B 511 -37.48 22.06 -27.78
C GLN B 511 -37.74 23.55 -27.70
N TYR B 512 -38.74 23.95 -26.92
CA TYR B 512 -38.98 25.36 -26.68
C TYR B 512 -37.81 26.10 -26.01
N PRO B 513 -37.10 25.55 -25.01
CA PRO B 513 -35.95 26.30 -24.50
C PRO B 513 -34.79 26.37 -25.46
N VAL B 514 -34.50 25.27 -26.17
CA VAL B 514 -33.35 25.29 -27.06
C VAL B 514 -33.62 26.13 -28.29
N ASP B 515 -34.89 26.36 -28.62
CA ASP B 515 -35.21 27.20 -29.76
C ASP B 515 -35.50 28.65 -29.36
N HIS B 516 -36.19 28.87 -28.24
CA HIS B 516 -36.62 30.21 -27.86
C HIS B 516 -36.44 30.46 -26.38
N PRO B 517 -35.27 30.95 -25.98
CA PRO B 517 -35.12 31.46 -24.61
C PRO B 517 -35.72 32.84 -24.43
N GLU B 518 -36.18 33.46 -25.51
CA GLU B 518 -36.64 34.84 -25.48
C GLU B 518 -37.94 34.99 -24.71
N LYS B 519 -38.78 33.96 -24.72
CA LYS B 519 -40.03 34.04 -24.00
C LYS B 519 -39.83 33.91 -22.50
N PHE B 520 -38.74 33.30 -22.08
CA PHE B 520 -38.49 33.08 -20.66
C PHE B 520 -38.14 34.38 -19.98
N LEU B 521 -37.17 35.10 -20.55
CA LEU B 521 -36.84 36.43 -20.09
C LEU B 521 -37.98 37.41 -20.33
N LYS B 522 -38.85 37.14 -21.31
CA LYS B 522 -40.10 37.87 -21.37
C LYS B 522 -40.98 37.57 -20.16
N PHE B 523 -40.98 36.32 -19.72
CA PHE B 523 -41.89 35.91 -18.66
C PHE B 523 -41.19 35.76 -17.32
N GLY B 524 -39.88 35.97 -17.25
CA GLY B 524 -39.17 35.97 -15.99
C GLY B 524 -39.05 34.62 -15.33
N LEU B 525 -39.22 33.53 -16.06
CA LEU B 525 -39.29 32.21 -15.47
C LEU B 525 -38.28 31.28 -16.12
N SER B 526 -37.45 30.67 -15.31
CA SER B 526 -36.57 29.61 -15.79
C SER B 526 -37.34 28.31 -15.88
N PRO B 527 -37.08 27.48 -16.88
CA PRO B 527 -37.88 26.28 -17.08
C PRO B 527 -37.44 25.17 -16.14
N SER B 528 -38.12 24.04 -16.25
CA SER B 528 -37.69 22.82 -15.61
C SER B 528 -36.68 22.15 -16.53
N ARG B 529 -35.47 21.94 -16.03
CA ARG B 529 -34.44 21.31 -16.85
C ARG B 529 -34.39 19.81 -16.68
N GLY B 530 -35.22 19.22 -15.83
CA GLY B 530 -35.09 17.81 -15.52
C GLY B 530 -36.24 16.94 -15.96
N VAL B 531 -35.99 16.10 -16.95
CA VAL B 531 -36.99 15.24 -17.56
C VAL B 531 -36.63 13.78 -17.28
N LEU B 532 -37.58 13.04 -16.73
CA LEU B 532 -37.40 11.62 -16.47
C LEU B 532 -38.34 10.82 -17.37
N PHE B 533 -37.78 9.92 -18.14
CA PHE B 533 -38.59 8.96 -18.88
C PHE B 533 -38.82 7.73 -18.03
N TYR B 534 -40.02 7.18 -18.12
CA TYR B 534 -40.28 5.92 -17.44
C TYR B 534 -41.36 5.16 -18.20
N GLY B 535 -41.52 3.91 -17.81
CA GLY B 535 -42.51 3.04 -18.39
C GLY B 535 -42.08 1.60 -18.29
N PRO B 536 -42.77 0.73 -18.99
CA PRO B 536 -42.34 -0.66 -19.08
C PRO B 536 -41.08 -0.78 -19.91
N PRO B 537 -40.32 -1.87 -19.73
CA PRO B 537 -39.11 -2.06 -20.52
C PRO B 537 -39.43 -2.34 -21.98
N GLY B 538 -38.42 -2.13 -22.82
CA GLY B 538 -38.52 -2.42 -24.23
C GLY B 538 -39.50 -1.55 -24.97
N THR B 539 -39.60 -0.27 -24.60
CA THR B 539 -40.55 0.64 -25.22
C THR B 539 -39.85 1.75 -25.98
N GLY B 540 -38.62 1.53 -26.42
CA GLY B 540 -37.95 2.45 -27.31
C GLY B 540 -37.53 3.74 -26.63
N LYS B 541 -37.40 3.72 -25.31
CA LYS B 541 -37.10 4.92 -24.55
C LYS B 541 -35.68 5.41 -24.82
N THR B 542 -34.80 4.51 -25.26
CA THR B 542 -33.46 4.90 -25.64
C THR B 542 -33.48 5.80 -26.86
N MET B 543 -34.32 5.48 -27.85
CA MET B 543 -34.29 6.22 -29.10
C MET B 543 -34.98 7.57 -28.99
N LEU B 544 -35.71 7.81 -27.92
CA LEU B 544 -36.54 9.01 -27.83
C LEU B 544 -35.68 10.25 -27.69
N ALA B 545 -34.67 10.19 -26.82
CA ALA B 545 -33.78 11.32 -26.63
C ALA B 545 -32.88 11.52 -27.84
N LYS B 546 -32.64 10.47 -28.61
CA LYS B 546 -31.79 10.63 -29.79
C LYS B 546 -32.54 11.37 -30.88
N ALA B 547 -33.83 11.07 -31.05
CA ALA B 547 -34.58 11.69 -32.13
C ALA B 547 -34.86 13.15 -31.86
N VAL B 548 -34.99 13.53 -30.59
CA VAL B 548 -35.25 14.94 -30.30
C VAL B 548 -33.97 15.76 -30.37
N ALA B 549 -32.81 15.16 -30.08
CA ALA B 549 -31.56 15.86 -30.30
C ALA B 549 -31.25 15.96 -31.77
N ASN B 550 -31.74 15.01 -32.55
CA ASN B 550 -31.61 15.08 -33.99
C ASN B 550 -32.55 16.10 -34.58
N GLU B 551 -33.67 16.40 -33.93
CA GLU B 551 -34.56 17.44 -34.44
C GLU B 551 -33.94 18.82 -34.27
N CYS B 552 -33.82 19.27 -33.03
CA CYS B 552 -33.33 20.62 -32.78
C CYS B 552 -31.83 20.74 -32.84
N ALA B 553 -31.14 19.73 -33.39
CA ALA B 553 -29.72 19.74 -33.73
C ALA B 553 -28.83 19.95 -32.52
N ALA B 554 -29.34 19.66 -31.33
CA ALA B 554 -28.52 19.76 -30.15
C ALA B 554 -27.56 18.59 -30.09
N ASN B 555 -26.47 18.79 -29.38
CA ASN B 555 -25.51 17.71 -29.22
C ASN B 555 -26.07 16.68 -28.26
N PHE B 556 -25.52 15.48 -28.33
CA PHE B 556 -26.11 14.38 -27.59
C PHE B 556 -25.01 13.59 -26.91
N ILE B 557 -25.25 13.25 -25.65
CA ILE B 557 -24.35 12.42 -24.88
C ILE B 557 -25.17 11.28 -24.31
N SER B 558 -24.87 10.07 -24.75
CA SER B 558 -25.50 8.86 -24.24
C SER B 558 -24.66 8.32 -23.11
N VAL B 559 -25.26 8.18 -21.94
CA VAL B 559 -24.61 7.56 -20.79
C VAL B 559 -25.52 6.46 -20.27
N LYS B 560 -25.01 5.24 -20.23
CA LYS B 560 -25.79 4.16 -19.64
C LYS B 560 -25.45 4.01 -18.16
N GLY B 561 -26.19 3.12 -17.51
CA GLY B 561 -26.02 2.83 -16.10
C GLY B 561 -24.67 2.29 -15.71
N PRO B 562 -24.29 1.10 -16.21
CA PRO B 562 -22.99 0.53 -15.84
C PRO B 562 -21.81 1.29 -16.39
N GLU B 563 -22.02 2.18 -17.37
CA GLU B 563 -20.95 3.05 -17.82
C GLU B 563 -20.47 3.97 -16.71
N LEU B 564 -21.36 4.35 -15.80
CA LEU B 564 -20.96 5.04 -14.60
C LEU B 564 -20.14 4.13 -13.70
N LEU B 565 -20.61 2.89 -13.56
CA LEU B 565 -20.02 1.98 -12.58
C LEU B 565 -18.70 1.43 -13.07
N SER B 566 -18.66 0.97 -14.33
CA SER B 566 -17.43 0.40 -14.88
C SER B 566 -16.34 1.44 -15.04
N MET B 567 -16.70 2.69 -15.24
CA MET B 567 -15.68 3.72 -15.15
C MET B 567 -15.39 4.11 -13.71
N TRP B 568 -16.17 3.63 -12.75
CA TRP B 568 -15.83 3.87 -11.36
C TRP B 568 -15.22 2.66 -10.67
N PHE B 569 -15.11 1.54 -11.37
CA PHE B 569 -14.17 0.54 -10.90
C PHE B 569 -12.75 0.97 -11.24
N GLY B 570 -12.60 1.75 -12.30
CA GLY B 570 -11.39 2.49 -12.61
C GLY B 570 -11.39 3.92 -12.15
N GLU B 571 -12.49 4.35 -11.51
CA GLU B 571 -12.67 5.66 -10.86
C GLU B 571 -12.47 6.81 -11.86
N SER B 572 -13.40 6.90 -12.80
CA SER B 572 -13.50 8.03 -13.72
C SER B 572 -14.74 8.83 -13.33
N GLU B 573 -14.58 9.73 -12.36
CA GLU B 573 -15.69 10.58 -11.92
C GLU B 573 -15.48 12.05 -12.23
N SER B 574 -14.24 12.46 -12.48
CA SER B 574 -14.03 13.78 -13.06
C SER B 574 -14.61 13.82 -14.46
N ASN B 575 -14.54 12.69 -15.17
CA ASN B 575 -15.20 12.54 -16.44
C ASN B 575 -16.70 12.67 -16.30
N ILE B 576 -17.26 12.21 -15.17
CA ILE B 576 -18.67 12.40 -14.90
C ILE B 576 -18.99 13.87 -14.74
N ARG B 577 -18.11 14.60 -14.06
CA ARG B 577 -18.20 16.06 -14.09
C ARG B 577 -17.94 16.59 -15.49
N ASP B 578 -16.98 15.98 -16.20
CA ASP B 578 -16.66 16.43 -17.55
C ASP B 578 -17.75 16.11 -18.55
N ILE B 579 -18.61 15.15 -18.24
CA ILE B 579 -19.84 14.97 -19.01
C ILE B 579 -20.63 16.26 -19.03
N PHE B 580 -20.82 16.85 -17.85
CA PHE B 580 -21.53 18.11 -17.78
C PHE B 580 -20.69 19.25 -18.32
N ASP B 581 -19.37 19.14 -18.22
CA ASP B 581 -18.51 20.21 -18.70
C ASP B 581 -18.43 20.20 -20.21
N LYS B 582 -18.31 19.01 -20.79
CA LYS B 582 -18.25 18.93 -22.25
C LYS B 582 -19.60 19.26 -22.85
N ALA B 583 -20.69 18.89 -22.17
CA ALA B 583 -22.00 19.33 -22.62
C ALA B 583 -22.15 20.83 -22.44
N ARG B 584 -21.53 21.38 -21.39
CA ARG B 584 -21.42 22.83 -21.30
C ARG B 584 -20.50 23.37 -22.38
N ALA B 585 -19.45 22.62 -22.73
CA ALA B 585 -18.61 23.02 -23.84
C ALA B 585 -19.34 22.85 -25.16
N ALA B 586 -20.18 21.82 -25.27
CA ALA B 586 -20.94 21.59 -26.49
C ALA B 586 -22.41 22.01 -26.33
N ALA B 587 -22.66 23.06 -25.58
CA ALA B 587 -24.01 23.60 -25.51
C ALA B 587 -24.38 24.21 -26.86
N PRO B 588 -25.59 23.94 -27.38
CA PRO B 588 -26.69 23.15 -26.82
C PRO B 588 -26.44 21.66 -26.88
N CYS B 589 -26.67 21.01 -25.74
CA CYS B 589 -26.48 19.58 -25.65
C CYS B 589 -27.48 19.01 -24.67
N VAL B 590 -27.88 17.77 -24.92
CA VAL B 590 -28.70 17.01 -24.00
C VAL B 590 -27.88 15.85 -23.47
N VAL B 591 -28.01 15.62 -22.17
CA VAL B 591 -27.30 14.53 -21.51
C VAL B 591 -28.31 13.45 -21.20
N PHE B 592 -28.09 12.27 -21.75
CA PHE B 592 -29.04 11.18 -21.63
C PHE B 592 -28.50 10.12 -20.71
N LEU B 593 -29.28 9.78 -19.70
CA LEU B 593 -28.88 8.82 -18.68
C LEU B 593 -29.69 7.55 -18.88
N ASP B 594 -29.15 6.63 -19.67
CA ASP B 594 -29.83 5.37 -19.89
C ASP B 594 -29.64 4.46 -18.69
N GLU B 595 -30.64 3.61 -18.47
CA GLU B 595 -30.60 2.49 -17.53
C GLU B 595 -30.37 2.98 -16.10
N LEU B 596 -31.30 3.81 -15.62
CA LEU B 596 -31.20 4.33 -14.27
C LEU B 596 -31.47 3.28 -13.21
N ASP B 597 -32.13 2.18 -13.59
CA ASP B 597 -32.27 1.05 -12.69
C ASP B 597 -30.93 0.41 -12.35
N SER B 598 -29.96 0.49 -13.27
CA SER B 598 -28.62 -0.05 -13.02
C SER B 598 -27.92 0.71 -11.91
N ILE B 599 -28.22 1.99 -11.75
CA ILE B 599 -27.70 2.75 -10.63
C ILE B 599 -28.33 2.25 -9.34
N ALA B 600 -29.62 1.94 -9.37
CA ALA B 600 -30.22 1.22 -8.26
C ALA B 600 -29.69 -0.20 -8.15
N LYS B 601 -29.36 -0.83 -9.28
CA LYS B 601 -28.86 -2.20 -9.23
C LYS B 601 -27.38 -2.25 -8.89
N ALA B 602 -26.72 -1.10 -8.75
CA ALA B 602 -25.39 -1.06 -8.13
C ALA B 602 -25.45 -1.54 -6.68
N ARG B 603 -26.52 -1.21 -5.98
CA ARG B 603 -26.88 -1.86 -4.73
C ARG B 603 -28.09 -2.78 -4.91
N GLY B 604 -28.15 -3.48 -6.04
CA GLY B 604 -29.18 -4.48 -6.26
C GLY B 604 -30.53 -3.96 -6.73
N GLY B 605 -30.98 -2.85 -6.15
CA GLY B 605 -32.26 -2.25 -6.43
C GLY B 605 -32.57 -1.21 -5.37
N SER B 606 -33.87 -0.99 -5.15
CA SER B 606 -34.29 -0.31 -3.93
C SER B 606 -34.53 -1.33 -2.82
N ILE B 607 -34.99 -2.53 -3.20
CA ILE B 607 -34.88 -3.65 -2.29
C ILE B 607 -33.43 -4.09 -2.16
N GLY B 608 -32.88 -4.65 -3.25
CA GLY B 608 -31.46 -4.88 -3.46
C GLY B 608 -30.76 -5.69 -2.39
N ASP B 609 -29.55 -5.24 -2.04
CA ASP B 609 -28.78 -5.78 -0.92
C ASP B 609 -29.02 -4.99 0.36
N ALA B 610 -30.27 -4.52 0.54
CA ALA B 610 -30.83 -3.58 1.52
C ALA B 610 -30.42 -2.14 1.21
N GLY B 611 -29.47 -1.95 0.30
CA GLY B 611 -29.10 -0.62 -0.15
C GLY B 611 -30.01 -0.20 -1.30
N GLY B 612 -30.50 1.02 -1.22
CA GLY B 612 -31.41 1.52 -2.23
C GLY B 612 -30.71 1.99 -3.49
N ALA B 613 -31.34 2.94 -4.20
CA ALA B 613 -30.70 3.52 -5.37
C ALA B 613 -29.49 4.38 -4.99
N SER B 614 -29.52 4.98 -3.80
CA SER B 614 -28.49 5.90 -3.36
C SER B 614 -27.19 5.18 -3.09
N ASP B 615 -26.12 5.61 -3.76
CA ASP B 615 -24.76 5.20 -3.48
C ASP B 615 -23.87 6.37 -3.84
N ARG B 616 -22.59 6.08 -4.10
CA ARG B 616 -21.65 7.13 -4.46
C ARG B 616 -21.97 7.73 -5.82
N VAL B 617 -22.71 7.00 -6.67
CA VAL B 617 -23.06 7.52 -7.98
C VAL B 617 -24.10 8.61 -7.85
N VAL B 618 -25.14 8.37 -7.05
CA VAL B 618 -26.23 9.32 -6.91
C VAL B 618 -25.74 10.59 -6.26
N ASN B 619 -24.99 10.45 -5.16
CA ASN B 619 -24.40 11.55 -4.43
C ASN B 619 -23.47 12.39 -5.27
N GLN B 620 -22.82 11.78 -6.26
CA GLN B 620 -22.07 12.54 -7.24
C GLN B 620 -23.00 13.25 -8.21
N LEU B 621 -24.05 12.55 -8.66
CA LEU B 621 -24.90 13.11 -9.69
C LEU B 621 -25.77 14.22 -9.16
N LEU B 622 -26.26 14.08 -7.92
CA LEU B 622 -27.07 15.13 -7.32
C LEU B 622 -26.29 16.41 -7.13
N THR B 623 -24.99 16.30 -6.90
CA THR B 623 -24.15 17.49 -6.87
C THR B 623 -24.02 18.09 -8.27
N GLU B 624 -23.70 17.24 -9.25
CA GLU B 624 -23.45 17.72 -10.59
C GLU B 624 -24.72 18.17 -11.29
N MET B 625 -25.86 17.57 -10.94
CA MET B 625 -27.10 18.06 -11.51
C MET B 625 -27.50 19.39 -10.91
N ASP B 626 -27.27 19.56 -9.62
CA ASP B 626 -27.50 20.85 -8.98
C ASP B 626 -26.40 21.85 -9.28
N GLY B 627 -25.25 21.39 -9.76
CA GLY B 627 -24.17 22.30 -10.07
C GLY B 627 -24.26 22.84 -11.49
N MET B 628 -25.45 22.83 -12.04
CA MET B 628 -25.70 23.32 -13.39
C MET B 628 -26.41 24.65 -13.31
N THR B 629 -25.93 25.62 -14.09
CA THR B 629 -26.59 26.91 -14.16
C THR B 629 -27.91 26.77 -14.90
N SER B 630 -28.97 27.34 -14.32
CA SER B 630 -30.28 27.30 -14.96
C SER B 630 -30.33 28.13 -16.24
N LYS B 631 -29.41 29.08 -16.40
CA LYS B 631 -29.33 29.83 -17.65
C LYS B 631 -28.86 28.95 -18.79
N LYS B 632 -28.06 27.92 -18.48
CA LYS B 632 -27.52 27.05 -19.52
C LYS B 632 -28.63 26.22 -20.15
N ASN B 633 -28.56 26.08 -21.47
CA ASN B 633 -29.47 25.24 -22.23
C ASN B 633 -29.05 23.77 -22.23
N VAL B 634 -27.99 23.46 -21.49
CA VAL B 634 -27.55 22.09 -21.31
C VAL B 634 -28.64 21.32 -20.58
N PHE B 635 -29.05 20.20 -21.14
CA PHE B 635 -30.24 19.54 -20.65
C PHE B 635 -29.89 18.12 -20.21
N VAL B 636 -30.63 17.64 -19.23
CA VAL B 636 -30.42 16.32 -18.64
C VAL B 636 -31.68 15.50 -18.85
N ILE B 637 -31.52 14.34 -19.47
CA ILE B 637 -32.65 13.46 -19.76
C ILE B 637 -32.41 12.12 -19.06
N GLY B 638 -33.32 11.76 -18.18
CA GLY B 638 -33.24 10.50 -17.47
C GLY B 638 -34.27 9.51 -18.01
N ALA B 639 -33.90 8.24 -18.01
CA ALA B 639 -34.78 7.20 -18.51
C ALA B 639 -34.54 5.91 -17.74
N THR B 640 -35.61 5.36 -17.21
CA THR B 640 -35.55 4.04 -16.60
C THR B 640 -36.81 3.29 -16.97
N ASN B 641 -36.83 2.01 -16.62
CA ASN B 641 -38.02 1.21 -16.70
C ASN B 641 -38.52 0.78 -15.33
N ARG B 642 -37.77 1.06 -14.27
CA ARG B 642 -38.17 0.73 -12.91
C ARG B 642 -38.20 2.02 -12.09
N PRO B 643 -39.22 2.86 -12.30
CA PRO B 643 -39.19 4.20 -11.71
C PRO B 643 -39.56 4.22 -10.24
N GLU B 644 -40.26 3.21 -9.75
CA GLU B 644 -40.53 3.11 -8.33
C GLU B 644 -39.24 2.89 -7.56
N GLN B 645 -38.30 2.22 -8.19
CA GLN B 645 -37.07 1.76 -7.57
C GLN B 645 -35.97 2.80 -7.62
N LEU B 646 -36.35 4.06 -7.80
CA LEU B 646 -35.43 5.19 -7.76
C LEU B 646 -35.84 6.11 -6.62
N ASP B 647 -34.86 6.72 -5.97
CA ASP B 647 -35.14 7.60 -4.86
C ASP B 647 -35.80 8.90 -5.33
N PRO B 648 -36.67 9.49 -4.51
CA PRO B 648 -37.24 10.80 -4.86
C PRO B 648 -36.25 11.94 -4.68
N ALA B 649 -35.09 11.71 -4.08
CA ALA B 649 -34.06 12.74 -4.00
C ALA B 649 -33.54 13.10 -5.39
N LEU B 650 -33.47 12.13 -6.28
CA LEU B 650 -33.17 12.41 -7.67
C LEU B 650 -34.40 12.93 -8.40
N CYS B 651 -35.58 12.54 -7.97
CA CYS B 651 -36.84 13.05 -8.51
C CYS B 651 -37.23 14.39 -7.92
N ARG B 652 -36.33 15.03 -7.17
CA ARG B 652 -36.62 16.28 -6.53
C ARG B 652 -36.79 17.38 -7.59
N PRO B 653 -37.71 18.31 -7.38
CA PRO B 653 -37.81 19.45 -8.30
C PRO B 653 -36.55 20.29 -8.29
N GLY B 654 -36.19 20.79 -9.47
CA GLY B 654 -34.89 21.35 -9.72
C GLY B 654 -33.93 20.34 -10.31
N ARG B 655 -34.06 19.07 -9.94
CA ARG B 655 -33.22 18.01 -10.46
C ARG B 655 -33.87 17.25 -11.60
N LEU B 656 -34.96 16.52 -11.30
CA LEU B 656 -35.71 15.79 -12.31
C LEU B 656 -37.17 15.85 -11.87
N ASP B 657 -37.90 16.81 -12.40
CA ASP B 657 -39.28 17.00 -12.02
C ASP B 657 -40.27 16.63 -13.11
N GLN B 658 -39.85 16.62 -14.37
CA GLN B 658 -40.72 16.16 -15.44
C GLN B 658 -40.62 14.65 -15.53
N LEU B 659 -41.76 13.98 -15.42
CA LEU B 659 -41.81 12.52 -15.44
C LEU B 659 -42.75 12.11 -16.56
N ILE B 660 -42.22 11.32 -17.50
CA ILE B 660 -42.96 11.00 -18.72
C ILE B 660 -43.14 9.51 -18.80
N TYR B 661 -44.39 9.07 -18.70
CA TYR B 661 -44.72 7.67 -18.87
C TYR B 661 -44.69 7.31 -20.33
N VAL B 662 -44.10 6.16 -20.63
CA VAL B 662 -44.04 5.67 -21.99
C VAL B 662 -44.91 4.42 -22.06
N PRO B 663 -46.15 4.52 -22.50
CA PRO B 663 -47.02 3.35 -22.56
C PRO B 663 -46.67 2.46 -23.75
N LEU B 664 -47.31 1.30 -23.79
CA LEU B 664 -47.30 0.51 -25.01
C LEU B 664 -48.13 1.21 -26.07
N PRO B 665 -47.78 1.04 -27.33
CA PRO B 665 -48.63 1.58 -28.40
C PRO B 665 -49.90 0.78 -28.52
N ASP B 666 -50.88 1.38 -29.19
CA ASP B 666 -52.06 0.62 -29.58
C ASP B 666 -51.76 -0.10 -30.88
N GLU B 667 -52.79 -0.70 -31.47
CA GLU B 667 -52.65 -1.33 -32.78
C GLU B 667 -52.33 -0.31 -33.86
N ALA B 668 -52.78 0.94 -33.70
CA ALA B 668 -52.38 1.98 -34.63
C ALA B 668 -50.93 2.37 -34.41
N GLY B 669 -50.50 2.40 -33.15
CA GLY B 669 -49.10 2.60 -32.87
C GLY B 669 -48.26 1.42 -33.33
N ARG B 670 -48.75 0.21 -33.07
CA ARG B 670 -48.08 -0.99 -33.57
C ARG B 670 -48.10 -1.05 -35.09
N LEU B 671 -49.11 -0.48 -35.73
CA LEU B 671 -49.07 -0.30 -37.17
C LEU B 671 -47.97 0.66 -37.58
N SER B 672 -47.89 1.80 -36.89
CA SER B 672 -46.92 2.82 -37.24
C SER B 672 -45.49 2.35 -36.99
N ILE B 673 -45.29 1.50 -35.98
CA ILE B 673 -43.97 0.95 -35.73
C ILE B 673 -43.57 0.00 -36.84
N LEU B 674 -44.46 -0.93 -37.18
CA LEU B 674 -44.18 -1.89 -38.23
C LEU B 674 -44.07 -1.23 -39.59
N LYS B 675 -44.72 -0.08 -39.79
CA LYS B 675 -44.39 0.73 -40.94
C LYS B 675 -42.98 1.29 -40.81
N ALA B 676 -42.66 1.82 -39.63
CA ALA B 676 -41.36 2.47 -39.44
C ALA B 676 -40.22 1.46 -39.35
N GLN B 677 -40.47 0.28 -38.79
CA GLN B 677 -39.38 -0.68 -38.68
C GLN B 677 -39.05 -1.31 -40.02
N LEU B 678 -40.03 -1.43 -40.90
CA LEU B 678 -39.83 -2.12 -42.16
C LEU B 678 -39.54 -1.17 -43.30
N ARG B 679 -39.04 0.02 -42.98
CA ARG B 679 -38.72 1.00 -44.01
C ARG B 679 -37.53 0.57 -44.85
N LYS B 680 -36.66 -0.28 -44.33
CA LYS B 680 -35.46 -0.68 -45.04
C LYS B 680 -35.47 -2.17 -45.35
N THR B 681 -36.63 -2.80 -45.27
CA THR B 681 -36.68 -4.22 -45.51
C THR B 681 -37.49 -4.52 -46.77
N PRO B 682 -37.01 -5.39 -47.63
CA PRO B 682 -37.78 -5.76 -48.81
C PRO B 682 -38.93 -6.69 -48.44
N VAL B 683 -40.03 -6.09 -47.99
CA VAL B 683 -41.16 -6.86 -47.50
C VAL B 683 -42.00 -7.35 -48.69
N SER B 684 -42.82 -8.36 -48.45
CA SER B 684 -43.77 -8.81 -49.46
C SER B 684 -44.88 -7.78 -49.64
N LYS B 685 -45.66 -7.99 -50.70
CA LYS B 685 -46.74 -7.10 -51.02
C LYS B 685 -48.06 -7.51 -50.40
N ASP B 686 -48.22 -8.78 -50.05
CA ASP B 686 -49.46 -9.25 -49.44
C ASP B 686 -49.54 -8.96 -47.95
N VAL B 687 -48.59 -8.22 -47.41
CA VAL B 687 -48.44 -8.08 -45.97
C VAL B 687 -49.49 -7.13 -45.44
N ASP B 688 -50.46 -7.67 -44.70
CA ASP B 688 -51.43 -6.85 -44.00
C ASP B 688 -50.86 -6.63 -42.60
N LEU B 689 -50.17 -5.49 -42.46
CA LEU B 689 -49.64 -5.11 -41.15
C LEU B 689 -50.76 -4.80 -40.17
N ALA B 690 -51.92 -4.36 -40.66
CA ALA B 690 -53.06 -4.12 -39.79
C ALA B 690 -53.62 -5.42 -39.24
N TYR B 691 -53.66 -6.47 -40.09
CA TYR B 691 -54.02 -7.79 -39.60
C TYR B 691 -52.97 -8.31 -38.63
N ILE B 692 -51.71 -7.95 -38.85
CA ILE B 692 -50.70 -8.17 -37.82
C ILE B 692 -51.01 -7.30 -36.61
N ALA B 693 -51.29 -6.01 -36.84
CA ALA B 693 -51.62 -5.09 -35.75
C ALA B 693 -52.91 -5.47 -35.04
N SER B 694 -53.83 -6.14 -35.73
CA SER B 694 -54.99 -6.69 -35.05
C SER B 694 -54.58 -7.79 -34.08
N LYS B 695 -53.73 -8.71 -34.54
CA LYS B 695 -53.36 -9.83 -33.71
C LYS B 695 -52.34 -9.47 -32.66
N THR B 696 -51.43 -8.54 -32.96
CA THR B 696 -50.49 -8.07 -31.97
C THR B 696 -51.20 -7.06 -31.08
N HIS B 697 -51.48 -7.44 -29.84
CA HIS B 697 -52.11 -6.53 -28.89
C HIS B 697 -51.22 -6.23 -27.70
N GLY B 698 -50.81 -7.24 -26.93
CA GLY B 698 -49.98 -6.99 -25.78
C GLY B 698 -48.50 -6.91 -26.09
N PHE B 699 -48.15 -6.89 -27.37
CA PHE B 699 -46.77 -7.03 -27.78
C PHE B 699 -46.12 -5.65 -27.86
N SER B 700 -44.93 -5.53 -27.28
CA SER B 700 -44.24 -4.25 -27.25
C SER B 700 -43.66 -3.93 -28.63
N GLY B 701 -43.13 -2.72 -28.75
CA GLY B 701 -42.42 -2.36 -29.96
C GLY B 701 -41.13 -3.13 -30.13
N ALA B 702 -40.53 -3.54 -29.01
CA ALA B 702 -39.42 -4.47 -29.06
C ALA B 702 -39.87 -5.84 -29.53
N ASP B 703 -41.08 -6.24 -29.15
CA ASP B 703 -41.60 -7.53 -29.56
C ASP B 703 -41.83 -7.58 -31.06
N LEU B 704 -42.28 -6.46 -31.63
CA LEU B 704 -42.55 -6.40 -33.06
C LEU B 704 -41.27 -6.53 -33.87
N ALA B 705 -40.22 -5.83 -33.44
CA ALA B 705 -38.92 -5.99 -34.05
C ALA B 705 -38.36 -7.38 -33.83
N PHE B 706 -38.68 -7.98 -32.68
CA PHE B 706 -38.26 -9.34 -32.41
C PHE B 706 -38.94 -10.33 -33.32
N ILE B 707 -40.20 -10.06 -33.69
CA ILE B 707 -40.91 -10.92 -34.63
C ILE B 707 -40.26 -10.84 -36.01
N THR B 708 -39.87 -9.63 -36.42
CA THR B 708 -39.23 -9.47 -37.71
C THR B 708 -37.86 -10.14 -37.73
N GLN B 709 -37.13 -10.09 -36.61
CA GLN B 709 -35.87 -10.81 -36.51
C GLN B 709 -36.09 -12.31 -36.61
N ARG B 710 -37.21 -12.79 -36.06
CA ARG B 710 -37.58 -14.18 -36.27
C ARG B 710 -37.98 -14.41 -37.72
N ALA B 711 -38.78 -13.52 -38.29
CA ALA B 711 -39.32 -13.72 -39.62
C ALA B 711 -38.25 -13.63 -40.69
N VAL B 712 -37.29 -12.72 -40.52
CA VAL B 712 -36.14 -12.67 -41.42
C VAL B 712 -35.30 -13.93 -41.29
N LYS B 713 -35.12 -14.39 -40.05
CA LYS B 713 -34.49 -15.68 -39.83
C LYS B 713 -35.31 -16.81 -40.43
N LEU B 714 -36.64 -16.72 -40.36
CA LEU B 714 -37.49 -17.64 -41.09
C LEU B 714 -37.35 -17.45 -42.59
N ALA B 715 -37.12 -16.22 -43.02
CA ALA B 715 -36.89 -16.00 -44.45
C ALA B 715 -35.54 -16.54 -44.88
N ILE B 716 -34.53 -16.43 -44.01
CA ILE B 716 -33.22 -17.01 -44.32
C ILE B 716 -33.27 -18.52 -44.16
N LYS B 717 -34.19 -19.01 -43.34
CA LYS B 717 -34.51 -20.45 -43.33
C LYS B 717 -35.33 -20.83 -44.57
N GLU B 718 -35.68 -19.84 -45.39
CA GLU B 718 -36.09 -20.16 -46.75
C GLU B 718 -35.04 -19.72 -47.74
N SER B 719 -34.25 -18.69 -47.43
CA SER B 719 -33.38 -18.10 -48.44
C SER B 719 -32.16 -18.97 -48.69
N ILE B 720 -31.30 -19.10 -47.69
CA ILE B 720 -30.12 -19.93 -47.90
C ILE B 720 -30.45 -21.40 -47.77
N ALA B 721 -31.63 -21.73 -47.25
CA ALA B 721 -32.12 -23.08 -47.41
C ALA B 721 -32.34 -23.39 -48.88
N ALA B 722 -33.00 -22.50 -49.58
CA ALA B 722 -33.29 -22.68 -51.00
C ALA B 722 -31.99 -22.72 -51.81
N GLU B 723 -30.96 -22.04 -51.31
CA GLU B 723 -29.67 -22.00 -51.98
C GLU B 723 -28.91 -23.31 -51.80
N ILE B 724 -29.20 -24.01 -50.71
CA ILE B 724 -28.55 -25.28 -50.41
C ILE B 724 -29.46 -26.46 -50.71
N GLU B 725 -30.71 -26.16 -51.05
CA GLU B 725 -31.69 -27.19 -51.37
C GLU B 725 -31.58 -27.63 -52.84
N PRO B 745 -34.03 -15.33 -55.14
CA PRO B 745 -33.32 -14.86 -53.95
C PRO B 745 -34.28 -14.54 -52.81
N VAL B 746 -35.57 -14.75 -53.05
CA VAL B 746 -36.66 -14.50 -52.10
C VAL B 746 -36.49 -13.27 -51.20
N PRO B 747 -36.34 -12.09 -51.81
CA PRO B 747 -36.17 -10.84 -51.06
C PRO B 747 -37.52 -10.29 -50.62
N GLU B 748 -38.41 -11.18 -50.21
CA GLU B 748 -39.74 -10.79 -49.77
C GLU B 748 -40.08 -11.50 -48.47
N LEU B 749 -40.79 -10.80 -47.60
CA LEU B 749 -41.07 -11.31 -46.27
C LEU B 749 -42.53 -11.76 -46.22
N THR B 750 -42.75 -13.05 -46.46
CA THR B 750 -44.08 -13.52 -46.78
C THR B 750 -44.96 -13.57 -45.55
N LYS B 751 -46.26 -13.73 -45.81
CA LYS B 751 -47.19 -14.05 -44.73
C LYS B 751 -46.86 -15.42 -44.14
N ARG B 752 -46.37 -16.34 -44.96
CA ARG B 752 -45.88 -17.62 -44.47
C ARG B 752 -44.66 -17.46 -43.59
N HIS B 753 -43.80 -16.49 -43.90
CA HIS B 753 -42.75 -16.12 -42.98
C HIS B 753 -43.32 -15.49 -41.73
N PHE B 754 -44.46 -14.82 -41.86
CA PHE B 754 -45.02 -14.12 -40.73
C PHE B 754 -45.90 -15.02 -39.88
N GLU B 755 -46.82 -15.76 -40.51
CA GLU B 755 -47.79 -16.56 -39.73
C GLU B 755 -47.12 -17.69 -38.98
N GLU B 756 -45.92 -18.09 -39.39
CA GLU B 756 -45.11 -18.92 -38.51
C GLU B 756 -44.66 -18.12 -37.29
N ALA B 757 -44.08 -16.95 -37.52
CA ALA B 757 -43.65 -16.11 -36.40
C ALA B 757 -44.84 -15.54 -35.64
N MET B 758 -45.96 -15.33 -36.33
CA MET B 758 -47.18 -14.90 -35.64
C MET B 758 -47.72 -15.99 -34.74
N ARG B 759 -47.64 -17.25 -35.19
CA ARG B 759 -47.97 -18.35 -34.29
C ARG B 759 -46.93 -18.47 -33.19
N ASP B 760 -45.68 -18.19 -33.52
CA ASP B 760 -44.59 -18.25 -32.55
C ASP B 760 -44.48 -16.97 -31.75
N ALA B 761 -45.40 -16.03 -31.92
CA ALA B 761 -45.31 -14.75 -31.23
C ALA B 761 -45.60 -14.93 -29.75
N ARG B 762 -44.87 -14.18 -28.94
CA ARG B 762 -44.97 -14.32 -27.49
C ARG B 762 -44.81 -12.96 -26.84
N ARG B 763 -45.70 -12.66 -25.89
CA ARG B 763 -45.69 -11.38 -25.20
C ARG B 763 -44.60 -11.35 -24.15
N SER B 764 -43.94 -10.20 -24.04
CA SER B 764 -42.82 -10.04 -23.12
C SER B 764 -43.19 -9.27 -21.86
N VAL B 765 -44.37 -8.63 -21.84
CA VAL B 765 -44.75 -7.78 -20.72
C VAL B 765 -46.05 -8.31 -20.15
N SER B 766 -46.05 -8.59 -18.85
CA SER B 766 -47.28 -8.96 -18.18
C SER B 766 -48.17 -7.73 -17.98
N ASP B 767 -49.47 -7.94 -18.09
CA ASP B 767 -50.41 -6.85 -17.88
C ASP B 767 -50.51 -6.45 -16.42
N VAL B 768 -50.21 -7.38 -15.51
CA VAL B 768 -50.19 -7.03 -14.09
C VAL B 768 -49.00 -6.16 -13.77
N GLU B 769 -47.93 -6.28 -14.56
CA GLU B 769 -46.85 -5.32 -14.48
C GLU B 769 -47.31 -3.97 -14.99
N ILE B 770 -48.15 -3.98 -16.03
CA ILE B 770 -48.68 -2.74 -16.59
C ILE B 770 -49.61 -2.05 -15.59
N ARG B 771 -50.38 -2.85 -14.85
CA ARG B 771 -51.28 -2.31 -13.83
C ARG B 771 -50.52 -1.63 -12.70
N ARG B 772 -49.27 -2.04 -12.46
CA ARG B 772 -48.40 -1.24 -11.63
C ARG B 772 -48.15 0.11 -12.30
N TYR B 773 -47.58 0.08 -13.50
CA TYR B 773 -47.20 1.30 -14.22
C TYR B 773 -48.38 2.18 -14.51
N GLU B 774 -49.55 1.61 -14.77
CA GLU B 774 -50.74 2.43 -14.99
C GLU B 774 -51.19 3.09 -13.70
N ALA B 775 -50.95 2.44 -12.56
CA ALA B 775 -51.19 3.13 -11.30
C ALA B 775 -50.14 4.20 -11.06
N PHE B 776 -48.92 3.99 -11.52
CA PHE B 776 -47.95 5.07 -11.53
C PHE B 776 -48.33 6.11 -12.57
N ALA B 777 -48.82 5.67 -13.73
CA ALA B 777 -49.35 6.60 -14.71
C ALA B 777 -50.61 7.29 -14.21
N GLN B 778 -51.40 6.62 -13.38
CA GLN B 778 -52.44 7.35 -12.67
C GLN B 778 -51.83 8.29 -11.64
N GLN B 779 -50.93 7.77 -10.81
CA GLN B 779 -50.33 8.62 -9.79
C GLN B 779 -49.00 8.03 -9.38
N MET B 780 -47.91 8.69 -9.74
CA MET B 780 -46.65 8.46 -9.07
C MET B 780 -46.27 9.62 -8.16
N LYS B 781 -46.97 10.76 -8.25
CA LYS B 781 -46.60 11.95 -7.48
C LYS B 781 -46.77 11.77 -5.97
N ASN B 782 -47.51 10.74 -5.55
CA ASN B 782 -47.51 10.32 -4.15
C ASN B 782 -46.15 9.78 -3.72
N ALA B 783 -45.37 9.24 -4.66
CA ALA B 783 -44.00 8.71 -4.46
C ALA B 783 -43.91 7.61 -3.41
N ASN C 215 1.34 47.12 -15.20
CA ASN C 215 1.91 45.91 -14.65
C ASN C 215 2.32 46.17 -13.22
N GLU C 216 2.17 47.42 -12.79
CA GLU C 216 2.54 47.80 -11.44
C GLU C 216 1.25 48.26 -10.76
N VAL C 217 0.94 47.65 -9.62
CA VAL C 217 -0.43 47.59 -9.13
C VAL C 217 -0.60 48.56 -7.97
N GLY C 218 -1.60 49.44 -8.08
CA GLY C 218 -2.01 50.28 -6.99
C GLY C 218 -3.25 49.75 -6.29
N TYR C 219 -3.77 50.56 -5.35
CA TYR C 219 -4.99 50.17 -4.67
C TYR C 219 -6.20 50.22 -5.61
N ASP C 220 -6.16 51.12 -6.59
CA ASP C 220 -7.31 51.27 -7.48
C ASP C 220 -7.43 50.10 -8.43
N ASP C 221 -6.34 49.38 -8.66
CA ASP C 221 -6.34 48.30 -9.63
C ASP C 221 -7.05 47.07 -9.09
N ILE C 222 -7.17 46.96 -7.78
CA ILE C 222 -7.96 45.92 -7.14
C ILE C 222 -9.25 46.58 -6.66
N GLY C 223 -10.33 45.82 -6.63
CA GLY C 223 -11.56 46.36 -6.10
C GLY C 223 -12.45 45.27 -5.56
N GLY C 224 -13.40 45.69 -4.75
CA GLY C 224 -14.44 44.84 -4.24
C GLY C 224 -14.19 44.28 -2.85
N CYS C 225 -13.00 43.78 -2.57
CA CYS C 225 -12.71 43.14 -1.29
C CYS C 225 -12.12 44.21 -0.38
N ARG C 226 -12.99 45.13 0.04
CA ARG C 226 -12.54 46.29 0.79
C ARG C 226 -12.25 45.93 2.23
N LYS C 227 -13.09 45.07 2.80
CA LYS C 227 -12.91 44.64 4.18
C LYS C 227 -11.62 43.86 4.36
N GLN C 228 -11.25 43.08 3.36
CA GLN C 228 -10.01 42.34 3.40
C GLN C 228 -8.81 43.26 3.29
N LEU C 229 -8.90 44.26 2.41
CA LEU C 229 -7.82 45.23 2.30
C LEU C 229 -7.76 46.12 3.52
N ALA C 230 -8.89 46.29 4.21
CA ALA C 230 -8.87 47.00 5.48
C ALA C 230 -8.08 46.24 6.52
N GLN C 231 -8.09 44.91 6.42
CA GLN C 231 -7.31 44.10 7.35
C GLN C 231 -5.83 44.24 7.08
N ILE C 232 -5.45 44.13 5.81
CA ILE C 232 -4.04 44.01 5.45
C ILE C 232 -3.31 45.33 5.64
N ARG C 233 -3.99 46.45 5.41
CA ARG C 233 -3.41 47.74 5.72
C ARG C 233 -3.17 47.89 7.22
N GLU C 234 -4.03 47.30 8.05
CA GLU C 234 -3.75 47.25 9.47
C GLU C 234 -2.62 46.29 9.78
N MET C 235 -2.40 45.30 8.92
CA MET C 235 -1.42 44.28 9.22
C MET C 235 -0.07 44.52 8.56
N VAL C 236 -0.04 45.21 7.42
CA VAL C 236 1.17 45.37 6.64
C VAL C 236 1.55 46.84 6.48
N GLU C 237 0.59 47.65 6.01
CA GLU C 237 0.86 49.09 5.85
C GLU C 237 1.11 49.74 7.19
N LEU C 238 0.36 49.33 8.20
CA LEU C 238 0.46 49.95 9.52
C LEU C 238 1.78 49.70 10.24
N PRO C 239 2.36 48.49 10.30
CA PRO C 239 3.64 48.38 11.02
C PRO C 239 4.80 48.99 10.27
N LEU C 240 4.67 49.17 8.97
CA LEU C 240 5.83 49.61 8.22
C LEU C 240 5.97 51.12 8.25
N ARG C 241 4.93 51.86 7.84
CA ARG C 241 5.04 53.31 7.88
C ARG C 241 4.96 53.86 9.28
N HIS C 242 4.44 53.10 10.24
CA HIS C 242 4.46 53.49 11.64
C HIS C 242 4.74 52.29 12.51
N PRO C 243 6.02 51.91 12.63
CA PRO C 243 6.38 50.91 13.64
C PRO C 243 6.36 51.47 15.04
N GLN C 244 6.29 52.80 15.17
CA GLN C 244 6.29 53.43 16.47
C GLN C 244 5.02 53.14 17.23
N LEU C 245 3.92 52.88 16.52
CA LEU C 245 2.63 52.63 17.15
C LEU C 245 2.68 51.36 17.99
N PHE C 246 3.18 50.28 17.41
CA PHE C 246 3.40 49.07 18.18
C PHE C 246 4.53 49.25 19.17
N LYS C 247 5.45 50.15 18.87
CA LYS C 247 6.49 50.49 19.83
C LYS C 247 5.93 51.32 20.96
N SER C 248 5.01 52.23 20.66
CA SER C 248 4.41 53.05 21.72
C SER C 248 3.46 52.22 22.56
N ILE C 249 2.66 51.37 21.92
CA ILE C 249 1.72 50.57 22.70
C ILE C 249 2.44 49.38 23.32
N GLY C 250 3.63 49.04 22.82
CA GLY C 250 4.40 47.97 23.42
C GLY C 250 3.89 46.58 23.12
N ILE C 251 3.44 46.34 21.88
CA ILE C 251 3.09 44.99 21.46
C ILE C 251 4.00 44.59 20.32
N LYS C 252 3.97 43.33 20.01
CA LYS C 252 4.79 42.85 18.91
C LYS C 252 4.02 42.99 17.61
N PRO C 253 4.65 43.50 16.56
CA PRO C 253 4.02 43.50 15.24
C PRO C 253 3.87 42.09 14.71
N PRO C 254 2.69 41.76 14.19
CA PRO C 254 2.49 40.43 13.60
C PRO C 254 3.28 40.29 12.30
N ARG C 255 4.14 39.28 12.25
CA ARG C 255 4.93 38.99 11.06
C ARG C 255 4.42 37.76 10.33
N GLY C 256 3.17 37.39 10.58
CA GLY C 256 2.62 36.14 10.08
C GLY C 256 1.39 36.28 9.22
N VAL C 257 1.43 37.24 8.30
CA VAL C 257 0.30 37.49 7.40
C VAL C 257 0.18 36.34 6.42
N LEU C 258 -0.99 35.70 6.40
CA LEU C 258 -1.29 34.60 5.50
C LEU C 258 -2.54 34.92 4.70
N LEU C 259 -2.44 34.82 3.39
CA LEU C 259 -3.58 34.96 2.49
C LEU C 259 -4.01 33.60 2.01
N TYR C 260 -5.33 33.44 1.82
CA TYR C 260 -5.86 32.22 1.24
C TYR C 260 -7.23 32.49 0.68
N GLY C 261 -7.70 31.57 -0.16
CA GLY C 261 -9.00 31.69 -0.76
C GLY C 261 -9.14 30.71 -1.90
N PRO C 262 -10.13 30.93 -2.76
CA PRO C 262 -10.24 30.15 -3.98
C PRO C 262 -9.14 30.52 -4.94
N PRO C 263 -8.83 29.66 -5.92
CA PRO C 263 -7.81 30.01 -6.90
C PRO C 263 -8.27 31.12 -7.81
N GLY C 264 -7.32 31.91 -8.29
CA GLY C 264 -7.63 32.94 -9.26
C GLY C 264 -8.48 34.07 -8.71
N THR C 265 -8.24 34.47 -7.46
CA THR C 265 -9.04 35.48 -6.81
C THR C 265 -8.23 36.72 -6.44
N GLY C 266 -7.23 37.06 -7.24
CA GLY C 266 -6.48 38.26 -6.97
C GLY C 266 -5.53 38.15 -5.82
N LYS C 267 -5.24 36.93 -5.36
CA LYS C 267 -4.35 36.76 -4.21
C LYS C 267 -2.93 37.18 -4.55
N THR C 268 -2.48 36.85 -5.76
CA THR C 268 -1.22 37.42 -6.21
C THR C 268 -1.40 38.91 -6.51
N LEU C 269 -2.59 39.31 -6.93
CA LEU C 269 -2.82 40.69 -7.30
C LEU C 269 -2.83 41.61 -6.08
N MET C 270 -3.43 41.15 -4.98
CA MET C 270 -3.50 42.00 -3.80
C MET C 270 -2.16 42.12 -3.08
N ALA C 271 -1.21 41.25 -3.41
CA ALA C 271 0.11 41.35 -2.82
C ALA C 271 0.81 42.62 -3.27
N ARG C 272 0.98 42.78 -4.58
CA ARG C 272 1.58 43.99 -5.11
C ARG C 272 0.70 45.20 -4.92
N ALA C 273 -0.61 45.01 -4.79
CA ALA C 273 -1.50 46.12 -4.47
C ALA C 273 -1.18 46.73 -3.12
N VAL C 274 -0.66 45.94 -2.20
CA VAL C 274 -0.13 46.47 -0.96
C VAL C 274 1.34 46.84 -1.10
N ALA C 275 2.11 45.98 -1.79
CA ALA C 275 3.55 46.12 -1.82
C ALA C 275 3.99 47.36 -2.59
N ASN C 276 3.33 47.66 -3.70
CA ASN C 276 3.71 48.84 -4.45
C ASN C 276 3.20 50.11 -3.81
N GLU C 277 2.30 50.00 -2.84
CA GLU C 277 1.76 51.16 -2.14
C GLU C 277 2.43 51.38 -0.80
N THR C 278 3.60 50.79 -0.60
CA THR C 278 4.46 51.15 0.50
C THR C 278 5.67 51.89 -0.04
N GLY C 279 6.45 52.43 0.88
CA GLY C 279 7.77 52.91 0.54
C GLY C 279 8.79 51.90 1.00
N ALA C 280 8.33 50.68 1.23
CA ALA C 280 9.15 49.63 1.78
C ALA C 280 9.82 48.84 0.69
N PHE C 281 10.90 48.17 1.04
CA PHE C 281 11.51 47.21 0.14
C PHE C 281 10.59 46.02 -0.05
N PHE C 282 10.64 45.43 -1.22
CA PHE C 282 9.85 44.25 -1.52
C PHE C 282 10.73 43.15 -2.07
N PHE C 283 10.45 41.93 -1.62
CA PHE C 283 11.07 40.76 -2.23
C PHE C 283 9.98 39.79 -2.63
N LEU C 284 10.19 39.11 -3.75
CA LEU C 284 9.20 38.22 -4.30
C LEU C 284 9.73 36.79 -4.29
N ILE C 285 8.90 35.86 -3.85
CA ILE C 285 9.19 34.44 -3.90
C ILE C 285 8.03 33.74 -4.59
N ASN C 286 8.33 33.00 -5.64
CA ASN C 286 7.33 32.10 -6.19
C ASN C 286 7.52 30.71 -5.61
N GLY C 287 6.41 30.02 -5.41
CA GLY C 287 6.40 28.65 -4.95
C GLY C 287 7.15 27.70 -5.85
N PRO C 288 6.66 27.50 -7.08
CA PRO C 288 7.35 26.56 -7.99
C PRO C 288 8.72 27.01 -8.44
N GLU C 289 9.06 28.29 -8.28
CA GLU C 289 10.39 28.73 -8.68
C GLU C 289 11.46 28.15 -7.77
N ILE C 290 11.17 28.06 -6.48
CA ILE C 290 12.10 27.40 -5.57
C ILE C 290 12.10 25.91 -5.80
N MET C 291 10.93 25.34 -6.04
CA MET C 291 10.83 23.91 -6.28
C MET C 291 11.39 23.51 -7.63
N SER C 292 11.51 24.46 -8.56
CA SER C 292 12.19 24.18 -9.81
C SER C 292 13.68 23.97 -9.60
N LYS C 293 14.25 24.58 -8.56
CA LYS C 293 15.68 24.61 -8.38
C LYS C 293 16.19 23.24 -7.93
N MET C 294 17.51 23.10 -8.00
CA MET C 294 18.21 21.88 -7.60
C MET C 294 18.19 21.70 -6.09
N ALA C 295 18.78 20.61 -5.64
CA ALA C 295 18.84 20.30 -4.21
C ALA C 295 19.91 21.14 -3.53
N GLY C 296 19.58 21.67 -2.38
CA GLY C 296 20.49 22.54 -1.63
C GLY C 296 20.49 23.98 -2.11
N GLU C 297 20.56 24.16 -3.44
CA GLU C 297 20.54 25.50 -4.01
C GLU C 297 19.19 26.17 -3.81
N SER C 298 18.12 25.39 -3.78
CA SER C 298 16.79 25.95 -3.55
C SER C 298 16.68 26.54 -2.15
N GLU C 299 17.20 25.82 -1.16
CA GLU C 299 17.22 26.34 0.21
C GLU C 299 18.21 27.47 0.38
N SER C 300 19.16 27.60 -0.54
CA SER C 300 20.08 28.73 -0.47
C SER C 300 19.37 30.04 -0.76
N ASN C 301 18.43 30.01 -1.70
CA ASN C 301 17.75 31.23 -2.14
C ASN C 301 16.85 31.79 -1.05
N LEU C 302 16.32 30.92 -0.19
CA LEU C 302 15.55 31.39 0.95
C LEU C 302 16.45 32.10 1.94
N ARG C 303 17.64 31.58 2.13
CA ARG C 303 18.60 32.25 2.99
C ARG C 303 19.09 33.53 2.33
N LYS C 304 19.21 33.50 1.00
CA LYS C 304 19.50 34.74 0.27
C LYS C 304 18.33 35.69 0.29
N ALA C 305 17.11 35.20 0.49
CA ALA C 305 15.96 36.09 0.55
C ALA C 305 15.99 36.93 1.81
N PHE C 306 16.11 36.27 2.97
CA PHE C 306 15.82 36.97 4.22
C PHE C 306 16.97 37.87 4.63
N GLU C 307 18.18 37.56 4.18
CA GLU C 307 19.31 38.42 4.49
C GLU C 307 19.18 39.76 3.79
N GLU C 308 18.62 39.75 2.58
CA GLU C 308 18.39 41.02 1.89
C GLU C 308 17.27 41.80 2.55
N ALA C 309 16.26 41.08 3.06
CA ALA C 309 15.16 41.76 3.73
C ALA C 309 15.58 42.29 5.08
N GLU C 310 16.37 41.52 5.81
CA GLU C 310 16.91 42.03 7.06
C GLU C 310 18.01 43.05 6.84
N LYS C 311 18.55 43.14 5.62
CA LYS C 311 19.39 44.27 5.27
C LYS C 311 18.55 45.52 5.05
N ASN C 312 17.66 45.47 4.06
CA ASN C 312 16.76 46.59 3.78
C ASN C 312 15.55 46.44 4.69
N SER C 313 15.68 46.91 5.93
CA SER C 313 14.81 46.56 7.04
C SER C 313 13.33 46.89 6.87
N PRO C 314 12.91 48.02 6.29
CA PRO C 314 11.50 48.09 5.88
C PRO C 314 11.30 47.19 4.68
N ALA C 315 10.75 46.00 4.91
CA ALA C 315 10.79 44.96 3.89
C ALA C 315 9.49 44.20 3.85
N ILE C 316 9.11 43.78 2.65
CA ILE C 316 7.94 42.97 2.42
C ILE C 316 8.37 41.71 1.69
N ILE C 317 8.07 40.57 2.28
CA ILE C 317 8.35 39.29 1.65
C ILE C 317 7.02 38.64 1.33
N PHE C 318 6.66 38.64 0.06
CA PHE C 318 5.50 37.90 -0.37
C PHE C 318 5.92 36.59 -1.02
N ILE C 319 5.25 35.52 -0.65
CA ILE C 319 5.49 34.20 -1.20
C ILE C 319 4.20 33.73 -1.85
N ASP C 320 4.19 33.65 -3.17
CA ASP C 320 3.03 33.10 -3.85
C ASP C 320 3.11 31.60 -3.87
N GLU C 321 1.95 30.95 -3.68
CA GLU C 321 1.76 29.51 -3.73
C GLU C 321 2.66 28.81 -2.71
N ILE C 322 2.37 29.13 -1.45
CA ILE C 322 3.17 28.67 -0.34
C ILE C 322 3.06 27.16 -0.13
N ASP C 323 1.98 26.55 -0.59
CA ASP C 323 1.79 25.12 -0.39
C ASP C 323 2.71 24.28 -1.25
N SER C 324 3.22 24.85 -2.34
CA SER C 324 4.11 24.10 -3.21
C SER C 324 5.47 23.90 -2.55
N ILE C 325 5.93 24.86 -1.77
CA ILE C 325 7.14 24.69 -0.99
C ILE C 325 6.84 24.17 0.39
N ALA C 326 5.59 24.14 0.80
CA ALA C 326 5.21 23.67 2.13
C ALA C 326 3.95 22.83 2.06
N PRO C 327 4.09 21.56 1.73
CA PRO C 327 2.95 20.64 1.95
C PRO C 327 2.96 20.15 3.38
N LYS C 328 2.08 19.22 3.69
CA LYS C 328 2.19 18.53 4.97
C LYS C 328 3.42 17.64 4.97
N ARG C 329 4.18 17.70 6.07
CA ARG C 329 5.32 16.80 6.22
C ARG C 329 4.89 15.36 6.42
N GLU C 330 3.66 15.14 6.90
CA GLU C 330 3.14 13.80 6.95
C GLU C 330 2.81 13.28 5.55
N LYS C 331 2.29 14.15 4.70
CA LYS C 331 1.87 13.75 3.35
C LYS C 331 2.82 14.39 2.36
N THR C 332 3.97 13.75 2.18
CA THR C 332 5.01 14.14 1.24
C THR C 332 5.98 12.98 1.13
N ASN C 333 6.77 12.99 0.07
CA ASN C 333 7.68 11.90 -0.20
C ASN C 333 9.14 12.31 -0.18
N GLY C 334 9.49 13.36 -0.92
CA GLY C 334 10.88 13.75 -1.02
C GLY C 334 11.35 14.47 0.24
N GLU C 335 12.56 14.10 0.68
CA GLU C 335 13.18 14.81 1.79
C GLU C 335 13.62 16.20 1.39
N VAL C 336 13.83 16.42 0.09
CA VAL C 336 14.13 17.75 -0.42
C VAL C 336 12.95 18.68 -0.16
N GLU C 337 11.73 18.16 -0.31
CA GLU C 337 10.56 18.88 0.16
C GLU C 337 10.59 19.06 1.67
N ARG C 338 11.07 18.05 2.39
CA ARG C 338 11.08 18.14 3.83
C ARG C 338 12.17 19.07 4.33
N ARG C 339 13.26 19.22 3.56
CA ARG C 339 14.29 20.18 3.93
C ARG C 339 13.79 21.60 3.74
N VAL C 340 13.12 21.86 2.61
CA VAL C 340 12.77 23.23 2.29
C VAL C 340 11.61 23.71 3.15
N VAL C 341 10.80 22.78 3.64
CA VAL C 341 9.88 23.11 4.73
C VAL C 341 10.67 23.43 5.98
N SER C 342 11.65 22.58 6.30
CA SER C 342 12.46 22.77 7.48
C SER C 342 13.37 23.97 7.34
N GLN C 343 13.72 24.34 6.12
CA GLN C 343 14.43 25.59 5.90
C GLN C 343 13.51 26.76 6.19
N LEU C 344 12.24 26.63 5.83
CA LEU C 344 11.30 27.73 6.01
C LEU C 344 10.94 27.92 7.47
N LEU C 345 10.68 26.82 8.17
CA LEU C 345 10.34 26.89 9.59
C LEU C 345 11.47 27.45 10.40
N THR C 346 12.71 27.16 10.00
CA THR C 346 13.86 27.72 10.67
C THR C 346 13.96 29.21 10.43
N LEU C 347 13.88 29.62 9.16
CA LEU C 347 14.16 31.00 8.82
C LEU C 347 13.04 31.95 9.22
N MET C 348 11.82 31.45 9.39
CA MET C 348 10.77 32.29 9.94
C MET C 348 11.06 32.67 11.38
N ASP C 349 11.61 31.74 12.15
CA ASP C 349 11.89 31.99 13.54
C ASP C 349 13.18 32.76 13.72
N GLY C 350 14.08 32.72 12.74
CA GLY C 350 15.31 33.49 12.82
C GLY C 350 15.13 34.98 12.66
N MET C 351 13.93 35.42 12.29
CA MET C 351 13.66 36.83 12.12
C MET C 351 13.60 37.54 13.47
N LYS C 352 13.60 38.87 13.42
CA LYS C 352 13.53 39.69 14.61
C LYS C 352 12.42 40.72 14.49
N ALA C 353 11.97 41.21 15.65
CA ALA C 353 11.03 42.32 15.66
C ALA C 353 11.70 43.63 15.29
N ARG C 354 12.99 43.76 15.59
CA ARG C 354 13.75 44.93 15.17
C ARG C 354 14.03 44.93 13.69
N SER C 355 13.85 43.79 13.01
CA SER C 355 14.03 43.75 11.57
C SER C 355 12.94 44.53 10.86
N ASN C 356 11.72 44.53 11.44
CA ASN C 356 10.53 45.19 10.89
C ASN C 356 10.24 44.69 9.48
N VAL C 357 10.28 43.38 9.32
CA VAL C 357 10.13 42.72 8.03
C VAL C 357 8.87 41.86 8.09
N VAL C 358 8.01 42.04 7.10
CA VAL C 358 6.71 41.40 7.09
C VAL C 358 6.73 40.28 6.05
N VAL C 359 6.28 39.10 6.46
CA VAL C 359 6.21 37.95 5.59
C VAL C 359 4.77 37.76 5.14
N MET C 360 4.54 37.83 3.84
CA MET C 360 3.25 37.53 3.25
C MET C 360 3.31 36.20 2.54
N ALA C 361 2.20 35.47 2.58
CA ALA C 361 2.12 34.20 1.90
C ALA C 361 0.68 33.99 1.44
N ALA C 362 0.55 33.41 0.26
CA ALA C 362 -0.76 33.18 -0.33
C ALA C 362 -0.86 31.75 -0.82
N THR C 363 -2.07 31.21 -0.75
CA THR C 363 -2.35 29.89 -1.30
C THR C 363 -3.80 29.83 -1.72
N ASN C 364 -4.11 28.78 -2.46
CA ASN C 364 -5.48 28.42 -2.73
C ASN C 364 -5.93 27.19 -1.96
N ARG C 365 -5.00 26.48 -1.34
CA ARG C 365 -5.29 25.31 -0.53
C ARG C 365 -4.74 25.58 0.86
N PRO C 366 -5.53 26.19 1.74
CA PRO C 366 -5.05 26.46 3.10
C PRO C 366 -4.93 25.21 3.95
N ASN C 367 -5.51 24.09 3.54
CA ASN C 367 -5.45 22.87 4.33
C ASN C 367 -4.26 22.01 4.00
N SER C 368 -3.69 22.11 2.80
CA SER C 368 -2.55 21.30 2.41
C SER C 368 -1.26 21.73 3.07
N ILE C 369 -1.25 22.87 3.75
CA ILE C 369 -0.04 23.40 4.35
C ILE C 369 0.30 22.59 5.59
N ASP C 370 1.60 22.45 5.87
CA ASP C 370 2.04 22.02 7.18
C ASP C 370 1.54 23.00 8.25
N PRO C 371 0.78 22.53 9.25
CA PRO C 371 0.20 23.47 10.23
C PRO C 371 1.21 24.12 11.16
N ALA C 372 2.47 23.66 11.17
CA ALA C 372 3.48 24.28 12.01
C ALA C 372 3.76 25.72 11.58
N LEU C 373 3.56 26.01 10.29
CA LEU C 373 3.58 27.40 9.85
C LEU C 373 2.40 28.16 10.42
N ARG C 374 1.22 27.58 10.39
CA ARG C 374 0.00 28.23 10.86
C ARG C 374 -0.08 28.33 12.37
N ARG C 375 0.92 27.83 13.09
CA ARG C 375 0.98 28.00 14.53
C ARG C 375 1.54 29.38 14.85
N PHE C 376 1.67 29.66 16.14
CA PHE C 376 1.96 31.02 16.59
C PHE C 376 3.41 31.36 16.37
N GLY C 377 3.67 32.64 16.12
CA GLY C 377 5.00 33.12 15.84
C GLY C 377 5.40 33.07 14.38
N ARG C 378 4.78 32.19 13.60
CA ARG C 378 5.14 32.03 12.20
C ARG C 378 4.04 32.55 11.28
N PHE C 379 2.83 32.05 11.40
CA PHE C 379 1.69 32.61 10.68
C PHE C 379 0.47 32.56 11.58
N ASP C 380 0.00 33.74 11.95
CA ASP C 380 -1.14 33.94 12.82
C ASP C 380 -2.31 34.59 12.11
N ARG C 381 -2.03 35.37 11.07
CA ARG C 381 -3.07 36.19 10.46
C ARG C 381 -3.63 35.43 9.25
N GLU C 382 -4.62 34.60 9.53
CA GLU C 382 -5.38 33.92 8.48
C GLU C 382 -6.30 34.94 7.83
N VAL C 383 -6.05 35.28 6.58
CA VAL C 383 -6.88 36.24 5.86
C VAL C 383 -7.48 35.55 4.66
N ASP C 384 -8.80 35.36 4.68
CA ASP C 384 -9.51 34.76 3.57
C ASP C 384 -9.95 35.83 2.58
N ILE C 385 -9.90 35.47 1.30
CA ILE C 385 -10.41 36.33 0.24
C ILE C 385 -11.64 35.64 -0.33
N GLY C 386 -12.82 36.08 0.07
CA GLY C 386 -14.05 35.43 -0.34
C GLY C 386 -14.48 35.79 -1.74
N ILE C 387 -15.51 35.09 -2.20
CA ILE C 387 -16.15 35.42 -3.47
C ILE C 387 -16.90 36.74 -3.32
N PRO C 388 -16.70 37.69 -4.22
CA PRO C 388 -17.34 39.00 -4.04
C PRO C 388 -18.82 38.97 -4.34
N ASP C 389 -19.51 39.95 -3.76
CA ASP C 389 -20.92 40.17 -4.01
C ASP C 389 -21.11 40.73 -5.42
N PRO C 390 -22.35 40.79 -5.92
CA PRO C 390 -22.59 41.51 -7.18
C PRO C 390 -22.25 42.99 -7.13
N THR C 391 -22.22 43.61 -5.95
CA THR C 391 -21.72 44.96 -5.85
C THR C 391 -20.23 45.02 -6.14
N GLY C 392 -19.45 44.17 -5.48
CA GLY C 392 -18.01 44.24 -5.62
C GLY C 392 -17.53 43.73 -6.96
N ARG C 393 -18.23 42.75 -7.53
CA ARG C 393 -17.79 42.27 -8.83
C ARG C 393 -18.18 43.24 -9.93
N LEU C 394 -19.17 44.09 -9.69
CA LEU C 394 -19.43 45.21 -10.58
C LEU C 394 -18.22 46.12 -10.68
N GLU C 395 -17.60 46.39 -9.54
CA GLU C 395 -16.38 47.19 -9.50
C GLU C 395 -15.25 46.52 -10.26
N ILE C 396 -15.18 45.19 -10.18
CA ILE C 396 -14.13 44.44 -10.85
C ILE C 396 -14.29 44.52 -12.36
N LEU C 397 -15.54 44.53 -12.83
CA LEU C 397 -15.80 44.69 -14.25
C LEU C 397 -15.35 46.06 -14.73
N GLN C 398 -15.57 47.08 -13.90
CA GLN C 398 -15.18 48.43 -14.26
C GLN C 398 -13.67 48.57 -14.33
N ILE C 399 -12.95 47.74 -13.57
CA ILE C 399 -11.50 47.75 -13.63
C ILE C 399 -11.01 47.24 -14.97
N HIS C 400 -11.61 46.17 -15.46
CA HIS C 400 -11.10 45.58 -16.69
C HIS C 400 -11.61 46.31 -17.92
N THR C 401 -12.80 46.87 -17.85
CA THR C 401 -13.41 47.49 -19.02
C THR C 401 -12.99 48.93 -19.22
N LYS C 402 -12.42 49.58 -18.20
CA LYS C 402 -11.98 50.96 -18.37
C LYS C 402 -10.77 51.05 -19.27
N ASN C 403 -10.01 49.97 -19.42
CA ASN C 403 -9.00 49.90 -20.44
C ASN C 403 -9.61 49.51 -21.78
N MET C 404 -10.70 48.76 -21.75
CA MET C 404 -11.33 48.27 -22.96
C MET C 404 -12.04 49.41 -23.69
N LYS C 405 -12.35 49.14 -24.95
CA LYS C 405 -13.13 50.06 -25.79
C LYS C 405 -14.49 49.43 -26.00
N LEU C 406 -15.53 50.05 -25.45
CA LEU C 406 -16.85 49.45 -25.44
C LEU C 406 -17.80 50.25 -26.30
N ALA C 407 -19.00 49.71 -26.46
CA ALA C 407 -20.11 50.45 -27.01
C ALA C 407 -20.99 50.95 -25.88
N ASP C 408 -21.92 51.84 -26.23
CA ASP C 408 -22.72 52.52 -25.23
C ASP C 408 -23.82 51.65 -24.66
N ASP C 409 -24.13 50.52 -25.31
CA ASP C 409 -25.16 49.62 -24.82
C ASP C 409 -24.72 48.83 -23.60
N VAL C 410 -23.44 48.87 -23.26
CA VAL C 410 -22.86 47.98 -22.26
C VAL C 410 -23.37 48.40 -20.88
N ASP C 411 -24.10 47.49 -20.24
CA ASP C 411 -24.55 47.68 -18.87
C ASP C 411 -23.83 46.62 -18.04
N LEU C 412 -22.77 47.06 -17.36
CA LEU C 412 -22.06 46.16 -16.45
C LEU C 412 -22.92 45.80 -15.26
N GLU C 413 -23.81 46.71 -14.86
CA GLU C 413 -24.70 46.45 -13.74
C GLU C 413 -25.68 45.36 -14.08
N GLN C 414 -26.13 45.31 -15.34
CA GLN C 414 -26.91 44.18 -15.80
C GLN C 414 -26.07 42.92 -15.82
N ILE C 415 -24.81 43.04 -16.19
CA ILE C 415 -23.92 41.88 -16.19
C ILE C 415 -23.65 41.43 -14.75
N ALA C 416 -23.31 42.37 -13.88
CA ALA C 416 -22.93 42.03 -12.51
C ALA C 416 -24.10 41.44 -11.73
N ALA C 417 -25.33 41.83 -12.10
CA ALA C 417 -26.48 41.15 -11.54
C ALA C 417 -26.57 39.72 -12.05
N GLU C 418 -26.23 39.51 -13.31
CA GLU C 418 -26.38 38.20 -13.93
C GLU C 418 -25.21 37.27 -13.67
N THR C 419 -24.18 37.75 -12.99
CA THR C 419 -23.03 36.94 -12.63
C THR C 419 -23.02 36.78 -11.12
N HIS C 420 -22.92 35.55 -10.64
CA HIS C 420 -23.26 35.29 -9.26
C HIS C 420 -22.16 34.59 -8.49
N GLY C 421 -21.43 33.70 -9.15
CA GLY C 421 -20.40 32.97 -8.45
C GLY C 421 -19.07 33.04 -9.14
N TYR C 422 -18.76 34.19 -9.74
CA TYR C 422 -17.55 34.28 -10.53
C TYR C 422 -16.45 34.93 -9.69
N VAL C 423 -15.24 34.46 -9.91
CA VAL C 423 -14.07 35.15 -9.39
C VAL C 423 -13.67 36.19 -10.41
N GLY C 424 -12.75 37.08 -10.04
CA GLY C 424 -12.27 38.09 -10.97
C GLY C 424 -11.57 37.51 -12.18
N SER C 425 -10.97 36.33 -12.04
CA SER C 425 -10.40 35.65 -13.19
C SER C 425 -11.48 35.21 -14.17
N ASP C 426 -12.63 34.78 -13.63
CA ASP C 426 -13.76 34.48 -14.50
C ASP C 426 -14.29 35.72 -15.17
N LEU C 427 -14.28 36.83 -14.45
CA LEU C 427 -14.77 38.08 -15.02
C LEU C 427 -13.80 38.65 -16.03
N ALA C 428 -12.50 38.49 -15.77
CA ALA C 428 -11.52 38.94 -16.74
C ALA C 428 -11.57 38.10 -18.00
N ALA C 429 -11.81 36.79 -17.84
CA ALA C 429 -12.06 35.95 -19.00
C ALA C 429 -13.39 36.30 -19.65
N LEU C 430 -14.36 36.74 -18.85
CA LEU C 430 -15.64 37.18 -19.40
C LEU C 430 -15.45 38.44 -20.23
N CYS C 431 -14.62 39.36 -19.76
CA CYS C 431 -14.31 40.55 -20.56
C CYS C 431 -13.51 40.19 -21.79
N SER C 432 -12.61 39.22 -21.68
CA SER C 432 -11.81 38.83 -22.82
C SER C 432 -12.63 38.05 -23.83
N GLU C 433 -13.69 37.40 -23.39
CA GLU C 433 -14.48 36.58 -24.31
C GLU C 433 -15.34 37.43 -25.22
N ALA C 434 -16.07 38.38 -24.63
CA ALA C 434 -16.94 39.25 -25.42
C ALA C 434 -16.16 40.16 -26.35
N ALA C 435 -14.90 40.43 -26.02
CA ALA C 435 -14.04 41.14 -26.95
C ALA C 435 -13.79 40.33 -28.20
N MET C 436 -13.61 39.02 -28.05
CA MET C 436 -13.31 38.19 -29.21
C MET C 436 -14.51 38.06 -30.12
N GLN C 437 -15.71 37.91 -29.54
CA GLN C 437 -16.91 37.83 -30.36
C GLN C 437 -17.15 39.14 -31.09
N GLN C 438 -16.78 40.27 -30.49
CA GLN C 438 -16.79 41.53 -31.18
C GLN C 438 -15.85 41.52 -32.38
N ILE C 439 -14.70 40.85 -32.24
CA ILE C 439 -13.78 40.70 -33.36
C ILE C 439 -14.33 39.71 -34.36
N ARG C 440 -15.05 38.69 -33.89
CA ARG C 440 -15.65 37.68 -34.78
C ARG C 440 -16.67 38.32 -35.71
N GLU C 441 -17.39 39.32 -35.20
CA GLU C 441 -18.29 40.11 -36.03
C GLU C 441 -17.56 40.93 -37.06
N LYS C 442 -16.28 41.23 -36.83
CA LYS C 442 -15.51 42.05 -37.74
C LYS C 442 -14.62 41.24 -38.66
N MET C 443 -14.60 39.91 -38.49
CA MET C 443 -13.74 39.04 -39.30
C MET C 443 -14.09 39.07 -40.78
N ASP C 444 -15.33 39.37 -41.11
CA ASP C 444 -15.69 39.59 -42.51
C ASP C 444 -14.97 40.81 -43.08
N LEU C 445 -14.75 41.82 -42.25
CA LEU C 445 -14.08 43.03 -42.70
C LEU C 445 -12.57 42.95 -42.51
N ILE C 446 -12.04 41.83 -42.04
CA ILE C 446 -10.64 41.71 -41.72
C ILE C 446 -10.08 40.53 -42.50
N ASP C 447 -9.09 40.80 -43.33
CA ASP C 447 -8.42 39.76 -44.10
C ASP C 447 -7.10 39.42 -43.42
N LEU C 448 -6.91 38.15 -43.10
CA LEU C 448 -5.77 37.72 -42.31
C LEU C 448 -4.49 37.64 -43.13
N ASP C 449 -4.59 37.53 -44.46
CA ASP C 449 -3.40 37.57 -45.30
C ASP C 449 -2.77 38.96 -45.33
N GLU C 450 -3.53 39.99 -44.99
CA GLU C 450 -2.98 41.32 -44.82
C GLU C 450 -2.03 41.34 -43.63
N ASP C 451 -0.99 42.16 -43.76
CA ASP C 451 0.00 42.27 -42.71
C ASP C 451 -0.39 43.28 -41.65
N THR C 452 -1.32 44.17 -41.98
CA THR C 452 -1.83 45.18 -41.06
C THR C 452 -3.23 45.57 -41.51
N ILE C 453 -4.20 45.42 -40.62
CA ILE C 453 -5.55 45.85 -40.93
C ILE C 453 -5.64 47.36 -40.76
N ASP C 454 -6.61 47.96 -41.44
CA ASP C 454 -6.79 49.40 -41.42
C ASP C 454 -7.38 49.85 -40.09
N ALA C 455 -7.29 51.16 -39.83
CA ALA C 455 -7.70 51.69 -38.54
C ALA C 455 -9.19 51.95 -38.44
N GLU C 456 -9.91 51.91 -39.57
CA GLU C 456 -11.33 52.23 -39.54
C GLU C 456 -12.13 51.13 -38.86
N VAL C 457 -11.74 49.88 -39.08
CA VAL C 457 -12.38 48.80 -38.34
C VAL C 457 -11.91 48.79 -36.89
N LEU C 458 -10.76 49.38 -36.61
CA LEU C 458 -10.30 49.48 -35.24
C LEU C 458 -11.13 50.48 -34.47
N ASP C 459 -11.52 51.57 -35.13
CA ASP C 459 -12.34 52.57 -34.48
C ASP C 459 -13.77 52.07 -34.29
N SER C 460 -14.26 51.27 -35.23
CA SER C 460 -15.57 50.67 -35.10
C SER C 460 -15.56 49.47 -34.15
N LEU C 461 -14.40 49.03 -33.72
CA LEU C 461 -14.28 47.86 -32.85
C LEU C 461 -14.69 48.28 -31.45
N GLY C 462 -16.00 48.27 -31.20
CA GLY C 462 -16.51 48.58 -29.88
C GLY C 462 -17.42 47.48 -29.40
N VAL C 463 -17.14 46.92 -28.22
CA VAL C 463 -17.80 45.71 -27.79
C VAL C 463 -19.23 46.01 -27.37
N THR C 464 -20.17 45.23 -27.89
CA THR C 464 -21.57 45.42 -27.63
C THR C 464 -21.97 44.71 -26.34
N MET C 465 -23.14 45.10 -25.84
CA MET C 465 -23.77 44.41 -24.72
C MET C 465 -24.12 42.98 -25.09
N ASP C 466 -24.50 42.76 -26.35
CA ASP C 466 -24.89 41.43 -26.77
C ASP C 466 -23.70 40.49 -26.86
N ASN C 467 -22.51 41.03 -27.04
CA ASN C 467 -21.31 40.21 -26.95
C ASN C 467 -21.16 39.61 -25.56
N PHE C 468 -21.49 40.39 -24.53
CA PHE C 468 -21.51 39.84 -23.19
C PHE C 468 -22.68 38.89 -23.00
N ARG C 469 -23.79 39.16 -23.69
CA ARG C 469 -24.89 38.21 -23.70
C ARG C 469 -24.48 36.92 -24.39
N TYR C 470 -23.67 37.04 -25.44
CA TYR C 470 -23.00 35.87 -25.97
C TYR C 470 -22.01 35.31 -24.95
N ALA C 471 -21.24 36.19 -24.31
CA ALA C 471 -20.19 35.72 -23.42
C ALA C 471 -20.73 35.19 -22.11
N LEU C 472 -22.00 35.39 -21.81
CA LEU C 472 -22.52 34.79 -20.60
C LEU C 472 -22.97 33.35 -20.80
N GLY C 473 -23.19 32.97 -22.05
CA GLY C 473 -23.62 31.61 -22.37
C GLY C 473 -22.50 30.77 -22.96
N VAL C 474 -21.26 31.22 -22.79
CA VAL C 474 -20.11 30.50 -23.31
C VAL C 474 -19.46 29.64 -22.23
N SER C 475 -18.34 29.02 -22.57
CA SER C 475 -17.62 28.17 -21.63
C SER C 475 -17.09 28.97 -20.45
N ASN C 476 -17.10 30.30 -20.59
CA ASN C 476 -16.62 31.18 -19.53
C ASN C 476 -17.47 30.99 -18.28
N PRO C 477 -18.80 31.03 -18.45
CA PRO C 477 -19.72 30.85 -17.32
C PRO C 477 -19.27 29.78 -16.33
N SER C 478 -18.66 28.67 -16.78
CA SER C 478 -18.27 27.68 -15.80
C SER C 478 -17.33 28.32 -14.79
N ALA C 479 -17.79 28.45 -13.56
CA ALA C 479 -17.03 29.09 -12.51
C ALA C 479 -16.42 28.05 -11.60
N LEU C 480 -15.88 28.52 -10.49
CA LEU C 480 -15.40 27.68 -9.41
C LEU C 480 -16.35 27.90 -8.24
N ARG C 481 -17.41 27.09 -8.19
CA ARG C 481 -18.42 27.22 -7.14
C ARG C 481 -18.61 25.91 -6.39
N GLU C 482 -17.77 24.92 -6.63
CA GLU C 482 -17.96 23.58 -6.12
C GLU C 482 -17.32 23.39 -4.75
N VAL C 483 -17.26 24.44 -3.95
CA VAL C 483 -16.63 24.37 -2.63
C VAL C 483 -17.62 24.80 -1.57
N ALA C 484 -17.19 24.81 -0.32
CA ALA C 484 -17.99 25.32 0.79
C ALA C 484 -17.90 26.84 0.79
N VAL C 485 -18.94 27.50 0.34
CA VAL C 485 -18.89 28.92 0.08
C VAL C 485 -19.67 29.65 1.18
N VAL C 486 -19.32 30.91 1.40
CA VAL C 486 -20.13 31.84 2.18
C VAL C 486 -20.63 32.93 1.24
N GLU C 487 -21.92 33.23 1.31
CA GLU C 487 -22.52 34.18 0.40
C GLU C 487 -23.78 34.74 1.04
N VAL C 488 -23.94 36.06 0.96
CA VAL C 488 -25.15 36.71 1.47
C VAL C 488 -26.30 36.35 0.54
N PRO C 489 -27.48 36.08 1.08
CA PRO C 489 -28.60 35.68 0.23
C PRO C 489 -29.30 36.84 -0.45
N ASN C 490 -30.39 36.55 -1.13
CA ASN C 490 -31.15 37.58 -1.84
C ASN C 490 -32.64 37.53 -1.59
N VAL C 491 -33.19 36.40 -1.15
CA VAL C 491 -34.62 36.28 -0.92
C VAL C 491 -34.97 36.99 0.38
N ARG C 492 -36.21 37.45 0.49
CA ARG C 492 -36.65 38.18 1.67
C ARG C 492 -37.97 37.62 2.16
N TRP C 493 -38.53 38.30 3.16
CA TRP C 493 -39.75 37.81 3.81
C TRP C 493 -40.96 37.96 2.91
N GLU C 494 -40.93 38.94 2.02
CA GLU C 494 -42.05 39.18 1.12
C GLU C 494 -42.11 38.11 0.06
N ASP C 495 -40.98 37.51 -0.26
CA ASP C 495 -40.90 36.49 -1.28
C ASP C 495 -41.29 35.11 -0.78
N ILE C 496 -41.53 34.98 0.52
CA ILE C 496 -42.03 33.75 1.10
C ILE C 496 -43.40 34.05 1.67
N GLY C 497 -44.44 33.52 1.05
CA GLY C 497 -45.79 33.81 1.46
C GLY C 497 -46.20 32.92 2.61
N GLY C 498 -46.98 33.49 3.53
CA GLY C 498 -47.51 32.76 4.65
C GLY C 498 -46.45 32.37 5.67
N LEU C 499 -46.90 31.53 6.62
CA LEU C 499 -46.09 30.96 7.70
C LEU C 499 -45.45 32.04 8.56
N GLU C 500 -46.21 33.11 8.82
CA GLU C 500 -45.71 34.23 9.60
C GLU C 500 -45.46 33.87 11.05
N GLN C 501 -46.07 32.78 11.55
CA GLN C 501 -45.84 32.32 12.90
C GLN C 501 -44.40 31.87 13.08
N VAL C 502 -43.95 30.97 12.20
CA VAL C 502 -42.56 30.52 12.27
C VAL C 502 -41.62 31.56 11.70
N LYS C 503 -42.12 32.55 10.96
CA LYS C 503 -41.31 33.73 10.65
C LYS C 503 -40.92 34.43 11.93
N GLN C 504 -41.92 34.74 12.76
CA GLN C 504 -41.67 35.40 14.03
C GLN C 504 -40.89 34.53 14.99
N GLU C 505 -41.03 33.21 14.86
CA GLU C 505 -40.24 32.30 15.68
C GLU C 505 -38.76 32.42 15.35
N LEU C 506 -38.43 32.58 14.08
CA LEU C 506 -37.06 32.87 13.71
C LEU C 506 -36.68 34.28 14.13
N LYS C 507 -37.64 35.20 14.10
CA LYS C 507 -37.41 36.53 14.64
C LYS C 507 -37.15 36.46 16.13
N GLU C 508 -37.81 35.54 16.82
CA GLU C 508 -37.46 35.27 18.21
C GLU C 508 -36.09 34.61 18.31
N GLN C 509 -35.95 33.44 17.71
CA GLN C 509 -34.88 32.54 18.13
C GLN C 509 -33.52 32.92 17.58
N VAL C 510 -33.44 33.41 16.35
CA VAL C 510 -32.14 33.69 15.75
C VAL C 510 -31.89 35.17 15.55
N GLN C 511 -32.93 35.99 15.53
CA GLN C 511 -32.70 37.40 15.26
C GLN C 511 -32.40 38.16 16.54
N TYR C 512 -33.04 37.75 17.64
CA TYR C 512 -32.72 38.36 18.93
C TYR C 512 -31.28 38.17 19.38
N PRO C 513 -30.61 37.00 19.21
CA PRO C 513 -29.20 36.96 19.59
C PRO C 513 -28.29 37.75 18.69
N VAL C 514 -28.53 37.73 17.38
CA VAL C 514 -27.64 38.44 16.46
C VAL C 514 -27.84 39.94 16.58
N ASP C 515 -28.99 40.39 17.08
CA ASP C 515 -29.21 41.81 17.26
C ASP C 515 -28.91 42.29 18.66
N HIS C 516 -29.24 41.50 19.69
CA HIS C 516 -29.11 41.95 21.07
C HIS C 516 -28.58 40.83 21.95
N PRO C 517 -27.25 40.72 22.08
CA PRO C 517 -26.69 39.87 23.13
C PRO C 517 -26.74 40.49 24.50
N GLU C 518 -27.16 41.76 24.59
CA GLU C 518 -27.08 42.51 25.83
C GLU C 518 -28.09 41.99 26.85
N LYS C 519 -29.21 41.47 26.39
CA LYS C 519 -30.20 40.95 27.32
C LYS C 519 -29.79 39.63 27.92
N PHE C 520 -28.91 38.90 27.25
CA PHE C 520 -28.48 37.59 27.73
C PHE C 520 -27.58 37.73 28.93
N LEU C 521 -26.56 38.56 28.81
CA LEU C 521 -25.71 38.91 29.92
C LEU C 521 -26.46 39.68 30.99
N LYS C 522 -27.54 40.38 30.62
CA LYS C 522 -28.47 40.88 31.63
C LYS C 522 -29.13 39.73 32.37
N PHE C 523 -29.48 38.67 31.66
CA PHE C 523 -30.25 37.59 32.23
C PHE C 523 -29.42 36.37 32.56
N GLY C 524 -28.13 36.39 32.24
CA GLY C 524 -27.23 35.31 32.61
C GLY C 524 -27.45 34.01 31.88
N LEU C 525 -28.12 34.03 30.74
CA LEU C 525 -28.54 32.81 30.08
C LEU C 525 -28.05 32.81 28.64
N SER C 526 -27.33 31.76 28.26
CA SER C 526 -26.98 31.56 26.88
C SER C 526 -28.15 30.92 26.14
N PRO C 527 -28.38 31.30 24.89
CA PRO C 527 -29.57 30.83 24.18
C PRO C 527 -29.37 29.42 23.65
N SER C 528 -30.41 28.92 23.00
CA SER C 528 -30.31 27.68 22.24
C SER C 528 -29.79 28.04 20.86
N ARG C 529 -28.65 27.47 20.48
CA ARG C 529 -28.07 27.77 19.19
C ARG C 529 -28.51 26.80 18.10
N GLY C 530 -29.31 25.79 18.44
CA GLY C 530 -29.63 24.76 17.47
C GLY C 530 -31.06 24.68 17.03
N VAL C 531 -31.31 25.03 15.77
CA VAL C 531 -32.65 25.09 15.19
C VAL C 531 -32.75 24.06 14.09
N LEU C 532 -33.77 23.21 14.18
CA LEU C 532 -34.05 22.21 13.17
C LEU C 532 -35.36 22.55 12.47
N PHE C 533 -35.30 22.67 11.16
CA PHE C 533 -36.51 22.79 10.36
C PHE C 533 -36.98 21.41 9.96
N TYR C 534 -38.29 21.21 9.96
CA TYR C 534 -38.84 19.97 9.46
C TYR C 534 -40.24 20.21 8.92
N GLY C 535 -40.74 19.20 8.23
CA GLY C 535 -42.05 19.25 7.66
C GLY C 535 -42.14 18.35 6.45
N PRO C 536 -43.21 18.47 5.68
CA PRO C 536 -43.30 17.76 4.42
C PRO C 536 -42.34 18.34 3.40
N PRO C 537 -41.99 17.57 2.37
CA PRO C 537 -41.09 18.08 1.34
C PRO C 537 -41.75 19.16 0.50
N GLY C 538 -40.90 19.94 -0.18
CA GLY C 538 -41.37 20.96 -1.09
C GLY C 538 -42.11 22.09 -0.43
N THR C 539 -41.70 22.48 0.77
CA THR C 539 -42.38 23.54 1.50
C THR C 539 -41.50 24.76 1.69
N GLY C 540 -40.52 24.96 0.81
CA GLY C 540 -39.76 26.19 0.80
C GLY C 540 -38.81 26.32 1.95
N LYS C 541 -38.44 25.20 2.57
CA LYS C 541 -37.60 25.24 3.76
C LYS C 541 -36.19 25.68 3.44
N THR C 542 -35.77 25.51 2.19
CA THR C 542 -34.47 26.00 1.76
C THR C 542 -34.42 27.52 1.80
N MET C 543 -35.48 28.19 1.39
CA MET C 543 -35.44 29.63 1.30
C MET C 543 -35.59 30.33 2.64
N LEU C 544 -35.98 29.58 3.67
CA LEU C 544 -36.31 30.19 4.95
C LEU C 544 -35.07 30.73 5.62
N ALA C 545 -34.00 29.94 5.63
CA ALA C 545 -32.75 30.39 6.24
C ALA C 545 -32.09 31.47 5.42
N LYS C 546 -32.36 31.52 4.13
CA LYS C 546 -31.77 32.55 3.31
C LYS C 546 -32.40 33.91 3.60
N ALA C 547 -33.72 33.93 3.78
CA ALA C 547 -34.41 35.19 3.99
C ALA C 547 -34.11 35.78 5.35
N VAL C 548 -33.86 34.94 6.35
CA VAL C 548 -33.56 35.48 7.66
C VAL C 548 -32.12 35.96 7.75
N ALA C 549 -31.20 35.33 7.00
CA ALA C 549 -29.85 35.87 6.93
C ALA C 549 -29.82 37.14 6.12
N ASN C 550 -30.74 37.28 5.17
CA ASN C 550 -30.86 38.51 4.43
C ASN C 550 -31.49 39.61 5.26
N GLU C 551 -32.30 39.25 6.27
CA GLU C 551 -32.85 40.29 7.13
C GLU C 551 -31.79 40.89 8.04
N CYS C 552 -31.27 40.10 8.97
CA CYS C 552 -30.32 40.62 9.95
C CYS C 552 -28.91 40.68 9.42
N ALA C 553 -28.72 40.57 8.10
CA ALA C 553 -27.47 40.81 7.38
C ALA C 553 -26.36 39.88 7.81
N ALA C 554 -26.70 38.75 8.41
CA ALA C 554 -25.69 37.79 8.78
C ALA C 554 -25.20 37.07 7.54
N ASN C 555 -23.98 36.55 7.63
CA ASN C 555 -23.45 35.79 6.53
C ASN C 555 -24.13 34.43 6.46
N PHE C 556 -24.04 33.81 5.30
CA PHE C 556 -24.83 32.61 5.08
C PHE C 556 -23.96 31.57 4.40
N ILE C 557 -24.06 30.34 4.89
CA ILE C 557 -23.36 29.21 4.31
C ILE C 557 -24.40 28.13 4.06
N SER C 558 -24.63 27.82 2.79
CA SER C 558 -25.52 26.75 2.38
C SER C 558 -24.72 25.48 2.24
N VAL C 559 -25.11 24.44 2.97
CA VAL C 559 -24.50 23.13 2.85
C VAL C 559 -25.61 22.13 2.64
N LYS C 560 -25.56 21.39 1.53
CA LYS C 560 -26.53 20.33 1.33
C LYS C 560 -25.99 19.01 1.84
N GLY C 561 -26.85 17.99 1.79
CA GLY C 561 -26.53 16.66 2.24
C GLY C 561 -25.39 15.99 1.50
N PRO C 562 -25.56 15.73 0.20
CA PRO C 562 -24.48 15.07 -0.55
C PRO C 562 -23.23 15.91 -0.72
N GLU C 563 -23.31 17.22 -0.48
CA GLU C 563 -22.11 18.04 -0.47
C GLU C 563 -21.14 17.60 0.61
N LEU C 564 -21.66 17.09 1.73
CA LEU C 564 -20.82 16.45 2.73
C LEU C 564 -20.23 15.18 2.17
N LEU C 565 -21.04 14.38 1.48
CA LEU C 565 -20.63 13.05 1.07
C LEU C 565 -19.70 13.12 -0.11
N SER C 566 -20.05 13.90 -1.13
CA SER C 566 -19.23 14.01 -2.33
C SER C 566 -17.90 14.67 -2.05
N MET C 567 -17.84 15.55 -1.06
CA MET C 567 -16.52 16.01 -0.63
C MET C 567 -15.86 15.01 0.29
N TRP C 568 -16.55 13.97 0.74
CA TRP C 568 -15.89 12.93 1.51
C TRP C 568 -15.61 11.68 0.71
N PHE C 569 -16.03 11.64 -0.54
CA PHE C 569 -15.42 10.66 -1.43
C PHE C 569 -14.04 11.13 -1.84
N GLY C 570 -13.82 12.46 -1.85
CA GLY C 570 -12.52 13.07 -1.93
C GLY C 570 -11.95 13.48 -0.59
N GLU C 571 -12.69 13.22 0.48
CA GLU C 571 -12.28 13.41 1.89
C GLU C 571 -11.89 14.87 2.17
N SER C 572 -12.90 15.73 2.11
CA SER C 572 -12.77 17.13 2.54
C SER C 572 -13.56 17.29 3.83
N GLU C 573 -12.92 16.97 4.96
CA GLU C 573 -13.57 17.10 6.26
C GLU C 573 -12.93 18.17 7.14
N SER C 574 -11.70 18.56 6.84
CA SER C 574 -11.17 19.77 7.46
C SER C 574 -11.96 20.98 6.98
N ASN C 575 -12.39 20.93 5.72
CA ASN C 575 -13.31 21.94 5.20
C ASN C 575 -14.62 21.94 5.97
N ILE C 576 -15.06 20.77 6.42
CA ILE C 576 -16.26 20.69 7.26
C ILE C 576 -16.02 21.39 8.58
N ARG C 577 -14.83 21.20 9.16
CA ARG C 577 -14.41 22.03 10.28
C ARG C 577 -14.26 23.47 9.84
N ASP C 578 -13.72 23.70 8.64
CA ASP C 578 -13.52 25.06 8.16
C ASP C 578 -14.81 25.75 7.82
N ILE C 579 -15.90 24.99 7.59
CA ILE C 579 -17.23 25.58 7.52
C ILE C 579 -17.52 26.32 8.81
N PHE C 580 -17.26 25.68 9.95
CA PHE C 580 -17.47 26.34 11.22
C PHE C 580 -16.42 27.39 11.47
N ASP C 581 -15.22 27.20 10.93
CA ASP C 581 -14.16 28.16 11.16
C ASP C 581 -14.36 29.41 10.33
N LYS C 582 -14.77 29.25 9.08
CA LYS C 582 -15.02 30.40 8.23
C LYS C 582 -16.27 31.14 8.71
N ALA C 583 -17.26 30.41 9.19
CA ALA C 583 -18.41 31.07 9.82
C ALA C 583 -18.00 31.75 11.11
N ARG C 584 -17.04 31.16 11.82
CA ARG C 584 -16.42 31.88 12.93
C ARG C 584 -15.59 33.04 12.42
N ALA C 585 -14.95 32.88 11.27
CA ALA C 585 -14.25 34.01 10.66
C ALA C 585 -15.23 35.04 10.13
N ALA C 586 -16.38 34.59 9.62
CA ALA C 586 -17.40 35.50 9.12
C ALA C 586 -18.56 35.65 10.08
N ALA C 587 -18.29 35.62 11.38
CA ALA C 587 -19.33 35.90 12.34
C ALA C 587 -19.73 37.37 12.24
N PRO C 588 -21.03 37.70 12.25
CA PRO C 588 -22.21 36.84 12.36
C PRO C 588 -22.50 36.04 11.11
N CYS C 589 -22.72 34.74 11.30
CA CYS C 589 -23.01 33.87 10.18
C CYS C 589 -23.95 32.78 10.66
N VAL C 590 -24.78 32.32 9.74
CA VAL C 590 -25.63 31.16 9.96
C VAL C 590 -25.17 30.05 9.04
N VAL C 591 -25.13 28.84 9.57
CA VAL C 591 -24.72 27.68 8.81
C VAL C 591 -25.96 26.85 8.55
N PHE C 592 -26.27 26.65 7.28
CA PHE C 592 -27.49 25.98 6.89
C PHE C 592 -27.18 24.60 6.35
N LEU C 593 -27.83 23.61 6.92
CA LEU C 593 -27.59 22.21 6.56
C LEU C 593 -28.81 21.70 5.81
N ASP C 594 -28.78 21.84 4.49
CA ASP C 594 -29.87 21.35 3.68
C ASP C 594 -29.79 19.83 3.54
N GLU C 595 -30.96 19.21 3.40
CA GLU C 595 -31.12 17.81 3.02
C GLU C 595 -30.48 16.88 4.06
N LEU C 596 -30.96 16.97 5.29
CA LEU C 596 -30.42 16.13 6.35
C LEU C 596 -30.83 14.68 6.20
N ASP C 597 -31.89 14.41 5.44
CA ASP C 597 -32.24 13.04 5.09
C ASP C 597 -31.15 12.37 4.27
N SER C 598 -30.41 13.14 3.47
CA SER C 598 -29.32 12.59 2.67
C SER C 598 -28.20 12.06 3.54
N ILE C 599 -28.02 12.65 4.71
CA ILE C 599 -27.06 12.11 5.68
C ILE C 599 -27.57 10.78 6.21
N ALA C 600 -28.87 10.69 6.48
CA ALA C 600 -29.46 9.37 6.73
C ALA C 600 -29.42 8.49 5.50
N LYS C 601 -29.56 9.07 4.30
CA LYS C 601 -29.56 8.25 3.09
C LYS C 601 -28.15 7.89 2.65
N ALA C 602 -27.11 8.39 3.35
CA ALA C 602 -25.77 7.85 3.18
C ALA C 602 -25.70 6.38 3.59
N ARG C 603 -26.46 6.01 4.62
CA ARG C 603 -26.76 4.62 4.92
C ARG C 603 -28.22 4.31 4.60
N GLY C 604 -28.74 4.86 3.50
CA GLY C 604 -30.08 4.53 3.03
C GLY C 604 -31.23 5.24 3.72
N GLY C 605 -31.14 5.40 5.03
CA GLY C 605 -32.18 6.02 5.84
C GLY C 605 -31.90 5.71 7.30
N SER C 606 -32.97 5.70 8.09
CA SER C 606 -32.90 5.07 9.41
C SER C 606 -33.26 3.60 9.30
N ILE C 607 -34.16 3.25 8.38
CA ILE C 607 -34.27 1.86 7.96
C ILE C 607 -33.07 1.47 7.12
N GLY C 608 -32.97 2.05 5.92
CA GLY C 608 -31.77 2.05 5.08
C GLY C 608 -31.21 0.70 4.74
N ASP C 609 -29.88 0.61 4.79
CA ASP C 609 -29.13 -0.65 4.67
C ASP C 609 -28.84 -1.28 6.02
N ALA C 610 -29.79 -1.13 6.96
CA ALA C 610 -29.80 -1.39 8.41
C ALA C 610 -28.99 -0.35 9.17
N GLY C 611 -28.22 0.47 8.47
CA GLY C 611 -27.52 1.57 9.11
C GLY C 611 -28.42 2.79 9.18
N GLY C 612 -28.44 3.42 10.34
CA GLY C 612 -29.30 4.57 10.55
C GLY C 612 -28.73 5.86 9.98
N ALA C 613 -29.11 6.98 10.58
CA ALA C 613 -28.54 8.25 10.16
C ALA C 613 -27.08 8.37 10.54
N SER C 614 -26.67 7.71 11.63
CA SER C 614 -25.32 7.83 12.16
C SER C 614 -24.31 7.15 11.24
N ASP C 615 -23.32 7.92 10.81
CA ASP C 615 -22.16 7.41 10.11
C ASP C 615 -21.00 8.33 10.45
N ARG C 616 -19.98 8.34 9.61
CA ARG C 616 -18.83 9.19 9.84
C ARG C 616 -19.16 10.66 9.71
N VAL C 617 -20.25 10.99 9.01
CA VAL C 617 -20.66 12.37 8.86
C VAL C 617 -21.21 12.92 10.17
N VAL C 618 -22.09 12.15 10.80
CA VAL C 618 -22.75 12.59 12.02
C VAL C 618 -21.73 12.74 13.15
N ASN C 619 -20.88 11.72 13.31
CA ASN C 619 -19.82 11.70 14.30
C ASN C 619 -18.83 12.83 14.12
N GLN C 620 -18.64 13.29 12.89
CA GLN C 620 -17.87 14.51 12.68
C GLN C 620 -18.67 15.74 13.07
N LEU C 621 -19.96 15.76 12.71
CA LEU C 621 -20.75 16.96 12.93
C LEU C 621 -21.07 17.16 14.40
N LEU C 622 -21.33 16.07 15.13
CA LEU C 622 -21.60 16.17 16.55
C LEU C 622 -20.41 16.69 17.32
N THR C 623 -19.20 16.40 16.86
CA THR C 623 -18.02 17.01 17.44
C THR C 623 -17.96 18.49 17.12
N GLU C 624 -18.14 18.82 15.84
CA GLU C 624 -18.00 20.20 15.41
C GLU C 624 -19.14 21.08 15.88
N MET C 625 -20.33 20.50 16.05
CA MET C 625 -21.43 21.28 16.61
C MET C 625 -21.22 21.53 18.10
N ASP C 626 -20.70 20.54 18.81
CA ASP C 626 -20.34 20.73 20.20
C ASP C 626 -19.05 21.49 20.38
N GLY C 627 -18.24 21.60 19.33
CA GLY C 627 -16.99 22.33 19.43
C GLY C 627 -17.16 23.80 19.15
N MET C 628 -18.37 24.31 19.32
CA MET C 628 -18.69 25.71 19.09
C MET C 628 -18.87 26.40 20.43
N THR C 629 -18.25 27.56 20.57
CA THR C 629 -18.42 28.36 21.77
C THR C 629 -19.82 28.94 21.79
N SER C 630 -20.49 28.81 22.93
CA SER C 630 -21.83 29.37 23.08
C SER C 630 -21.83 30.89 23.07
N LYS C 631 -20.69 31.52 23.36
CA LYS C 631 -20.60 32.97 23.24
C LYS C 631 -20.68 33.41 21.79
N LYS C 632 -20.25 32.57 20.86
CA LYS C 632 -20.25 32.93 19.46
C LYS C 632 -21.67 33.04 18.91
N ASN C 633 -21.90 34.06 18.10
CA ASN C 633 -23.17 34.26 17.42
C ASN C 633 -23.29 33.43 16.15
N VAL C 634 -22.28 32.61 15.88
CA VAL C 634 -22.31 31.68 14.75
C VAL C 634 -23.44 30.69 14.98
N PHE C 635 -24.32 30.55 14.00
CA PHE C 635 -25.55 29.82 14.22
C PHE C 635 -25.63 28.66 13.23
N VAL C 636 -26.28 27.59 13.67
CA VAL C 636 -26.43 26.38 12.89
C VAL C 636 -27.90 26.13 12.64
N ILE C 637 -28.28 26.01 11.38
CA ILE C 637 -29.67 25.80 11.00
C ILE C 637 -29.77 24.47 10.26
N GLY C 638 -30.57 23.57 10.80
CA GLY C 638 -30.80 22.27 10.18
C GLY C 638 -32.18 22.22 9.55
N ALA C 639 -32.28 21.51 8.44
CA ALA C 639 -33.54 21.38 7.73
C ALA C 639 -33.62 20.03 7.06
N THR C 640 -34.69 19.30 7.33
CA THR C 640 -34.97 18.07 6.62
C THR C 640 -36.47 18.01 6.35
N ASN C 641 -36.85 17.01 5.58
CA ASN C 641 -38.24 16.67 5.39
C ASN C 641 -38.59 15.32 5.96
N ARG C 642 -37.60 14.56 6.44
CA ARG C 642 -37.81 13.25 7.06
C ARG C 642 -37.25 13.28 8.47
N PRO C 643 -37.93 13.96 9.40
CA PRO C 643 -37.34 14.20 10.71
C PRO C 643 -37.39 13.01 11.64
N GLU C 644 -38.30 12.06 11.40
CA GLU C 644 -38.30 10.83 12.16
C GLU C 644 -37.04 10.03 11.89
N GLN C 645 -36.52 10.15 10.67
CA GLN C 645 -35.43 9.35 10.17
C GLN C 645 -34.08 9.92 10.51
N LEU C 646 -34.03 10.78 11.52
CA LEU C 646 -32.78 11.32 12.04
C LEU C 646 -32.63 10.91 13.50
N ASP C 647 -31.40 10.67 13.91
CA ASP C 647 -31.14 10.24 15.28
C ASP C 647 -31.39 11.37 16.27
N PRO C 648 -31.83 11.04 17.48
CA PRO C 648 -31.96 12.07 18.52
C PRO C 648 -30.65 12.53 19.10
N ALA C 649 -29.54 11.85 18.78
CA ALA C 649 -28.22 12.33 19.20
C ALA C 649 -27.88 13.66 18.54
N LEU C 650 -28.33 13.86 17.32
CA LEU C 650 -28.21 15.17 16.69
C LEU C 650 -29.30 16.11 17.20
N CYS C 651 -30.45 15.57 17.58
CA CYS C 651 -31.52 16.35 18.17
C CYS C 651 -31.31 16.61 19.65
N ARG C 652 -30.12 16.31 20.17
CA ARG C 652 -29.84 16.48 21.57
C ARG C 652 -29.82 17.96 21.92
N PRO C 653 -30.32 18.35 23.10
CA PRO C 653 -30.19 19.75 23.53
C PRO C 653 -28.73 20.15 23.68
N GLY C 654 -28.46 21.40 23.30
CA GLY C 654 -27.12 21.88 23.09
C GLY C 654 -26.69 21.77 21.64
N ARG C 655 -27.18 20.76 20.93
CA ARG C 655 -26.87 20.58 19.52
C ARG C 655 -27.95 21.14 18.60
N LEU C 656 -29.13 20.53 18.63
CA LEU C 656 -30.27 20.99 17.84
C LEU C 656 -31.51 20.70 18.68
N ASP C 657 -31.95 21.70 19.42
CA ASP C 657 -33.09 21.52 20.30
C ASP C 657 -34.33 22.28 19.85
N GLN C 658 -34.18 23.30 19.02
CA GLN C 658 -35.34 23.96 18.45
C GLN C 658 -35.79 23.20 17.21
N LEU C 659 -37.04 22.78 17.20
CA LEU C 659 -37.60 22.00 16.11
C LEU C 659 -38.82 22.72 15.59
N ILE C 660 -38.79 23.06 14.30
CA ILE C 660 -39.79 23.93 13.71
C ILE C 660 -40.50 23.17 12.60
N TYR C 661 -41.77 22.89 12.81
CA TYR C 661 -42.59 22.27 11.80
C TYR C 661 -42.96 23.29 10.74
N VAL C 662 -42.88 22.88 9.48
CA VAL C 662 -43.25 23.74 8.37
C VAL C 662 -44.49 23.14 7.73
N PRO C 663 -45.69 23.60 8.07
CA PRO C 663 -46.90 23.03 7.48
C PRO C 663 -47.10 23.53 6.05
N LEU C 664 -48.10 22.94 5.40
CA LEU C 664 -48.59 23.51 4.17
C LEU C 664 -49.31 24.81 4.47
N PRO C 665 -49.29 25.76 3.55
CA PRO C 665 -50.09 26.97 3.73
C PRO C 665 -51.56 26.69 3.56
N ASP C 666 -52.39 27.59 4.05
CA ASP C 666 -53.80 27.55 3.73
C ASP C 666 -54.02 28.22 2.39
N GLU C 667 -55.29 28.42 2.04
CA GLU C 667 -55.61 29.15 0.82
C GLU C 667 -55.19 30.61 0.91
N ALA C 668 -55.14 31.18 2.12
CA ALA C 668 -54.59 32.52 2.27
C ALA C 668 -53.08 32.50 2.12
N GLY C 669 -52.43 31.45 2.62
CA GLY C 669 -51.02 31.28 2.37
C GLY C 669 -50.74 30.99 0.91
N ARG C 670 -51.56 30.12 0.31
CA ARG C 670 -51.45 29.85 -1.12
C ARG C 670 -51.77 31.08 -1.95
N LEU C 671 -52.64 31.97 -1.44
CA LEU C 671 -52.81 33.26 -2.08
C LEU C 671 -51.55 34.10 -2.00
N SER C 672 -50.95 34.14 -0.80
CA SER C 672 -49.77 34.96 -0.58
C SER C 672 -48.57 34.46 -1.36
N ILE C 673 -48.49 33.14 -1.57
CA ILE C 673 -47.41 32.58 -2.37
C ILE C 673 -47.58 32.97 -3.83
N LEU C 674 -48.79 32.76 -4.37
CA LEU C 674 -49.06 33.11 -5.75
C LEU C 674 -48.98 34.60 -6.00
N LYS C 675 -49.22 35.41 -4.98
CA LYS C 675 -48.87 36.81 -5.09
C LYS C 675 -47.35 36.97 -5.15
N ALA C 676 -46.64 36.26 -4.25
CA ALA C 676 -45.21 36.42 -4.18
C ALA C 676 -44.49 35.75 -5.33
N GLN C 677 -45.00 34.63 -5.84
CA GLN C 677 -44.32 33.98 -6.94
C GLN C 677 -44.48 34.74 -8.25
N LEU C 678 -45.59 35.44 -8.41
CA LEU C 678 -45.88 36.09 -9.67
C LEU C 678 -45.51 37.56 -9.65
N ARG C 679 -44.58 37.95 -8.77
CA ARG C 679 -44.14 39.33 -8.69
C ARG C 679 -43.36 39.75 -9.92
N LYS C 680 -42.74 38.81 -10.63
CA LYS C 680 -41.91 39.14 -11.78
C LYS C 680 -42.50 38.58 -13.07
N THR C 681 -43.76 38.21 -13.04
CA THR C 681 -44.34 37.62 -14.23
C THR C 681 -45.42 38.54 -14.80
N PRO C 682 -45.45 38.75 -16.10
CA PRO C 682 -46.52 39.55 -16.69
C PRO C 682 -47.82 38.78 -16.75
N VAL C 683 -48.54 38.77 -15.63
CA VAL C 683 -49.75 37.97 -15.52
C VAL C 683 -50.90 38.73 -16.17
N SER C 684 -51.97 37.99 -16.51
CA SER C 684 -53.18 38.61 -17.00
C SER C 684 -53.89 39.37 -15.88
N LYS C 685 -54.88 40.16 -16.29
CA LYS C 685 -55.64 40.97 -15.35
C LYS C 685 -56.87 40.26 -14.82
N ASP C 686 -57.38 39.28 -15.54
CA ASP C 686 -58.57 38.55 -15.10
C ASP C 686 -58.27 37.47 -14.08
N VAL C 687 -57.03 37.41 -13.60
CA VAL C 687 -56.58 36.27 -12.82
C VAL C 687 -57.11 36.39 -11.40
N ASP C 688 -58.04 35.50 -11.05
CA ASP C 688 -58.53 35.41 -9.68
C ASP C 688 -57.65 34.36 -9.00
N LEU C 689 -56.61 34.82 -8.34
CA LEU C 689 -55.74 33.94 -7.57
C LEU C 689 -56.48 33.33 -6.40
N ALA C 690 -57.48 34.03 -5.87
CA ALA C 690 -58.28 33.46 -4.78
C ALA C 690 -59.14 32.32 -5.28
N TYR C 691 -59.70 32.44 -6.48
CA TYR C 691 -60.39 31.31 -7.10
C TYR C 691 -59.42 30.18 -7.39
N ILE C 692 -58.18 30.52 -7.74
CA ILE C 692 -57.13 29.51 -7.76
C ILE C 692 -56.89 28.99 -6.35
N ALA C 693 -56.75 29.91 -5.38
CA ALA C 693 -56.53 29.52 -3.99
C ALA C 693 -57.70 28.76 -3.41
N SER C 694 -58.91 29.00 -3.91
CA SER C 694 -60.04 28.17 -3.53
C SER C 694 -59.86 26.74 -4.01
N LYS C 695 -59.47 26.59 -5.28
CA LYS C 695 -59.37 25.26 -5.85
C LYS C 695 -58.10 24.55 -5.42
N THR C 696 -57.01 25.27 -5.23
CA THR C 696 -55.78 24.69 -4.72
C THR C 696 -55.93 24.52 -3.22
N HIS C 697 -56.09 23.28 -2.76
CA HIS C 697 -56.17 23.02 -1.32
C HIS C 697 -55.02 22.16 -0.82
N GLY C 698 -54.84 20.96 -1.35
CA GLY C 698 -53.78 20.10 -0.89
C GLY C 698 -52.45 20.37 -1.56
N PHE C 699 -52.37 21.43 -2.34
CA PHE C 699 -51.21 21.65 -3.21
C PHE C 699 -50.16 22.45 -2.46
N SER C 700 -48.92 21.99 -2.53
CA SER C 700 -47.84 22.65 -1.81
C SER C 700 -47.46 23.96 -2.52
N GLY C 701 -46.57 24.72 -1.86
CA GLY C 701 -46.02 25.89 -2.50
C GLY C 701 -45.14 25.55 -3.68
N ALA C 702 -44.50 24.38 -3.64
CA ALA C 702 -43.81 23.87 -4.81
C ALA C 702 -44.79 23.53 -5.92
N ASP C 703 -45.97 23.03 -5.54
CA ASP C 703 -46.98 22.68 -6.54
C ASP C 703 -47.48 23.92 -7.27
N LEU C 704 -47.62 25.02 -6.54
CA LEU C 704 -48.14 26.25 -7.14
C LEU C 704 -47.15 26.81 -8.14
N ALA C 705 -45.86 26.79 -7.80
CA ALA C 705 -44.83 27.18 -8.75
C ALA C 705 -44.75 26.20 -9.91
N PHE C 706 -45.03 24.93 -9.64
CA PHE C 706 -45.06 23.93 -10.70
C PHE C 706 -46.20 24.17 -11.66
N ILE C 707 -47.33 24.67 -11.16
CA ILE C 707 -48.46 25.01 -12.03
C ILE C 707 -48.10 26.17 -12.93
N THR C 708 -47.41 27.17 -12.38
CA THR C 708 -47.00 28.32 -13.18
C THR C 708 -45.97 27.92 -14.23
N GLN C 709 -45.08 26.98 -13.89
CA GLN C 709 -44.15 26.46 -14.89
C GLN C 709 -44.89 25.71 -15.98
N ARG C 710 -45.97 25.03 -15.63
CA ARG C 710 -46.83 24.46 -16.64
C ARG C 710 -47.55 25.55 -17.42
N ALA C 711 -48.09 26.55 -16.72
CA ALA C 711 -48.91 27.57 -17.36
C ALA C 711 -48.10 28.47 -18.27
N VAL C 712 -46.86 28.79 -17.87
CA VAL C 712 -45.96 29.53 -18.74
C VAL C 712 -45.60 28.69 -19.96
N LYS C 713 -45.36 27.40 -19.74
CA LYS C 713 -45.17 26.48 -20.85
C LYS C 713 -46.43 26.39 -21.70
N LEU C 714 -47.61 26.43 -21.07
CA LEU C 714 -48.85 26.55 -21.82
C LEU C 714 -48.95 27.91 -22.51
N ALA C 715 -48.39 28.94 -21.89
CA ALA C 715 -48.37 30.24 -22.54
C ALA C 715 -47.39 30.25 -23.71
N ILE C 716 -46.27 29.56 -23.57
CA ILE C 716 -45.32 29.45 -24.69
C ILE C 716 -45.87 28.50 -25.74
N LYS C 717 -46.72 27.55 -25.32
CA LYS C 717 -47.50 26.77 -26.28
C LYS C 717 -48.62 27.62 -26.89
N GLU C 718 -48.76 28.86 -26.43
CA GLU C 718 -49.50 29.83 -27.22
C GLU C 718 -48.58 30.87 -27.82
N SER C 719 -47.44 31.14 -27.18
CA SER C 719 -46.63 32.28 -27.59
C SER C 719 -45.85 31.98 -28.86
N ILE C 720 -44.91 31.04 -28.78
CA ILE C 720 -44.16 30.71 -29.97
C ILE C 720 -44.94 29.81 -30.90
N ALA C 721 -46.03 29.24 -30.40
CA ALA C 721 -46.86 28.35 -31.20
C ALA C 721 -47.63 29.13 -32.26
N ALA C 722 -47.96 30.38 -31.93
CA ALA C 722 -48.69 31.25 -32.85
C ALA C 722 -47.73 32.05 -33.72
N GLU C 723 -46.51 32.24 -33.21
CA GLU C 723 -45.49 32.98 -33.94
C GLU C 723 -44.88 32.13 -35.06
N ILE C 724 -44.95 30.81 -34.89
CA ILE C 724 -44.42 29.88 -35.86
C ILE C 724 -45.46 29.55 -36.94
N GLU C 725 -46.70 29.94 -36.68
CA GLU C 725 -47.79 29.69 -37.62
C GLU C 725 -47.75 30.66 -38.79
N PRO C 745 -47.85 39.28 -28.79
CA PRO C 745 -46.77 38.77 -27.94
C PRO C 745 -47.30 38.04 -26.70
N VAL C 746 -48.62 38.11 -26.51
CA VAL C 746 -49.32 37.47 -25.40
C VAL C 746 -48.62 37.50 -24.04
N PRO C 747 -47.93 38.62 -23.74
CA PRO C 747 -47.29 38.68 -22.42
C PRO C 747 -48.29 38.70 -21.29
N GLU C 748 -49.22 37.75 -21.28
CA GLU C 748 -50.23 37.65 -20.24
C GLU C 748 -50.53 36.18 -19.97
N LEU C 749 -50.78 35.87 -18.71
CA LEU C 749 -50.95 34.49 -18.30
C LEU C 749 -52.44 34.25 -18.05
N THR C 750 -53.13 33.75 -19.06
CA THR C 750 -54.59 33.79 -19.07
C THR C 750 -55.18 32.77 -18.12
N LYS C 751 -56.48 32.94 -17.87
CA LYS C 751 -57.24 31.90 -17.20
C LYS C 751 -57.29 30.64 -18.04
N ARG C 752 -57.31 30.80 -19.37
CA ARG C 752 -57.21 29.67 -20.27
C ARG C 752 -55.86 28.98 -20.17
N HIS C 753 -54.80 29.75 -19.94
CA HIS C 753 -53.53 29.15 -19.59
C HIS C 753 -53.60 28.47 -18.24
N PHE C 754 -54.44 28.99 -17.36
CA PHE C 754 -54.50 28.46 -16.01
C PHE C 754 -55.45 27.28 -15.92
N GLU C 755 -56.68 27.42 -16.44
CA GLU C 755 -57.70 26.37 -16.27
C GLU C 755 -57.33 25.09 -17.00
N GLU C 756 -56.43 25.18 -17.98
CA GLU C 756 -55.81 23.96 -18.47
C GLU C 756 -54.89 23.37 -17.41
N ALA C 757 -54.00 24.18 -16.86
CA ALA C 757 -53.10 23.70 -15.81
C ALA C 757 -53.85 23.43 -14.52
N MET C 758 -54.95 24.16 -14.28
CA MET C 758 -55.79 23.86 -13.11
C MET C 758 -56.50 22.53 -13.27
N ARG C 759 -56.94 22.19 -14.48
CA ARG C 759 -57.45 20.86 -14.72
C ARG C 759 -56.32 19.84 -14.66
N ASP C 760 -55.13 20.23 -15.10
CA ASP C 760 -53.97 19.36 -15.06
C ASP C 760 -53.28 19.38 -13.72
N ALA C 761 -53.83 20.08 -12.74
CA ALA C 761 -53.18 20.21 -11.45
C ALA C 761 -53.22 18.89 -10.69
N ARG C 762 -52.14 18.59 -9.98
CA ARG C 762 -52.01 17.32 -9.31
C ARG C 762 -51.27 17.52 -8.00
N ARG C 763 -51.80 16.92 -6.93
CA ARG C 763 -51.23 17.06 -5.60
C ARG C 763 -50.01 16.16 -5.45
N SER C 764 -48.98 16.68 -4.79
CA SER C 764 -47.74 15.97 -4.62
C SER C 764 -47.58 15.36 -3.24
N VAL C 765 -48.43 15.72 -2.29
CA VAL C 765 -48.27 15.28 -0.91
C VAL C 765 -49.54 14.56 -0.50
N SER C 766 -49.39 13.32 -0.04
CA SER C 766 -50.52 12.60 0.51
C SER C 766 -50.88 13.14 1.89
N ASP C 767 -52.17 13.15 2.18
CA ASP C 767 -52.61 13.63 3.49
C ASP C 767 -52.30 12.62 4.59
N VAL C 768 -52.17 11.35 4.24
CA VAL C 768 -51.77 10.35 5.23
C VAL C 768 -50.30 10.53 5.59
N GLU C 769 -49.51 11.08 4.68
CA GLU C 769 -48.17 11.51 5.03
C GLU C 769 -48.23 12.71 5.97
N ILE C 770 -49.21 13.59 5.76
CA ILE C 770 -49.37 14.76 6.62
C ILE C 770 -49.81 14.34 8.01
N ARG C 771 -50.64 13.30 8.09
CA ARG C 771 -51.09 12.78 9.38
C ARG C 771 -49.95 12.19 10.19
N ARG C 772 -48.90 11.72 9.52
CA ARG C 772 -47.66 11.44 10.21
C ARG C 772 -47.09 12.73 10.80
N TYR C 773 -46.80 13.71 9.92
CA TYR C 773 -46.17 14.96 10.33
C TYR C 773 -47.02 15.74 11.31
N GLU C 774 -48.34 15.67 11.19
CA GLU C 774 -49.19 16.34 12.17
C GLU C 774 -49.13 15.66 13.52
N ALA C 775 -48.92 14.33 13.53
CA ALA C 775 -48.66 13.67 14.79
C ALA C 775 -47.28 14.03 15.32
N PHE C 776 -46.31 14.25 14.44
CA PHE C 776 -45.06 14.83 14.88
C PHE C 776 -45.25 16.29 15.28
N ALA C 777 -46.07 17.03 14.54
CA ALA C 777 -46.43 18.38 14.94
C ALA C 777 -47.25 18.39 16.22
N GLN C 778 -48.05 17.34 16.45
CA GLN C 778 -48.63 17.19 17.78
C GLN C 778 -47.55 16.84 18.79
N GLN C 779 -46.74 15.83 18.48
CA GLN C 779 -45.70 15.42 19.41
C GLN C 779 -44.60 14.70 18.66
N MET C 780 -43.44 15.34 18.55
CA MET C 780 -42.23 14.61 18.23
C MET C 780 -41.32 14.49 19.44
N LYS C 781 -41.59 15.22 20.53
CA LYS C 781 -40.69 15.21 21.68
C LYS C 781 -40.62 13.87 22.40
N ASN C 782 -41.58 12.97 22.13
CA ASN C 782 -41.45 11.57 22.54
C ASN C 782 -40.29 10.86 21.82
N ALA C 783 -39.95 11.33 20.61
CA ALA C 783 -38.84 10.82 19.77
C ALA C 783 -38.93 9.33 19.46
N ASN D 215 13.99 39.66 25.72
CA ASN D 215 14.20 38.49 24.87
C ASN D 215 14.93 37.43 25.67
N GLU D 216 15.30 37.78 26.90
CA GLU D 216 16.01 36.87 27.77
C GLU D 216 15.11 36.61 28.96
N VAL D 217 14.81 35.34 29.22
CA VAL D 217 13.63 34.96 29.97
C VAL D 217 14.00 34.55 31.38
N GLY D 218 13.37 35.17 32.38
CA GLY D 218 13.48 34.76 33.76
C GLY D 218 12.28 33.95 34.20
N TYR D 219 12.25 33.64 35.50
CA TYR D 219 11.10 32.91 36.04
C TYR D 219 9.86 33.76 36.05
N ASP D 220 10.00 35.08 36.19
CA ASP D 220 8.84 35.94 36.27
C ASP D 220 8.16 36.10 34.93
N ASP D 221 8.87 35.83 33.85
CA ASP D 221 8.33 36.02 32.51
C ASP D 221 7.35 34.92 32.15
N ILE D 222 7.44 33.78 32.80
CA ILE D 222 6.47 32.71 32.67
C ILE D 222 5.60 32.73 33.92
N GLY D 223 4.34 32.33 33.77
CA GLY D 223 3.48 32.26 34.92
C GLY D 223 2.40 31.23 34.73
N GLY D 224 1.81 30.83 35.85
CA GLY D 224 0.66 29.98 35.88
C GLY D 224 0.94 28.51 36.10
N CYS D 225 1.93 27.95 35.41
CA CYS D 225 2.21 26.52 35.49
C CYS D 225 3.28 26.33 36.56
N ARG D 226 2.87 26.54 37.81
CA ARG D 226 3.82 26.54 38.91
C ARG D 226 4.23 25.14 39.28
N LYS D 227 3.27 24.22 39.26
CA LYS D 227 3.53 22.82 39.61
C LYS D 227 4.49 22.19 38.62
N GLN D 228 4.38 22.56 37.35
CA GLN D 228 5.28 22.06 36.33
C GLN D 228 6.68 22.62 36.51
N LEU D 229 6.77 23.91 36.83
CA LEU D 229 8.08 24.51 37.10
C LEU D 229 8.67 23.98 38.39
N ALA D 230 7.81 23.56 39.32
CA ALA D 230 8.30 22.91 40.53
C ALA D 230 8.95 21.58 40.18
N GLN D 231 8.47 20.91 39.14
CA GLN D 231 9.09 19.66 38.73
C GLN D 231 10.45 19.90 38.10
N ILE D 232 10.54 20.88 37.21
CA ILE D 232 11.73 21.05 36.38
C ILE D 232 12.89 21.58 37.20
N ARG D 233 12.60 22.43 38.19
CA ARG D 233 13.64 22.88 39.11
C ARG D 233 14.18 21.71 39.93
N GLU D 234 13.34 20.73 40.25
CA GLU D 234 13.82 19.51 40.86
C GLU D 234 14.61 18.67 39.86
N MET D 235 14.31 18.82 38.57
CA MET D 235 14.93 17.95 37.57
C MET D 235 16.12 18.58 36.89
N VAL D 236 16.18 19.90 36.80
CA VAL D 236 17.21 20.59 36.04
C VAL D 236 18.04 21.53 36.92
N GLU D 237 17.35 22.41 37.65
CA GLU D 237 18.05 23.34 38.54
C GLU D 237 18.75 22.59 39.66
N LEU D 238 18.10 21.54 40.17
CA LEU D 238 18.65 20.80 41.30
C LEU D 238 19.92 20.00 40.99
N PRO D 239 20.04 19.24 39.88
CA PRO D 239 21.31 18.54 39.69
C PRO D 239 22.45 19.44 39.30
N LEU D 240 22.16 20.63 38.79
CA LEU D 240 23.25 21.45 38.30
C LEU D 240 23.90 22.27 39.39
N ARG D 241 23.11 23.05 40.13
CA ARG D 241 23.72 23.84 41.20
C ARG D 241 24.09 22.98 42.40
N HIS D 242 23.52 21.80 42.52
CA HIS D 242 23.92 20.85 43.56
C HIS D 242 23.94 19.44 43.00
N PRO D 243 25.01 19.08 42.30
CA PRO D 243 25.18 17.66 41.93
C PRO D 243 25.62 16.82 43.11
N GLN D 244 26.03 17.46 44.19
CA GLN D 244 26.48 16.73 45.37
C GLN D 244 25.34 16.00 46.04
N LEU D 245 24.11 16.49 45.88
CA LEU D 245 22.97 15.87 46.53
C LEU D 245 22.72 14.47 46.01
N PHE D 246 22.71 14.33 44.69
CA PHE D 246 22.64 13.00 44.08
C PHE D 246 23.92 12.23 44.32
N LYS D 247 25.02 12.95 44.48
CA LYS D 247 26.27 12.30 44.84
C LYS D 247 26.25 11.85 46.30
N SER D 248 25.65 12.65 47.18
CA SER D 248 25.57 12.26 48.59
C SER D 248 24.57 11.14 48.77
N ILE D 249 23.42 11.23 48.11
CA ILE D 249 22.43 10.17 48.27
C ILE D 249 22.80 8.97 47.42
N GLY D 250 23.68 9.13 46.44
CA GLY D 250 24.14 8.00 45.66
C GLY D 250 23.14 7.51 44.64
N ILE D 251 22.42 8.41 43.97
CA ILE D 251 21.56 8.02 42.87
C ILE D 251 22.06 8.70 41.61
N LYS D 252 21.54 8.26 40.51
CA LYS D 252 21.92 8.86 39.24
C LYS D 252 21.03 10.05 38.96
N PRO D 253 21.60 11.19 38.54
CA PRO D 253 20.77 12.30 38.09
C PRO D 253 20.04 11.96 36.80
N PRO D 254 18.75 12.25 36.72
CA PRO D 254 18.01 12.02 35.48
C PRO D 254 18.46 12.97 34.39
N ARG D 255 18.90 12.42 33.27
CA ARG D 255 19.31 13.20 32.11
C ARG D 255 18.27 13.14 31.00
N GLY D 256 17.04 12.78 31.33
CA GLY D 256 16.02 12.52 30.33
C GLY D 256 14.78 13.37 30.46
N VAL D 257 14.98 14.67 30.68
CA VAL D 257 13.87 15.60 30.82
C VAL D 257 13.17 15.77 29.47
N LEU D 258 11.88 15.48 29.44
CA LEU D 258 11.06 15.63 28.24
C LEU D 258 9.87 16.51 28.54
N LEU D 259 9.69 17.55 27.73
CA LEU D 259 8.53 18.41 27.80
C LEU D 259 7.56 18.07 26.69
N TYR D 260 6.27 18.20 26.97
CA TYR D 260 5.26 18.02 25.94
C TYR D 260 3.98 18.69 26.38
N GLY D 261 3.08 18.90 25.43
CA GLY D 261 1.82 19.52 25.69
C GLY D 261 1.15 19.91 24.40
N PRO D 262 0.15 20.80 24.50
CA PRO D 262 -0.44 21.36 23.30
C PRO D 262 0.52 22.34 22.65
N PRO D 263 0.33 22.64 21.37
CA PRO D 263 1.22 23.61 20.71
C PRO D 263 1.01 25.00 21.25
N GLY D 264 2.07 25.80 21.23
CA GLY D 264 1.95 27.20 21.62
C GLY D 264 1.65 27.40 23.08
N THR D 265 2.25 26.58 23.95
CA THR D 265 1.97 26.64 25.38
C THR D 265 3.20 27.00 26.19
N GLY D 266 4.09 27.80 25.63
CA GLY D 266 5.25 28.22 26.39
C GLY D 266 6.30 27.16 26.56
N LYS D 267 6.24 26.09 25.76
CA LYS D 267 7.20 25.00 25.90
C LYS D 267 8.58 25.46 25.50
N THR D 268 8.67 26.26 24.44
CA THR D 268 9.95 26.90 24.14
C THR D 268 10.24 27.97 25.17
N LEU D 269 9.20 28.61 25.71
CA LEU D 269 9.40 29.70 26.65
C LEU D 269 9.92 29.20 27.99
N MET D 270 9.41 28.06 28.46
CA MET D 270 9.85 27.56 29.76
C MET D 270 11.26 26.97 29.70
N ALA D 271 11.78 26.71 28.51
CA ALA D 271 13.14 26.22 28.39
C ALA D 271 14.13 27.28 28.85
N ARG D 272 14.11 28.44 28.21
CA ARG D 272 14.98 29.53 28.61
C ARG D 272 14.61 30.09 29.96
N ALA D 273 13.36 29.93 30.40
CA ALA D 273 12.97 30.33 31.75
C ALA D 273 13.73 29.53 32.80
N VAL D 274 14.11 28.30 32.48
CA VAL D 274 15.01 27.55 33.34
C VAL D 274 16.46 27.82 32.98
N ALA D 275 16.75 27.87 31.68
CA ALA D 275 18.12 27.92 31.20
C ALA D 275 18.81 29.21 31.56
N ASN D 276 18.11 30.34 31.46
CA ASN D 276 18.72 31.60 31.81
C ASN D 276 18.80 31.81 33.31
N GLU D 277 18.10 30.98 34.08
CA GLU D 277 18.13 31.07 35.53
C GLU D 277 19.07 30.05 36.15
N THR D 278 19.98 29.51 35.36
CA THR D 278 21.10 28.76 35.88
C THR D 278 22.37 29.57 35.70
N GLY D 279 23.45 29.07 36.29
CA GLY D 279 24.77 29.57 35.97
C GLY D 279 25.45 28.58 35.05
N ALA D 280 24.63 27.72 34.43
CA ALA D 280 25.13 26.64 33.62
C ALA D 280 25.29 27.08 32.17
N PHE D 281 26.13 26.36 31.44
CA PHE D 281 26.19 26.56 30.00
C PHE D 281 24.90 26.09 29.37
N PHE D 282 24.54 26.72 28.27
CA PHE D 282 23.34 26.35 27.54
C PHE D 282 23.68 26.14 26.07
N PHE D 283 23.10 25.10 25.49
CA PHE D 283 23.15 24.93 24.05
C PHE D 283 21.73 24.77 23.52
N LEU D 284 21.51 25.30 22.34
CA LEU D 284 20.18 25.30 21.74
C LEU D 284 20.18 24.48 20.47
N ILE D 285 19.17 23.63 20.32
CA ILE D 285 18.96 22.85 19.11
C ILE D 285 17.53 23.09 18.67
N ASN D 286 17.35 23.54 17.43
CA ASN D 286 16.02 23.53 16.84
C ASN D 286 15.83 22.27 16.02
N GLY D 287 14.60 21.77 16.04
CA GLY D 287 14.21 20.62 15.26
C GLY D 287 14.41 20.80 13.76
N PRO D 288 13.66 21.73 13.15
CA PRO D 288 13.81 21.93 11.70
C PRO D 288 15.14 22.50 11.27
N GLU D 289 15.93 23.06 12.19
CA GLU D 289 17.23 23.58 11.80
C GLU D 289 18.18 22.45 11.43
N ILE D 290 18.12 21.34 12.16
CA ILE D 290 18.92 20.19 11.79
C ILE D 290 18.37 19.54 10.53
N MET D 291 17.05 19.47 10.42
CA MET D 291 16.43 18.87 9.26
C MET D 291 16.57 19.74 8.02
N SER D 292 16.83 21.04 8.20
CA SER D 292 17.14 21.90 7.07
C SER D 292 18.48 21.54 6.45
N LYS D 293 19.39 21.00 7.25
CA LYS D 293 20.76 20.79 6.81
C LYS D 293 20.85 19.64 5.82
N MET D 294 22.01 19.54 5.17
CA MET D 294 22.21 18.49 4.19
C MET D 294 22.58 17.19 4.88
N ALA D 295 22.75 16.15 4.05
CA ALA D 295 22.96 14.81 4.55
C ALA D 295 24.36 14.66 5.13
N GLY D 296 24.44 14.01 6.27
CA GLY D 296 25.72 13.84 6.97
C GLY D 296 26.12 15.04 7.79
N GLU D 297 26.01 16.25 7.22
CA GLU D 297 26.33 17.47 7.91
C GLU D 297 25.36 17.72 9.06
N SER D 298 24.10 17.33 8.90
CA SER D 298 23.12 17.50 9.96
C SER D 298 23.47 16.66 11.18
N GLU D 299 23.90 15.42 10.97
CA GLU D 299 24.33 14.58 12.07
C GLU D 299 25.66 15.04 12.64
N SER D 300 26.43 15.83 11.89
CA SER D 300 27.66 16.36 12.42
C SER D 300 27.39 17.36 13.52
N ASN D 301 26.34 18.17 13.37
CA ASN D 301 26.07 19.23 14.32
C ASN D 301 25.63 18.68 15.67
N LEU D 302 25.00 17.51 15.67
CA LEU D 302 24.65 16.87 16.92
C LEU D 302 25.90 16.41 17.65
N ARG D 303 26.87 15.90 16.89
CA ARG D 303 28.14 15.53 17.49
C ARG D 303 28.90 16.77 17.90
N LYS D 304 28.77 17.85 17.14
CA LYS D 304 29.32 19.12 17.58
C LYS D 304 28.57 19.70 18.76
N ALA D 305 27.32 19.30 18.96
CA ALA D 305 26.57 19.80 20.11
C ALA D 305 27.11 19.22 21.40
N PHE D 306 27.21 17.89 21.47
CA PHE D 306 27.41 17.27 22.77
C PHE D 306 28.85 17.37 23.23
N GLU D 307 29.79 17.51 22.29
CA GLU D 307 31.17 17.70 22.66
C GLU D 307 31.38 19.03 23.35
N GLU D 308 30.65 20.06 22.93
CA GLU D 308 30.74 21.34 23.60
C GLU D 308 30.09 21.28 24.98
N ALA D 309 29.01 20.51 25.10
CA ALA D 309 28.34 20.39 26.38
C ALA D 309 29.16 19.53 27.34
N GLU D 310 29.77 18.46 26.83
CA GLU D 310 30.67 17.69 27.69
C GLU D 310 31.99 18.40 27.90
N LYS D 311 32.29 19.44 27.12
CA LYS D 311 33.39 20.31 27.47
C LYS D 311 33.00 21.23 28.62
N ASN D 312 31.99 22.06 28.40
CA ASN D 312 31.48 22.96 29.44
C ASN D 312 30.48 22.18 30.27
N SER D 313 30.99 21.41 31.24
CA SER D 313 30.26 20.32 31.90
C SER D 313 28.98 20.72 32.63
N PRO D 314 28.88 21.86 33.34
CA PRO D 314 27.53 22.29 33.72
C PRO D 314 26.81 22.78 32.48
N ALA D 315 25.95 21.96 31.91
CA ALA D 315 25.44 22.22 30.57
C ALA D 315 23.97 21.89 30.48
N ILE D 316 23.27 22.66 29.67
CA ILE D 316 21.86 22.45 29.38
C ILE D 316 21.69 22.33 27.88
N ILE D 317 21.14 21.22 27.44
CA ILE D 317 20.85 21.01 26.04
C ILE D 317 19.34 20.97 25.89
N PHE D 318 18.77 22.04 25.35
CA PHE D 318 17.37 22.03 25.01
C PHE D 318 17.20 21.82 23.52
N ILE D 319 16.28 20.94 23.17
CA ILE D 319 15.95 20.65 21.78
C ILE D 319 14.48 20.98 21.58
N ASP D 320 14.20 22.02 20.83
CA ASP D 320 12.82 22.34 20.50
C ASP D 320 12.38 21.51 19.31
N GLU D 321 11.12 21.04 19.38
CA GLU D 321 10.44 20.29 18.33
C GLU D 321 11.22 19.02 18.00
N ILE D 322 11.29 18.17 19.02
CA ILE D 322 12.08 16.94 18.96
C ILE D 322 11.50 15.94 17.96
N ASP D 323 10.20 16.03 17.68
CA ASP D 323 9.58 15.06 16.79
C ASP D 323 9.99 15.27 15.33
N SER D 324 10.45 16.47 14.98
CA SER D 324 10.87 16.73 13.62
C SER D 324 12.17 16.02 13.29
N ILE D 325 13.07 15.89 14.25
CA ILE D 325 14.26 15.09 14.07
C ILE D 325 14.06 13.67 14.52
N ALA D 326 12.96 13.38 15.21
CA ALA D 326 12.70 12.02 15.70
C ALA D 326 11.24 11.67 15.51
N PRO D 327 10.87 11.23 14.32
CA PRO D 327 9.55 10.58 14.18
C PRO D 327 9.65 9.12 14.56
N LYS D 328 8.57 8.37 14.37
CA LYS D 328 8.67 6.93 14.48
C LYS D 328 9.50 6.38 13.34
N ARG D 329 10.42 5.46 13.67
CA ARG D 329 11.20 4.79 12.64
C ARG D 329 10.34 3.84 11.82
N GLU D 330 9.24 3.38 12.38
CA GLU D 330 8.30 2.60 11.59
C GLU D 330 7.57 3.49 10.59
N LYS D 331 7.23 4.71 10.99
CA LYS D 331 6.46 5.60 10.14
C LYS D 331 7.36 6.75 9.73
N THR D 332 8.18 6.50 8.71
CA THR D 332 9.10 7.44 8.10
C THR D 332 9.57 6.84 6.79
N ASN D 333 10.12 7.69 5.94
CA ASN D 333 10.53 7.26 4.61
C ASN D 333 12.01 7.41 4.38
N GLY D 334 12.57 8.60 4.64
CA GLY D 334 13.97 8.83 4.36
C GLY D 334 14.87 8.18 5.38
N GLU D 335 15.94 7.55 4.88
CA GLU D 335 16.96 7.00 5.76
C GLU D 335 17.76 8.10 6.42
N VAL D 336 17.79 9.29 5.82
CA VAL D 336 18.43 10.44 6.45
C VAL D 336 17.71 10.80 7.73
N GLU D 337 16.38 10.68 7.73
CA GLU D 337 15.63 10.75 8.98
C GLU D 337 16.01 9.60 9.89
N ARG D 338 16.23 8.42 9.32
CA ARG D 338 16.53 7.27 10.16
C ARG D 338 17.95 7.33 10.70
N ARG D 339 18.86 8.00 10.00
CA ARG D 339 20.21 8.19 10.53
C ARG D 339 20.20 9.17 11.69
N VAL D 340 19.47 10.27 11.55
CA VAL D 340 19.55 11.32 12.55
C VAL D 340 18.81 10.91 13.80
N VAL D 341 17.82 10.03 13.68
CA VAL D 341 17.28 9.36 14.86
C VAL D 341 18.35 8.46 15.46
N SER D 342 19.02 7.68 14.60
CA SER D 342 20.05 6.77 15.07
C SER D 342 21.27 7.52 15.56
N GLN D 343 21.50 8.72 15.04
CA GLN D 343 22.54 9.56 15.60
C GLN D 343 22.15 10.03 17.00
N LEU D 344 20.86 10.31 17.19
CA LEU D 344 20.41 10.82 18.47
C LEU D 344 20.41 9.73 19.54
N LEU D 345 19.92 8.54 19.18
CA LEU D 345 19.89 7.42 20.11
C LEU D 345 21.28 7.02 20.53
N THR D 346 22.24 7.12 19.62
CA THR D 346 23.62 6.84 19.96
C THR D 346 24.17 7.87 20.92
N LEU D 347 24.01 9.14 20.58
CA LEU D 347 24.68 10.19 21.33
C LEU D 347 24.04 10.44 22.69
N MET D 348 22.78 10.07 22.88
CA MET D 348 22.19 10.13 24.22
C MET D 348 22.86 9.14 25.15
N ASP D 349 23.17 7.96 24.64
CA ASP D 349 23.78 6.93 25.46
C ASP D 349 25.28 7.16 25.64
N GLY D 350 25.91 7.91 24.75
CA GLY D 350 27.32 8.23 24.89
C GLY D 350 27.63 9.19 26.00
N MET D 351 26.61 9.80 26.61
CA MET D 351 26.81 10.74 27.69
C MET D 351 27.24 10.02 28.96
N LYS D 352 27.68 10.80 29.93
CA LYS D 352 28.12 10.28 31.22
C LYS D 352 27.44 11.00 32.36
N ALA D 353 27.38 10.33 33.51
CA ALA D 353 26.90 10.98 34.72
C ALA D 353 27.90 12.00 35.25
N ARG D 354 29.19 11.76 35.03
CA ARG D 354 30.22 12.73 35.39
C ARG D 354 30.20 13.95 34.49
N SER D 355 29.53 13.87 33.34
CA SER D 355 29.41 15.04 32.48
C SER D 355 28.54 16.11 33.12
N ASN D 356 27.53 15.69 33.89
CA ASN D 356 26.55 16.56 34.56
C ASN D 356 25.86 17.47 33.55
N VAL D 357 25.42 16.86 32.45
CA VAL D 357 24.82 17.57 31.33
C VAL D 357 23.39 17.10 31.19
N VAL D 358 22.47 18.05 31.14
CA VAL D 358 21.03 17.77 31.14
C VAL D 358 20.50 17.99 29.74
N VAL D 359 19.75 17.02 29.24
CA VAL D 359 19.13 17.11 27.93
C VAL D 359 17.66 17.43 28.11
N MET D 360 17.23 18.55 27.56
CA MET D 360 15.84 18.92 27.53
C MET D 360 15.30 18.77 26.12
N ALA D 361 14.04 18.37 26.01
CA ALA D 361 13.40 18.23 24.72
C ALA D 361 11.93 18.57 24.87
N ALA D 362 11.39 19.22 23.86
CA ALA D 362 9.99 19.63 23.87
C ALA D 362 9.33 19.24 22.58
N THR D 363 8.04 18.94 22.67
CA THR D 363 7.23 18.67 21.49
C THR D 363 5.80 19.06 21.78
N ASN D 364 5.02 19.09 20.72
CA ASN D 364 3.57 19.17 20.83
C ASN D 364 2.89 17.86 20.49
N ARG D 365 3.62 16.91 19.91
CA ARG D 365 3.09 15.59 19.58
C ARG D 365 3.95 14.57 20.30
N PRO D 366 3.59 14.21 21.54
CA PRO D 366 4.37 13.22 22.26
C PRO D 366 4.21 11.81 21.73
N ASN D 367 3.22 11.56 20.89
CA ASN D 367 3.00 10.23 20.36
C ASN D 367 3.75 9.95 19.08
N SER D 368 4.08 10.98 18.31
CA SER D 368 4.78 10.80 17.04
C SER D 368 6.25 10.44 17.22
N ILE D 369 6.76 10.51 18.44
CA ILE D 369 8.17 10.26 18.69
C ILE D 369 8.44 8.77 18.61
N ASP D 370 9.64 8.40 18.16
CA ASP D 370 10.14 7.04 18.35
C ASP D 370 10.21 6.74 19.85
N PRO D 371 9.52 5.69 20.31
CA PRO D 371 9.49 5.41 21.76
C PRO D 371 10.81 4.97 22.36
N ALA D 372 11.82 4.64 21.54
CA ALA D 372 13.12 4.26 22.06
C ALA D 372 13.79 5.40 22.81
N LEU D 373 13.47 6.65 22.43
CA LEU D 373 13.88 7.78 23.23
C LEU D 373 13.16 7.78 24.57
N ARG D 374 11.86 7.54 24.57
CA ARG D 374 11.05 7.57 25.77
C ARG D 374 11.28 6.37 26.68
N ARG D 375 12.15 5.45 26.30
CA ARG D 375 12.54 4.36 27.17
C ARG D 375 13.58 4.84 28.17
N PHE D 376 14.03 3.93 29.03
CA PHE D 376 14.85 4.29 30.17
C PHE D 376 16.27 4.61 29.75
N GLY D 377 16.90 5.53 30.48
CA GLY D 377 18.24 5.96 30.20
C GLY D 377 18.31 7.12 29.23
N ARG D 378 17.30 7.31 28.39
CA ARG D 378 17.33 8.36 27.38
C ARG D 378 16.33 9.46 27.70
N PHE D 379 15.05 9.13 27.86
CA PHE D 379 14.07 10.09 28.34
C PHE D 379 13.10 9.38 29.25
N ASP D 380 13.14 9.75 30.52
CA ASP D 380 12.30 9.19 31.57
C ASP D 380 11.32 10.19 32.13
N ARG D 381 11.64 11.47 32.07
CA ARG D 381 10.86 12.48 32.76
C ARG D 381 9.87 13.08 31.76
N GLU D 382 8.72 12.43 31.66
CA GLU D 382 7.60 12.96 30.90
C GLU D 382 6.99 14.10 31.68
N VAL D 383 7.09 15.32 31.17
CA VAL D 383 6.53 16.49 31.83
C VAL D 383 5.52 17.13 30.89
N ASP D 384 4.25 17.05 31.27
CA ASP D 384 3.18 17.67 30.51
C ASP D 384 2.95 19.10 30.95
N ILE D 385 2.64 19.97 30.00
CA ILE D 385 2.28 21.35 30.28
C ILE D 385 0.80 21.48 29.92
N GLY D 386 -0.06 21.45 30.92
CA GLY D 386 -1.48 21.47 30.69
C GLY D 386 -2.02 22.86 30.38
N ILE D 387 -3.29 22.89 30.02
CA ILE D 387 -4.00 24.16 29.83
C ILE D 387 -4.22 24.80 31.19
N PRO D 388 -3.86 26.07 31.36
CA PRO D 388 -3.97 26.68 32.69
C PRO D 388 -5.40 26.98 33.08
N ASP D 389 -5.59 27.07 34.39
CA ASP D 389 -6.87 27.47 34.97
C ASP D 389 -7.11 28.95 34.72
N PRO D 390 -8.33 29.46 34.97
CA PRO D 390 -8.53 30.92 34.95
C PRO D 390 -7.70 31.68 35.95
N THR D 391 -7.25 31.05 37.03
CA THR D 391 -6.30 31.71 37.92
C THR D 391 -4.96 31.91 37.24
N GLY D 392 -4.42 30.85 36.64
CA GLY D 392 -3.09 30.96 36.07
C GLY D 392 -3.06 31.75 34.79
N ARG D 393 -4.14 31.70 34.02
CA ARG D 393 -4.14 32.49 32.79
C ARG D 393 -4.38 33.96 33.09
N LEU D 394 -4.95 34.28 34.24
CA LEU D 394 -4.97 35.65 34.72
C LEU D 394 -3.57 36.19 34.88
N GLU D 395 -2.69 35.38 35.47
CA GLU D 395 -1.28 35.74 35.62
C GLU D 395 -0.62 35.94 34.27
N ILE D 396 -0.98 35.13 33.28
CA ILE D 396 -0.39 35.22 31.95
C ILE D 396 -0.79 36.52 31.28
N LEU D 397 -2.03 36.97 31.51
CA LEU D 397 -2.47 38.26 30.98
C LEU D 397 -1.69 39.40 31.60
N GLN D 398 -1.38 39.28 32.88
CA GLN D 398 -0.63 40.32 33.57
C GLN D 398 0.81 40.38 33.06
N ILE D 399 1.32 39.27 32.55
CA ILE D 399 2.66 39.26 31.98
C ILE D 399 2.69 40.06 30.68
N HIS D 400 1.68 39.90 29.85
CA HIS D 400 1.72 40.56 28.56
C HIS D 400 1.27 42.01 28.65
N THR D 401 0.37 42.32 29.57
CA THR D 401 -0.18 43.65 29.65
C THR D 401 0.66 44.61 30.47
N LYS D 402 1.60 44.11 31.29
CA LYS D 402 2.45 44.99 32.06
C LYS D 402 3.43 45.74 31.19
N ASN D 403 3.73 45.23 30.00
CA ASN D 403 4.44 45.99 29.02
C ASN D 403 3.50 46.90 28.25
N MET D 404 2.25 46.51 28.12
CA MET D 404 1.29 47.27 27.35
C MET D 404 0.88 48.53 28.09
N LYS D 405 0.28 49.45 27.35
CA LYS D 405 -0.28 50.68 27.90
C LYS D 405 -1.79 50.58 27.83
N LEU D 406 -2.43 50.51 28.99
CA LEU D 406 -3.85 50.22 29.05
C LEU D 406 -4.61 51.43 29.57
N ALA D 407 -5.94 51.30 29.54
CA ALA D 407 -6.80 52.22 30.23
C ALA D 407 -7.24 51.61 31.54
N ASP D 408 -7.86 52.43 32.39
CA ASP D 408 -8.18 52.02 33.75
C ASP D 408 -9.39 51.11 33.82
N ASP D 409 -10.17 51.03 32.74
CA ASP D 409 -11.34 50.16 32.71
C ASP D 409 -10.99 48.69 32.58
N VAL D 410 -9.72 48.38 32.30
CA VAL D 410 -9.31 47.02 31.94
C VAL D 410 -9.39 46.14 33.18
N ASP D 411 -10.25 45.14 33.12
CA ASP D 411 -10.36 44.12 34.16
C ASP D 411 -9.90 42.81 33.53
N LEU D 412 -8.65 42.45 33.80
CA LEU D 412 -8.14 41.17 33.33
C LEU D 412 -8.85 40.02 34.03
N GLU D 413 -9.28 40.22 35.27
CA GLU D 413 -9.98 39.19 36.01
C GLU D 413 -11.33 38.91 35.38
N GLN D 414 -11.98 39.95 34.85
CA GLN D 414 -13.17 39.72 34.06
C GLN D 414 -12.83 39.00 32.78
N ILE D 415 -11.69 39.32 32.18
CA ILE D 415 -11.27 38.63 30.97
C ILE D 415 -10.91 37.19 31.27
N ALA D 416 -10.12 36.97 32.32
CA ALA D 416 -9.64 35.63 32.64
C ALA D 416 -10.77 34.71 33.06
N ALA D 417 -11.84 35.28 33.63
CA ALA D 417 -13.04 34.49 33.86
C ALA D 417 -13.70 34.11 32.54
N GLU D 418 -13.70 35.03 31.58
CA GLU D 418 -14.39 34.82 30.32
C GLU D 418 -13.57 34.03 29.31
N THR D 419 -12.35 33.68 29.63
CA THR D 419 -11.48 32.89 28.77
C THR D 419 -11.26 31.56 29.45
N HIS D 420 -11.50 30.46 28.72
CA HIS D 420 -11.66 29.18 29.40
C HIS D 420 -10.73 28.11 28.85
N GLY D 421 -10.49 28.12 27.55
CA GLY D 421 -9.66 27.09 26.96
C GLY D 421 -8.53 27.66 26.15
N TYR D 422 -7.97 28.77 26.58
CA TYR D 422 -6.95 29.43 25.77
C TYR D 422 -5.58 29.04 26.27
N VAL D 423 -4.65 28.91 25.34
CA VAL D 423 -3.24 28.81 25.68
C VAL D 423 -2.72 30.23 25.79
N GLY D 424 -1.49 30.37 26.29
CA GLY D 424 -0.88 31.69 26.37
C GLY D 424 -0.66 32.34 25.03
N SER D 425 -0.47 31.54 23.98
CA SER D 425 -0.38 32.08 22.63
C SER D 425 -1.72 32.69 22.21
N ASP D 426 -2.82 32.06 22.60
CA ASP D 426 -4.12 32.65 22.35
C ASP D 426 -4.32 33.93 23.14
N LEU D 427 -3.79 33.95 24.36
CA LEU D 427 -3.92 35.14 25.19
C LEU D 427 -3.02 36.26 24.70
N ALA D 428 -1.83 35.91 24.23
CA ALA D 428 -0.94 36.92 23.67
C ALA D 428 -1.51 37.48 22.38
N ALA D 429 -2.15 36.63 21.58
CA ALA D 429 -2.88 37.13 20.42
C ALA D 429 -4.10 37.92 20.85
N LEU D 430 -4.71 37.56 21.98
CA LEU D 430 -5.83 38.31 22.52
C LEU D 430 -5.39 39.70 22.96
N CYS D 431 -4.21 39.79 23.58
CA CYS D 431 -3.67 41.08 23.94
C CYS D 431 -3.27 41.88 22.70
N SER D 432 -2.76 41.20 21.69
CA SER D 432 -2.36 41.90 20.48
C SER D 432 -3.56 42.33 19.66
N GLU D 433 -4.69 41.64 19.82
CA GLU D 433 -5.86 41.99 19.01
C GLU D 433 -6.53 43.25 19.51
N ALA D 434 -6.78 43.34 20.82
CA ALA D 434 -7.42 44.50 21.40
C ALA D 434 -6.56 45.75 21.30
N ALA D 435 -5.24 45.58 21.18
CA ALA D 435 -4.37 46.70 20.91
C ALA D 435 -4.65 47.28 19.52
N MET D 436 -4.91 46.41 18.54
CA MET D 436 -5.13 46.89 17.19
C MET D 436 -6.44 47.63 17.06
N GLN D 437 -7.50 47.12 17.71
CA GLN D 437 -8.77 47.80 17.70
C GLN D 437 -8.68 49.16 18.38
N GLN D 438 -7.84 49.26 19.41
CA GLN D 438 -7.55 50.56 20.00
C GLN D 438 -6.91 51.49 18.99
N ILE D 439 -6.04 50.95 18.13
CA ILE D 439 -5.46 51.76 17.07
C ILE D 439 -6.49 52.06 15.99
N ARG D 440 -7.41 51.12 15.74
CA ARG D 440 -8.47 51.32 14.75
C ARG D 440 -9.37 52.49 15.13
N GLU D 441 -9.59 52.67 16.43
CA GLU D 441 -10.31 53.83 16.94
C GLU D 441 -9.53 55.12 16.74
N LYS D 442 -8.21 55.04 16.59
CA LYS D 442 -7.39 56.22 16.43
C LYS D 442 -7.00 56.48 14.99
N MET D 443 -7.41 55.61 14.07
CA MET D 443 -7.07 55.75 12.66
C MET D 443 -7.65 56.99 12.02
N ASP D 444 -8.76 57.50 12.55
CA ASP D 444 -9.26 58.80 12.10
C ASP D 444 -8.29 59.92 12.45
N LEU D 445 -7.58 59.79 13.57
CA LEU D 445 -6.63 60.80 13.98
C LEU D 445 -5.24 60.54 13.44
N ILE D 446 -5.05 59.50 12.65
CA ILE D 446 -3.74 59.11 12.18
C ILE D 446 -3.77 59.06 10.66
N ASP D 447 -2.92 59.86 10.05
CA ASP D 447 -2.79 59.89 8.60
C ASP D 447 -1.57 59.09 8.20
N LEU D 448 -1.77 58.10 7.33
CA LEU D 448 -0.72 57.17 6.97
C LEU D 448 0.29 57.74 5.99
N ASP D 449 -0.09 58.78 5.24
CA ASP D 449 0.87 59.45 4.38
C ASP D 449 1.92 60.21 5.17
N GLU D 450 1.63 60.55 6.41
CA GLU D 450 2.62 61.12 7.30
C GLU D 450 3.73 60.11 7.58
N ASP D 451 4.93 60.63 7.73
CA ASP D 451 6.08 59.77 7.99
C ASP D 451 6.25 59.48 9.47
N THR D 452 5.64 60.29 10.32
CA THR D 452 5.69 60.11 11.76
C THR D 452 4.45 60.76 12.37
N ILE D 453 3.66 59.98 13.09
CA ILE D 453 2.51 60.54 13.77
C ILE D 453 2.97 61.25 15.04
N ASP D 454 2.17 62.20 15.50
CA ASP D 454 2.49 62.99 16.67
C ASP D 454 2.34 62.17 17.94
N ALA D 455 2.92 62.67 19.04
CA ALA D 455 2.97 61.92 20.28
C ALA D 455 1.69 62.05 21.11
N GLU D 456 0.81 62.99 20.76
CA GLU D 456 -0.39 63.21 21.56
C GLU D 456 -1.37 62.07 21.39
N VAL D 457 -1.49 61.53 20.18
CA VAL D 457 -2.30 60.34 19.99
C VAL D 457 -1.62 59.12 20.58
N LEU D 458 -0.28 59.17 20.73
CA LEU D 458 0.41 58.06 21.36
C LEU D 458 0.13 58.02 22.85
N ASP D 459 0.02 59.19 23.46
CA ASP D 459 -0.28 59.25 24.88
C ASP D 459 -1.72 58.88 25.15
N SER D 460 -2.62 59.24 24.24
CA SER D 460 -4.02 58.84 24.36
C SER D 460 -4.25 57.39 23.95
N LEU D 461 -3.24 56.74 23.40
CA LEU D 461 -3.38 55.36 22.94
C LEU D 461 -3.36 54.45 24.15
N GLY D 462 -4.52 54.29 24.77
CA GLY D 462 -4.65 53.39 25.91
C GLY D 462 -5.78 52.42 25.69
N VAL D 463 -5.49 51.12 25.78
CA VAL D 463 -6.44 50.11 25.34
C VAL D 463 -7.57 50.00 26.35
N THR D 464 -8.79 50.04 25.84
CA THR D 464 -9.98 49.98 26.66
C THR D 464 -10.36 48.54 26.97
N MET D 465 -11.22 48.39 27.97
CA MET D 465 -11.82 47.10 28.29
C MET D 465 -12.70 46.63 27.15
N ASP D 466 -13.35 47.56 26.46
CA ASP D 466 -14.26 47.18 25.38
C ASP D 466 -13.50 46.68 24.16
N ASN D 467 -12.23 47.09 24.02
CA ASN D 467 -11.39 46.50 22.99
C ASN D 467 -11.22 45.01 23.21
N PHE D 468 -11.07 44.60 24.47
CA PHE D 468 -11.03 43.18 24.78
C PHE D 468 -12.39 42.55 24.61
N ARG D 469 -13.45 43.32 24.88
CA ARG D 469 -14.80 42.84 24.58
C ARG D 469 -14.98 42.68 23.08
N TYR D 470 -14.38 43.58 22.30
CA TYR D 470 -14.25 43.33 20.88
C TYR D 470 -13.36 42.14 20.61
N ALA D 471 -12.22 42.07 21.32
CA ALA D 471 -11.26 41.02 21.03
C ALA D 471 -11.69 39.66 21.54
N LEU D 472 -12.74 39.57 22.33
CA LEU D 472 -13.22 38.27 22.74
C LEU D 472 -14.14 37.65 21.71
N GLY D 473 -14.70 38.45 20.80
CA GLY D 473 -15.66 37.91 19.87
C GLY D 473 -15.10 37.70 18.49
N VAL D 474 -13.84 38.10 18.32
CA VAL D 474 -13.14 38.01 17.03
C VAL D 474 -12.76 36.62 16.57
N SER D 475 -11.67 36.53 15.83
CA SER D 475 -11.18 35.27 15.27
C SER D 475 -10.12 34.56 16.13
N ASN D 476 -9.40 35.33 16.94
CA ASN D 476 -8.36 34.76 17.82
C ASN D 476 -9.01 33.69 18.68
N PRO D 477 -9.99 34.11 19.50
CA PRO D 477 -10.80 33.26 20.39
C PRO D 477 -11.15 31.84 19.93
N SER D 478 -11.05 31.52 18.64
CA SER D 478 -10.84 30.12 18.26
C SER D 478 -9.58 29.61 18.92
N ALA D 479 -9.73 28.68 19.85
CA ALA D 479 -8.62 28.15 20.59
C ALA D 479 -8.25 26.78 20.05
N LEU D 480 -7.39 26.10 20.80
CA LEU D 480 -7.04 24.70 20.55
C LEU D 480 -7.63 23.90 21.69
N ARG D 481 -8.86 23.46 21.52
CA ARG D 481 -9.56 22.72 22.55
C ARG D 481 -10.06 21.37 22.04
N GLU D 482 -9.65 20.98 20.84
CA GLU D 482 -10.19 19.81 20.18
C GLU D 482 -9.43 18.54 20.51
N VAL D 483 -8.86 18.45 21.71
CA VAL D 483 -8.06 17.31 22.11
C VAL D 483 -8.64 16.71 23.38
N ALA D 484 -8.01 15.65 23.88
CA ALA D 484 -8.38 15.06 25.17
C ALA D 484 -7.76 15.90 26.28
N VAL D 485 -8.58 16.70 26.93
CA VAL D 485 -8.10 17.70 27.86
C VAL D 485 -8.37 17.24 29.29
N VAL D 486 -7.57 17.74 30.22
CA VAL D 486 -7.85 17.65 31.65
C VAL D 486 -8.12 19.05 32.17
N GLU D 487 -9.20 19.21 32.93
CA GLU D 487 -9.60 20.53 33.40
C GLU D 487 -10.44 20.38 34.65
N VAL D 488 -10.15 21.17 35.67
CA VAL D 488 -10.95 21.18 36.88
C VAL D 488 -12.31 21.80 36.57
N PRO D 489 -13.39 21.25 37.10
CA PRO D 489 -14.71 21.78 36.77
C PRO D 489 -15.08 23.02 37.56
N ASN D 490 -16.32 23.47 37.41
CA ASN D 490 -16.80 24.66 38.09
C ASN D 490 -18.14 24.49 38.77
N VAL D 491 -18.95 23.52 38.36
CA VAL D 491 -20.26 23.33 38.94
C VAL D 491 -20.11 22.67 40.30
N ARG D 492 -21.07 22.88 41.19
CA ARG D 492 -21.02 22.34 42.53
C ARG D 492 -22.34 21.67 42.88
N TRP D 493 -22.44 21.24 44.14
CA TRP D 493 -23.61 20.49 44.58
C TRP D 493 -24.84 21.37 44.68
N GLU D 494 -24.64 22.65 44.94
CA GLU D 494 -25.75 23.57 45.07
C GLU D 494 -26.37 23.86 43.72
N ASP D 495 -25.59 23.74 42.66
CA ASP D 495 -26.05 24.02 41.31
C ASP D 495 -26.79 22.84 40.69
N ILE D 496 -26.82 21.71 41.38
CA ILE D 496 -27.59 20.56 40.95
C ILE D 496 -28.64 20.31 42.01
N GLY D 497 -29.91 20.59 41.67
CA GLY D 497 -30.97 20.46 42.63
C GLY D 497 -31.46 19.03 42.73
N GLY D 498 -31.80 18.63 43.95
CA GLY D 498 -32.34 17.31 44.19
C GLY D 498 -31.31 16.19 44.03
N LEU D 499 -31.84 14.96 44.07
CA LEU D 499 -31.09 13.71 43.90
C LEU D 499 -29.98 13.57 44.93
N GLU D 500 -30.26 13.99 46.16
CA GLU D 500 -29.28 13.96 47.24
C GLU D 500 -28.91 12.53 47.64
N GLN D 501 -29.76 11.55 47.32
CA GLN D 501 -29.44 10.15 47.59
C GLN D 501 -28.23 9.70 46.79
N VAL D 502 -28.28 9.91 45.47
CA VAL D 502 -27.16 9.54 44.64
C VAL D 502 -26.03 10.53 44.76
N LYS D 503 -26.29 11.73 45.30
CA LYS D 503 -25.20 12.61 45.72
C LYS D 503 -24.36 11.93 46.78
N GLN D 504 -25.02 11.45 47.84
CA GLN D 504 -24.34 10.75 48.92
C GLN D 504 -23.75 9.44 48.46
N GLU D 505 -24.35 8.82 47.45
CA GLU D 505 -23.78 7.60 46.90
C GLU D 505 -22.44 7.87 46.24
N LEU D 506 -22.32 9.01 45.56
CA LEU D 506 -21.01 9.41 45.06
C LEU D 506 -20.11 9.83 46.20
N LYS D 507 -20.69 10.41 47.24
CA LYS D 507 -19.92 10.71 48.44
C LYS D 507 -19.43 9.42 49.09
N GLU D 508 -20.22 8.36 49.02
CA GLU D 508 -19.74 7.05 49.41
C GLU D 508 -18.69 6.54 48.44
N GLN D 509 -19.06 6.37 47.17
CA GLN D 509 -18.31 5.48 46.31
C GLN D 509 -17.03 6.08 45.79
N VAL D 510 -17.01 7.37 45.48
CA VAL D 510 -15.82 7.95 44.86
C VAL D 510 -15.14 8.94 45.78
N GLN D 511 -15.81 9.47 46.79
CA GLN D 511 -15.16 10.47 47.63
C GLN D 511 -14.40 9.83 48.76
N TYR D 512 -14.92 8.72 49.28
CA TYR D 512 -14.19 7.98 50.30
C TYR D 512 -12.84 7.43 49.83
N PRO D 513 -12.66 6.89 48.61
CA PRO D 513 -11.30 6.49 48.23
C PRO D 513 -10.35 7.64 48.01
N VAL D 514 -10.82 8.73 47.39
CA VAL D 514 -9.93 9.83 47.10
C VAL D 514 -9.58 10.59 48.37
N ASP D 515 -10.39 10.48 49.42
CA ASP D 515 -10.07 11.13 50.67
C ASP D 515 -9.39 10.22 51.67
N HIS D 516 -9.78 8.95 51.73
CA HIS D 516 -9.25 8.05 52.75
C HIS D 516 -8.98 6.66 52.18
N PRO D 517 -7.77 6.44 51.65
CA PRO D 517 -7.35 5.07 51.35
C PRO D 517 -6.92 4.28 52.57
N GLU D 518 -6.86 4.93 53.72
CA GLU D 518 -6.32 4.32 54.93
C GLU D 518 -7.23 3.23 55.47
N LYS D 519 -8.53 3.37 55.25
CA LYS D 519 -9.45 2.36 55.74
C LYS D 519 -9.41 1.11 54.89
N PHE D 520 -8.97 1.21 53.65
CA PHE D 520 -8.95 0.07 52.75
C PHE D 520 -7.84 -0.89 53.15
N LEU D 521 -6.64 -0.36 53.32
CA LEU D 521 -5.53 -1.14 53.85
C LEU D 521 -5.76 -1.56 55.29
N LYS D 522 -6.59 -0.80 56.03
CA LYS D 522 -7.09 -1.33 57.30
C LYS D 522 -7.96 -2.54 57.09
N PHE D 523 -8.78 -2.53 56.03
CA PHE D 523 -9.75 -3.59 55.82
C PHE D 523 -9.34 -4.57 54.75
N GLY D 524 -8.21 -4.35 54.10
CA GLY D 524 -7.67 -5.30 53.14
C GLY D 524 -8.45 -5.42 51.86
N LEU D 525 -9.27 -4.44 51.52
CA LEU D 525 -10.20 -4.55 50.41
C LEU D 525 -10.01 -3.38 49.45
N SER D 526 -9.78 -3.68 48.20
CA SER D 526 -9.77 -2.66 47.16
C SER D 526 -11.20 -2.35 46.75
N PRO D 527 -11.52 -1.10 46.46
CA PRO D 527 -12.90 -0.72 46.18
C PRO D 527 -13.30 -1.08 44.76
N SER D 528 -14.54 -0.79 44.43
CA SER D 528 -15.01 -0.84 43.06
C SER D 528 -14.66 0.48 42.40
N ARG D 529 -13.88 0.42 41.33
CA ARG D 529 -13.47 1.63 40.65
C ARG D 529 -14.41 2.01 39.51
N GLY D 530 -15.43 1.21 39.23
CA GLY D 530 -16.25 1.44 38.05
C GLY D 530 -17.69 1.83 38.32
N VAL D 531 -18.01 3.07 38.01
CA VAL D 531 -19.33 3.64 38.26
C VAL D 531 -19.99 3.98 36.94
N LEU D 532 -21.20 3.48 36.74
CA LEU D 532 -21.98 3.77 35.55
C LEU D 532 -23.20 4.60 35.95
N PHE D 533 -23.35 5.75 35.32
CA PHE D 533 -24.57 6.52 35.45
C PHE D 533 -25.54 6.11 34.38
N TYR D 534 -26.82 6.06 34.74
CA TYR D 534 -27.83 5.80 33.74
C TYR D 534 -29.15 6.44 34.17
N GLY D 535 -30.08 6.47 33.24
CA GLY D 535 -31.38 7.02 33.48
C GLY D 535 -31.99 7.54 32.19
N PRO D 536 -33.07 8.29 32.29
CA PRO D 536 -33.63 8.94 31.12
C PRO D 536 -32.73 10.06 30.65
N PRO D 537 -32.85 10.46 29.39
CA PRO D 537 -32.04 11.57 28.88
C PRO D 537 -32.43 12.90 29.49
N GLY D 538 -31.51 13.85 29.40
CA GLY D 538 -31.77 15.20 29.87
C GLY D 538 -31.94 15.31 31.36
N THR D 539 -31.21 14.53 32.13
CA THR D 539 -31.33 14.53 33.58
C THR D 539 -30.07 15.03 34.27
N GLY D 540 -29.26 15.82 33.58
CA GLY D 540 -28.14 16.49 34.21
C GLY D 540 -27.00 15.56 34.55
N LYS D 541 -26.94 14.41 33.89
CA LYS D 541 -25.94 13.40 34.22
C LYS D 541 -24.54 13.85 33.84
N THR D 542 -24.44 14.79 32.90
CA THR D 542 -23.15 15.36 32.54
C THR D 542 -22.57 16.16 33.69
N MET D 543 -23.40 16.93 34.38
CA MET D 543 -22.89 17.81 35.41
C MET D 543 -22.54 17.09 36.70
N LEU D 544 -22.98 15.84 36.84
CA LEU D 544 -22.83 15.14 38.10
C LEU D 544 -21.38 14.83 38.39
N ALA D 545 -20.66 14.33 37.38
CA ALA D 545 -19.25 14.02 37.56
C ALA D 545 -18.42 15.27 37.70
N LYS D 546 -18.90 16.39 37.15
CA LYS D 546 -18.14 17.63 37.26
C LYS D 546 -18.21 18.17 38.68
N ALA D 547 -19.39 18.07 39.31
CA ALA D 547 -19.55 18.65 40.64
C ALA D 547 -18.83 17.84 41.69
N VAL D 548 -18.70 16.54 41.49
CA VAL D 548 -18.00 15.73 42.47
C VAL D 548 -16.49 15.85 42.32
N ALA D 549 -16.00 16.09 41.11
CA ALA D 549 -14.58 16.39 40.95
C ALA D 549 -14.26 17.77 41.47
N ASN D 550 -15.23 18.67 41.43
CA ASN D 550 -15.06 19.98 42.02
C ASN D 550 -15.12 19.92 43.53
N GLU D 551 -15.79 18.93 44.10
CA GLU D 551 -15.80 18.82 45.56
C GLU D 551 -14.45 18.36 46.09
N CYS D 552 -14.07 17.12 45.78
CA CYS D 552 -12.84 16.57 46.32
C CYS D 552 -11.61 16.99 45.54
N ALA D 553 -11.73 18.00 44.70
CA ALA D 553 -10.62 18.68 44.01
C ALA D 553 -9.83 17.75 43.12
N ALA D 554 -10.41 16.64 42.70
CA ALA D 554 -9.75 15.75 41.79
C ALA D 554 -9.77 16.36 40.40
N ASN D 555 -8.82 15.93 39.59
CA ASN D 555 -8.78 16.40 38.22
C ASN D 555 -9.88 15.73 37.42
N PHE D 556 -10.23 16.33 36.30
CA PHE D 556 -11.40 15.89 35.58
C PHE D 556 -11.09 15.82 34.10
N ILE D 557 -11.50 14.74 33.47
CA ILE D 557 -11.35 14.55 32.03
C ILE D 557 -12.72 14.20 31.49
N SER D 558 -13.27 15.10 30.67
CA SER D 558 -14.54 14.87 29.99
C SER D 558 -14.26 14.25 28.64
N VAL D 559 -14.83 13.08 28.40
CA VAL D 559 -14.74 12.42 27.10
C VAL D 559 -16.15 12.08 26.66
N LYS D 560 -16.56 12.58 25.51
CA LYS D 560 -17.85 12.20 24.96
C LYS D 560 -17.71 11.02 24.03
N GLY D 561 -18.85 10.52 23.58
CA GLY D 561 -18.95 9.39 22.67
C GLY D 561 -18.25 9.58 21.34
N PRO D 562 -18.73 10.52 20.51
CA PRO D 562 -18.10 10.72 19.20
C PRO D 562 -16.70 11.29 19.26
N GLU D 563 -16.27 11.81 20.41
CA GLU D 563 -14.89 12.22 20.59
C GLU D 563 -13.95 11.03 20.46
N LEU D 564 -14.40 9.85 20.86
CA LEU D 564 -13.65 8.63 20.58
C LEU D 564 -13.64 8.35 19.09
N LEU D 565 -14.80 8.51 18.45
CA LEU D 565 -14.94 8.09 17.06
C LEU D 565 -14.28 9.07 16.11
N SER D 566 -14.52 10.36 16.31
CA SER D 566 -13.95 11.38 15.45
C SER D 566 -12.44 11.46 15.58
N MET D 567 -11.90 11.13 16.75
CA MET D 567 -10.47 10.97 16.81
C MET D 567 -10.02 9.62 16.29
N TRP D 568 -10.94 8.70 16.01
CA TRP D 568 -10.54 7.46 15.38
C TRP D 568 -10.85 7.40 13.91
N PHE D 569 -11.49 8.43 13.36
CA PHE D 569 -11.42 8.60 11.92
C PHE D 569 -10.05 9.14 11.52
N GLY D 570 -9.41 9.88 12.44
CA GLY D 570 -8.01 10.24 12.37
C GLY D 570 -7.10 9.33 13.16
N GLU D 571 -7.67 8.32 13.82
CA GLU D 571 -6.98 7.25 14.55
C GLU D 571 -6.06 7.81 15.65
N SER D 572 -6.71 8.39 16.65
CA SER D 572 -6.03 8.81 17.89
C SER D 572 -6.48 7.86 19.00
N GLU D 573 -5.80 6.72 19.11
CA GLU D 573 -6.10 5.75 20.15
C GLU D 573 -4.99 5.59 21.17
N SER D 574 -3.77 6.00 20.84
CA SER D 574 -2.77 6.14 21.88
C SER D 574 -3.16 7.25 22.84
N ASN D 575 -3.82 8.28 22.31
CA ASN D 575 -4.40 9.31 23.14
C ASN D 575 -5.47 8.74 24.06
N ILE D 576 -6.20 7.73 23.58
CA ILE D 576 -7.18 7.05 24.43
C ILE D 576 -6.47 6.32 25.56
N ARG D 577 -5.34 5.70 25.26
CA ARG D 577 -4.47 5.21 26.33
C ARG D 577 -3.90 6.37 27.14
N ASP D 578 -3.56 7.46 26.46
CA ASP D 578 -2.99 8.62 27.16
C ASP D 578 -4.02 9.35 28.00
N ILE D 579 -5.31 9.16 27.71
CA ILE D 579 -6.35 9.59 28.64
C ILE D 579 -6.13 8.97 30.00
N PHE D 580 -5.91 7.65 30.01
CA PHE D 580 -5.65 6.97 31.26
C PHE D 580 -4.27 7.31 31.79
N ASP D 581 -3.33 7.59 30.89
CA ASP D 581 -1.97 7.89 31.34
C ASP D 581 -1.88 9.29 31.91
N LYS D 582 -2.55 10.25 31.28
CA LYS D 582 -2.54 11.61 31.81
C LYS D 582 -3.35 11.68 33.10
N ALA D 583 -4.43 10.92 33.19
CA ALA D 583 -5.14 10.82 34.45
C ALA D 583 -4.30 10.11 35.49
N ARG D 584 -3.48 9.15 35.06
CA ARG D 584 -2.47 8.61 35.95
C ARG D 584 -1.41 9.65 36.24
N ALA D 585 -1.07 10.48 35.26
CA ALA D 585 -0.16 11.58 35.52
C ALA D 585 -0.81 12.64 36.39
N ALA D 586 -2.11 12.86 36.23
CA ALA D 586 -2.83 13.84 37.04
C ALA D 586 -3.68 13.17 38.11
N ALA D 587 -3.20 12.06 38.66
CA ALA D 587 -3.88 11.47 39.80
C ALA D 587 -3.76 12.38 41.01
N PRO D 588 -4.85 12.62 41.76
CA PRO D 588 -6.21 12.10 41.63
C PRO D 588 -6.99 12.70 40.48
N CYS D 589 -7.59 11.83 39.68
CA CYS D 589 -8.36 12.28 38.53
C CYS D 589 -9.51 11.33 38.33
N VAL D 590 -10.62 11.87 37.81
CA VAL D 590 -11.74 11.07 37.38
C VAL D 590 -11.87 11.19 35.88
N VAL D 591 -12.14 10.07 35.23
CA VAL D 591 -12.30 10.03 33.78
C VAL D 591 -13.78 9.84 33.49
N PHE D 592 -14.36 10.79 32.79
CA PHE D 592 -15.79 10.80 32.55
C PHE D 592 -16.08 10.47 31.10
N LEU D 593 -16.91 9.46 30.90
CA LEU D 593 -17.23 8.96 29.57
C LEU D 593 -18.66 9.35 29.25
N ASP D 594 -18.83 10.52 28.65
CA ASP D 594 -20.16 10.97 28.27
C ASP D 594 -20.62 10.24 27.02
N GLU D 595 -21.94 10.05 26.93
CA GLU D 595 -22.63 9.58 25.73
C GLU D 595 -22.17 8.19 25.33
N LEU D 596 -22.36 7.23 26.23
CA LEU D 596 -21.96 5.87 25.96
C LEU D 596 -22.86 5.20 24.94
N ASP D 597 -24.06 5.72 24.73
CA ASP D 597 -24.92 5.25 23.66
C ASP D 597 -24.30 5.51 22.28
N SER D 598 -23.50 6.58 22.17
CA SER D 598 -22.83 6.88 20.90
C SER D 598 -21.82 5.82 20.53
N ILE D 599 -21.22 5.16 21.53
CA ILE D 599 -20.36 4.03 21.28
C ILE D 599 -21.17 2.86 20.74
N ALA D 600 -22.36 2.64 21.30
CA ALA D 600 -23.31 1.73 20.68
C ALA D 600 -23.81 2.25 19.34
N LYS D 601 -23.95 3.57 19.20
CA LYS D 601 -24.46 4.12 17.94
C LYS D 601 -23.35 4.22 16.88
N ALA D 602 -22.10 3.88 17.24
CA ALA D 602 -21.07 3.66 16.22
C ALA D 602 -21.45 2.50 15.31
N ARG D 603 -22.07 1.47 15.87
CA ARG D 603 -22.79 0.46 15.10
C ARG D 603 -24.29 0.61 15.25
N GLY D 604 -24.79 1.85 15.29
CA GLY D 604 -26.22 2.12 15.30
C GLY D 604 -26.90 2.00 16.64
N GLY D 605 -26.53 0.99 17.42
CA GLY D 605 -27.12 0.70 18.72
C GLY D 605 -26.72 -0.68 19.16
N SER D 606 -27.56 -1.30 19.98
CA SER D 606 -27.46 -2.75 20.16
C SER D 606 -28.32 -3.47 19.14
N ILE D 607 -29.43 -2.85 18.73
CA ILE D 607 -30.09 -3.27 17.50
C ILE D 607 -29.26 -2.85 16.30
N GLY D 608 -29.20 -1.54 16.07
CA GLY D 608 -28.24 -0.90 15.17
C GLY D 608 -28.25 -1.40 13.74
N ASP D 609 -27.04 -1.55 13.19
CA ASP D 609 -26.82 -2.18 11.89
C ASP D 609 -26.51 -3.66 12.02
N ALA D 610 -27.16 -4.32 13.00
CA ALA D 610 -27.00 -5.66 13.57
C ALA D 610 -25.76 -5.76 14.45
N GLY D 611 -24.89 -4.74 14.40
CA GLY D 611 -23.75 -4.69 15.29
C GLY D 611 -24.16 -4.03 16.60
N GLY D 612 -23.74 -4.64 17.70
CA GLY D 612 -24.11 -4.13 19.01
C GLY D 612 -23.25 -2.97 19.46
N ALA D 613 -23.11 -2.81 20.78
CA ALA D 613 -22.23 -1.78 21.31
C ALA D 613 -20.77 -2.09 21.02
N SER D 614 -20.41 -3.38 20.95
CA SER D 614 -19.03 -3.81 20.79
C SER D 614 -18.50 -3.47 19.40
N ASP D 615 -17.41 -2.73 19.37
CA ASP D 615 -16.64 -2.47 18.17
C ASP D 615 -15.19 -2.30 18.61
N ARG D 616 -14.40 -1.63 17.77
CA ARG D 616 -13.00 -1.41 18.09
C ARG D 616 -12.83 -0.46 19.28
N VAL D 617 -13.85 0.34 19.57
CA VAL D 617 -13.78 1.26 20.69
C VAL D 617 -13.87 0.51 22.00
N VAL D 618 -14.83 -0.41 22.10
CA VAL D 618 -15.06 -1.15 23.33
C VAL D 618 -13.87 -2.04 23.64
N ASN D 619 -13.41 -2.79 22.64
CA ASN D 619 -12.26 -3.66 22.74
C ASN D 619 -10.99 -2.92 23.12
N GLN D 620 -10.88 -1.66 22.75
CA GLN D 620 -9.79 -0.83 23.26
C GLN D 620 -10.04 -0.44 24.69
N LEU D 621 -11.28 -0.07 25.03
CA LEU D 621 -11.56 0.45 26.35
C LEU D 621 -11.51 -0.63 27.40
N LEU D 622 -11.99 -1.83 27.06
CA LEU D 622 -11.95 -2.95 28.00
C LEU D 622 -10.53 -3.34 28.34
N THR D 623 -9.60 -3.17 27.41
CA THR D 623 -8.20 -3.37 27.72
C THR D 623 -7.70 -2.27 28.65
N GLU D 624 -7.98 -1.03 28.30
CA GLU D 624 -7.46 0.09 29.05
C GLU D 624 -8.14 0.25 30.40
N MET D 625 -9.40 -0.18 30.51
CA MET D 625 -10.04 -0.15 31.82
C MET D 625 -9.48 -1.25 32.72
N ASP D 626 -9.22 -2.41 32.14
CA ASP D 626 -8.57 -3.47 32.89
C ASP D 626 -7.09 -3.25 33.06
N GLY D 627 -6.49 -2.36 32.29
CA GLY D 627 -5.07 -2.09 32.40
C GLY D 627 -4.77 -1.03 33.43
N MET D 628 -5.69 -0.84 34.37
CA MET D 628 -5.54 0.15 35.43
C MET D 628 -5.23 -0.56 36.72
N THR D 629 -4.23 -0.05 37.44
CA THR D 629 -3.90 -0.60 38.74
C THR D 629 -4.98 -0.22 39.74
N SER D 630 -5.45 -1.22 40.50
CA SER D 630 -6.47 -0.98 41.52
C SER D 630 -5.95 -0.11 42.66
N LYS D 631 -4.63 -0.05 42.84
CA LYS D 631 -4.07 0.85 43.85
C LYS D 631 -4.26 2.31 43.44
N LYS D 632 -4.31 2.59 42.15
CA LYS D 632 -4.45 3.96 41.68
C LYS D 632 -5.82 4.53 42.02
N ASN D 633 -5.83 5.78 42.44
CA ASN D 633 -7.06 6.51 42.72
C ASN D 633 -7.68 7.10 41.48
N VAL D 634 -7.09 6.82 40.32
CA VAL D 634 -7.64 7.24 39.04
C VAL D 634 -8.98 6.55 38.85
N PHE D 635 -10.01 7.33 38.55
CA PHE D 635 -11.35 6.79 38.59
C PHE D 635 -12.00 6.96 37.22
N VAL D 636 -12.88 6.03 36.90
CA VAL D 636 -13.58 6.00 35.62
C VAL D 636 -15.07 6.13 35.88
N ILE D 637 -15.70 7.12 35.26
CA ILE D 637 -17.12 7.38 35.43
C ILE D 637 -17.80 7.26 34.08
N GLY D 638 -18.75 6.34 33.99
CA GLY D 638 -19.51 6.14 32.78
C GLY D 638 -20.91 6.69 32.93
N ALA D 639 -21.45 7.22 31.84
CA ALA D 639 -22.79 7.79 31.85
C ALA D 639 -23.45 7.59 30.50
N THR D 640 -24.64 7.01 30.51
CA THR D 640 -25.44 6.91 29.31
C THR D 640 -26.89 7.17 29.70
N ASN D 641 -27.72 7.27 28.68
CA ASN D 641 -29.15 7.30 28.86
C ASN D 641 -29.83 6.08 28.27
N ARG D 642 -29.09 5.22 27.58
CA ARG D 642 -29.62 4.00 27.00
C ARG D 642 -28.84 2.81 27.54
N PRO D 643 -29.07 2.46 28.82
CA PRO D 643 -28.19 1.47 29.47
C PRO D 643 -28.48 0.04 29.07
N GLU D 644 -29.68 -0.25 28.59
CA GLU D 644 -29.98 -1.57 28.06
C GLU D 644 -29.14 -1.85 26.82
N GLN D 645 -28.84 -0.81 26.08
CA GLN D 645 -28.20 -0.87 24.78
C GLN D 645 -26.69 -0.89 24.87
N LEU D 646 -26.16 -1.25 26.04
CA LEU D 646 -24.74 -1.43 26.25
C LEU D 646 -24.48 -2.87 26.65
N ASP D 647 -23.35 -3.42 26.20
CA ASP D 647 -23.00 -4.79 26.50
C ASP D 647 -22.67 -4.97 27.99
N PRO D 648 -22.96 -6.14 28.55
CA PRO D 648 -22.55 -6.41 29.93
C PRO D 648 -21.07 -6.69 30.08
N ALA D 649 -20.34 -6.85 28.97
CA ALA D 649 -18.89 -7.00 29.04
C ALA D 649 -18.24 -5.73 29.57
N LEU D 650 -18.81 -4.57 29.25
CA LEU D 650 -18.37 -3.34 29.86
C LEU D 650 -18.96 -3.18 31.25
N CYS D 651 -20.12 -3.75 31.49
CA CYS D 651 -20.75 -3.76 32.81
C CYS D 651 -20.20 -4.85 33.71
N ARG D 652 -19.11 -5.50 33.30
CA ARG D 652 -18.53 -6.58 34.06
C ARG D 652 -17.94 -6.03 35.36
N PRO D 653 -18.05 -6.77 36.46
CA PRO D 653 -17.38 -6.35 37.70
C PRO D 653 -15.86 -6.31 37.53
N GLY D 654 -15.25 -5.31 38.17
CA GLY D 654 -13.91 -4.93 37.90
C GLY D 654 -13.80 -3.81 36.89
N ARG D 655 -14.73 -3.76 35.93
CA ARG D 655 -14.76 -2.70 34.93
C ARG D 655 -15.73 -1.59 35.28
N LEU D 656 -17.02 -1.90 35.29
CA LEU D 656 -18.07 -0.95 35.66
C LEU D 656 -19.15 -1.75 36.36
N ASP D 657 -19.09 -1.79 37.68
CA ASP D 657 -20.03 -2.56 38.45
C ASP D 657 -21.00 -1.71 39.25
N GLN D 658 -20.67 -0.46 39.54
CA GLN D 658 -21.61 0.43 40.18
C GLN D 658 -22.51 1.05 39.12
N LEU D 659 -23.81 0.88 39.28
CA LEU D 659 -24.79 1.37 38.32
C LEU D 659 -25.76 2.26 39.06
N ILE D 660 -25.85 3.51 38.62
CA ILE D 660 -26.59 4.53 39.35
C ILE D 660 -27.70 5.05 38.46
N TYR D 661 -28.94 4.78 38.86
CA TYR D 661 -30.08 5.32 38.16
C TYR D 661 -30.27 6.78 38.52
N VAL D 662 -30.56 7.58 37.50
CA VAL D 662 -30.82 9.00 37.71
C VAL D 662 -32.28 9.25 37.40
N PRO D 663 -33.16 9.27 38.38
CA PRO D 663 -34.58 9.51 38.11
C PRO D 663 -34.86 10.97 37.80
N LEU D 664 -36.10 11.22 37.40
CA LEU D 664 -36.59 12.59 37.37
C LEU D 664 -36.76 13.10 38.79
N PRO D 665 -36.57 14.39 39.01
CA PRO D 665 -36.86 14.95 40.33
C PRO D 665 -38.35 15.00 40.58
N ASP D 666 -38.71 15.13 41.84
CA ASP D 666 -40.08 15.42 42.20
C ASP D 666 -40.30 16.93 42.07
N GLU D 667 -41.46 17.38 42.52
CA GLU D 667 -41.74 18.81 42.56
C GLU D 667 -40.83 19.53 43.54
N ALA D 668 -40.38 18.86 44.59
CA ALA D 668 -39.38 19.45 45.47
C ALA D 668 -38.02 19.50 44.80
N GLY D 669 -37.70 18.47 44.02
CA GLY D 669 -36.49 18.52 43.22
C GLY D 669 -36.60 19.56 42.12
N ARG D 670 -37.77 19.60 41.46
CA ARG D 670 -38.02 20.63 40.45
C ARG D 670 -38.04 22.02 41.07
N LEU D 671 -38.44 22.12 42.33
CA LEU D 671 -38.28 23.39 43.05
C LEU D 671 -36.82 23.73 43.24
N SER D 672 -36.02 22.74 43.67
CA SER D 672 -34.62 22.97 43.95
C SER D 672 -33.83 23.28 42.70
N ILE D 673 -34.25 22.71 41.57
CA ILE D 673 -33.60 23.02 40.30
C ILE D 673 -33.88 24.45 39.88
N LEU D 674 -35.15 24.83 39.91
CA LEU D 674 -35.55 26.18 39.54
C LEU D 674 -35.01 27.21 40.50
N LYS D 675 -34.77 26.84 41.75
CA LYS D 675 -33.97 27.70 42.61
C LYS D 675 -32.54 27.76 42.12
N ALA D 676 -31.97 26.60 41.79
CA ALA D 676 -30.57 26.56 41.40
C ALA D 676 -30.34 27.11 40.00
N GLN D 677 -31.30 26.93 39.08
CA GLN D 677 -31.09 27.45 37.74
C GLN D 677 -31.22 28.96 37.69
N LEU D 678 -32.04 29.53 38.55
CA LEU D 678 -32.31 30.96 38.50
C LEU D 678 -31.46 31.75 39.47
N ARG D 679 -30.32 31.19 39.87
CA ARG D 679 -29.42 31.88 40.79
C ARG D 679 -28.78 33.10 40.16
N LYS D 680 -28.66 33.13 38.83
CA LYS D 680 -28.00 34.23 38.15
C LYS D 680 -28.96 35.01 37.28
N THR D 681 -30.24 34.84 37.49
CA THR D 681 -31.20 35.52 36.64
C THR D 681 -31.98 36.54 37.45
N PRO D 682 -32.17 37.74 36.92
CA PRO D 682 -32.99 38.74 37.63
C PRO D 682 -34.47 38.41 37.52
N VAL D 683 -34.93 37.51 38.39
CA VAL D 683 -36.30 37.03 38.30
C VAL D 683 -37.23 38.03 38.97
N SER D 684 -38.52 37.95 38.64
CA SER D 684 -39.51 38.75 39.33
C SER D 684 -39.71 38.28 40.76
N LYS D 685 -40.41 39.10 41.52
CA LYS D 685 -40.67 38.80 42.92
C LYS D 685 -41.95 38.03 43.14
N ASP D 686 -42.90 38.10 42.21
CA ASP D 686 -44.16 37.38 42.36
C ASP D 686 -44.06 35.92 41.96
N VAL D 687 -42.85 35.43 41.70
CA VAL D 687 -42.67 34.13 41.08
C VAL D 687 -42.88 33.05 42.13
N ASP D 688 -43.97 32.30 42.00
CA ASP D 688 -44.20 31.13 42.84
C ASP D 688 -43.64 29.95 42.06
N LEU D 689 -42.39 29.62 42.37
CA LEU D 689 -41.76 28.45 41.77
C LEU D 689 -42.43 27.16 42.22
N ALA D 690 -43.02 27.15 43.41
CA ALA D 690 -43.75 25.98 43.88
C ALA D 690 -45.02 25.78 43.08
N TYR D 691 -45.71 26.88 42.74
CA TYR D 691 -46.85 26.79 41.83
C TYR D 691 -46.41 26.35 40.45
N ILE D 692 -45.21 26.77 40.05
CA ILE D 692 -44.58 26.19 38.86
C ILE D 692 -44.28 24.71 39.13
N ALA D 693 -43.66 24.42 40.28
CA ALA D 693 -43.33 23.05 40.63
C ALA D 693 -44.57 22.18 40.83
N SER D 694 -45.70 22.79 41.20
CA SER D 694 -46.96 22.05 41.21
C SER D 694 -47.36 21.66 39.81
N LYS D 695 -47.29 22.60 38.88
CA LYS D 695 -47.76 22.33 37.52
C LYS D 695 -46.75 21.52 36.73
N THR D 696 -45.46 21.72 36.96
CA THR D 696 -44.44 20.91 36.31
C THR D 696 -44.35 19.58 37.05
N HIS D 697 -44.84 18.52 36.41
CA HIS D 697 -44.74 17.19 37.01
C HIS D 697 -43.88 16.24 36.18
N GLY D 698 -44.23 16.00 34.92
CA GLY D 698 -43.45 15.09 34.10
C GLY D 698 -42.26 15.74 33.43
N PHE D 699 -41.96 16.98 33.79
CA PHE D 699 -40.99 17.77 33.07
C PHE D 699 -39.61 17.55 33.66
N SER D 700 -38.63 17.29 32.80
CA SER D 700 -37.28 17.03 33.26
C SER D 700 -36.61 18.32 33.72
N GLY D 701 -35.41 18.16 34.31
CA GLY D 701 -34.61 19.32 34.65
C GLY D 701 -34.13 20.07 33.42
N ALA D 702 -33.94 19.36 32.32
CA ALA D 702 -33.69 20.01 31.05
C ALA D 702 -34.91 20.78 30.57
N ASP D 703 -36.11 20.24 30.85
CA ASP D 703 -37.34 20.92 30.43
C ASP D 703 -37.51 22.22 31.18
N LEU D 704 -37.12 22.24 32.46
CA LEU D 704 -37.29 23.45 33.27
C LEU D 704 -36.36 24.55 32.78
N ALA D 705 -35.12 24.21 32.45
CA ALA D 705 -34.22 25.17 31.85
C ALA D 705 -34.69 25.58 30.47
N PHE D 706 -35.34 24.65 29.75
CA PHE D 706 -35.89 24.97 28.44
C PHE D 706 -37.05 25.96 28.55
N ILE D 707 -37.82 25.87 29.64
CA ILE D 707 -38.90 26.83 29.86
C ILE D 707 -38.34 28.21 30.13
N THR D 708 -37.26 28.28 30.90
CA THR D 708 -36.63 29.57 31.19
C THR D 708 -36.02 30.17 29.94
N GLN D 709 -35.45 29.33 29.06
CA GLN D 709 -34.96 29.82 27.78
C GLN D 709 -36.09 30.35 26.93
N ARG D 710 -37.26 29.72 27.01
CA ARG D 710 -38.43 30.27 26.38
C ARG D 710 -38.87 31.56 27.06
N ALA D 711 -38.89 31.56 28.39
CA ALA D 711 -39.41 32.69 29.14
C ALA D 711 -38.53 33.91 29.02
N VAL D 712 -37.20 33.71 29.01
CA VAL D 712 -36.29 34.81 28.76
C VAL D 712 -36.46 35.32 27.34
N LYS D 713 -36.63 34.41 26.39
CA LYS D 713 -36.98 34.81 25.04
C LYS D 713 -38.33 35.52 25.00
N LEU D 714 -39.28 35.07 25.82
CA LEU D 714 -40.52 35.81 26.00
C LEU D 714 -40.28 37.14 26.69
N ALA D 715 -39.30 37.19 27.58
CA ALA D 715 -38.95 38.46 28.21
C ALA D 715 -38.26 39.39 27.21
N ILE D 716 -37.43 38.83 26.34
CA ILE D 716 -36.81 39.66 25.30
C ILE D 716 -37.81 40.01 24.23
N LYS D 717 -38.86 39.18 24.07
CA LYS D 717 -40.01 39.58 23.27
C LYS D 717 -40.87 40.60 24.02
N GLU D 718 -40.49 40.93 25.25
CA GLU D 718 -40.99 42.14 25.86
C GLU D 718 -39.89 43.19 25.96
N SER D 719 -38.62 42.76 26.07
CA SER D 719 -37.56 43.71 26.41
C SER D 719 -37.18 44.55 25.20
N ILE D 720 -36.63 43.92 24.17
CA ILE D 720 -36.26 44.70 23.00
C ILE D 720 -37.45 44.98 22.13
N ALA D 721 -38.57 44.31 22.38
CA ALA D 721 -39.82 44.77 21.80
C ALA D 721 -40.18 46.15 22.34
N ALA D 722 -40.04 46.34 23.65
CA ALA D 722 -40.20 47.68 24.22
C ALA D 722 -39.11 48.64 23.76
N GLU D 723 -37.94 48.12 23.42
CA GLU D 723 -36.93 48.98 22.81
C GLU D 723 -37.33 49.39 21.41
N ILE D 724 -37.92 48.47 20.66
CA ILE D 724 -38.36 48.76 19.29
C ILE D 724 -39.59 49.66 19.32
N GLU D 725 -40.23 49.75 20.48
CA GLU D 725 -41.42 50.57 20.64
C GLU D 725 -41.06 51.98 21.10
N PRO D 745 -36.03 48.93 31.92
CA PRO D 745 -35.04 47.87 31.75
C PRO D 745 -35.68 46.49 31.78
N VAL D 746 -36.90 46.41 32.30
CA VAL D 746 -37.68 45.17 32.42
C VAL D 746 -36.87 43.93 32.83
N PRO D 747 -35.91 44.12 33.74
CA PRO D 747 -35.04 43.03 34.23
C PRO D 747 -35.76 42.14 35.23
N GLU D 748 -36.94 41.65 34.87
CA GLU D 748 -37.70 40.77 35.73
C GLU D 748 -38.44 39.74 34.90
N LEU D 749 -38.54 38.53 35.42
CA LEU D 749 -39.11 37.42 34.66
C LEU D 749 -40.51 37.15 35.18
N THR D 750 -41.52 37.74 34.54
CA THR D 750 -42.83 37.84 35.12
C THR D 750 -43.56 36.50 35.09
N LYS D 751 -44.65 36.44 35.84
CA LYS D 751 -45.58 35.34 35.71
C LYS D 751 -46.22 35.34 34.33
N ARG D 752 -46.42 36.53 33.76
CA ARG D 752 -46.89 36.64 32.38
C ARG D 752 -45.86 36.12 31.40
N HIS D 753 -44.56 36.30 31.70
CA HIS D 753 -43.53 35.63 30.93
C HIS D 753 -43.59 34.13 31.17
N PHE D 754 -44.03 33.73 32.35
CA PHE D 754 -44.02 32.31 32.68
C PHE D 754 -45.28 31.62 32.21
N GLU D 755 -46.46 32.19 32.51
CA GLU D 755 -47.72 31.51 32.20
C GLU D 755 -47.96 31.38 30.71
N GLU D 756 -47.29 32.20 29.90
CA GLU D 756 -47.21 31.90 28.48
C GLU D 756 -46.37 30.65 28.24
N ALA D 757 -45.16 30.60 28.81
CA ALA D 757 -44.32 29.43 28.65
C ALA D 757 -44.87 28.24 29.43
N MET D 758 -45.59 28.49 30.54
CA MET D 758 -46.26 27.41 31.24
C MET D 758 -47.39 26.82 30.43
N ARG D 759 -48.12 27.66 29.70
CA ARG D 759 -49.10 27.13 28.76
C ARG D 759 -48.40 26.46 27.59
N ASP D 760 -47.25 26.99 27.19
CA ASP D 760 -46.48 26.42 26.10
C ASP D 760 -45.58 25.29 26.57
N ALA D 761 -45.67 24.90 27.83
CA ALA D 761 -44.79 23.87 28.36
C ALA D 761 -45.14 22.51 27.77
N ARG D 762 -44.12 21.71 27.52
CA ARG D 762 -44.30 20.43 26.86
C ARG D 762 -43.32 19.42 27.43
N ARG D 763 -43.82 18.24 27.74
CA ARG D 763 -43.00 17.18 28.33
C ARG D 763 -42.16 16.51 27.26
N SER D 764 -40.92 16.21 27.61
CA SER D 764 -39.98 15.60 26.68
C SER D 764 -39.78 14.12 26.89
N VAL D 765 -40.27 13.57 28.00
CA VAL D 765 -40.03 12.17 28.34
C VAL D 765 -41.37 11.48 28.49
N SER D 766 -41.58 10.41 27.74
CA SER D 766 -42.77 9.60 27.93
C SER D 766 -42.66 8.78 29.20
N ASP D 767 -43.79 8.60 29.87
CA ASP D 767 -43.80 7.80 31.09
C ASP D 767 -43.64 6.31 30.79
N VAL D 768 -44.03 5.88 29.59
CA VAL D 768 -43.81 4.48 29.21
C VAL D 768 -42.34 4.22 28.98
N GLU D 769 -41.58 5.25 28.60
CA GLU D 769 -40.14 5.15 28.60
C GLU D 769 -39.62 5.04 30.02
N ILE D 770 -40.25 5.75 30.95
CA ILE D 770 -39.85 5.70 32.35
C ILE D 770 -40.14 4.33 32.94
N ARG D 771 -41.25 3.71 32.53
CA ARG D 771 -41.61 2.38 32.99
C ARG D 771 -40.60 1.33 32.52
N ARG D 772 -39.91 1.59 31.41
CA ARG D 772 -38.74 0.80 31.09
C ARG D 772 -37.68 1.01 32.16
N TYR D 773 -37.24 2.27 32.32
CA TYR D 773 -36.16 2.59 33.24
C TYR D 773 -36.49 2.26 34.68
N GLU D 774 -37.76 2.37 35.07
CA GLU D 774 -38.13 1.98 36.43
C GLU D 774 -38.06 0.47 36.60
N ALA D 775 -38.32 -0.28 35.53
CA ALA D 775 -38.07 -1.71 35.59
C ALA D 775 -36.58 -2.00 35.62
N PHE D 776 -35.78 -1.20 34.94
CA PHE D 776 -34.33 -1.29 35.13
C PHE D 776 -33.94 -0.81 36.52
N ALA D 777 -34.59 0.27 37.00
CA ALA D 777 -34.38 0.71 38.37
C ALA D 777 -34.90 -0.31 39.36
N GLN D 778 -35.95 -1.06 39.01
CA GLN D 778 -36.29 -2.22 39.82
C GLN D 778 -35.24 -3.30 39.66
N GLN D 779 -34.90 -3.65 38.44
CA GLN D 779 -33.91 -4.69 38.22
C GLN D 779 -33.27 -4.51 36.86
N MET D 780 -32.00 -4.12 36.83
CA MET D 780 -31.21 -4.31 35.64
C MET D 780 -30.19 -5.42 35.84
N LYS D 781 -29.98 -5.90 37.08
CA LYS D 781 -28.94 -6.90 37.34
C LYS D 781 -29.22 -8.25 36.67
N ASN D 782 -30.44 -8.49 36.22
CA ASN D 782 -30.73 -9.61 35.33
C ASN D 782 -30.05 -9.46 33.98
N ALA D 783 -29.78 -8.21 33.55
CA ALA D 783 -29.08 -7.86 32.30
C ALA D 783 -29.74 -8.42 31.04
N ASN E 215 30.37 0.88 37.08
CA ASN E 215 30.02 0.94 35.67
C ASN E 215 30.48 -0.33 35.00
N GLU E 216 31.15 -1.18 35.76
CA GLU E 216 31.65 -2.44 35.25
C GLU E 216 30.94 -3.53 36.02
N VAL E 217 30.29 -4.44 35.30
CA VAL E 217 29.19 -5.23 35.86
C VAL E 217 29.65 -6.64 36.13
N GLY E 218 29.45 -7.09 37.38
CA GLY E 218 29.66 -8.47 37.74
C GLY E 218 28.35 -9.24 37.80
N TYR E 219 28.45 -10.50 38.26
CA TYR E 219 27.25 -11.30 38.43
C TYR E 219 26.38 -10.78 39.56
N ASP E 220 26.99 -10.19 40.57
CA ASP E 220 26.23 -9.73 41.73
C ASP E 220 25.41 -8.50 41.40
N ASP E 221 25.79 -7.77 40.35
CA ASP E 221 25.12 -6.53 40.02
C ASP E 221 23.77 -6.79 39.36
N ILE E 222 23.58 -7.97 38.80
CA ILE E 222 22.30 -8.41 38.28
C ILE E 222 21.72 -9.39 39.28
N GLY E 223 20.40 -9.44 39.37
CA GLY E 223 19.79 -10.41 40.26
C GLY E 223 18.40 -10.77 39.78
N GLY E 224 17.93 -11.89 40.29
CA GLY E 224 16.57 -12.33 40.09
C GLY E 224 16.38 -13.35 38.98
N CYS E 225 16.97 -13.12 37.81
CA CYS E 225 16.76 -13.98 36.67
C CYS E 225 17.88 -15.02 36.68
N ARG E 226 17.79 -15.93 37.64
CA ARG E 226 18.86 -16.89 37.86
C ARG E 226 18.83 -18.00 36.83
N LYS E 227 17.63 -18.44 36.47
CA LYS E 227 17.45 -19.50 35.50
C LYS E 227 17.95 -19.06 34.13
N GLN E 228 17.75 -17.81 33.79
CA GLN E 228 18.22 -17.27 32.53
C GLN E 228 19.74 -17.17 32.51
N LEU E 229 20.32 -16.72 33.64
CA LEU E 229 21.77 -16.68 33.72
C LEU E 229 22.37 -18.07 33.78
N ALA E 230 21.61 -19.04 34.27
CA ALA E 230 22.04 -20.42 34.21
C ALA E 230 22.14 -20.91 32.77
N GLN E 231 21.28 -20.39 31.90
CA GLN E 231 21.35 -20.75 30.50
C GLN E 231 22.58 -20.15 29.84
N ILE E 232 22.83 -18.88 30.09
CA ILE E 232 23.84 -18.15 29.32
C ILE E 232 25.24 -18.58 29.72
N ARG E 233 25.44 -18.93 31.00
CA ARG E 233 26.71 -19.49 31.42
C ARG E 233 26.96 -20.84 30.75
N GLU E 234 25.91 -21.60 30.50
CA GLU E 234 26.05 -22.81 29.70
C GLU E 234 26.31 -22.48 28.23
N MET E 235 25.86 -21.31 27.78
CA MET E 235 25.95 -20.98 26.38
C MET E 235 27.14 -20.11 26.03
N VAL E 236 27.64 -19.31 26.97
CA VAL E 236 28.69 -18.35 26.70
C VAL E 236 29.93 -18.59 27.57
N GLU E 237 29.72 -18.69 28.88
CA GLU E 237 30.84 -18.96 29.79
C GLU E 237 31.44 -20.33 29.53
N LEU E 238 30.57 -21.30 29.25
CA LEU E 238 31.02 -22.67 29.07
C LEU E 238 31.86 -22.91 27.81
N PRO E 239 31.53 -22.41 26.61
CA PRO E 239 32.43 -22.69 25.48
C PRO E 239 33.71 -21.92 25.54
N LEU E 240 33.76 -20.83 26.30
CA LEU E 240 34.96 -20.01 26.23
C LEU E 240 36.03 -20.50 27.19
N ARG E 241 35.71 -20.65 28.47
CA ARG E 241 36.72 -21.13 29.40
C ARG E 241 36.99 -22.62 29.23
N HIS E 242 36.08 -23.36 28.60
CA HIS E 242 36.31 -24.76 28.27
C HIS E 242 35.75 -25.06 26.90
N PRO E 243 36.49 -24.73 25.84
CA PRO E 243 36.10 -25.20 24.51
C PRO E 243 36.42 -26.67 24.32
N GLN E 244 37.21 -27.24 25.22
CA GLN E 244 37.59 -28.64 25.10
C GLN E 244 36.41 -29.56 25.34
N LEU E 245 35.42 -29.10 26.09
CA LEU E 245 34.26 -29.93 26.40
C LEU E 245 33.47 -30.25 25.15
N PHE E 246 33.17 -29.24 24.35
CA PHE E 246 32.54 -29.46 23.06
C PHE E 246 33.50 -30.13 22.11
N LYS E 247 34.80 -29.93 22.31
CA LYS E 247 35.80 -30.64 21.54
C LYS E 247 35.88 -32.09 21.97
N SER E 248 35.76 -32.37 23.27
CA SER E 248 35.80 -33.75 23.73
C SER E 248 34.52 -34.48 23.35
N ILE E 249 33.38 -33.83 23.51
CA ILE E 249 32.13 -34.49 23.17
C ILE E 249 31.90 -34.47 21.66
N GLY E 250 32.60 -33.60 20.95
CA GLY E 250 32.50 -33.58 19.50
C GLY E 250 31.23 -32.97 18.97
N ILE E 251 30.76 -31.88 19.58
CA ILE E 251 29.64 -31.14 19.04
C ILE E 251 30.10 -29.74 18.71
N LYS E 252 29.29 -29.05 17.99
CA LYS E 252 29.62 -27.68 17.65
C LYS E 252 29.15 -26.74 18.74
N PRO E 253 29.97 -25.80 19.17
CA PRO E 253 29.51 -24.77 20.10
C PRO E 253 28.50 -23.86 19.44
N PRO E 254 27.40 -23.57 20.12
CA PRO E 254 26.40 -22.64 19.57
C PRO E 254 26.95 -21.22 19.57
N ARG E 255 26.98 -20.61 18.39
CA ARG E 255 27.41 -19.23 18.22
C ARG E 255 26.24 -18.29 17.98
N GLY E 256 25.03 -18.71 18.35
CA GLY E 256 23.83 -17.98 18.02
C GLY E 256 22.99 -17.57 19.21
N VAL E 257 23.65 -17.04 20.24
CA VAL E 257 22.97 -16.60 21.45
C VAL E 257 22.15 -15.35 21.14
N LEU E 258 20.85 -15.43 21.39
CA LEU E 258 19.93 -14.31 21.20
C LEU E 258 19.19 -14.02 22.48
N LEU E 259 19.23 -12.76 22.91
CA LEU E 259 18.47 -12.30 24.06
C LEU E 259 17.26 -11.52 23.58
N TYR E 260 16.16 -11.63 24.32
CA TYR E 260 14.99 -10.83 24.02
C TYR E 260 14.11 -10.78 25.26
N GLY E 261 13.19 -9.83 25.26
CA GLY E 261 12.27 -9.66 26.35
C GLY E 261 11.56 -8.33 26.24
N PRO E 262 10.96 -7.88 27.34
CA PRO E 262 10.39 -6.54 27.37
C PRO E 262 11.50 -5.51 27.40
N PRO E 263 11.20 -4.26 27.04
CA PRO E 263 12.23 -3.22 27.10
C PRO E 263 12.60 -2.89 28.52
N GLY E 264 13.85 -2.48 28.71
CA GLY E 264 14.29 -2.03 30.02
C GLY E 264 14.34 -3.12 31.05
N THR E 265 14.77 -4.33 30.66
CA THR E 265 14.78 -5.46 31.56
C THR E 265 16.19 -6.01 31.79
N GLY E 266 17.18 -5.14 31.77
CA GLY E 266 18.53 -5.58 32.04
C GLY E 266 19.17 -6.35 30.92
N LYS E 267 18.60 -6.29 29.72
CA LYS E 267 19.15 -7.04 28.59
C LYS E 267 20.51 -6.50 28.20
N THR E 268 20.68 -5.19 28.22
CA THR E 268 22.02 -4.64 28.07
C THR E 268 22.84 -4.92 29.31
N LEU E 269 22.19 -4.97 30.48
CA LEU E 269 22.90 -5.17 31.73
C LEU E 269 23.45 -6.59 31.84
N MET E 270 22.68 -7.58 31.42
CA MET E 270 23.15 -8.95 31.54
C MET E 270 24.23 -9.29 30.53
N ALA E 271 24.42 -8.47 29.51
CA ALA E 271 25.50 -8.70 28.55
C ALA E 271 26.85 -8.54 29.22
N ARG E 272 27.10 -7.36 29.78
CA ARG E 272 28.35 -7.13 30.49
C ARG E 272 28.45 -7.94 31.77
N ALA E 273 27.31 -8.33 32.34
CA ALA E 273 27.33 -9.22 33.50
C ALA E 273 27.95 -10.57 33.16
N VAL E 274 27.82 -11.00 31.91
CA VAL E 274 28.54 -12.16 31.44
C VAL E 274 29.91 -11.78 30.89
N ALA E 275 29.96 -10.67 30.16
CA ALA E 275 31.17 -10.31 29.41
C ALA E 275 32.31 -9.93 30.33
N ASN E 276 32.02 -9.20 31.40
CA ASN E 276 33.07 -8.82 32.31
C ASN E 276 33.49 -9.96 33.21
N GLU E 277 32.70 -11.03 33.26
CA GLU E 277 33.01 -12.19 34.07
C GLU E 277 33.64 -13.31 33.27
N THR E 278 34.16 -12.98 32.09
CA THR E 278 35.04 -13.89 31.37
C THR E 278 36.45 -13.33 31.41
N GLY E 279 37.37 -14.14 30.92
CA GLY E 279 38.71 -13.66 30.63
C GLY E 279 38.83 -13.47 29.13
N ALA E 280 37.69 -13.39 28.47
CA ALA E 280 37.63 -13.33 27.02
C ALA E 280 37.68 -11.89 26.55
N PHE E 281 38.07 -11.72 25.30
CA PHE E 281 37.94 -10.42 24.67
C PHE E 281 36.48 -10.09 24.47
N PHE E 282 36.16 -8.81 24.52
CA PHE E 282 34.80 -8.35 24.30
C PHE E 282 34.79 -7.25 23.26
N PHE E 283 33.79 -7.31 22.39
CA PHE E 283 33.52 -6.22 21.48
C PHE E 283 32.07 -5.81 21.62
N LEU E 284 31.82 -4.51 21.50
CA LEU E 284 30.49 -3.95 21.69
C LEU E 284 29.99 -3.35 20.39
N ILE E 285 28.75 -3.66 20.05
CA ILE E 285 28.06 -3.05 18.92
C ILE E 285 26.74 -2.49 19.41
N ASN E 286 26.52 -1.21 19.17
CA ASN E 286 25.19 -0.66 19.36
C ASN E 286 24.43 -0.67 18.05
N GLY E 287 23.13 -0.92 18.13
CA GLY E 287 22.24 -0.87 17.00
C GLY E 287 22.22 0.46 16.28
N PRO E 288 21.74 1.52 16.95
CA PRO E 288 21.68 2.84 16.29
C PRO E 288 23.04 3.45 15.99
N GLU E 289 24.11 2.96 16.60
CA GLU E 289 25.42 3.51 16.30
C GLU E 289 25.85 3.16 14.88
N ILE E 290 25.55 1.95 14.45
CA ILE E 290 25.83 1.58 13.06
C ILE E 290 24.88 2.30 12.13
N MET E 291 23.61 2.40 12.52
CA MET E 291 22.63 3.08 11.69
C MET E 291 22.84 4.57 11.66
N SER E 292 23.55 5.13 12.64
CA SER E 292 23.92 6.53 12.57
C SER E 292 24.93 6.79 11.47
N LYS E 293 25.72 5.79 11.13
CA LYS E 293 26.84 5.99 10.22
C LYS E 293 26.36 6.17 8.79
N MET E 294 27.28 6.60 7.94
CA MET E 294 26.94 6.84 6.55
C MET E 294 26.95 5.53 5.76
N ALA E 295 26.61 5.65 4.48
CA ALA E 295 26.44 4.48 3.63
C ALA E 295 27.78 3.86 3.29
N GLY E 296 27.84 2.54 3.36
CA GLY E 296 29.09 1.82 3.12
C GLY E 296 30.01 1.77 4.31
N GLU E 297 30.21 2.92 4.96
CA GLU E 297 31.05 2.99 6.14
C GLU E 297 30.45 2.23 7.31
N SER E 298 29.13 2.19 7.39
CA SER E 298 28.46 1.44 8.46
C SER E 298 28.71 -0.05 8.33
N GLU E 299 28.65 -0.57 7.10
CA GLU E 299 28.97 -1.97 6.88
C GLU E 299 30.44 -2.25 7.01
N SER E 300 31.28 -1.22 6.93
CA SER E 300 32.71 -1.43 7.15
C SER E 300 33.00 -1.79 8.59
N ASN E 301 32.27 -1.16 9.53
CA ASN E 301 32.55 -1.36 10.94
C ASN E 301 32.20 -2.76 11.39
N LEU E 302 31.22 -3.39 10.74
CA LEU E 302 30.90 -4.77 11.03
C LEU E 302 32.03 -5.68 10.58
N ARG E 303 32.61 -5.37 9.43
CA ARG E 303 33.77 -6.13 8.98
C ARG E 303 34.97 -5.83 9.85
N LYS E 304 35.07 -4.59 10.33
CA LYS E 304 36.09 -4.28 11.30
C LYS E 304 35.80 -4.92 12.65
N ALA E 305 34.55 -5.25 12.94
CA ALA E 305 34.23 -5.89 14.20
C ALA E 305 34.77 -7.32 14.23
N PHE E 306 34.41 -8.11 13.22
CA PHE E 306 34.62 -9.55 13.33
C PHE E 306 36.07 -9.93 13.12
N GLU E 307 36.81 -9.11 12.38
CA GLU E 307 38.22 -9.38 12.18
C GLU E 307 38.99 -9.23 13.48
N GLU E 308 38.59 -8.28 14.31
CA GLU E 308 39.22 -8.14 15.61
C GLU E 308 38.84 -9.29 16.53
N ALA E 309 37.61 -9.77 16.42
CA ALA E 309 37.18 -10.88 17.24
C ALA E 309 37.82 -12.18 16.79
N GLU E 310 37.92 -12.38 15.48
CA GLU E 310 38.64 -13.55 15.00
C GLU E 310 40.15 -13.40 15.15
N LYS E 311 40.63 -12.20 15.41
CA LYS E 311 42.01 -12.04 15.84
C LYS E 311 42.17 -12.47 17.29
N ASN E 312 41.47 -11.79 18.20
CA ASN E 312 41.50 -12.14 19.62
C ASN E 312 40.46 -13.23 19.84
N SER E 313 40.84 -14.48 19.57
CA SER E 313 39.92 -15.60 19.36
C SER E 313 38.99 -15.93 20.54
N PRO E 314 39.41 -15.89 21.81
CA PRO E 314 38.38 -15.91 22.85
C PRO E 314 37.66 -14.57 22.85
N ALA E 315 36.49 -14.52 22.25
CA ALA E 315 35.88 -13.24 21.95
C ALA E 315 34.39 -13.28 22.21
N ILE E 316 33.85 -12.15 22.65
CA ILE E 316 32.43 -11.97 22.87
C ILE E 316 31.97 -10.77 22.06
N ILE E 317 31.00 -11.00 21.19
CA ILE E 317 30.41 -9.93 20.40
C ILE E 317 28.98 -9.76 20.88
N PHE E 318 28.73 -8.70 21.62
CA PHE E 318 27.37 -8.36 21.97
C PHE E 318 26.88 -7.23 21.10
N ILE E 319 25.65 -7.37 20.59
CA ILE E 319 25.01 -6.37 19.79
C ILE E 319 23.73 -5.96 20.48
N ASP E 320 23.70 -4.74 20.99
CA ASP E 320 22.47 -4.23 21.59
C ASP E 320 21.57 -3.69 20.50
N GLU E 321 20.27 -3.94 20.66
CA GLU E 321 19.19 -3.46 19.80
C GLU E 321 19.41 -3.91 18.36
N ILE E 322 19.38 -5.23 18.21
CA ILE E 322 19.68 -5.89 16.95
C ILE E 322 18.62 -5.59 15.90
N ASP E 323 17.40 -5.24 16.30
CA ASP E 323 16.34 -5.01 15.34
C ASP E 323 16.53 -3.69 14.58
N SER E 324 17.31 -2.77 15.14
CA SER E 324 17.54 -1.50 14.46
C SER E 324 18.44 -1.67 13.25
N ILE E 325 19.39 -2.59 13.32
CA ILE E 325 20.19 -2.93 12.15
C ILE E 325 19.60 -4.09 11.38
N ALA E 326 18.61 -4.76 11.93
CA ALA E 326 17.99 -5.91 11.26
C ALA E 326 16.50 -5.89 11.45
N PRO E 327 15.78 -5.13 10.63
CA PRO E 327 14.33 -5.31 10.57
C PRO E 327 14.00 -6.43 9.62
N LYS E 328 12.71 -6.64 9.36
CA LYS E 328 12.32 -7.52 8.28
C LYS E 328 12.70 -6.91 6.94
N ARG E 329 13.30 -7.73 6.07
CA ARG E 329 13.61 -7.28 4.72
C ARG E 329 12.34 -7.08 3.90
N GLU E 330 11.26 -7.76 4.26
CA GLU E 330 9.99 -7.48 3.61
C GLU E 330 9.44 -6.13 4.04
N LYS E 331 9.62 -5.77 5.31
CA LYS E 331 9.06 -4.54 5.85
C LYS E 331 10.21 -3.60 6.16
N THR E 332 10.69 -2.94 5.12
CA THR E 332 11.76 -1.95 5.17
C THR E 332 11.76 -1.21 3.85
N ASN E 333 12.40 -0.05 3.85
CA ASN E 333 12.40 0.81 2.67
C ASN E 333 13.79 1.02 2.09
N GLY E 334 14.74 1.42 2.92
CA GLY E 334 16.06 1.74 2.42
C GLY E 334 16.87 0.48 2.10
N GLU E 335 17.54 0.51 0.96
CA GLU E 335 18.45 -0.56 0.61
C GLU E 335 19.69 -0.56 1.48
N VAL E 336 20.02 0.61 2.07
CA VAL E 336 21.10 0.69 3.03
C VAL E 336 20.79 -0.16 4.25
N GLU E 337 19.52 -0.16 4.67
CA GLU E 337 19.08 -1.13 5.65
C GLU E 337 19.19 -2.55 5.11
N ARG E 338 18.90 -2.73 3.84
CA ARG E 338 18.93 -4.07 3.28
C ARG E 338 20.36 -4.55 3.06
N ARG E 339 21.30 -3.63 2.86
CA ARG E 339 22.70 -4.03 2.78
C ARG E 339 23.23 -4.46 4.13
N VAL E 340 22.91 -3.70 5.17
CA VAL E 340 23.53 -3.96 6.46
C VAL E 340 22.92 -5.20 7.10
N VAL E 341 21.69 -5.54 6.73
CA VAL E 341 21.17 -6.87 7.04
C VAL E 341 21.96 -7.91 6.26
N SER E 342 22.15 -7.66 4.97
CA SER E 342 22.88 -8.59 4.12
C SER E 342 24.35 -8.64 4.49
N GLN E 343 24.88 -7.55 5.04
CA GLN E 343 26.23 -7.60 5.59
C GLN E 343 26.27 -8.50 6.81
N LEU E 344 25.22 -8.45 7.62
CA LEU E 344 25.19 -9.21 8.85
C LEU E 344 25.01 -10.69 8.58
N LEU E 345 24.09 -11.03 7.67
CA LEU E 345 23.84 -12.43 7.32
C LEU E 345 25.07 -13.07 6.69
N THR E 346 25.83 -12.29 5.94
CA THR E 346 27.06 -12.78 5.37
C THR E 346 28.10 -13.04 6.45
N LEU E 347 28.33 -12.05 7.31
CA LEU E 347 29.43 -12.13 8.24
C LEU E 347 29.17 -13.10 9.38
N MET E 348 27.91 -13.41 9.68
CA MET E 348 27.63 -14.46 10.65
C MET E 348 28.07 -15.81 10.13
N ASP E 349 27.87 -16.05 8.84
CA ASP E 349 28.23 -17.32 8.26
C ASP E 349 29.71 -17.42 7.95
N GLY E 350 30.40 -16.28 7.82
CA GLY E 350 31.83 -16.29 7.59
C GLY E 350 32.65 -16.69 8.79
N MET E 351 32.02 -16.83 9.95
CA MET E 351 32.72 -17.21 11.17
C MET E 351 33.09 -18.69 11.12
N LYS E 352 33.95 -19.09 12.06
CA LYS E 352 34.40 -20.46 12.16
C LYS E 352 34.22 -20.99 13.58
N ALA E 353 34.14 -22.32 13.68
CA ALA E 353 34.13 -22.95 15.00
C ALA E 353 35.50 -22.87 15.66
N ARG E 354 36.57 -22.87 14.87
CA ARG E 354 37.90 -22.69 15.41
C ARG E 354 38.16 -21.26 15.88
N SER E 355 37.29 -20.32 15.47
CA SER E 355 37.44 -18.94 15.96
C SER E 355 37.12 -18.86 17.44
N ASN E 356 36.17 -19.70 17.91
CA ASN E 356 35.69 -19.72 19.29
C ASN E 356 35.17 -18.35 19.72
N VAL E 357 34.36 -17.76 18.85
CA VAL E 357 33.86 -16.40 19.03
C VAL E 357 32.34 -16.49 19.16
N VAL E 358 31.80 -15.88 20.21
CA VAL E 358 30.39 -15.99 20.53
C VAL E 358 29.71 -14.66 20.19
N VAL E 359 28.61 -14.75 19.45
CA VAL E 359 27.83 -13.58 19.07
C VAL E 359 26.61 -13.50 19.98
N MET E 360 26.51 -12.40 20.71
CA MET E 360 25.34 -12.11 21.51
C MET E 360 24.55 -10.98 20.85
N ALA E 361 23.23 -11.07 20.98
CA ALA E 361 22.36 -10.04 20.44
C ALA E 361 21.14 -9.93 21.33
N ALA E 362 20.68 -8.70 21.51
CA ALA E 362 19.54 -8.42 22.37
C ALA E 362 18.56 -7.52 21.65
N THR E 363 17.28 -7.71 21.96
CA THR E 363 16.24 -6.84 21.45
C THR E 363 15.09 -6.81 22.43
N ASN E 364 14.20 -5.87 22.20
CA ASN E 364 12.92 -5.86 22.87
C ASN E 364 11.78 -6.27 21.96
N ARG E 365 12.02 -6.34 20.65
CA ARG E 365 11.03 -6.77 19.68
C ARG E 365 11.60 -7.97 18.95
N PRO E 366 11.37 -9.17 19.46
CA PRO E 366 11.88 -10.38 18.79
C PRO E 366 11.16 -10.69 17.50
N ASN E 367 10.00 -10.09 17.24
CA ASN E 367 9.25 -10.37 16.04
C ASN E 367 9.63 -9.49 14.87
N SER E 368 10.14 -8.29 15.12
CA SER E 368 10.51 -7.37 14.06
C SER E 368 11.77 -7.78 13.31
N ILE E 369 12.49 -8.77 13.81
CA ILE E 369 13.75 -9.18 13.22
C ILE E 369 13.47 -9.94 11.92
N ASP E 370 14.37 -9.83 10.96
CA ASP E 370 14.40 -10.75 9.84
C ASP E 370 14.63 -12.17 10.36
N PRO E 371 13.73 -13.11 10.05
CA PRO E 371 13.86 -14.47 10.62
C PRO E 371 15.03 -15.27 10.09
N ALA E 372 15.71 -14.80 9.03
CA ALA E 372 16.87 -15.50 8.51
C ALA E 372 18.00 -15.52 9.51
N LEU E 373 18.07 -14.52 10.39
CA LEU E 373 18.98 -14.58 11.52
C LEU E 373 18.55 -15.66 12.50
N ARG E 374 17.26 -15.73 12.80
CA ARG E 374 16.75 -16.68 13.77
C ARG E 374 16.70 -18.11 13.24
N ARG E 375 17.14 -18.34 12.01
CA ARG E 375 17.27 -19.68 11.48
C ARG E 375 18.57 -20.30 11.97
N PHE E 376 18.84 -21.53 11.54
CA PHE E 376 19.91 -22.32 12.12
C PHE E 376 21.27 -21.85 11.60
N GLY E 377 22.28 -21.99 12.44
CA GLY E 377 23.61 -21.56 12.11
C GLY E 377 23.91 -20.13 12.45
N ARG E 378 22.90 -19.27 12.54
CA ARG E 378 23.09 -17.87 12.81
C ARG E 378 22.61 -17.49 14.20
N PHE E 379 21.34 -17.74 14.51
CA PHE E 379 20.84 -17.57 15.87
C PHE E 379 19.86 -18.68 16.18
N ASP E 380 20.26 -19.53 17.11
CA ASP E 380 19.49 -20.68 17.55
C ASP E 380 19.01 -20.57 18.98
N ARG E 381 19.74 -19.81 19.80
CA ARG E 381 19.48 -19.80 21.23
C ARG E 381 18.60 -18.61 21.55
N GLU E 382 17.29 -18.82 21.43
CA GLU E 382 16.30 -17.84 21.87
C GLU E 382 16.26 -17.84 23.39
N VAL E 383 16.69 -16.75 24.00
CA VAL E 383 16.68 -16.64 25.46
C VAL E 383 15.80 -15.46 25.83
N ASP E 384 14.67 -15.77 26.47
CA ASP E 384 13.76 -14.74 26.94
C ASP E 384 14.12 -14.32 28.35
N ILE E 385 13.96 -13.03 28.63
CA ILE E 385 14.14 -12.49 29.97
C ILE E 385 12.76 -12.05 30.44
N GLY E 386 12.13 -12.87 31.28
CA GLY E 386 10.77 -12.60 31.71
C GLY E 386 10.70 -11.56 32.82
N ILE E 387 9.48 -11.18 33.13
CA ILE E 387 9.22 -10.29 34.27
C ILE E 387 9.47 -11.06 35.55
N PRO E 388 10.26 -10.53 36.48
CA PRO E 388 10.61 -11.29 37.68
C PRO E 388 9.46 -11.39 38.65
N ASP E 389 9.54 -12.42 39.49
CA ASP E 389 8.61 -12.64 40.58
C ASP E 389 8.85 -11.60 41.67
N PRO E 390 7.93 -11.48 42.65
CA PRO E 390 8.24 -10.65 43.82
C PRO E 390 9.45 -11.10 44.63
N THR E 391 9.85 -12.37 44.53
CA THR E 391 11.09 -12.79 45.14
C THR E 391 12.28 -12.16 44.42
N GLY E 392 12.32 -12.27 43.09
CA GLY E 392 13.48 -11.80 42.36
C GLY E 392 13.55 -10.29 42.31
N ARG E 393 12.40 -9.63 42.26
CA ARG E 393 12.44 -8.18 42.23
C ARG E 393 12.79 -7.60 43.59
N LEU E 394 12.57 -8.37 44.66
CA LEU E 394 13.10 -8.00 45.96
C LEU E 394 14.61 -7.90 45.92
N GLU E 395 15.24 -8.88 45.27
CA GLU E 395 16.69 -8.87 45.09
C GLU E 395 17.14 -7.66 44.29
N ILE E 396 16.35 -7.27 43.29
CA ILE E 396 16.69 -6.13 42.43
C ILE E 396 16.65 -4.83 43.23
N LEU E 397 15.69 -4.72 44.17
CA LEU E 397 15.63 -3.56 45.03
C LEU E 397 16.85 -3.48 45.93
N GLN E 398 17.32 -4.62 46.40
CA GLN E 398 18.50 -4.65 47.26
C GLN E 398 19.75 -4.26 46.50
N ILE E 399 19.76 -4.48 45.18
CA ILE E 399 20.89 -4.06 44.36
C ILE E 399 20.95 -2.54 44.29
N HIS E 400 19.82 -1.89 44.11
CA HIS E 400 19.85 -0.45 43.92
C HIS E 400 19.95 0.29 45.24
N THR E 401 19.39 -0.27 46.31
CA THR E 401 19.35 0.42 47.58
C THR E 401 20.60 0.23 48.42
N LYS E 402 21.44 -0.77 48.10
CA LYS E 402 22.65 -0.96 48.87
C LYS E 402 23.67 0.13 48.60
N ASN E 403 23.55 0.83 47.47
CA ASN E 403 24.30 2.04 47.26
C ASN E 403 23.61 3.22 47.91
N MET E 404 22.29 3.16 48.03
CA MET E 404 21.52 4.27 48.57
C MET E 404 21.71 4.36 50.09
N LYS E 405 21.33 5.51 50.62
CA LYS E 405 21.33 5.75 52.05
C LYS E 405 19.89 5.82 52.52
N LEU E 406 19.48 4.84 53.32
CA LEU E 406 18.09 4.70 53.67
C LEU E 406 17.88 4.96 55.15
N ALA E 407 16.62 4.97 55.54
CA ALA E 407 16.25 4.94 56.94
C ALA E 407 15.87 3.52 57.33
N ASP E 408 15.74 3.30 58.63
CA ASP E 408 15.54 1.96 59.15
C ASP E 408 14.11 1.45 58.96
N ASP E 409 13.18 2.34 58.63
CA ASP E 409 11.80 1.93 58.40
C ASP E 409 11.61 1.22 57.08
N VAL E 410 12.62 1.22 56.21
CA VAL E 410 12.47 0.76 54.83
C VAL E 410 12.32 -0.75 54.83
N ASP E 411 11.17 -1.22 54.37
CA ASP E 411 10.91 -2.64 54.17
C ASP E 411 10.78 -2.85 52.68
N LEU E 412 11.85 -3.34 52.07
CA LEU E 412 11.80 -3.68 50.66
C LEU E 412 10.88 -4.86 50.41
N GLU E 413 10.78 -5.75 51.38
CA GLU E 413 9.91 -6.91 51.25
C GLU E 413 8.46 -6.50 51.22
N GLN E 414 8.12 -5.45 51.98
CA GLN E 414 6.80 -4.86 51.85
C GLN E 414 6.63 -4.20 50.50
N ILE E 415 7.69 -3.57 49.99
CA ILE E 415 7.63 -2.97 48.67
C ILE E 415 7.53 -4.03 47.60
N ALA E 416 8.37 -5.06 47.68
CA ALA E 416 8.42 -6.08 46.64
C ALA E 416 7.13 -6.89 46.59
N ALA E 417 6.44 -7.01 47.72
CA ALA E 417 5.11 -7.58 47.70
C ALA E 417 4.13 -6.66 46.98
N GLU E 418 4.28 -5.35 47.17
CA GLU E 418 3.33 -4.40 46.62
C GLU E 418 3.64 -4.02 45.18
N THR E 419 4.72 -4.53 44.62
CA THR E 419 5.09 -4.28 43.23
C THR E 419 4.97 -5.60 42.47
N HIS E 420 4.24 -5.58 41.36
CA HIS E 420 3.78 -6.85 40.79
C HIS E 420 4.17 -7.02 39.34
N GLY E 421 4.17 -5.94 38.58
CA GLY E 421 4.48 -6.06 37.17
C GLY E 421 5.56 -5.11 36.74
N TYR E 422 6.55 -4.88 37.60
CA TYR E 422 7.56 -3.89 37.30
C TYR E 422 8.79 -4.57 36.73
N VAL E 423 9.43 -3.91 35.80
CA VAL E 423 10.76 -4.31 35.37
C VAL E 423 11.74 -3.64 36.29
N GLY E 424 13.02 -4.03 36.20
CA GLY E 424 14.04 -3.41 37.01
C GLY E 424 14.24 -1.94 36.72
N SER E 425 13.94 -1.51 35.50
CA SER E 425 13.97 -0.09 35.17
C SER E 425 12.88 0.66 35.92
N ASP E 426 11.72 0.03 36.06
CA ASP E 426 10.66 0.62 36.88
C ASP E 426 11.07 0.68 38.34
N LEU E 427 11.78 -0.36 38.80
CA LEU E 427 12.20 -0.39 40.19
C LEU E 427 13.33 0.59 40.44
N ALA E 428 14.23 0.76 39.46
CA ALA E 428 15.30 1.74 39.61
C ALA E 428 14.74 3.14 39.59
N ALA E 429 13.71 3.37 38.76
CA ALA E 429 13.00 4.64 38.82
C ALA E 429 12.22 4.77 40.12
N LEU E 430 11.73 3.65 40.65
CA LEU E 430 11.05 3.67 41.93
C LEU E 430 12.01 4.05 43.05
N CYS E 431 13.23 3.53 43.00
CA CYS E 431 14.23 3.92 43.98
C CYS E 431 14.65 5.36 43.77
N SER E 432 14.72 5.82 42.53
CA SER E 432 15.11 7.19 42.28
C SER E 432 14.00 8.17 42.64
N GLU E 433 12.75 7.71 42.63
CA GLU E 433 11.65 8.62 42.91
C GLU E 433 11.55 8.92 44.39
N ALA E 434 11.58 7.89 45.24
CA ALA E 434 11.49 8.08 46.68
C ALA E 434 12.68 8.82 47.24
N ALA E 435 13.82 8.76 46.55
CA ALA E 435 14.96 9.57 46.93
C ALA E 435 14.66 11.05 46.75
N MET E 436 13.95 11.40 45.68
CA MET E 436 13.67 12.81 45.42
C MET E 436 12.68 13.38 46.42
N GLN E 437 11.66 12.60 46.77
CA GLN E 437 10.70 13.04 47.78
C GLN E 437 11.37 13.21 49.13
N GLN E 438 12.36 12.37 49.42
CA GLN E 438 13.18 12.58 50.61
C GLN E 438 13.91 13.91 50.55
N ILE E 439 14.37 14.30 49.36
CA ILE E 439 15.00 15.60 49.19
C ILE E 439 13.96 16.71 49.26
N ARG E 440 12.74 16.44 48.76
CA ARG E 440 11.66 17.42 48.80
C ARG E 440 11.30 17.78 50.23
N GLU E 441 11.38 16.81 51.13
CA GLU E 441 11.21 17.05 52.55
C GLU E 441 12.32 17.90 53.13
N LYS E 442 13.49 17.92 52.49
CA LYS E 442 14.63 18.67 53.00
C LYS E 442 14.81 20.00 52.29
N MET E 443 13.97 20.31 51.30
CA MET E 443 14.08 21.55 50.54
C MET E 443 13.86 22.79 51.38
N ASP E 444 13.11 22.68 52.46
CA ASP E 444 13.01 23.77 53.41
C ASP E 444 14.34 24.07 54.08
N LEU E 445 15.15 23.03 54.30
CA LEU E 445 16.45 23.20 54.92
C LEU E 445 17.55 23.45 53.91
N ILE E 446 17.22 23.52 52.63
CA ILE E 446 18.22 23.64 51.58
C ILE E 446 17.91 24.89 50.77
N ASP E 447 18.86 25.81 50.73
CA ASP E 447 18.73 27.02 49.95
C ASP E 447 19.51 26.88 48.66
N LEU E 448 18.83 27.05 47.53
CA LEU E 448 19.42 26.78 46.22
C LEU E 448 20.38 27.88 45.77
N ASP E 449 20.25 29.09 46.31
CA ASP E 449 21.20 30.14 46.00
C ASP E 449 22.58 29.87 46.59
N GLU E 450 22.65 29.02 47.62
CA GLU E 450 23.92 28.56 48.14
C GLU E 450 24.64 27.72 47.10
N ASP E 451 25.96 27.82 47.11
CA ASP E 451 26.77 27.09 46.15
C ASP E 451 27.09 25.69 46.63
N THR E 452 26.96 25.45 47.94
CA THR E 452 27.19 24.15 48.54
C THR E 452 26.38 24.06 49.81
N ILE E 453 25.52 23.05 49.90
CA ILE E 453 24.76 22.85 51.12
C ILE E 453 25.65 22.16 52.15
N ASP E 454 25.32 22.33 53.42
CA ASP E 454 26.09 21.78 54.51
C ASP E 454 25.90 20.26 54.61
N ALA E 455 26.80 19.61 55.34
CA ALA E 455 26.80 18.16 55.41
C ALA E 455 25.83 17.60 56.42
N GLU E 456 25.27 18.44 57.30
CA GLU E 456 24.38 17.94 58.33
C GLU E 456 23.05 17.50 57.76
N VAL E 457 22.55 18.22 56.75
CA VAL E 457 21.36 17.75 56.06
C VAL E 457 21.68 16.56 55.18
N LEU E 458 22.94 16.40 54.79
CA LEU E 458 23.33 15.24 54.00
C LEU E 458 23.31 13.99 54.86
N ASP E 459 23.72 14.12 56.11
CA ASP E 459 23.73 12.99 57.02
C ASP E 459 22.31 12.63 57.43
N SER E 460 21.44 13.62 57.56
CA SER E 460 20.03 13.35 57.85
C SER E 460 19.26 12.91 56.63
N LEU E 461 19.86 12.97 55.45
CA LEU E 461 19.18 12.60 54.22
C LEU E 461 19.10 11.09 54.14
N GLY E 462 18.10 10.53 54.79
CA GLY E 462 17.88 9.10 54.76
C GLY E 462 16.46 8.80 54.33
N VAL E 463 16.31 7.99 53.28
CA VAL E 463 15.01 7.84 52.64
C VAL E 463 14.10 6.98 53.51
N THR E 464 12.89 7.48 53.75
CA THR E 464 11.91 6.82 54.58
C THR E 464 11.14 5.79 53.78
N MET E 465 10.47 4.90 54.53
CA MET E 465 9.54 3.96 53.94
C MET E 465 8.35 4.68 53.32
N ASP E 466 7.94 5.79 53.92
CA ASP E 466 6.79 6.53 53.41
C ASP E 466 7.11 7.23 52.10
N ASN E 467 8.39 7.52 51.86
CA ASN E 467 8.78 8.02 50.54
C ASN E 467 8.48 7.01 49.46
N PHE E 468 8.70 5.73 49.75
CA PHE E 468 8.31 4.68 48.81
C PHE E 468 6.80 4.54 48.77
N ARG E 469 6.13 4.79 49.90
CA ARG E 469 4.68 4.83 49.89
C ARG E 469 4.19 6.00 49.05
N TYR E 470 4.91 7.12 49.10
CA TYR E 470 4.69 8.17 48.12
C TYR E 470 5.07 7.68 46.73
N ALA E 471 6.20 7.01 46.62
CA ALA E 471 6.69 6.63 45.29
C ALA E 471 5.92 5.48 44.69
N LEU E 472 5.06 4.81 45.44
CA LEU E 472 4.25 3.78 44.83
C LEU E 472 3.00 4.34 44.17
N GLY E 473 2.60 5.55 44.53
CA GLY E 473 1.35 6.08 43.99
C GLY E 473 1.56 7.09 42.90
N VAL E 474 2.83 7.40 42.61
CA VAL E 474 3.18 8.34 41.56
C VAL E 474 3.18 7.64 40.21
N SER E 475 3.56 8.39 39.18
CA SER E 475 3.57 7.93 37.79
C SER E 475 4.67 6.95 37.37
N ASN E 476 5.66 6.72 38.23
CA ASN E 476 6.72 5.77 37.91
C ASN E 476 6.01 4.44 37.72
N PRO E 477 5.24 4.05 38.74
CA PRO E 477 4.36 2.88 38.87
C PRO E 477 3.47 2.50 37.68
N SER E 478 3.22 3.38 36.73
CA SER E 478 2.87 2.93 35.38
C SER E 478 3.98 2.04 34.85
N ALA E 479 3.69 0.76 34.69
CA ALA E 479 4.67 -0.20 34.24
C ALA E 479 4.45 -0.52 32.77
N LEU E 480 5.15 -1.55 32.32
CA LEU E 480 4.95 -2.12 31.00
C LEU E 480 4.34 -3.50 31.21
N ARG E 481 3.01 -3.54 31.25
CA ARG E 481 2.30 -4.79 31.49
C ARG E 481 1.30 -5.09 30.39
N GLU E 482 1.32 -4.31 29.31
CA GLU E 482 0.30 -4.38 28.28
C GLU E 482 0.64 -5.38 27.18
N VAL E 483 1.35 -6.45 27.53
CA VAL E 483 1.76 -7.46 26.56
C VAL E 483 1.25 -8.82 27.00
N ALA E 484 1.57 -9.85 26.21
CA ALA E 484 1.25 -11.23 26.57
C ALA E 484 2.30 -11.73 27.55
N VAL E 485 1.93 -11.79 28.82
CA VAL E 485 2.88 -12.03 29.88
C VAL E 485 2.73 -13.47 30.38
N VAL E 486 3.80 -14.01 30.95
CA VAL E 486 3.76 -15.24 31.73
C VAL E 486 4.09 -14.88 33.18
N GLU E 487 3.28 -15.38 34.12
CA GLU E 487 3.45 -15.03 35.51
C GLU E 487 2.84 -16.12 36.36
N VAL E 488 3.56 -16.54 37.39
CA VAL E 488 3.03 -17.52 38.35
C VAL E 488 1.94 -16.86 39.17
N PRO E 489 0.85 -17.56 39.45
CA PRO E 489 -0.26 -16.93 40.18
C PRO E 489 -0.02 -16.90 41.68
N ASN E 490 -1.05 -16.46 42.41
CA ASN E 490 -0.96 -16.36 43.86
C ASN E 490 -2.15 -16.96 44.60
N VAL E 491 -3.28 -17.12 43.95
CA VAL E 491 -4.47 -17.66 44.61
C VAL E 491 -4.31 -19.16 44.76
N ARG E 492 -4.97 -19.74 45.76
CA ARG E 492 -4.86 -21.17 46.02
C ARG E 492 -6.25 -21.77 46.20
N TRP E 493 -6.26 -23.04 46.57
CA TRP E 493 -7.53 -23.77 46.67
C TRP E 493 -8.35 -23.32 47.86
N GLU E 494 -7.67 -22.85 48.90
CA GLU E 494 -8.36 -22.40 50.10
C GLU E 494 -9.08 -21.08 49.85
N ASP E 495 -8.58 -20.30 48.90
CA ASP E 495 -9.15 -19.01 48.58
C ASP E 495 -10.33 -19.11 47.64
N ILE E 496 -10.64 -20.31 47.15
CA ILE E 496 -11.82 -20.54 46.35
C ILE E 496 -12.69 -21.52 47.11
N GLY E 497 -13.82 -21.03 47.63
CA GLY E 497 -14.68 -21.86 48.45
C GLY E 497 -15.60 -22.71 47.58
N GLY E 498 -15.83 -23.93 48.04
CA GLY E 498 -16.74 -24.83 47.37
C GLY E 498 -16.20 -25.36 46.05
N LEU E 499 -17.10 -26.05 45.34
CA LEU E 499 -16.85 -26.62 44.00
C LEU E 499 -15.69 -27.61 44.01
N GLU E 500 -15.59 -28.39 45.08
CA GLU E 500 -14.51 -29.35 45.24
C GLU E 500 -14.58 -30.48 44.23
N GLN E 501 -15.75 -30.71 43.63
CA GLN E 501 -15.89 -31.73 42.59
C GLN E 501 -15.07 -31.36 41.37
N VAL E 502 -15.29 -30.15 40.85
CA VAL E 502 -14.51 -29.71 39.71
C VAL E 502 -13.11 -29.30 40.10
N LYS E 503 -12.85 -29.08 41.39
CA LYS E 503 -11.47 -29.00 41.86
C LYS E 503 -10.74 -30.29 41.59
N GLN E 504 -11.33 -31.42 42.03
CA GLN E 504 -10.74 -32.73 41.80
C GLN E 504 -10.73 -33.09 40.33
N GLU E 505 -11.66 -32.56 39.55
CA GLU E 505 -11.66 -32.79 38.12
C GLU E 505 -10.44 -32.16 37.48
N LEU E 506 -10.06 -30.98 37.94
CA LEU E 506 -8.81 -30.38 37.49
C LEU E 506 -7.63 -31.15 38.06
N LYS E 507 -7.78 -31.67 39.28
CA LYS E 507 -6.76 -32.55 39.82
C LYS E 507 -6.62 -33.80 39.00
N GLU E 508 -7.74 -34.29 38.45
CA GLU E 508 -7.67 -35.37 37.48
C GLU E 508 -7.04 -34.88 36.17
N GLN E 509 -7.67 -33.91 35.52
CA GLN E 509 -7.43 -33.72 34.10
C GLN E 509 -6.13 -33.00 33.80
N VAL E 510 -5.74 -32.02 34.62
CA VAL E 510 -4.56 -31.24 34.29
C VAL E 510 -3.41 -31.49 35.26
N GLN E 511 -3.68 -32.02 36.46
CA GLN E 511 -2.59 -32.19 37.40
C GLN E 511 -1.91 -33.52 37.21
N TYR E 512 -2.67 -34.55 36.84
CA TYR E 512 -2.07 -35.84 36.53
C TYR E 512 -1.08 -35.81 35.35
N PRO E 513 -1.33 -35.09 34.23
CA PRO E 513 -0.27 -35.06 33.21
C PRO E 513 0.95 -34.27 33.61
N VAL E 514 0.78 -33.14 34.29
CA VAL E 514 1.93 -32.34 34.64
C VAL E 514 2.74 -32.99 35.75
N ASP E 515 2.13 -33.88 36.52
CA ASP E 515 2.88 -34.58 37.56
C ASP E 515 3.37 -35.94 37.12
N HIS E 516 2.60 -36.69 36.34
CA HIS E 516 2.95 -38.05 35.98
C HIS E 516 2.64 -38.35 34.53
N PRO E 517 3.58 -38.08 33.62
CA PRO E 517 3.45 -38.60 32.26
C PRO E 517 3.79 -40.06 32.13
N GLU E 518 4.28 -40.68 33.21
CA GLU E 518 4.78 -42.05 33.16
C GLU E 518 3.66 -43.05 32.96
N LYS E 519 2.47 -42.74 33.45
CA LYS E 519 1.36 -43.67 33.29
C LYS E 519 0.81 -43.65 31.87
N PHE E 520 1.05 -42.58 31.13
CA PHE E 520 0.52 -42.45 29.78
C PHE E 520 1.28 -43.36 28.84
N LEU E 521 2.60 -43.26 28.87
CA LEU E 521 3.45 -44.17 28.14
C LEU E 521 3.36 -45.60 28.66
N LYS E 522 2.98 -45.78 29.93
CA LYS E 522 2.56 -47.10 30.38
C LYS E 522 1.30 -47.55 29.68
N PHE E 523 0.37 -46.64 29.45
CA PHE E 523 -0.93 -47.01 28.92
C PHE E 523 -1.07 -46.67 27.44
N GLY E 524 -0.06 -46.05 26.83
CA GLY E 524 -0.07 -45.79 25.40
C GLY E 524 -1.06 -44.75 24.94
N LEU E 525 -1.54 -43.89 25.83
CA LEU E 525 -2.62 -42.99 25.52
C LEU E 525 -2.22 -41.56 25.84
N SER E 526 -2.34 -40.68 24.86
CA SER E 526 -2.16 -39.27 25.08
C SER E 526 -3.46 -38.69 25.66
N PRO E 527 -3.37 -37.75 26.58
CA PRO E 527 -4.57 -37.25 27.25
C PRO E 527 -5.31 -36.24 26.38
N SER E 528 -6.41 -35.76 26.92
CA SER E 528 -7.11 -34.62 26.34
C SER E 528 -6.45 -33.35 26.86
N ARG E 529 -5.93 -32.54 25.96
CA ARG E 529 -5.28 -31.32 26.38
C ARG E 529 -6.21 -30.11 26.42
N GLY E 530 -7.48 -30.28 26.06
CA GLY E 530 -8.36 -29.14 25.93
C GLY E 530 -9.52 -29.09 26.91
N VAL E 531 -9.45 -28.12 27.83
CA VAL E 531 -10.42 -27.97 28.90
C VAL E 531 -11.15 -26.65 28.71
N LEU E 532 -12.48 -26.72 28.69
CA LEU E 532 -13.31 -25.53 28.58
C LEU E 532 -14.09 -25.35 29.88
N PHE E 533 -13.94 -24.18 30.49
CA PHE E 533 -14.78 -23.81 31.62
C PHE E 533 -16.01 -23.11 31.11
N TYR E 534 -17.15 -23.38 31.74
CA TYR E 534 -18.35 -22.64 31.42
C TYR E 534 -19.26 -22.60 32.64
N GLY E 535 -20.28 -21.77 32.53
CA GLY E 535 -21.25 -21.60 33.57
C GLY E 535 -21.86 -20.22 33.51
N PRO E 536 -22.59 -19.85 34.55
CA PRO E 536 -23.09 -18.49 34.65
C PRO E 536 -21.97 -17.51 34.92
N PRO E 537 -22.16 -16.24 34.60
CA PRO E 537 -21.13 -15.24 34.88
C PRO E 537 -20.93 -15.00 36.35
N GLY E 538 -19.77 -14.44 36.69
CA GLY E 538 -19.46 -14.08 38.06
C GLY E 538 -19.33 -15.25 39.00
N THR E 539 -18.77 -16.36 38.52
CA THR E 539 -18.63 -17.56 39.32
C THR E 539 -17.17 -17.91 39.57
N GLY E 540 -16.28 -16.93 39.52
CA GLY E 540 -14.91 -17.14 39.92
C GLY E 540 -14.11 -17.99 38.97
N LYS E 541 -14.56 -18.07 37.71
CA LYS E 541 -13.92 -18.95 36.74
C LYS E 541 -12.55 -18.44 36.36
N THR E 542 -12.31 -17.14 36.54
CA THR E 542 -10.99 -16.59 36.29
C THR E 542 -9.97 -17.11 37.28
N MET E 543 -10.36 -17.25 38.55
CA MET E 543 -9.40 -17.63 39.56
C MET E 543 -9.10 -19.12 39.55
N LEU E 544 -9.89 -19.91 38.84
CA LEU E 544 -9.77 -21.35 38.91
C LEU E 544 -8.49 -21.83 38.27
N ALA E 545 -8.18 -21.30 37.09
CA ALA E 545 -6.94 -21.68 36.41
C ALA E 545 -5.72 -21.13 37.12
N LYS E 546 -5.89 -20.04 37.87
CA LYS E 546 -4.75 -19.49 38.58
C LYS E 546 -4.38 -20.37 39.76
N ALA E 547 -5.38 -20.89 40.47
CA ALA E 547 -5.10 -21.67 41.66
C ALA E 547 -4.51 -23.03 41.32
N VAL E 548 -4.89 -23.59 40.17
CA VAL E 548 -4.33 -24.89 39.80
C VAL E 548 -2.93 -24.75 39.24
N ALA E 549 -2.60 -23.63 38.60
CA ALA E 549 -1.23 -23.40 38.20
C ALA E 549 -0.36 -23.08 39.41
N ASN E 550 -0.97 -22.51 40.44
CA ASN E 550 -0.25 -22.29 41.68
C ASN E 550 -0.05 -23.58 42.46
N GLU E 551 -0.91 -24.57 42.25
CA GLU E 551 -0.70 -25.84 42.93
C GLU E 551 0.48 -26.59 42.34
N CYS E 552 0.35 -27.04 41.09
CA CYS E 552 1.40 -27.85 40.48
C CYS E 552 2.54 -27.03 39.92
N ALA E 553 2.62 -25.75 40.30
CA ALA E 553 3.76 -24.85 40.04
C ALA E 553 4.01 -24.65 38.56
N ALA E 554 3.02 -24.90 37.72
CA ALA E 554 3.17 -24.64 36.31
C ALA E 554 3.10 -23.16 36.05
N ASN E 555 3.70 -22.75 34.94
CA ASN E 555 3.66 -21.35 34.56
C ASN E 555 2.26 -21.02 34.06
N PHE E 556 1.94 -19.73 34.07
CA PHE E 556 0.58 -19.33 33.79
C PHE E 556 0.60 -18.14 32.85
N ILE E 557 -0.27 -18.20 31.85
CA ILE E 557 -0.46 -17.11 30.91
C ILE E 557 -1.94 -16.79 30.88
N SER E 558 -2.28 -15.59 31.35
CA SER E 558 -3.65 -15.10 31.30
C SER E 558 -3.85 -14.33 30.01
N VAL E 559 -4.81 -14.74 29.21
CA VAL E 559 -5.18 -14.03 28.00
C VAL E 559 -6.68 -13.79 28.04
N LYS E 560 -7.08 -12.52 27.98
CA LYS E 560 -8.50 -12.23 27.90
C LYS E 560 -8.95 -12.11 26.45
N GLY E 561 -10.26 -11.96 26.28
CA GLY E 561 -10.88 -11.83 24.98
C GLY E 561 -10.41 -10.64 24.16
N PRO E 562 -10.68 -9.42 24.63
CA PRO E 562 -10.27 -8.23 23.86
C PRO E 562 -8.77 -8.03 23.78
N GLU E 563 -7.99 -8.72 24.62
CA GLU E 563 -6.54 -8.70 24.49
C GLU E 563 -6.11 -9.28 23.16
N LEU E 564 -6.85 -10.25 22.64
CA LEU E 564 -6.63 -10.72 21.29
C LEU E 564 -6.98 -9.63 20.29
N LEU E 565 -8.11 -8.96 20.51
CA LEU E 565 -8.63 -8.04 19.52
C LEU E 565 -7.85 -6.74 19.52
N SER E 566 -7.60 -6.17 20.70
CA SER E 566 -6.87 -4.91 20.81
C SER E 566 -5.44 -5.05 20.36
N MET E 567 -4.84 -6.22 20.52
CA MET E 567 -3.55 -6.42 19.88
C MET E 567 -3.69 -6.76 18.41
N TRP E 568 -4.90 -6.99 17.91
CA TRP E 568 -5.07 -7.16 16.48
C TRP E 568 -5.65 -5.95 15.79
N PHE E 569 -5.97 -4.90 16.53
CA PHE E 569 -6.11 -3.62 15.88
C PHE E 569 -4.74 -3.06 15.57
N GLY E 570 -3.73 -3.43 16.36
CA GLY E 570 -2.33 -3.24 16.05
C GLY E 570 -1.66 -4.43 15.43
N GLU E 571 -2.41 -5.51 15.23
CA GLU E 571 -2.01 -6.75 14.53
C GLU E 571 -0.78 -7.39 15.18
N SER E 572 -0.99 -7.89 16.40
CA SER E 572 -0.01 -8.71 17.11
C SER E 572 -0.54 -10.14 17.14
N GLU E 573 -0.28 -10.88 16.06
CA GLU E 573 -0.71 -12.27 15.99
C GLU E 573 0.44 -13.26 15.97
N SER E 574 1.65 -12.81 15.65
CA SER E 574 2.81 -13.65 15.91
C SER E 574 2.99 -13.82 17.40
N ASN E 575 2.64 -12.78 18.17
CA ASN E 575 2.61 -12.88 19.62
C ASN E 575 1.59 -13.91 20.07
N ILE E 576 0.48 -14.05 19.33
CA ILE E 576 -0.50 -15.08 19.62
C ILE E 576 0.11 -16.45 19.39
N ARG E 577 0.88 -16.60 18.33
CA ARG E 577 1.71 -17.79 18.18
C ARG E 577 2.76 -17.85 19.27
N ASP E 578 3.34 -16.69 19.62
CA ASP E 578 4.38 -16.67 20.65
C ASP E 578 3.83 -16.92 22.03
N ILE E 579 2.53 -16.73 22.23
CA ILE E 579 1.88 -17.22 23.45
C ILE E 579 2.10 -18.72 23.59
N PHE E 580 1.87 -19.45 22.51
CA PHE E 580 2.10 -20.88 22.55
C PHE E 580 3.58 -21.20 22.55
N ASP E 581 4.40 -20.33 21.95
CA ASP E 581 5.82 -20.59 21.89
C ASP E 581 6.48 -20.31 23.22
N LYS E 582 6.08 -19.22 23.88
CA LYS E 582 6.64 -18.92 25.19
C LYS E 582 6.15 -19.91 26.22
N ALA E 583 4.90 -20.37 26.09
CA ALA E 583 4.44 -21.45 26.96
C ALA E 583 5.17 -22.74 26.64
N ARG E 584 5.51 -22.95 25.38
CA ARG E 584 6.42 -24.03 25.04
C ARG E 584 7.81 -23.75 25.57
N ALA E 585 8.22 -22.48 25.57
CA ALA E 585 9.49 -22.14 26.19
C ALA E 585 9.41 -22.24 27.70
N ALA E 586 8.26 -21.94 28.28
CA ALA E 586 8.07 -22.04 29.73
C ALA E 586 7.25 -23.26 30.11
N ALA E 587 7.41 -24.36 29.37
CA ALA E 587 6.77 -25.60 29.77
C ALA E 587 7.42 -26.11 31.06
N PRO E 588 6.62 -26.56 32.04
CA PRO E 588 5.17 -26.68 32.09
C PRO E 588 4.45 -25.35 32.25
N CYS E 589 3.45 -25.13 31.39
CA CYS E 589 2.69 -23.91 31.44
C CYS E 589 1.27 -24.21 31.04
N VAL E 590 0.34 -23.43 31.60
CA VAL E 590 -1.06 -23.47 31.20
C VAL E 590 -1.39 -22.14 30.55
N VAL E 591 -2.14 -22.21 29.46
CA VAL E 591 -2.56 -21.02 28.74
C VAL E 591 -4.04 -20.82 29.00
N PHE E 592 -4.38 -19.69 29.58
CA PHE E 592 -5.74 -19.42 30.01
C PHE E 592 -6.38 -18.38 29.11
N LEU E 593 -7.52 -18.74 28.55
CA LEU E 593 -8.22 -17.89 27.61
C LEU E 593 -9.47 -17.34 28.28
N ASP E 594 -9.34 -16.19 28.92
CA ASP E 594 -10.48 -15.57 29.57
C ASP E 594 -11.37 -14.91 28.53
N GLU E 595 -12.66 -14.88 28.85
CA GLU E 595 -13.68 -14.11 28.14
C GLU E 595 -13.80 -14.56 26.68
N LEU E 596 -14.14 -15.83 26.50
CA LEU E 596 -14.28 -16.37 25.16
C LEU E 596 -15.52 -15.86 24.46
N ASP E 597 -16.50 -15.34 25.21
CA ASP E 597 -17.63 -14.67 24.62
C ASP E 597 -17.22 -13.41 23.87
N SER E 598 -16.14 -12.76 24.30
CA SER E 598 -15.64 -11.57 23.62
C SER E 598 -15.13 -11.89 22.23
N ILE E 599 -14.63 -13.10 22.02
CA ILE E 599 -14.26 -13.54 20.70
C ILE E 599 -15.51 -13.71 19.84
N ALA E 600 -16.58 -14.24 20.42
CA ALA E 600 -17.87 -14.20 19.76
C ALA E 600 -18.40 -12.78 19.65
N LYS E 601 -18.10 -11.92 20.63
CA LYS E 601 -18.60 -10.55 20.59
C LYS E 601 -17.73 -9.66 19.69
N ALA E 602 -16.64 -10.20 19.14
CA ALA E 602 -15.95 -9.51 18.05
C ALA E 602 -16.85 -9.37 16.83
N ARG E 603 -17.67 -10.38 16.57
CA ARG E 603 -18.81 -10.26 15.67
C ARG E 603 -20.12 -10.24 16.44
N GLY E 604 -20.15 -9.56 17.59
CA GLY E 604 -21.37 -9.36 18.35
C GLY E 604 -21.81 -10.53 19.23
N GLY E 605 -21.68 -11.74 18.72
CA GLY E 605 -22.09 -12.96 19.41
C GLY E 605 -22.10 -14.11 18.43
N SER E 606 -22.96 -15.10 18.71
CA SER E 606 -23.33 -16.05 17.67
C SER E 606 -24.54 -15.56 16.90
N ILE E 607 -25.43 -14.83 17.59
CA ILE E 607 -26.41 -14.02 16.88
C ILE E 607 -25.71 -12.81 16.26
N GLY E 608 -25.24 -11.89 17.11
CA GLY E 608 -24.31 -10.83 16.76
C GLY E 608 -24.73 -9.92 15.63
N ASP E 609 -23.76 -9.59 14.76
CA ASP E 609 -24.01 -8.86 13.53
C ASP E 609 -24.20 -9.81 12.35
N ALA E 610 -24.85 -10.95 12.61
CA ALA E 610 -25.06 -12.17 11.82
C ALA E 610 -23.78 -13.01 11.73
N GLY E 611 -22.65 -12.45 12.14
CA GLY E 611 -21.42 -13.21 12.22
C GLY E 611 -21.34 -13.93 13.56
N GLY E 612 -20.97 -15.20 13.52
CA GLY E 612 -20.90 -15.99 14.72
C GLY E 612 -19.64 -15.76 15.52
N ALA E 613 -19.21 -16.78 16.27
CA ALA E 613 -17.96 -16.69 17.00
C ALA E 613 -16.77 -16.70 16.06
N SER E 614 -16.89 -17.34 14.91
CA SER E 614 -15.79 -17.52 13.97
C SER E 614 -15.44 -16.20 13.29
N ASP E 615 -14.18 -15.80 13.44
CA ASP E 615 -13.59 -14.70 12.70
C ASP E 615 -12.11 -15.03 12.51
N ARG E 616 -11.31 -14.01 12.27
CA ARG E 616 -9.88 -14.20 12.08
C ARG E 616 -9.20 -14.68 13.35
N VAL E 617 -9.82 -14.43 14.51
CA VAL E 617 -9.24 -14.86 15.78
C VAL E 617 -9.34 -16.37 15.92
N VAL E 618 -10.52 -16.91 15.64
CA VAL E 618 -10.76 -18.34 15.80
C VAL E 618 -9.91 -19.14 14.84
N ASN E 619 -9.92 -18.73 13.57
CA ASN E 619 -9.13 -19.35 12.51
C ASN E 619 -7.65 -19.32 12.79
N GLN E 620 -7.17 -18.32 13.52
CA GLN E 620 -5.81 -18.33 13.99
C GLN E 620 -5.64 -19.30 15.15
N LEU E 621 -6.61 -19.32 16.07
CA LEU E 621 -6.45 -20.12 17.27
C LEU E 621 -6.60 -21.60 16.97
N LEU E 622 -7.50 -21.95 16.06
CA LEU E 622 -7.68 -23.35 15.69
C LEU E 622 -6.44 -23.91 15.03
N THR E 623 -5.69 -23.08 14.32
CA THR E 623 -4.40 -23.51 13.78
C THR E 623 -3.40 -23.70 14.92
N GLU E 624 -3.31 -22.71 15.80
CA GLU E 624 -2.31 -22.75 16.85
C GLU E 624 -2.65 -23.77 17.92
N MET E 625 -3.93 -24.03 18.15
CA MET E 625 -4.28 -25.09 19.09
C MET E 625 -3.98 -26.45 18.51
N ASP E 626 -4.24 -26.63 17.22
CA ASP E 626 -3.88 -27.87 16.55
C ASP E 626 -2.40 -27.95 16.24
N GLY E 627 -1.68 -26.83 16.29
CA GLY E 627 -0.25 -26.85 16.02
C GLY E 627 0.57 -27.14 17.25
N MET E 628 -0.05 -27.77 18.24
CA MET E 628 0.61 -28.11 19.49
C MET E 628 0.89 -29.60 19.51
N THR E 629 2.11 -29.96 19.89
CA THR E 629 2.46 -31.36 20.03
C THR E 629 1.76 -31.94 21.24
N SER E 630 1.13 -33.10 21.07
CA SER E 630 0.47 -33.77 22.17
C SER E 630 1.43 -34.27 23.22
N LYS E 631 2.70 -34.45 22.87
CA LYS E 631 3.70 -34.81 23.87
C LYS E 631 3.96 -33.67 24.84
N LYS E 632 3.76 -32.42 24.39
CA LYS E 632 4.03 -31.28 25.25
C LYS E 632 3.02 -31.19 26.37
N ASN E 633 3.50 -30.85 27.56
CA ASN E 633 2.67 -30.64 28.73
C ASN E 633 2.08 -29.23 28.77
N VAL E 634 2.33 -28.45 27.72
CA VAL E 634 1.73 -27.13 27.58
C VAL E 634 0.23 -27.29 27.46
N PHE E 635 -0.52 -26.57 28.29
CA PHE E 635 -1.93 -26.85 28.41
C PHE E 635 -2.71 -25.59 28.08
N VAL E 636 -3.90 -25.79 27.54
CA VAL E 636 -4.79 -24.72 27.12
C VAL E 636 -6.08 -24.80 27.92
N ILE E 637 -6.42 -23.70 28.59
CA ILE E 637 -7.61 -23.64 29.42
C ILE E 637 -8.52 -22.56 28.88
N GLY E 638 -9.73 -22.94 28.49
CA GLY E 638 -10.72 -22.00 28.00
C GLY E 638 -11.80 -21.78 29.03
N ALA E 639 -12.31 -20.55 29.07
CA ALA E 639 -13.35 -20.18 30.02
C ALA E 639 -14.26 -19.14 29.42
N THR E 640 -15.55 -19.42 29.43
CA THR E 640 -16.55 -18.45 29.05
C THR E 640 -17.72 -18.57 29.99
N ASN E 641 -18.64 -17.62 29.85
CA ASN E 641 -19.92 -17.70 30.52
C ASN E 641 -21.07 -17.85 29.54
N ARG E 642 -20.80 -17.78 28.24
CA ARG E 642 -21.81 -17.94 27.19
C ARG E 642 -21.40 -19.09 26.29
N PRO E 643 -21.50 -20.33 26.77
CA PRO E 643 -20.92 -21.45 26.02
C PRO E 643 -21.73 -21.90 24.84
N GLU E 644 -23.03 -21.60 24.82
CA GLU E 644 -23.84 -21.88 23.64
C GLU E 644 -23.38 -21.04 22.47
N GLN E 645 -22.88 -19.85 22.76
CA GLN E 645 -22.55 -18.84 21.79
C GLN E 645 -21.15 -18.99 21.25
N LEU E 646 -20.57 -20.18 21.38
CA LEU E 646 -19.29 -20.52 20.80
C LEU E 646 -19.46 -21.65 19.82
N ASP E 647 -18.67 -21.63 18.75
CA ASP E 647 -18.77 -22.65 17.73
C ASP E 647 -18.27 -24.00 18.23
N PRO E 648 -18.84 -25.10 17.75
CA PRO E 648 -18.31 -26.42 18.10
C PRO E 648 -17.01 -26.76 17.40
N ALA E 649 -16.58 -25.96 16.42
CA ALA E 649 -15.28 -26.16 15.80
C ALA E 649 -14.15 -25.93 16.79
N LEU E 650 -14.34 -24.99 17.71
CA LEU E 650 -13.41 -24.85 18.82
C LEU E 650 -13.65 -25.89 19.90
N CYS E 651 -14.88 -26.36 20.03
CA CYS E 651 -15.22 -27.44 20.94
C CYS E 651 -14.92 -28.81 20.36
N ARG E 652 -14.21 -28.87 19.25
CA ARG E 652 -13.91 -30.12 18.60
C ARG E 652 -12.95 -30.94 19.46
N PRO E 653 -13.11 -32.25 19.53
CA PRO E 653 -12.12 -33.08 20.23
C PRO E 653 -10.75 -32.98 19.61
N GLY E 654 -9.73 -33.00 20.46
CA GLY E 654 -8.40 -32.62 20.10
C GLY E 654 -8.10 -31.16 20.38
N ARG E 655 -9.11 -30.30 20.28
CA ARG E 655 -8.95 -28.88 20.57
C ARG E 655 -9.41 -28.51 21.97
N LEU E 656 -10.72 -28.64 22.24
CA LEU E 656 -11.28 -28.38 23.56
C LEU E 656 -12.44 -29.36 23.72
N ASP E 657 -12.15 -30.48 24.35
CA ASP E 657 -13.15 -31.51 24.53
C ASP E 657 -13.62 -31.67 25.97
N GLN E 658 -12.83 -31.22 26.94
CA GLN E 658 -13.29 -31.23 28.32
C GLN E 658 -14.09 -29.98 28.58
N LEU E 659 -15.33 -30.15 29.03
CA LEU E 659 -16.23 -29.04 29.28
C LEU E 659 -16.69 -29.12 30.72
N ILE E 660 -16.43 -28.06 31.47
CA ILE E 660 -16.63 -28.08 32.91
C ILE E 660 -17.63 -27.00 33.27
N TYR E 661 -18.80 -27.43 33.74
CA TYR E 661 -19.79 -26.50 34.22
C TYR E 661 -19.42 -25.99 35.59
N VAL E 662 -19.59 -24.69 35.79
CA VAL E 662 -19.30 -24.07 37.07
C VAL E 662 -20.63 -23.60 37.66
N PRO E 663 -21.26 -24.38 38.53
CA PRO E 663 -22.54 -23.97 39.11
C PRO E 663 -22.35 -22.89 40.16
N LEU E 664 -23.48 -22.36 40.62
CA LEU E 664 -23.46 -21.56 41.83
C LEU E 664 -23.20 -22.46 43.03
N PRO E 665 -22.56 -21.93 44.06
CA PRO E 665 -22.39 -22.71 45.28
C PRO E 665 -23.72 -22.84 46.02
N ASP E 666 -23.77 -23.81 46.91
CA ASP E 666 -24.88 -23.87 47.85
C ASP E 666 -24.59 -22.94 49.01
N GLU E 667 -25.43 -23.00 50.04
CA GLU E 667 -25.19 -22.25 51.26
C GLU E 667 -23.93 -22.70 51.98
N ALA E 668 -23.55 -23.97 51.83
CA ALA E 668 -22.27 -24.43 52.36
C ALA E 668 -21.13 -23.89 51.54
N GLY E 669 -21.32 -23.83 50.22
CA GLY E 669 -20.33 -23.18 49.38
C GLY E 669 -20.28 -21.68 49.64
N ARG E 670 -21.45 -21.06 49.77
CA ARG E 670 -21.51 -19.64 50.12
C ARG E 670 -20.95 -19.39 51.51
N LEU E 671 -21.05 -20.37 52.41
CA LEU E 671 -20.36 -20.27 53.68
C LEU E 671 -18.85 -20.31 53.48
N SER E 672 -18.38 -21.24 52.65
CA SER E 672 -16.95 -21.42 52.44
C SER E 672 -16.35 -20.23 51.72
N ILE E 673 -17.12 -19.58 50.85
CA ILE E 673 -16.64 -18.39 50.17
C ILE E 673 -16.49 -17.24 51.15
N LEU E 674 -17.54 -17.00 51.95
CA LEU E 674 -17.50 -15.93 52.92
C LEU E 674 -16.49 -16.19 54.02
N LYS E 675 -16.17 -17.45 54.29
CA LYS E 675 -14.99 -17.73 55.09
C LYS E 675 -13.74 -17.35 54.34
N ALA E 676 -13.65 -17.73 53.07
CA ALA E 676 -12.45 -17.49 52.29
C ALA E 676 -12.29 -16.02 51.89
N GLN E 677 -13.40 -15.32 51.65
CA GLN E 677 -13.27 -13.92 51.25
C GLN E 677 -12.89 -13.04 52.42
N LEU E 678 -13.29 -13.41 53.63
CA LEU E 678 -13.07 -12.56 54.79
C LEU E 678 -11.84 -12.99 55.57
N ARG E 679 -10.91 -13.68 54.93
CA ARG E 679 -9.69 -14.10 55.59
C ARG E 679 -8.79 -12.93 55.95
N LYS E 680 -8.90 -11.81 55.24
CA LYS E 680 -8.03 -10.66 55.46
C LYS E 680 -8.81 -9.46 55.96
N THR E 681 -10.03 -9.68 56.43
CA THR E 681 -10.82 -8.56 56.88
C THR E 681 -11.06 -8.63 58.38
N PRO E 682 -10.91 -7.52 59.09
CA PRO E 682 -11.20 -7.54 60.52
C PRO E 682 -12.70 -7.56 60.78
N VAL E 683 -13.28 -8.76 60.72
CA VAL E 683 -14.72 -8.90 60.83
C VAL E 683 -15.12 -8.86 62.31
N SER E 684 -16.39 -8.58 62.56
CA SER E 684 -16.92 -8.66 63.91
C SER E 684 -17.00 -10.11 64.38
N LYS E 685 -17.25 -10.26 65.67
CA LYS E 685 -17.33 -11.58 66.27
C LYS E 685 -18.74 -12.13 66.29
N ASP E 686 -19.76 -11.28 66.21
CA ASP E 686 -21.13 -11.75 66.23
C ASP E 686 -21.62 -12.23 64.87
N VAL E 687 -20.72 -12.32 63.89
CA VAL E 687 -21.11 -12.53 62.51
C VAL E 687 -21.48 -14.00 62.31
N ASP E 688 -22.76 -14.25 62.10
CA ASP E 688 -23.22 -15.58 61.73
C ASP E 688 -23.24 -15.62 60.21
N LEU E 689 -22.14 -16.11 59.63
CA LEU E 689 -22.06 -16.29 58.20
C LEU E 689 -23.04 -17.33 57.70
N ALA E 690 -23.38 -18.31 58.55
CA ALA E 690 -24.38 -19.30 58.17
C ALA E 690 -25.76 -18.70 58.09
N TYR E 691 -26.09 -17.79 59.01
CA TYR E 691 -27.33 -17.03 58.89
C TYR E 691 -27.30 -16.13 57.68
N ILE E 692 -26.13 -15.61 57.33
CA ILE E 692 -25.96 -14.99 56.03
C ILE E 692 -26.13 -16.02 54.93
N ALA E 693 -25.46 -17.17 55.07
CA ALA E 693 -25.57 -18.24 54.09
C ALA E 693 -26.96 -18.82 53.99
N SER E 694 -27.73 -18.75 55.08
CA SER E 694 -29.14 -19.12 55.01
C SER E 694 -29.90 -18.14 54.12
N LYS E 695 -29.68 -16.85 54.34
CA LYS E 695 -30.44 -15.86 53.61
C LYS E 695 -29.93 -15.68 52.18
N THR E 696 -28.63 -15.82 51.96
CA THR E 696 -28.07 -15.77 50.62
C THR E 696 -28.32 -17.11 49.95
N HIS E 697 -29.23 -17.14 48.99
CA HIS E 697 -29.50 -18.37 48.25
C HIS E 697 -29.17 -18.25 46.78
N GLY E 698 -29.79 -17.32 46.07
CA GLY E 698 -29.54 -17.17 44.65
C GLY E 698 -28.34 -16.31 44.34
N PHE E 699 -27.58 -15.93 45.36
CA PHE E 699 -26.53 -14.93 45.20
C PHE E 699 -25.24 -15.61 44.82
N SER E 700 -24.57 -15.07 43.81
CA SER E 700 -23.32 -15.66 43.33
C SER E 700 -22.19 -15.37 44.30
N GLY E 701 -21.04 -15.99 44.03
CA GLY E 701 -19.84 -15.67 44.79
C GLY E 701 -19.36 -14.26 44.53
N ALA E 702 -19.63 -13.74 43.34
CA ALA E 702 -19.39 -12.33 43.07
C ALA E 702 -20.35 -11.46 43.88
N ASP E 703 -21.59 -11.92 44.07
CA ASP E 703 -22.56 -11.16 44.84
C ASP E 703 -22.14 -11.06 46.29
N LEU E 704 -21.55 -12.13 46.83
CA LEU E 704 -21.15 -12.13 48.24
C LEU E 704 -20.01 -11.16 48.48
N ALA E 705 -19.04 -11.13 47.55
CA ALA E 705 -17.99 -10.13 47.63
C ALA E 705 -18.53 -8.74 47.40
N PHE E 706 -19.57 -8.61 46.57
CA PHE E 706 -20.20 -7.32 46.34
C PHE E 706 -20.91 -6.83 47.59
N ILE E 707 -21.46 -7.74 48.38
CA ILE E 707 -22.10 -7.37 49.64
C ILE E 707 -21.06 -6.85 50.62
N THR E 708 -19.90 -7.51 50.66
CA THR E 708 -18.84 -7.06 51.56
C THR E 708 -18.28 -5.72 51.12
N GLN E 709 -18.20 -5.48 49.81
CA GLN E 709 -17.81 -4.16 49.33
C GLN E 709 -18.83 -3.10 49.72
N ARG E 710 -20.10 -3.47 49.72
CA ARG E 710 -21.11 -2.58 50.27
C ARG E 710 -20.95 -2.43 51.77
N ALA E 711 -20.74 -3.54 52.48
CA ALA E 711 -20.70 -3.51 53.93
C ALA E 711 -19.48 -2.78 54.46
N VAL E 712 -18.34 -2.94 53.80
CA VAL E 712 -17.15 -2.16 54.15
C VAL E 712 -17.39 -0.69 53.87
N LYS E 713 -18.04 -0.39 52.75
CA LYS E 713 -18.46 0.97 52.47
C LYS E 713 -19.47 1.45 53.51
N LEU E 714 -20.36 0.56 53.95
CA LEU E 714 -21.22 0.88 55.09
C LEU E 714 -20.42 1.03 56.37
N ALA E 715 -19.34 0.26 56.50
CA ALA E 715 -18.48 0.43 57.66
C ALA E 715 -17.70 1.72 57.59
N ILE E 716 -17.28 2.13 56.39
CA ILE E 716 -16.60 3.41 56.24
C ILE E 716 -17.61 4.54 56.33
N LYS E 717 -18.88 4.27 56.02
CA LYS E 717 -19.95 5.20 56.33
C LYS E 717 -20.26 5.17 57.83
N GLU E 718 -19.58 4.30 58.58
CA GLU E 718 -19.51 4.50 60.02
C GLU E 718 -18.12 4.94 60.45
N SER E 719 -17.09 4.55 59.70
CA SER E 719 -15.72 4.75 60.18
C SER E 719 -15.31 6.20 60.05
N ILE E 720 -15.19 6.69 58.82
CA ILE E 720 -14.79 8.08 58.66
C ILE E 720 -15.95 9.02 58.88
N ALA E 721 -17.17 8.50 58.93
CA ALA E 721 -18.27 9.28 59.46
C ALA E 721 -18.03 9.61 60.92
N ALA E 722 -17.60 8.61 61.71
CA ALA E 722 -17.20 8.88 63.08
C ALA E 722 -15.95 9.74 63.16
N GLU E 723 -15.11 9.68 62.13
CA GLU E 723 -13.89 10.46 62.10
C GLU E 723 -14.19 11.94 61.86
N ILE E 724 -15.33 12.21 61.25
CA ILE E 724 -15.75 13.59 60.96
C ILE E 724 -16.82 14.05 61.92
N GLU E 725 -17.28 13.16 62.80
CA GLU E 725 -18.31 13.48 63.77
C GLU E 725 -17.72 14.24 64.95
N PRO E 745 -12.11 3.28 66.16
CA PRO E 745 -11.80 3.22 64.73
C PRO E 745 -12.70 2.26 63.96
N VAL E 746 -13.65 1.64 64.67
CA VAL E 746 -14.49 0.50 64.26
C VAL E 746 -13.79 -0.46 63.29
N PRO E 747 -12.76 -1.21 63.71
CA PRO E 747 -12.24 -2.25 62.80
C PRO E 747 -13.02 -3.54 62.92
N GLU E 748 -14.35 -3.47 62.81
CA GLU E 748 -15.20 -4.64 62.89
C GLU E 748 -16.38 -4.47 61.94
N LEU E 749 -16.79 -5.57 61.34
CA LEU E 749 -17.83 -5.52 60.30
C LEU E 749 -19.13 -6.05 60.91
N THR E 750 -19.96 -5.14 61.40
CA THR E 750 -21.05 -5.52 62.29
C THR E 750 -22.17 -6.20 61.53
N LYS E 751 -23.07 -6.81 62.29
CA LYS E 751 -24.33 -7.26 61.74
C LYS E 751 -25.16 -6.09 61.26
N ARG E 752 -25.05 -4.95 61.95
CA ARG E 752 -25.68 -3.71 61.48
C ARG E 752 -25.08 -3.23 60.18
N HIS E 753 -23.78 -3.44 59.99
CA HIS E 753 -23.19 -3.22 58.68
C HIS E 753 -23.71 -4.23 57.68
N PHE E 754 -24.04 -5.42 58.16
CA PHE E 754 -24.46 -6.47 57.26
C PHE E 754 -25.94 -6.41 56.96
N GLU E 755 -26.78 -6.30 58.00
CA GLU E 755 -28.23 -6.36 57.79
C GLU E 755 -28.76 -5.18 57.01
N GLU E 756 -28.00 -4.09 56.95
CA GLU E 756 -28.29 -3.07 55.96
C GLU E 756 -27.98 -3.59 54.56
N ALA E 757 -26.78 -4.14 54.37
CA ALA E 757 -26.42 -4.69 53.06
C ALA E 757 -27.21 -5.97 52.77
N MET E 758 -27.58 -6.72 53.81
CA MET E 758 -28.44 -7.88 53.61
C MET E 758 -29.83 -7.48 53.17
N ARG E 759 -30.35 -6.38 53.71
CA ARG E 759 -31.61 -5.84 53.19
C ARG E 759 -31.39 -5.26 51.80
N ASP E 760 -30.22 -4.69 51.55
CA ASP E 760 -29.89 -4.14 50.26
C ASP E 760 -29.36 -5.17 49.30
N ALA E 761 -29.36 -6.45 49.69
CA ALA E 761 -28.81 -7.49 48.85
C ALA E 761 -29.70 -7.74 47.64
N ARG E 762 -29.07 -8.00 46.51
CA ARG E 762 -29.80 -8.15 45.26
C ARG E 762 -29.13 -9.22 44.41
N ARG E 763 -29.94 -10.12 43.87
CA ARG E 763 -29.44 -11.22 43.05
C ARG E 763 -29.09 -10.74 41.66
N SER E 764 -27.98 -11.25 41.13
CA SER E 764 -27.48 -10.84 39.84
C SER E 764 -27.77 -11.85 38.74
N VAL E 765 -28.20 -13.05 39.08
CA VAL E 765 -28.39 -14.12 38.11
C VAL E 765 -29.85 -14.56 38.17
N SER E 766 -30.53 -14.53 37.04
CA SER E 766 -31.88 -15.07 36.97
C SER E 766 -31.82 -16.60 36.97
N ASP E 767 -32.81 -17.20 37.61
CA ASP E 767 -32.88 -18.66 37.65
C ASP E 767 -33.29 -19.23 36.30
N VAL E 768 -34.01 -18.45 35.49
CA VAL E 768 -34.36 -18.91 34.15
C VAL E 768 -33.12 -18.92 33.26
N GLU E 769 -32.14 -18.08 33.56
CA GLU E 769 -30.85 -18.20 32.93
C GLU E 769 -30.15 -19.46 33.39
N ILE E 770 -30.33 -19.82 34.66
CA ILE E 770 -29.72 -21.03 35.20
C ILE E 770 -30.35 -22.26 34.57
N ARG E 771 -31.66 -22.21 34.32
CA ARG E 771 -32.36 -23.32 33.67
C ARG E 771 -31.88 -23.54 32.25
N ARG E 772 -31.35 -22.51 31.60
CA ARG E 772 -30.59 -22.73 30.38
C ARG E 772 -29.35 -23.54 30.70
N TYR E 773 -28.49 -23.01 31.57
CA TYR E 773 -27.21 -23.64 31.89
C TYR E 773 -27.38 -25.01 32.51
N GLU E 774 -28.44 -25.22 33.29
CA GLU E 774 -28.67 -26.55 33.84
C GLU E 774 -29.10 -27.53 32.75
N ALA E 775 -29.78 -27.04 31.72
CA ALA E 775 -30.03 -27.88 30.56
C ALA E 775 -28.75 -28.14 29.79
N PHE E 776 -27.85 -27.16 29.74
CA PHE E 776 -26.52 -27.44 29.22
C PHE E 776 -25.75 -28.34 30.17
N ALA E 777 -25.89 -28.12 31.48
CA ALA E 777 -25.31 -29.04 32.45
C ALA E 777 -25.96 -30.41 32.39
N GLN E 778 -27.24 -30.47 32.04
CA GLN E 778 -27.81 -31.76 31.71
C GLN E 778 -27.23 -32.28 30.41
N GLN E 779 -27.24 -31.46 29.37
CA GLN E 779 -26.72 -31.90 28.09
C GLN E 779 -26.33 -30.69 27.27
N MET E 780 -25.03 -30.51 27.07
CA MET E 780 -24.57 -29.66 26.00
C MET E 780 -23.96 -30.48 24.86
N LYS E 781 -23.72 -31.78 25.06
CA LYS E 781 -23.05 -32.60 24.04
C LYS E 781 -23.88 -32.77 22.77
N ASN E 782 -25.19 -32.47 22.82
CA ASN E 782 -25.98 -32.34 21.61
C ASN E 782 -25.54 -31.15 20.75
N ALA E 783 -24.95 -30.12 21.38
CA ALA E 783 -24.41 -28.91 20.74
C ALA E 783 -25.43 -28.14 19.89
N ASN F 215 34.25 -30.47 6.98
CA ASN F 215 33.68 -29.26 6.42
C ASN F 215 33.56 -29.42 4.93
N GLU F 216 34.04 -30.55 4.43
CA GLU F 216 33.99 -30.84 3.00
C GLU F 216 33.12 -32.07 2.83
N VAL F 217 32.07 -31.95 2.02
CA VAL F 217 30.90 -32.81 2.12
C VAL F 217 30.90 -33.85 1.01
N GLY F 218 30.80 -35.12 1.40
CA GLY F 218 30.60 -36.20 0.45
C GLY F 218 29.14 -36.63 0.40
N TYR F 219 28.91 -37.71 -0.36
CA TYR F 219 27.55 -38.26 -0.43
C TYR F 219 27.14 -38.88 0.89
N ASP F 220 28.08 -39.41 1.65
CA ASP F 220 27.74 -40.09 2.88
C ASP F 220 27.33 -39.11 3.96
N ASP F 221 27.72 -37.85 3.83
CA ASP F 221 27.46 -36.86 4.85
C ASP F 221 26.00 -36.41 4.82
N ILE F 222 25.34 -36.59 3.69
CA ILE F 222 23.92 -36.36 3.57
C ILE F 222 23.24 -37.71 3.56
N GLY F 223 22.01 -37.77 4.08
CA GLY F 223 21.29 -39.02 4.03
C GLY F 223 19.80 -38.78 4.03
N GLY F 224 19.08 -39.82 3.61
CA GLY F 224 17.64 -39.85 3.69
C GLY F 224 16.93 -39.47 2.40
N CYS F 225 17.33 -38.40 1.74
CA CYS F 225 16.64 -37.92 0.56
C CYS F 225 17.32 -38.54 -0.65
N ARG F 226 17.12 -39.84 -0.81
CA ARG F 226 17.84 -40.59 -1.83
C ARG F 226 17.25 -40.35 -3.20
N LYS F 227 15.92 -40.26 -3.26
CA LYS F 227 15.24 -40.03 -4.53
C LYS F 227 15.59 -38.68 -5.10
N GLN F 228 15.75 -37.68 -4.23
CA GLN F 228 16.14 -36.35 -4.67
C GLN F 228 17.57 -36.35 -5.17
N LEU F 229 18.47 -37.04 -4.47
CA LEU F 229 19.85 -37.15 -4.93
C LEU F 229 19.94 -37.98 -6.20
N ALA F 230 19.00 -38.90 -6.38
CA ALA F 230 18.94 -39.64 -7.64
C ALA F 230 18.61 -38.71 -8.79
N GLN F 231 17.83 -37.67 -8.53
CA GLN F 231 17.51 -36.71 -9.57
C GLN F 231 18.73 -35.88 -9.93
N ILE F 232 19.42 -35.37 -8.92
CA ILE F 232 20.46 -34.37 -9.14
C ILE F 232 21.69 -34.99 -9.80
N ARG F 233 21.99 -36.24 -9.46
CA ARG F 233 23.05 -36.95 -10.16
C ARG F 233 22.71 -37.15 -11.63
N GLU F 234 21.44 -37.33 -11.94
CA GLU F 234 21.03 -37.34 -13.35
C GLU F 234 21.11 -35.95 -13.95
N MET F 235 20.99 -34.91 -13.13
CA MET F 235 20.93 -33.56 -13.64
C MET F 235 22.27 -32.84 -13.62
N VAL F 236 23.16 -33.18 -12.70
CA VAL F 236 24.40 -32.46 -12.50
C VAL F 236 25.62 -33.37 -12.71
N GLU F 237 25.64 -34.50 -12.01
CA GLU F 237 26.76 -35.45 -12.16
C GLU F 237 26.80 -36.01 -13.56
N LEU F 238 25.63 -36.29 -14.13
CA LEU F 238 25.56 -36.91 -15.45
C LEU F 238 26.03 -36.02 -16.59
N PRO F 239 25.66 -34.74 -16.72
CA PRO F 239 26.19 -33.99 -17.87
C PRO F 239 27.65 -33.66 -17.73
N LEU F 240 28.19 -33.68 -16.53
CA LEU F 240 29.57 -33.20 -16.38
C LEU F 240 30.57 -34.31 -16.66
N ARG F 241 30.46 -35.45 -15.99
CA ARG F 241 31.40 -36.53 -16.25
C ARG F 241 31.12 -37.23 -17.57
N HIS F 242 29.92 -37.09 -18.12
CA HIS F 242 29.62 -37.59 -19.45
C HIS F 242 28.74 -36.60 -20.19
N PRO F 243 29.35 -35.55 -20.76
CA PRO F 243 28.59 -34.71 -21.68
C PRO F 243 28.35 -35.37 -23.02
N GLN F 244 29.06 -36.46 -23.29
CA GLN F 244 28.93 -37.16 -24.56
C GLN F 244 27.58 -37.81 -24.69
N LEU F 245 26.94 -38.16 -23.57
CA LEU F 245 25.66 -38.83 -23.60
C LEU F 245 24.59 -37.95 -24.21
N PHE F 246 24.50 -36.71 -23.73
CA PHE F 246 23.61 -35.74 -24.35
C PHE F 246 24.11 -35.35 -25.72
N LYS F 247 25.41 -35.45 -25.94
CA LYS F 247 25.95 -35.23 -27.28
C LYS F 247 25.62 -36.40 -28.19
N SER F 248 25.66 -37.63 -27.68
CA SER F 248 25.32 -38.78 -28.50
C SER F 248 23.83 -38.84 -28.78
N ILE F 249 23.02 -38.56 -27.76
CA ILE F 249 21.58 -38.60 -27.97
C ILE F 249 21.10 -37.34 -28.66
N GLY F 250 21.91 -36.28 -28.63
CA GLY F 250 21.56 -35.06 -29.35
C GLY F 250 20.48 -34.24 -28.67
N ILE F 251 20.51 -34.13 -27.35
CA ILE F 251 19.62 -33.22 -26.64
C ILE F 251 20.46 -32.19 -25.93
N LYS F 252 19.80 -31.18 -25.46
CA LYS F 252 20.50 -30.14 -24.72
C LYS F 252 20.58 -30.52 -23.25
N PRO F 253 21.74 -30.38 -22.62
CA PRO F 253 21.82 -30.57 -21.18
C PRO F 253 21.06 -29.48 -20.45
N PRO F 254 20.26 -29.85 -19.45
CA PRO F 254 19.55 -28.84 -18.66
C PRO F 254 20.53 -28.07 -17.79
N ARG F 255 20.53 -26.75 -17.94
CA ARG F 255 21.37 -25.86 -17.14
C ARG F 255 20.55 -25.10 -16.11
N GLY F 256 19.37 -25.61 -15.78
CA GLY F 256 18.44 -24.88 -14.95
C GLY F 256 18.02 -25.62 -13.68
N VAL F 257 18.99 -26.20 -12.99
CA VAL F 257 18.73 -26.93 -11.77
C VAL F 257 18.33 -25.96 -10.66
N LEU F 258 17.14 -26.17 -10.10
CA LEU F 258 16.63 -25.35 -9.01
C LEU F 258 16.27 -26.24 -7.83
N LEU F 259 16.81 -25.90 -6.66
CA LEU F 259 16.47 -26.57 -5.42
C LEU F 259 15.52 -25.69 -4.61
N TYR F 260 14.61 -26.33 -3.90
CA TYR F 260 13.72 -25.60 -3.00
C TYR F 260 13.16 -26.57 -1.98
N GLY F 261 12.62 -26.01 -0.91
CA GLY F 261 12.03 -26.79 0.14
C GLY F 261 11.79 -25.93 1.37
N PRO F 262 11.58 -26.58 2.51
CA PRO F 262 11.51 -25.85 3.76
C PRO F 262 12.88 -25.34 4.15
N PRO F 263 12.95 -24.33 5.03
CA PRO F 263 14.27 -23.84 5.46
C PRO F 263 14.97 -24.86 6.32
N GLY F 264 16.30 -24.83 6.26
CA GLY F 264 17.10 -25.68 7.12
C GLY F 264 16.97 -27.15 6.82
N THR F 265 16.90 -27.50 5.53
CA THR F 265 16.70 -28.88 5.13
C THR F 265 17.85 -29.42 4.30
N GLY F 266 19.07 -28.95 4.58
CA GLY F 266 20.21 -29.48 3.87
C GLY F 266 20.34 -29.00 2.45
N LYS F 267 19.62 -27.93 2.10
CA LYS F 267 19.68 -27.44 0.72
C LYS F 267 21.04 -26.86 0.41
N THR F 268 21.64 -26.15 1.36
CA THR F 268 23.02 -25.77 1.19
C THR F 268 23.93 -26.99 1.32
N LEU F 269 23.51 -27.96 2.13
CA LEU F 269 24.35 -29.13 2.37
C LEU F 269 24.40 -30.04 1.15
N MET F 270 23.28 -30.21 0.45
CA MET F 270 23.28 -31.08 -0.71
C MET F 270 23.99 -30.48 -1.90
N ALA F 271 24.24 -29.17 -1.88
CA ALA F 271 24.98 -28.54 -2.96
C ALA F 271 26.42 -29.05 -3.01
N ARG F 272 27.15 -28.88 -1.91
CA ARG F 272 28.50 -29.38 -1.83
C ARG F 272 28.56 -30.90 -1.80
N ALA F 273 27.48 -31.56 -1.38
CA ALA F 273 27.42 -33.01 -1.46
C ALA F 273 27.48 -33.49 -2.90
N VAL F 274 26.99 -32.69 -3.83
CA VAL F 274 27.18 -32.97 -5.25
C VAL F 274 28.48 -32.36 -5.75
N ALA F 275 28.76 -31.13 -5.33
CA ALA F 275 29.85 -30.35 -5.89
C ALA F 275 31.21 -30.93 -5.54
N ASN F 276 31.38 -31.41 -4.31
CA ASN F 276 32.66 -31.99 -3.95
C ASN F 276 32.83 -33.39 -4.50
N GLU F 277 31.75 -34.00 -4.99
CA GLU F 277 31.80 -35.33 -5.57
C GLU F 277 31.87 -35.30 -7.08
N THR F 278 32.23 -34.16 -7.65
CA THR F 278 32.61 -34.08 -9.04
C THR F 278 34.11 -33.86 -9.15
N GLY F 279 34.61 -33.94 -10.37
CA GLY F 279 35.95 -33.47 -10.65
C GLY F 279 35.85 -32.13 -11.33
N ALA F 280 34.70 -31.48 -11.19
CA ALA F 280 34.48 -30.19 -11.83
C ALA F 280 34.72 -28.99 -10.92
N PHE F 281 35.21 -27.91 -11.52
CA PHE F 281 35.47 -26.69 -10.79
C PHE F 281 34.16 -26.17 -10.24
N PHE F 282 34.04 -26.12 -8.92
CA PHE F 282 32.82 -25.67 -8.28
C PHE F 282 32.93 -24.25 -7.75
N PHE F 283 32.14 -23.35 -8.33
CA PHE F 283 32.11 -21.96 -7.90
C PHE F 283 31.06 -21.80 -6.82
N LEU F 284 30.87 -20.58 -6.32
CA LEU F 284 29.89 -20.36 -5.25
C LEU F 284 29.46 -18.89 -5.12
N ILE F 285 28.18 -18.68 -4.84
CA ILE F 285 27.64 -17.33 -4.68
C ILE F 285 26.47 -17.26 -3.70
N ASN F 286 26.70 -16.62 -2.56
CA ASN F 286 25.68 -16.44 -1.54
C ASN F 286 24.74 -15.32 -1.95
N GLY F 287 23.47 -15.48 -1.60
CA GLY F 287 22.45 -14.49 -1.83
C GLY F 287 22.76 -13.15 -1.17
N PRO F 288 22.78 -13.10 0.16
CA PRO F 288 23.04 -11.82 0.84
C PRO F 288 24.44 -11.29 0.64
N GLU F 289 25.38 -12.09 0.18
CA GLU F 289 26.73 -11.58 -0.04
C GLU F 289 26.74 -10.62 -1.22
N ILE F 290 25.98 -10.91 -2.27
CA ILE F 290 25.86 -9.98 -3.37
C ILE F 290 25.05 -8.77 -2.96
N MET F 291 23.99 -9.00 -2.19
CA MET F 291 23.14 -7.89 -1.75
C MET F 291 23.83 -7.04 -0.69
N SER F 292 24.86 -7.58 -0.03
CA SER F 292 25.66 -6.75 0.87
C SER F 292 26.48 -5.72 0.11
N LYS F 293 26.81 -6.03 -1.14
CA LYS F 293 27.75 -5.21 -1.88
C LYS F 293 27.10 -3.89 -2.31
N MET F 294 27.94 -2.98 -2.78
CA MET F 294 27.44 -1.68 -3.19
C MET F 294 26.88 -1.75 -4.61
N ALA F 295 26.37 -0.62 -5.06
CA ALA F 295 25.67 -0.55 -6.34
C ALA F 295 26.64 -0.65 -7.50
N GLY F 296 26.27 -1.44 -8.49
CA GLY F 296 27.14 -1.68 -9.64
C GLY F 296 28.20 -2.73 -9.40
N GLU F 297 28.88 -2.64 -8.27
CA GLU F 297 29.90 -3.62 -7.90
C GLU F 297 29.31 -4.99 -7.65
N SER F 298 28.08 -5.04 -7.12
CA SER F 298 27.42 -6.31 -6.88
C SER F 298 27.14 -7.04 -8.19
N GLU F 299 26.67 -6.31 -9.20
CA GLU F 299 26.45 -6.91 -10.51
C GLU F 299 27.75 -7.22 -11.22
N SER F 300 28.86 -6.61 -10.79
CA SER F 300 30.14 -6.95 -11.37
C SER F 300 30.56 -8.36 -10.99
N ASN F 301 30.26 -8.77 -9.76
CA ASN F 301 30.72 -10.07 -9.28
C ASN F 301 30.01 -11.21 -9.98
N LEU F 302 28.77 -10.98 -10.42
CA LEU F 302 28.08 -11.99 -11.21
C LEU F 302 28.73 -12.16 -12.55
N ARG F 303 29.17 -11.05 -13.15
CA ARG F 303 29.90 -11.13 -14.40
C ARG F 303 31.27 -11.72 -14.16
N LYS F 304 31.87 -11.44 -13.01
CA LYS F 304 33.10 -12.12 -12.64
C LYS F 304 32.87 -13.58 -12.32
N ALA F 305 31.65 -13.95 -11.94
CA ALA F 305 31.38 -15.35 -11.66
C ALA F 305 31.40 -16.18 -12.93
N PHE F 306 30.63 -15.78 -13.93
CA PHE F 306 30.36 -16.68 -15.04
C PHE F 306 31.53 -16.75 -15.99
N GLU F 307 32.36 -15.71 -16.04
CA GLU F 307 33.53 -15.74 -16.88
C GLU F 307 34.53 -16.77 -16.38
N GLU F 308 34.63 -16.92 -15.05
CA GLU F 308 35.50 -17.95 -14.51
C GLU F 308 34.94 -19.33 -14.77
N ALA F 309 33.62 -19.46 -14.72
CA ALA F 309 33.00 -20.76 -14.98
C ALA F 309 33.07 -21.12 -16.45
N GLU F 310 32.87 -20.15 -17.33
CA GLU F 310 33.06 -20.41 -18.74
C GLU F 310 34.53 -20.51 -19.11
N LYS F 311 35.43 -20.08 -18.24
CA LYS F 311 36.83 -20.40 -18.42
C LYS F 311 37.10 -21.85 -18.05
N ASN F 312 36.85 -22.20 -16.79
CA ASN F 312 37.01 -23.57 -16.32
C ASN F 312 35.74 -24.32 -16.65
N SER F 313 35.62 -24.80 -17.89
CA SER F 313 34.35 -25.22 -18.49
C SER F 313 33.60 -26.35 -17.79
N PRO F 314 34.24 -27.41 -17.25
CA PRO F 314 33.47 -28.25 -16.33
C PRO F 314 33.26 -27.48 -15.04
N ALA F 315 32.07 -26.91 -14.86
CA ALA F 315 31.88 -25.92 -13.81
C ALA F 315 30.53 -26.11 -13.15
N ILE F 316 30.49 -25.83 -11.85
CA ILE F 316 29.28 -25.87 -11.06
C ILE F 316 29.10 -24.51 -10.41
N ILE F 317 27.97 -23.88 -10.66
CA ILE F 317 27.64 -22.61 -10.03
C ILE F 317 26.46 -22.87 -9.12
N PHE F 318 26.71 -22.89 -7.83
CA PHE F 318 25.63 -22.95 -6.86
C PHE F 318 25.38 -21.57 -6.27
N ILE F 319 24.11 -21.20 -6.19
CA ILE F 319 23.70 -19.94 -5.61
C ILE F 319 22.79 -20.26 -4.44
N ASP F 320 23.26 -20.00 -3.23
CA ASP F 320 22.40 -20.17 -2.07
C ASP F 320 21.54 -18.94 -1.87
N GLU F 321 20.28 -19.17 -1.51
CA GLU F 321 19.29 -18.15 -1.17
C GLU F 321 19.08 -17.20 -2.36
N ILE F 322 18.58 -17.81 -3.43
CA ILE F 322 18.41 -17.15 -4.71
C ILE F 322 17.34 -16.06 -4.64
N ASP F 323 16.39 -16.17 -3.70
CA ASP F 323 15.32 -15.19 -3.62
C ASP F 323 15.79 -13.85 -3.09
N SER F 324 16.92 -13.82 -2.38
CA SER F 324 17.43 -12.57 -1.86
C SER F 324 17.98 -11.68 -2.97
N ILE F 325 18.57 -12.28 -3.99
CA ILE F 325 18.99 -11.53 -5.16
C ILE F 325 17.92 -11.51 -6.23
N ALA F 326 16.88 -12.31 -6.09
CA ALA F 326 15.80 -12.37 -7.08
C ALA F 326 14.45 -12.46 -6.40
N PRO F 327 13.90 -11.33 -5.97
CA PRO F 327 12.49 -11.33 -5.59
C PRO F 327 11.62 -11.15 -6.82
N LYS F 328 10.33 -11.01 -6.63
CA LYS F 328 9.47 -10.59 -7.73
C LYS F 328 9.78 -9.15 -8.11
N ARG F 329 9.90 -8.90 -9.42
CA ARG F 329 10.09 -7.54 -9.89
C ARG F 329 8.84 -6.70 -9.70
N GLU F 330 7.67 -7.34 -9.61
CA GLU F 330 6.47 -6.60 -9.27
C GLU F 330 6.49 -6.19 -7.80
N LYS F 331 7.00 -7.05 -6.94
CA LYS F 331 7.00 -6.80 -5.50
C LYS F 331 8.43 -6.58 -5.06
N THR F 332 8.91 -5.36 -5.27
CA THR F 332 10.22 -4.89 -4.90
C THR F 332 10.23 -3.38 -5.02
N ASN F 333 11.22 -2.76 -4.38
CA ASN F 333 11.28 -1.30 -4.35
C ASN F 333 12.52 -0.75 -5.01
N GLY F 334 13.70 -1.25 -4.64
CA GLY F 334 14.94 -0.71 -5.15
C GLY F 334 15.20 -1.17 -6.57
N GLU F 335 15.62 -0.22 -7.41
CA GLU F 335 16.04 -0.56 -8.76
C GLU F 335 17.36 -1.32 -8.76
N VAL F 336 18.14 -1.18 -7.69
CA VAL F 336 19.36 -1.97 -7.53
C VAL F 336 19.01 -3.44 -7.42
N GLU F 337 17.91 -3.74 -6.73
CA GLU F 337 17.36 -5.09 -6.79
C GLU F 337 16.90 -5.43 -8.19
N ARG F 338 16.32 -4.47 -8.89
CA ARG F 338 15.81 -4.74 -10.22
C ARG F 338 16.94 -4.87 -11.23
N ARG F 339 18.08 -4.23 -10.99
CA ARG F 339 19.22 -4.42 -11.87
C ARG F 339 19.82 -5.81 -11.69
N VAL F 340 19.97 -6.25 -10.44
CA VAL F 340 20.69 -7.48 -10.19
C VAL F 340 19.84 -8.67 -10.58
N VAL F 341 18.51 -8.53 -10.56
CA VAL F 341 17.65 -9.49 -11.23
C VAL F 341 17.89 -9.45 -12.72
N SER F 342 17.92 -8.25 -13.28
CA SER F 342 18.13 -8.08 -14.71
C SER F 342 19.54 -8.46 -15.11
N GLN F 343 20.49 -8.34 -14.20
CA GLN F 343 21.82 -8.86 -14.46
C GLN F 343 21.78 -10.39 -14.51
N LEU F 344 20.98 -10.99 -13.65
CA LEU F 344 20.93 -12.44 -13.58
C LEU F 344 20.22 -13.03 -14.78
N LEU F 345 19.09 -12.43 -15.17
CA LEU F 345 18.34 -12.90 -16.33
C LEU F 345 19.13 -12.78 -17.60
N THR F 346 19.96 -11.74 -17.69
CA THR F 346 20.83 -11.59 -18.84
C THR F 346 21.90 -12.67 -18.86
N LEU F 347 22.60 -12.84 -17.74
CA LEU F 347 23.77 -13.70 -17.72
C LEU F 347 23.42 -15.17 -17.76
N MET F 348 22.20 -15.55 -17.37
CA MET F 348 21.77 -16.93 -17.55
C MET F 348 21.62 -17.26 -19.03
N ASP F 349 21.13 -16.32 -19.81
CA ASP F 349 20.93 -16.54 -21.22
C ASP F 349 22.22 -16.40 -22.01
N GLY F 350 23.21 -15.68 -21.48
CA GLY F 350 24.49 -15.55 -22.14
C GLY F 350 25.33 -16.79 -22.13
N MET F 351 24.91 -17.81 -21.39
CA MET F 351 25.65 -19.06 -21.31
C MET F 351 25.50 -19.85 -22.60
N LYS F 352 26.33 -20.88 -22.73
CA LYS F 352 26.31 -21.75 -23.90
C LYS F 352 26.23 -23.21 -23.49
N ALA F 353 25.74 -24.03 -24.42
CA ALA F 353 25.76 -25.47 -24.21
C ALA F 353 27.17 -26.04 -24.32
N ARG F 354 28.03 -25.41 -25.13
CA ARG F 354 29.42 -25.80 -25.22
C ARG F 354 30.20 -25.41 -23.97
N SER F 355 29.66 -24.52 -23.14
CA SER F 355 30.32 -24.17 -21.90
C SER F 355 30.32 -25.34 -20.94
N ASN F 356 29.27 -26.16 -20.97
CA ASN F 356 29.05 -27.31 -20.08
C ASN F 356 29.12 -26.89 -18.61
N VAL F 357 28.41 -25.81 -18.31
CA VAL F 357 28.42 -25.19 -17.00
C VAL F 357 27.01 -25.29 -16.43
N VAL F 358 26.91 -25.80 -15.21
CA VAL F 358 25.63 -26.08 -14.58
C VAL F 358 25.38 -25.03 -13.50
N VAL F 359 24.19 -24.44 -13.53
CA VAL F 359 23.79 -23.45 -12.55
C VAL F 359 22.86 -24.11 -11.54
N MET F 360 23.26 -24.11 -10.28
CA MET F 360 22.42 -24.58 -9.20
C MET F 360 21.94 -23.38 -8.38
N ALA F 361 20.72 -23.49 -7.89
CA ALA F 361 20.15 -22.45 -7.06
C ALA F 361 19.23 -23.07 -6.04
N ALA F 362 19.24 -22.53 -4.84
CA ALA F 362 18.44 -23.05 -3.75
C ALA F 362 17.69 -21.92 -3.07
N THR F 363 16.50 -22.24 -2.57
CA THR F 363 15.74 -21.28 -1.78
C THR F 363 14.87 -22.05 -0.81
N ASN F 364 14.30 -21.31 0.13
CA ASN F 364 13.25 -21.81 0.97
C ASN F 364 11.89 -21.25 0.61
N ARG F 365 11.85 -20.21 -0.22
CA ARG F 365 10.62 -19.60 -0.68
C ARG F 365 10.61 -19.68 -2.20
N PRO F 366 10.09 -20.76 -2.76
CA PRO F 366 10.04 -20.89 -4.22
C PRO F 366 9.03 -19.97 -4.87
N ASN F 367 8.11 -19.38 -4.11
CA ASN F 367 7.10 -18.51 -4.68
C ASN F 367 7.53 -17.06 -4.75
N SER F 368 8.46 -16.63 -3.90
CA SER F 368 8.90 -15.24 -3.89
C SER F 368 9.79 -14.89 -5.08
N ILE F 369 10.22 -15.88 -5.84
CA ILE F 369 11.14 -15.66 -6.95
C ILE F 369 10.40 -15.00 -8.10
N ASP F 370 11.10 -14.16 -8.86
CA ASP F 370 10.61 -13.73 -10.16
C ASP F 370 10.44 -14.97 -11.05
N PRO F 371 9.25 -15.20 -11.59
CA PRO F 371 9.03 -16.44 -12.37
C PRO F 371 9.74 -16.47 -13.71
N ALA F 372 10.33 -15.36 -14.17
CA ALA F 372 11.07 -15.36 -15.41
C ALA F 372 12.31 -16.25 -15.34
N LEU F 373 12.85 -16.41 -14.13
CA LEU F 373 13.88 -17.42 -13.92
C LEU F 373 13.32 -18.83 -14.08
N ARG F 374 12.14 -19.07 -13.49
CA ARG F 374 11.52 -20.39 -13.51
C ARG F 374 10.92 -20.74 -14.86
N ARG F 375 11.02 -19.85 -15.84
CA ARG F 375 10.60 -20.16 -17.20
C ARG F 375 11.70 -20.96 -17.91
N PHE F 376 11.44 -21.29 -19.16
CA PHE F 376 12.29 -22.25 -19.87
C PHE F 376 13.60 -21.60 -20.30
N GLY F 377 14.65 -22.41 -20.34
CA GLY F 377 15.97 -21.94 -20.69
C GLY F 377 16.78 -21.44 -19.53
N ARG F 378 16.13 -21.01 -18.45
CA ARG F 378 16.83 -20.46 -17.31
C ARG F 378 16.77 -21.39 -16.11
N PHE F 379 15.58 -21.75 -15.66
CA PHE F 379 15.41 -22.77 -14.62
C PHE F 379 14.20 -23.60 -14.95
N ASP F 380 14.44 -24.86 -15.25
CA ASP F 380 13.43 -25.84 -15.61
C ASP F 380 13.30 -26.95 -14.59
N ARG F 381 14.37 -27.24 -13.87
CA ARG F 381 14.39 -28.41 -13.00
C ARG F 381 14.03 -27.98 -11.58
N GLU F 382 12.73 -27.96 -11.33
CA GLU F 382 12.22 -27.75 -9.97
C GLU F 382 12.46 -29.00 -9.16
N VAL F 383 13.33 -28.92 -8.17
CA VAL F 383 13.62 -30.07 -7.32
C VAL F 383 13.27 -29.70 -5.89
N ASP F 384 12.24 -30.36 -5.36
CA ASP F 384 11.83 -30.15 -3.99
C ASP F 384 12.56 -31.10 -3.06
N ILE F 385 12.89 -30.61 -1.87
CA ILE F 385 13.48 -31.43 -0.82
C ILE F 385 12.44 -31.54 0.29
N GLY F 386 11.73 -32.66 0.33
CA GLY F 386 10.65 -32.82 1.28
C GLY F 386 11.13 -33.17 2.68
N ILE F 387 10.18 -33.18 3.59
CA ILE F 387 10.44 -33.63 4.96
C ILE F 387 10.66 -35.13 4.96
N PRO F 388 11.74 -35.63 5.55
CA PRO F 388 12.03 -37.06 5.47
C PRO F 388 11.10 -37.89 6.34
N ASP F 389 10.99 -39.16 5.96
CA ASP F 389 10.26 -40.15 6.72
C ASP F 389 11.02 -40.49 8.00
N PRO F 390 10.40 -41.21 8.94
CA PRO F 390 11.18 -41.73 10.07
C PRO F 390 12.29 -42.69 9.70
N THR F 391 12.22 -43.33 8.54
CA THR F 391 13.34 -44.11 8.05
C THR F 391 14.52 -43.21 7.71
N GLY F 392 14.28 -42.16 6.91
CA GLY F 392 15.38 -41.33 6.46
C GLY F 392 15.93 -40.45 7.54
N ARG F 393 15.08 -40.01 8.47
CA ARG F 393 15.59 -39.18 9.54
C ARG F 393 16.35 -40.00 10.57
N LEU F 394 16.08 -41.30 10.62
CA LEU F 394 16.94 -42.21 11.39
C LEU F 394 18.37 -42.16 10.87
N GLU F 395 18.51 -42.19 9.54
CA GLU F 395 19.82 -42.08 8.91
C GLU F 395 20.49 -40.76 9.24
N ILE F 396 19.71 -39.69 9.32
CA ILE F 396 20.24 -38.37 9.60
C ILE F 396 20.77 -38.30 11.03
N LEU F 397 20.10 -38.99 11.95
CA LEU F 397 20.59 -39.06 13.33
C LEU F 397 21.91 -39.79 13.40
N GLN F 398 22.06 -40.84 12.59
CA GLN F 398 23.29 -41.61 12.58
C GLN F 398 24.43 -40.81 12.01
N ILE F 399 24.13 -39.83 11.15
CA ILE F 399 25.16 -38.95 10.62
C ILE F 399 25.72 -38.06 11.70
N HIS F 400 24.85 -37.50 12.54
CA HIS F 400 25.32 -36.55 13.53
C HIS F 400 25.91 -37.25 14.74
N THR F 401 25.40 -38.41 15.09
CA THR F 401 25.83 -39.09 16.30
C THR F 401 27.07 -39.93 16.11
N LYS F 402 27.44 -40.25 14.87
CA LYS F 402 28.65 -41.04 14.66
C LYS F 402 29.91 -40.24 14.98
N ASN F 403 29.82 -38.92 14.97
CA ASN F 403 30.88 -38.09 15.50
C ASN F 403 30.75 -37.96 17.00
N MET F 404 29.53 -38.04 17.51
CA MET F 404 29.30 -37.86 18.93
C MET F 404 29.77 -39.07 19.73
N LYS F 405 29.90 -38.86 21.03
CA LYS F 405 30.25 -39.92 21.97
C LYS F 405 29.01 -40.22 22.80
N LEU F 406 28.47 -41.42 22.63
CA LEU F 406 27.19 -41.74 23.23
C LEU F 406 27.35 -42.82 24.28
N ALA F 407 26.26 -43.10 24.98
CA ALA F 407 26.17 -44.26 25.83
C ALA F 407 25.41 -45.36 25.09
N ASP F 408 25.45 -46.56 25.65
CA ASP F 408 24.92 -47.73 24.98
C ASP F 408 23.41 -47.79 25.02
N ASP F 409 22.77 -47.01 25.88
CA ASP F 409 21.32 -46.99 25.98
C ASP F 409 20.66 -46.28 24.81
N VAL F 410 21.43 -45.59 23.98
CA VAL F 410 20.89 -44.70 22.96
C VAL F 410 20.24 -45.53 21.86
N ASP F 411 18.94 -45.36 21.70
CA ASP F 411 18.20 -45.98 20.62
C ASP F 411 17.73 -44.85 19.71
N LEU F 412 18.45 -44.65 18.62
CA LEU F 412 18.03 -43.66 17.63
C LEU F 412 16.75 -44.08 16.95
N GLU F 413 16.54 -45.39 16.81
CA GLU F 413 15.32 -45.88 16.19
C GLU F 413 14.11 -45.58 17.05
N GLN F 414 14.28 -45.63 18.37
CA GLN F 414 13.24 -45.15 19.24
C GLN F 414 13.05 -43.64 19.10
N ILE F 415 14.15 -42.91 18.91
CA ILE F 415 14.06 -41.47 18.72
C ILE F 415 13.39 -41.17 17.38
N ALA F 416 13.86 -41.83 16.32
CA ALA F 416 13.36 -41.54 14.97
C ALA F 416 11.89 -41.91 14.81
N ALA F 417 11.43 -42.89 15.58
CA ALA F 417 10.00 -43.14 15.64
C ALA F 417 9.27 -41.99 16.33
N GLU F 418 9.88 -41.44 17.37
CA GLU F 418 9.23 -40.41 18.17
C GLU F 418 9.36 -39.02 17.59
N THR F 419 10.09 -38.87 16.49
CA THR F 419 10.26 -37.60 15.82
C THR F 419 9.57 -37.69 14.46
N HIS F 420 8.70 -36.74 14.16
CA HIS F 420 7.76 -36.95 13.08
C HIS F 420 7.80 -35.84 12.03
N GLY F 421 8.01 -34.61 12.45
CA GLY F 421 7.99 -33.53 11.52
C GLY F 421 9.24 -32.67 11.60
N TYR F 422 10.38 -33.29 11.86
CA TYR F 422 11.59 -32.53 12.07
C TYR F 422 12.40 -32.48 10.79
N VAL F 423 13.04 -31.36 10.55
CA VAL F 423 14.05 -31.27 9.52
C VAL F 423 15.36 -31.70 10.15
N GLY F 424 16.40 -31.89 9.33
CA GLY F 424 17.71 -32.25 9.84
C GLY F 424 18.32 -31.19 10.74
N SER F 425 17.96 -29.93 10.53
CA SER F 425 18.39 -28.87 11.43
C SER F 425 17.77 -29.04 12.80
N ASP F 426 16.51 -29.48 12.84
CA ASP F 426 15.89 -29.79 14.12
C ASP F 426 16.54 -30.98 14.77
N LEU F 427 16.94 -31.96 13.97
CA LEU F 427 17.58 -33.15 14.50
C LEU F 427 19.00 -32.85 14.96
N ALA F 428 19.70 -31.99 14.23
CA ALA F 428 21.04 -31.60 14.64
C ALA F 428 20.98 -30.78 15.92
N ALA F 429 19.96 -29.93 16.06
CA ALA F 429 19.73 -29.25 17.31
C ALA F 429 19.29 -30.22 18.39
N LEU F 430 18.57 -31.28 18.00
CA LEU F 430 18.18 -32.31 18.95
C LEU F 430 19.40 -33.06 19.46
N CYS F 431 20.35 -33.35 18.57
CA CYS F 431 21.59 -33.97 19.01
C CYS F 431 22.42 -33.03 19.85
N SER F 432 22.40 -31.74 19.51
CA SER F 432 23.17 -30.78 20.29
C SER F 432 22.54 -30.51 21.64
N GLU F 433 21.23 -30.71 21.76
CA GLU F 433 20.57 -30.40 23.01
C GLU F 433 20.83 -31.46 24.06
N ALA F 434 20.68 -32.74 23.69
CA ALA F 434 20.92 -33.83 24.64
C ALA F 434 22.38 -33.93 25.05
N ALA F 435 23.28 -33.42 24.20
CA ALA F 435 24.68 -33.32 24.60
C ALA F 435 24.85 -32.34 25.75
N MET F 436 24.12 -31.23 25.72
CA MET F 436 24.28 -30.23 26.76
C MET F 436 23.74 -30.71 28.09
N GLN F 437 22.59 -31.40 28.07
CA GLN F 437 22.04 -31.95 29.30
C GLN F 437 22.96 -33.01 29.89
N GLN F 438 23.65 -33.76 29.03
CA GLN F 438 24.70 -34.66 29.49
C GLN F 438 25.81 -33.89 30.20
N ILE F 439 26.14 -32.70 29.70
CA ILE F 439 27.13 -31.86 30.36
C ILE F 439 26.54 -31.27 31.64
N ARG F 440 25.24 -30.97 31.63
CA ARG F 440 24.57 -30.42 32.81
C ARG F 440 24.61 -31.38 33.98
N GLU F 441 24.54 -32.68 33.68
CA GLU F 441 24.71 -33.71 34.67
C GLU F 441 26.13 -33.77 35.20
N LYS F 442 27.11 -33.27 34.45
CA LYS F 442 28.49 -33.31 34.85
C LYS F 442 28.97 -31.99 35.43
N MET F 443 28.12 -30.97 35.46
CA MET F 443 28.50 -29.66 35.96
C MET F 443 28.86 -29.66 37.43
N ASP F 444 28.32 -30.59 38.19
CA ASP F 444 28.77 -30.77 39.57
C ASP F 444 30.22 -31.21 39.63
N LEU F 445 30.66 -31.99 38.66
CA LEU F 445 32.04 -32.46 38.62
C LEU F 445 32.95 -31.52 37.87
N ILE F 446 32.45 -30.40 37.38
CA ILE F 446 33.21 -29.49 36.55
C ILE F 446 33.20 -28.12 37.18
N ASP F 447 34.37 -27.61 37.51
CA ASP F 447 34.50 -26.28 38.07
C ASP F 447 34.94 -25.32 36.99
N LEU F 448 34.17 -24.25 36.79
CA LEU F 448 34.40 -23.35 35.68
C LEU F 448 35.55 -22.38 35.90
N ASP F 449 35.93 -22.16 37.17
CA ASP F 449 37.11 -21.35 37.44
C ASP F 449 38.39 -22.05 37.02
N GLU F 450 38.37 -23.37 36.90
CA GLU F 450 39.48 -24.10 36.33
C GLU F 450 39.68 -23.73 34.87
N ASP F 451 40.94 -23.73 34.46
CA ASP F 451 41.27 -23.36 33.09
C ASP F 451 41.20 -24.56 32.16
N THR F 452 41.23 -25.76 32.71
CA THR F 452 41.12 -26.99 31.94
C THR F 452 40.57 -28.07 32.85
N ILE F 453 39.46 -28.67 32.45
CA ILE F 453 38.92 -29.78 33.22
C ILE F 453 39.70 -31.05 32.89
N ASP F 454 39.68 -32.00 33.83
CA ASP F 454 40.42 -33.25 33.68
C ASP F 454 39.76 -34.15 32.65
N ALA F 455 40.51 -35.16 32.20
CA ALA F 455 40.04 -36.01 31.12
C ALA F 455 39.14 -37.14 31.60
N GLU F 456 39.06 -37.37 32.91
CA GLU F 456 38.26 -38.48 33.41
C GLU F 456 36.78 -38.20 33.26
N VAL F 457 36.37 -36.95 33.48
CA VAL F 457 34.99 -36.60 33.21
C VAL F 457 34.72 -36.53 31.72
N LEU F 458 35.77 -36.33 30.91
CA LEU F 458 35.59 -36.34 29.47
C LEU F 458 35.32 -37.75 28.97
N ASP F 459 35.98 -38.73 29.57
CA ASP F 459 35.77 -40.12 29.18
C ASP F 459 34.40 -40.61 29.65
N SER F 460 33.96 -40.14 30.82
CA SER F 460 32.63 -40.48 31.29
C SER F 460 31.54 -39.69 30.61
N LEU F 461 31.90 -38.69 29.81
CA LEU F 461 30.93 -37.84 29.14
C LEU F 461 30.34 -38.63 27.97
N GLY F 462 29.34 -39.44 28.27
CA GLY F 462 28.65 -40.20 27.24
C GLY F 462 27.16 -39.96 27.32
N VAL F 463 26.56 -39.52 26.21
CA VAL F 463 25.19 -39.04 26.26
C VAL F 463 24.23 -40.19 26.40
N THR F 464 23.32 -40.08 27.36
CA THR F 464 22.34 -41.11 27.66
C THR F 464 21.14 -41.00 26.75
N MET F 465 20.36 -42.08 26.72
CA MET F 465 19.08 -42.08 26.04
C MET F 465 18.11 -41.12 26.71
N ASP F 466 18.21 -40.99 28.03
CA ASP F 466 17.30 -40.12 28.76
C ASP F 466 17.58 -38.65 28.49
N ASN F 467 18.82 -38.33 28.10
CA ASN F 467 19.11 -36.98 27.65
C ASN F 467 18.29 -36.63 26.42
N PHE F 468 18.12 -37.59 25.51
CA PHE F 468 17.25 -37.37 24.37
C PHE F 468 15.79 -37.37 24.80
N ARG F 469 15.46 -38.14 25.83
CA ARG F 469 14.12 -38.06 26.42
C ARG F 469 13.91 -36.71 27.04
N TYR F 470 14.96 -36.15 27.66
CA TYR F 470 14.92 -34.74 28.03
C TYR F 470 14.85 -33.86 26.79
N ALA F 471 15.66 -34.18 25.78
CA ALA F 471 15.74 -33.31 24.62
C ALA F 471 14.54 -33.42 23.71
N LEU F 472 13.73 -34.46 23.90
CA LEU F 472 12.56 -34.67 23.05
C LEU F 472 11.48 -33.67 23.36
N GLY F 473 11.38 -33.28 24.62
CA GLY F 473 10.40 -32.31 25.05
C GLY F 473 11.04 -30.95 25.24
N VAL F 474 12.23 -30.79 24.66
CA VAL F 474 12.97 -29.54 24.78
C VAL F 474 12.36 -28.42 23.94
N SER F 475 13.04 -27.27 23.92
CA SER F 475 12.57 -26.13 23.15
C SER F 475 13.03 -26.24 21.71
N ASN F 476 13.36 -27.46 21.30
CA ASN F 476 13.82 -27.72 19.94
C ASN F 476 12.77 -28.49 19.13
N PRO F 477 11.93 -29.26 19.84
CA PRO F 477 10.87 -30.06 19.20
C PRO F 477 10.04 -29.24 18.22
N SER F 478 9.59 -28.07 18.65
CA SER F 478 8.78 -27.20 17.81
C SER F 478 9.52 -26.86 16.52
N ALA F 479 9.30 -27.67 15.49
CA ALA F 479 9.95 -27.45 14.20
C ALA F 479 9.07 -26.61 13.28
N LEU F 480 9.30 -26.74 11.97
CA LEU F 480 8.53 -26.00 10.98
C LEU F 480 7.56 -26.90 10.24
N ARG F 481 6.40 -27.15 10.85
CA ARG F 481 5.39 -28.00 10.25
C ARG F 481 4.09 -27.23 10.03
N GLU F 482 4.21 -25.91 9.91
CA GLU F 482 3.06 -25.05 9.70
C GLU F 482 2.83 -24.71 8.23
N VAL F 483 3.20 -25.62 7.33
CA VAL F 483 3.08 -25.39 5.90
C VAL F 483 2.23 -26.49 5.28
N ALA F 484 2.03 -26.42 3.97
CA ALA F 484 1.35 -27.47 3.22
C ALA F 484 2.34 -28.60 2.97
N VAL F 485 2.20 -29.67 3.71
CA VAL F 485 3.20 -30.73 3.73
C VAL F 485 2.67 -31.94 2.96
N VAL F 486 3.60 -32.74 2.43
CA VAL F 486 3.29 -34.07 1.92
C VAL F 486 3.98 -35.08 2.83
N GLU F 487 3.24 -36.11 3.24
CA GLU F 487 3.76 -37.09 4.18
C GLU F 487 2.99 -38.38 4.03
N VAL F 488 3.71 -39.50 3.98
CA VAL F 488 3.08 -40.81 3.93
C VAL F 488 2.42 -41.09 5.28
N PRO F 489 1.24 -41.67 5.30
CA PRO F 489 0.55 -41.90 6.57
C PRO F 489 1.05 -43.13 7.30
N ASN F 490 0.39 -43.47 8.40
CA ASN F 490 0.77 -44.61 9.21
C ASN F 490 -0.39 -45.52 9.59
N VAL F 491 -1.62 -45.03 9.56
CA VAL F 491 -2.76 -45.83 9.94
C VAL F 491 -3.09 -46.80 8.81
N ARG F 492 -3.71 -47.92 9.14
CA ARG F 492 -4.03 -48.94 8.15
C ARG F 492 -5.48 -49.37 8.32
N TRP F 493 -5.86 -50.39 7.55
CA TRP F 493 -7.25 -50.83 7.51
C TRP F 493 -7.64 -51.54 8.79
N GLU F 494 -6.67 -52.17 9.45
CA GLU F 494 -6.94 -52.89 10.68
C GLU F 494 -7.20 -51.93 11.81
N ASP F 495 -6.66 -50.73 11.73
CA ASP F 495 -6.82 -49.73 12.76
C ASP F 495 -8.12 -48.96 12.64
N ILE F 496 -8.89 -49.20 11.59
CA ILE F 496 -10.22 -48.62 11.43
C ILE F 496 -11.19 -49.78 11.42
N GLY F 497 -11.98 -49.90 12.48
CA GLY F 497 -12.91 -51.00 12.61
C GLY F 497 -14.19 -50.73 11.85
N GLY F 498 -14.73 -51.78 11.25
CA GLY F 498 -15.99 -51.69 10.55
C GLY F 498 -15.91 -50.90 9.25
N LEU F 499 -17.10 -50.66 8.69
CA LEU F 499 -17.31 -49.88 7.46
C LEU F 499 -16.56 -50.47 6.28
N GLU F 500 -16.53 -51.80 6.20
CA GLU F 500 -15.82 -52.51 5.15
C GLU F 500 -16.45 -52.29 3.77
N GLN F 501 -17.72 -51.88 3.73
CA GLN F 501 -18.37 -51.58 2.46
C GLN F 501 -17.72 -50.38 1.79
N VAL F 502 -17.62 -49.27 2.53
CA VAL F 502 -16.95 -48.10 1.97
C VAL F 502 -15.45 -48.25 1.96
N LYS F 503 -14.90 -49.22 2.70
CA LYS F 503 -13.51 -49.60 2.49
C LYS F 503 -13.32 -50.12 1.08
N GLN F 504 -14.15 -51.08 0.68
CA GLN F 504 -14.09 -51.64 -0.66
C GLN F 504 -14.46 -50.63 -1.72
N GLU F 505 -15.30 -49.66 -1.37
CA GLU F 505 -15.63 -48.59 -2.30
C GLU F 505 -14.41 -47.75 -2.61
N LEU F 506 -13.58 -47.49 -1.61
CA LEU F 506 -12.32 -46.82 -1.87
C LEU F 506 -11.37 -47.76 -2.59
N LYS F 507 -11.46 -49.06 -2.30
CA LYS F 507 -10.70 -50.04 -3.06
C LYS F 507 -11.15 -50.05 -4.51
N GLU F 508 -12.44 -49.84 -4.75
CA GLU F 508 -12.92 -49.62 -6.11
C GLU F 508 -12.41 -48.29 -6.65
N GLN F 509 -12.79 -47.19 -6.01
CA GLN F 509 -12.76 -45.91 -6.70
C GLN F 509 -11.38 -45.31 -6.80
N VAL F 510 -10.54 -45.45 -5.78
CA VAL F 510 -9.25 -44.80 -5.80
C VAL F 510 -8.09 -45.78 -5.91
N GLN F 511 -8.30 -47.05 -5.59
CA GLN F 511 -7.18 -47.97 -5.64
C GLN F 511 -7.02 -48.57 -7.01
N TYR F 512 -8.13 -48.81 -7.70
CA TYR F 512 -8.06 -49.29 -9.07
C TYR F 512 -7.36 -48.32 -10.04
N PRO F 513 -7.55 -46.99 -9.99
CA PRO F 513 -6.75 -46.16 -10.90
C PRO F 513 -5.28 -46.09 -10.55
N VAL F 514 -4.94 -46.03 -9.27
CA VAL F 514 -3.55 -45.91 -8.91
C VAL F 514 -2.81 -47.22 -9.12
N ASP F 515 -3.53 -48.34 -9.18
CA ASP F 515 -2.88 -49.61 -9.44
C ASP F 515 -2.95 -50.02 -10.90
N HIS F 516 -4.07 -49.76 -11.59
CA HIS F 516 -4.26 -50.23 -12.95
C HIS F 516 -4.91 -49.17 -13.82
N PRO F 517 -4.12 -48.30 -14.45
CA PRO F 517 -4.66 -47.45 -15.51
C PRO F 517 -4.85 -48.18 -16.82
N GLU F 518 -4.41 -49.43 -16.91
CA GLU F 518 -4.41 -50.16 -18.16
C GLU F 518 -5.81 -50.52 -18.62
N LYS F 519 -6.72 -50.71 -17.67
CA LYS F 519 -8.08 -51.05 -18.04
C LYS F 519 -8.85 -49.85 -18.57
N PHE F 520 -8.40 -48.64 -18.22
CA PHE F 520 -9.10 -47.44 -18.64
C PHE F 520 -8.88 -47.18 -20.12
N LEU F 521 -7.61 -47.20 -20.52
CA LEU F 521 -7.26 -47.12 -21.93
C LEU F 521 -7.73 -48.34 -22.70
N LYS F 522 -7.90 -49.49 -22.02
CA LYS F 522 -8.64 -50.59 -22.64
C LYS F 522 -10.09 -50.20 -22.88
N PHE F 523 -10.69 -49.48 -21.95
CA PHE F 523 -12.10 -49.18 -22.01
C PHE F 523 -12.40 -47.77 -22.48
N GLY F 524 -11.37 -46.95 -22.71
CA GLY F 524 -11.55 -45.63 -23.26
C GLY F 524 -12.21 -44.63 -22.33
N LEU F 525 -12.21 -44.88 -21.04
CA LEU F 525 -12.97 -44.08 -20.10
C LEU F 525 -12.07 -43.57 -18.99
N SER F 526 -12.06 -42.26 -18.80
CA SER F 526 -11.39 -41.67 -17.66
C SER F 526 -12.29 -41.79 -16.43
N PRO F 527 -11.73 -42.03 -15.26
CA PRO F 527 -12.54 -42.27 -14.07
C PRO F 527 -13.06 -40.96 -13.48
N SER F 528 -13.82 -41.11 -12.41
CA SER F 528 -14.19 -39.97 -11.59
C SER F 528 -13.07 -39.72 -10.60
N ARG F 529 -12.49 -38.54 -10.64
CA ARG F 529 -11.39 -38.23 -9.74
C ARG F 529 -11.86 -37.57 -8.45
N GLY F 530 -13.15 -37.32 -8.28
CA GLY F 530 -13.61 -36.54 -7.15
C GLY F 530 -14.48 -37.29 -6.16
N VAL F 531 -13.93 -37.52 -4.96
CA VAL F 531 -14.59 -38.29 -3.92
C VAL F 531 -14.85 -37.38 -2.74
N LEU F 532 -16.10 -37.35 -2.29
CA LEU F 532 -16.50 -36.58 -1.13
C LEU F 532 -16.92 -37.53 -0.03
N PHE F 533 -16.28 -37.40 1.14
CA PHE F 533 -16.72 -38.09 2.32
C PHE F 533 -17.74 -37.24 3.06
N TYR F 534 -18.76 -37.88 3.61
CA TYR F 534 -19.69 -37.17 4.46
C TYR F 534 -20.29 -38.11 5.47
N GLY F 535 -20.98 -37.53 6.43
CA GLY F 535 -21.63 -38.28 7.48
C GLY F 535 -21.75 -37.44 8.73
N PRO F 536 -22.11 -38.07 9.83
CA PRO F 536 -22.11 -37.39 11.11
C PRO F 536 -20.69 -37.10 11.57
N PRO F 537 -20.50 -36.13 12.46
CA PRO F 537 -19.16 -35.83 12.97
C PRO F 537 -18.63 -36.95 13.86
N GLY F 538 -17.32 -36.95 14.02
CA GLY F 538 -16.66 -37.89 14.90
C GLY F 538 -16.75 -39.33 14.44
N THR F 539 -16.70 -39.56 13.13
CA THR F 539 -16.80 -40.91 12.59
C THR F 539 -15.53 -41.36 11.90
N GLY F 540 -14.39 -40.80 12.28
CA GLY F 540 -13.11 -41.30 11.83
C GLY F 540 -12.84 -41.00 10.37
N LYS F 541 -13.51 -39.98 9.82
CA LYS F 541 -13.38 -39.69 8.40
C LYS F 541 -12.01 -39.13 8.07
N THR F 542 -11.33 -38.57 9.06
CA THR F 542 -9.97 -38.09 8.86
C THR F 542 -9.03 -39.25 8.59
N MET F 543 -9.18 -40.36 9.30
CA MET F 543 -8.24 -41.46 9.17
C MET F 543 -8.47 -42.29 7.92
N LEU F 544 -9.59 -42.10 7.25
CA LEU F 544 -9.94 -42.97 6.14
C LEU F 544 -9.03 -42.75 4.95
N ALA F 545 -8.79 -41.48 4.61
CA ALA F 545 -7.90 -41.16 3.51
C ALA F 545 -6.46 -41.49 3.84
N LYS F 546 -6.11 -41.50 5.11
CA LYS F 546 -4.74 -41.83 5.49
C LYS F 546 -4.48 -43.31 5.29
N ALA F 547 -5.44 -44.15 5.64
CA ALA F 547 -5.22 -45.59 5.56
C ALA F 547 -5.20 -46.08 4.13
N VAL F 548 -5.93 -45.42 3.24
CA VAL F 548 -5.92 -45.85 1.85
C VAL F 548 -4.68 -45.36 1.13
N ALA F 549 -4.13 -44.21 1.53
CA ALA F 549 -2.84 -43.80 0.98
C ALA F 549 -1.72 -44.66 1.53
N ASN F 550 -1.90 -45.19 2.73
CA ASN F 550 -0.94 -46.12 3.29
C ASN F 550 -1.04 -47.48 2.64
N GLU F 551 -2.21 -47.83 2.09
CA GLU F 551 -2.30 -49.11 1.39
C GLU F 551 -1.57 -49.08 0.06
N CYS F 552 -2.07 -48.28 -0.89
CA CYS F 552 -1.48 -48.27 -2.22
C CYS F 552 -0.26 -47.38 -2.31
N ALA F 553 0.32 -46.98 -1.17
CA ALA F 553 1.61 -46.31 -1.05
C ALA F 553 1.66 -44.97 -1.77
N ALA F 554 0.49 -44.38 -2.02
CA ALA F 554 0.46 -43.08 -2.63
C ALA F 554 0.85 -42.03 -1.60
N ASN F 555 1.33 -40.90 -2.10
CA ASN F 555 1.68 -39.82 -1.22
C ASN F 555 0.42 -39.16 -0.70
N PHE F 556 0.55 -38.45 0.41
CA PHE F 556 -0.63 -37.95 1.08
C PHE F 556 -0.40 -36.51 1.49
N ILE F 557 -1.41 -35.68 1.25
CA ILE F 557 -1.38 -34.28 1.66
C ILE F 557 -2.65 -34.03 2.45
N SER F 558 -2.49 -33.73 3.73
CA SER F 558 -3.60 -33.38 4.60
C SER F 558 -3.76 -31.88 4.59
N VAL F 559 -4.94 -31.40 4.22
CA VAL F 559 -5.26 -29.99 4.27
C VAL F 559 -6.57 -29.85 5.05
N LYS F 560 -6.53 -29.07 6.12
CA LYS F 560 -7.76 -28.79 6.84
C LYS F 560 -8.40 -27.51 6.34
N GLY F 561 -9.59 -27.23 6.86
CA GLY F 561 -10.36 -26.06 6.51
C GLY F 561 -9.69 -24.74 6.81
N PRO F 562 -9.45 -24.44 8.09
CA PRO F 562 -8.81 -23.15 8.44
C PRO F 562 -7.37 -23.04 7.98
N GLU F 563 -6.73 -24.14 7.61
CA GLU F 563 -5.40 -24.07 7.00
C GLU F 563 -5.43 -23.30 5.70
N LEU F 564 -6.55 -23.39 4.96
CA LEU F 564 -6.74 -22.53 3.81
C LEU F 564 -6.88 -21.08 4.24
N LEU F 565 -7.67 -20.85 5.30
CA LEU F 565 -8.02 -19.50 5.69
C LEU F 565 -6.87 -18.80 6.38
N SER F 566 -6.24 -19.48 7.34
CA SER F 566 -5.13 -18.90 8.09
C SER F 566 -3.91 -18.66 7.21
N MET F 567 -3.73 -19.45 6.17
CA MET F 567 -2.73 -19.08 5.19
C MET F 567 -3.23 -18.03 4.22
N TRP F 568 -4.52 -17.71 4.24
CA TRP F 568 -5.00 -16.61 3.42
C TRP F 568 -5.25 -15.34 4.20
N PHE F 569 -5.08 -15.37 5.50
CA PHE F 569 -4.90 -14.10 6.20
C PHE F 569 -3.49 -13.57 5.95
N GLY F 570 -2.54 -14.48 5.70
CA GLY F 570 -1.23 -14.17 5.16
C GLY F 570 -1.12 -14.34 3.67
N GLU F 571 -2.21 -14.74 3.01
CA GLU F 571 -2.37 -14.86 1.56
C GLU F 571 -1.34 -15.81 0.94
N SER F 572 -1.49 -17.08 1.29
CA SER F 572 -0.72 -18.16 0.66
C SER F 572 -1.67 -18.96 -0.21
N GLU F 573 -1.88 -18.50 -1.45
CA GLU F 573 -2.76 -19.18 -2.38
C GLU F 573 -2.02 -19.76 -3.57
N SER F 574 -0.81 -19.28 -3.87
CA SER F 574 0.04 -19.99 -4.80
C SER F 574 0.43 -21.34 -4.23
N ASN F 575 0.59 -21.39 -2.90
CA ASN F 575 0.78 -22.65 -2.20
C ASN F 575 -0.42 -23.56 -2.36
N ILE F 576 -1.63 -22.98 -2.43
CA ILE F 576 -2.83 -23.77 -2.70
C ILE F 576 -2.76 -24.35 -4.10
N ARG F 577 -2.28 -23.58 -5.07
CA ARG F 577 -1.94 -24.15 -6.36
C ARG F 577 -0.79 -25.12 -6.23
N ASP F 578 0.20 -24.80 -5.39
CA ASP F 578 1.35 -25.67 -5.22
C ASP F 578 1.01 -26.94 -4.48
N ILE F 579 -0.09 -26.95 -3.74
CA ILE F 579 -0.63 -28.21 -3.23
C ILE F 579 -0.89 -29.17 -4.37
N PHE F 580 -1.55 -28.68 -5.42
CA PHE F 580 -1.81 -29.51 -6.58
C PHE F 580 -0.54 -29.74 -7.38
N ASP F 581 0.39 -28.78 -7.34
CA ASP F 581 1.61 -28.92 -8.10
C ASP F 581 2.56 -29.90 -7.44
N LYS F 582 2.66 -29.83 -6.11
CA LYS F 582 3.53 -30.77 -5.40
C LYS F 582 2.94 -32.16 -5.44
N ALA F 583 1.61 -32.27 -5.38
CA ALA F 583 0.98 -33.56 -5.57
C ALA F 583 1.16 -34.05 -7.00
N ARG F 584 1.18 -33.12 -7.96
CA ARG F 584 1.61 -33.47 -9.30
C ARG F 584 3.09 -33.81 -9.33
N ALA F 585 3.89 -33.12 -8.52
CA ALA F 585 5.29 -33.48 -8.41
C ALA F 585 5.46 -34.80 -7.67
N ALA F 586 4.59 -35.08 -6.69
CA ALA F 586 4.65 -36.32 -5.95
C ALA F 586 3.56 -37.29 -6.37
N ALA F 587 3.20 -37.30 -7.65
CA ALA F 587 2.28 -38.29 -8.15
C ALA F 587 2.94 -39.67 -8.11
N PRO F 588 2.23 -40.71 -7.63
CA PRO F 588 0.85 -40.76 -7.14
C PRO F 588 0.66 -40.13 -5.78
N CYS F 589 -0.34 -39.28 -5.69
CA CYS F 589 -0.63 -38.60 -4.44
C CYS F 589 -2.13 -38.38 -4.34
N VAL F 590 -2.62 -38.39 -3.12
CA VAL F 590 -3.99 -38.03 -2.82
C VAL F 590 -3.99 -36.74 -2.01
N VAL F 591 -4.89 -35.84 -2.35
CA VAL F 591 -5.03 -34.57 -1.67
C VAL F 591 -6.28 -34.63 -0.83
N PHE F 592 -6.11 -34.47 0.48
CA PHE F 592 -7.20 -34.64 1.42
C PHE F 592 -7.61 -33.28 1.97
N LEU F 593 -8.89 -32.98 1.85
CA LEU F 593 -9.44 -31.69 2.27
C LEU F 593 -10.28 -31.92 3.50
N ASP F 594 -9.66 -31.81 4.66
CA ASP F 594 -10.39 -31.97 5.90
C ASP F 594 -11.18 -30.71 6.21
N GLU F 595 -12.32 -30.92 6.88
CA GLU F 595 -13.13 -29.85 7.49
C GLU F 595 -13.66 -28.89 6.42
N LEU F 596 -14.43 -29.44 5.48
CA LEU F 596 -14.99 -28.62 4.43
C LEU F 596 -16.10 -27.70 4.92
N ASP F 597 -16.68 -28.02 6.07
CA ASP F 597 -17.62 -27.11 6.71
C ASP F 597 -16.96 -25.80 7.11
N SER F 598 -15.66 -25.84 7.44
CA SER F 598 -14.93 -24.63 7.79
C SER F 598 -14.82 -23.66 6.63
N ILE F 599 -14.80 -24.19 5.40
CA ILE F 599 -14.85 -23.34 4.23
C ILE F 599 -16.21 -22.68 4.12
N ALA F 600 -17.27 -23.43 4.43
CA ALA F 600 -18.57 -22.79 4.60
C ALA F 600 -18.60 -21.89 5.83
N LYS F 601 -17.88 -22.26 6.89
CA LYS F 601 -17.89 -21.44 8.09
C LYS F 601 -16.95 -20.23 7.98
N ALA F 602 -16.23 -20.10 6.87
CA ALA F 602 -15.55 -18.84 6.55
C ALA F 602 -16.57 -17.72 6.37
N ARG F 603 -17.71 -18.04 5.77
CA ARG F 603 -18.89 -17.18 5.82
C ARG F 603 -19.96 -17.77 6.74
N GLY F 604 -19.54 -18.35 7.86
CA GLY F 604 -20.48 -18.83 8.87
C GLY F 604 -21.10 -20.18 8.61
N GLY F 605 -21.48 -20.44 7.37
CA GLY F 605 -22.14 -21.68 6.96
C GLY F 605 -22.71 -21.49 5.57
N SER F 606 -23.77 -22.25 5.29
CA SER F 606 -24.63 -21.90 4.15
C SER F 606 -25.73 -20.94 4.59
N ILE F 607 -26.18 -21.09 5.83
CA ILE F 607 -26.94 -20.01 6.45
C ILE F 607 -26.01 -18.85 6.79
N GLY F 608 -25.12 -19.06 7.76
CA GLY F 608 -23.96 -18.22 8.04
C GLY F 608 -24.26 -16.76 8.30
N ASP F 609 -23.41 -15.89 7.73
CA ASP F 609 -23.62 -14.45 7.72
C ASP F 609 -24.33 -13.99 6.45
N ALA F 610 -25.27 -14.81 5.97
CA ALA F 610 -26.01 -14.83 4.70
C ALA F 610 -25.13 -15.26 3.53
N GLY F 611 -23.82 -15.34 3.75
CA GLY F 611 -22.92 -15.87 2.75
C GLY F 611 -22.83 -17.38 2.87
N GLY F 612 -22.92 -18.06 1.73
CA GLY F 612 -22.90 -19.51 1.74
C GLY F 612 -21.50 -20.09 1.86
N ALA F 613 -21.32 -21.29 1.31
CA ALA F 613 -19.99 -21.88 1.29
C ALA F 613 -19.06 -21.15 0.34
N SER F 614 -19.60 -20.55 -0.71
CA SER F 614 -18.82 -19.90 -1.75
C SER F 614 -18.17 -18.62 -1.23
N ASP F 615 -16.86 -18.56 -1.34
CA ASP F 615 -16.08 -17.36 -1.10
C ASP F 615 -14.86 -17.44 -2.02
N ARG F 616 -13.81 -16.69 -1.65
CA ARG F 616 -12.59 -16.69 -2.44
C ARG F 616 -11.89 -18.03 -2.40
N VAL F 617 -12.16 -18.84 -1.37
CA VAL F 617 -11.53 -20.16 -1.26
C VAL F 617 -12.11 -21.11 -2.28
N VAL F 618 -13.44 -21.14 -2.41
CA VAL F 618 -14.10 -22.06 -3.32
C VAL F 618 -13.76 -21.72 -4.75
N ASN F 619 -13.86 -20.44 -5.10
CA ASN F 619 -13.54 -19.93 -6.43
C ASN F 619 -12.09 -20.20 -6.82
N GLN F 620 -11.19 -20.26 -5.85
CA GLN F 620 -9.84 -20.71 -6.13
C GLN F 620 -9.80 -22.22 -6.33
N LEU F 621 -10.53 -22.95 -5.50
CA LEU F 621 -10.43 -24.40 -5.53
C LEU F 621 -11.11 -24.98 -6.76
N LEU F 622 -12.24 -24.38 -7.16
CA LEU F 622 -12.93 -24.85 -8.36
C LEU F 622 -12.10 -24.65 -9.61
N THR F 623 -11.26 -23.62 -9.64
CA THR F 623 -10.31 -23.47 -10.72
C THR F 623 -9.24 -24.54 -10.65
N GLU F 624 -8.66 -24.73 -9.46
CA GLU F 624 -7.55 -25.66 -9.33
C GLU F 624 -8.00 -27.10 -9.40
N MET F 625 -9.24 -27.39 -9.01
CA MET F 625 -9.74 -28.75 -9.19
C MET F 625 -10.02 -29.04 -10.65
N ASP F 626 -10.56 -28.05 -11.36
CA ASP F 626 -10.75 -28.19 -12.79
C ASP F 626 -9.46 -28.04 -13.57
N GLY F 627 -8.42 -27.48 -12.97
CA GLY F 627 -7.16 -27.31 -13.66
C GLY F 627 -6.27 -28.52 -13.54
N MET F 628 -6.86 -29.68 -13.28
CA MET F 628 -6.15 -30.93 -13.13
C MET F 628 -6.38 -31.78 -14.36
N THR F 629 -5.30 -32.33 -14.90
CA THR F 629 -5.41 -33.24 -16.03
C THR F 629 -6.03 -34.55 -15.56
N SER F 630 -7.03 -35.02 -16.31
CA SER F 630 -7.67 -36.29 -15.99
C SER F 630 -6.74 -37.47 -16.18
N LYS F 631 -5.69 -37.32 -16.98
CA LYS F 631 -4.70 -38.39 -17.11
C LYS F 631 -3.91 -38.57 -15.83
N LYS F 632 -3.75 -37.51 -15.04
CA LYS F 632 -2.97 -37.59 -13.82
C LYS F 632 -3.68 -38.44 -12.78
N ASN F 633 -2.90 -39.25 -12.08
CA ASN F 633 -3.38 -40.08 -10.99
C ASN F 633 -3.45 -39.32 -9.68
N VAL F 634 -3.15 -38.02 -9.72
CA VAL F 634 -3.30 -37.15 -8.56
C VAL F 634 -4.77 -37.08 -8.18
N PHE F 635 -5.06 -37.35 -6.92
CA PHE F 635 -6.44 -37.55 -6.53
C PHE F 635 -6.81 -36.55 -5.45
N VAL F 636 -8.07 -36.17 -5.44
CA VAL F 636 -8.61 -35.20 -4.49
C VAL F 636 -9.68 -35.86 -3.65
N ILE F 637 -9.52 -35.80 -2.33
CA ILE F 637 -10.44 -36.42 -1.41
C ILE F 637 -11.03 -35.34 -0.52
N GLY F 638 -12.34 -35.19 -0.56
CA GLY F 638 -13.04 -34.23 0.27
C GLY F 638 -13.78 -34.92 1.40
N ALA F 639 -13.83 -34.26 2.54
CA ALA F 639 -14.50 -34.81 3.71
C ALA F 639 -15.11 -33.69 4.53
N THR F 640 -16.40 -33.82 4.82
CA THR F 640 -17.06 -32.92 5.73
C THR F 640 -18.01 -33.73 6.59
N ASN F 641 -18.57 -33.06 7.58
CA ASN F 641 -19.67 -33.61 8.35
C ASN F 641 -20.95 -32.85 8.16
N ARG F 642 -20.91 -31.73 7.43
CA ARG F 642 -22.10 -30.92 7.14
C ARG F 642 -22.27 -30.82 5.64
N PRO F 643 -22.68 -31.90 4.97
CA PRO F 643 -22.65 -31.92 3.50
C PRO F 643 -23.78 -31.16 2.85
N GLU F 644 -24.87 -30.94 3.56
CA GLU F 644 -25.94 -30.09 3.04
C GLU F 644 -25.45 -28.65 2.90
N GLN F 645 -24.54 -28.26 3.76
CA GLN F 645 -24.07 -26.90 3.89
C GLN F 645 -22.93 -26.59 2.96
N LEU F 646 -22.77 -27.38 1.91
CA LEU F 646 -21.79 -27.12 0.87
C LEU F 646 -22.51 -26.93 -0.45
N ASP F 647 -21.97 -26.06 -1.29
CA ASP F 647 -22.60 -25.77 -2.57
C ASP F 647 -22.48 -26.96 -3.53
N PRO F 648 -23.46 -27.14 -4.41
CA PRO F 648 -23.34 -28.19 -5.43
C PRO F 648 -22.38 -27.84 -6.55
N ALA F 649 -21.90 -26.59 -6.60
CA ALA F 649 -20.88 -26.23 -7.57
C ALA F 649 -19.58 -26.96 -7.31
N LEU F 650 -19.28 -27.21 -6.04
CA LEU F 650 -18.15 -28.07 -5.70
C LEU F 650 -18.53 -29.54 -5.85
N CYS F 651 -19.79 -29.87 -5.66
CA CYS F 651 -20.30 -31.21 -5.88
C CYS F 651 -20.58 -31.51 -7.34
N ARG F 652 -20.15 -30.63 -8.24
CA ARG F 652 -20.41 -30.81 -9.65
C ARG F 652 -19.63 -32.01 -10.17
N PRO F 653 -20.21 -32.79 -11.09
CA PRO F 653 -19.44 -33.87 -11.72
C PRO F 653 -18.25 -33.33 -12.50
N GLY F 654 -17.15 -34.09 -12.44
CA GLY F 654 -15.86 -33.62 -12.85
C GLY F 654 -15.05 -33.06 -11.69
N ARG F 655 -15.72 -32.46 -10.71
CA ARG F 655 -15.05 -31.93 -9.54
C ARG F 655 -15.10 -32.87 -8.35
N LEU F 656 -16.29 -33.11 -7.82
CA LEU F 656 -16.49 -34.04 -6.71
C LEU F 656 -17.85 -34.69 -6.94
N ASP F 657 -17.84 -35.85 -7.57
CA ASP F 657 -19.08 -36.54 -7.89
C ASP F 657 -19.30 -37.80 -7.07
N GLN F 658 -18.25 -38.39 -6.52
CA GLN F 658 -18.42 -39.53 -5.63
C GLN F 658 -18.70 -39.01 -4.23
N LEU F 659 -19.81 -39.45 -3.66
CA LEU F 659 -20.24 -39.00 -2.34
C LEU F 659 -20.43 -40.23 -1.48
N ILE F 660 -19.69 -40.28 -0.37
CA ILE F 660 -19.63 -41.47 0.44
C ILE F 660 -20.14 -41.14 1.84
N TYR F 661 -21.27 -41.72 2.19
CA TYR F 661 -21.79 -41.57 3.53
C TYR F 661 -21.02 -42.45 4.50
N VAL F 662 -20.71 -41.88 5.66
CA VAL F 662 -20.00 -42.62 6.70
C VAL F 662 -20.97 -42.80 7.86
N PRO F 663 -21.65 -43.94 7.97
CA PRO F 663 -22.59 -44.13 9.06
C PRO F 663 -21.87 -44.43 10.37
N LEU F 664 -22.65 -44.48 11.45
CA LEU F 664 -22.15 -45.04 12.68
C LEU F 664 -21.99 -46.54 12.52
N PRO F 665 -21.02 -47.13 13.22
CA PRO F 665 -20.92 -48.59 13.20
C PRO F 665 -22.03 -49.22 13.99
N ASP F 666 -22.25 -50.50 13.75
CA ASP F 666 -23.12 -51.28 14.61
C ASP F 666 -22.33 -51.74 15.82
N GLU F 667 -22.95 -52.60 16.63
CA GLU F 667 -22.24 -53.20 17.75
C GLU F 667 -21.11 -54.09 17.31
N ALA F 668 -21.20 -54.69 16.11
CA ALA F 668 -20.07 -55.43 15.57
C ALA F 668 -18.98 -54.48 15.12
N GLY F 669 -19.38 -53.34 14.54
CA GLY F 669 -18.40 -52.32 14.23
C GLY F 669 -17.81 -51.71 15.48
N ARG F 670 -18.66 -51.43 16.47
CA ARG F 670 -18.19 -50.94 17.75
C ARG F 670 -17.33 -51.97 18.46
N LEU F 671 -17.59 -53.25 18.23
CA LEU F 671 -16.68 -54.29 18.70
C LEU F 671 -15.33 -54.19 18.01
N SER F 672 -15.36 -54.03 16.68
CA SER F 672 -14.13 -54.00 15.90
C SER F 672 -13.31 -52.77 16.19
N ILE F 673 -13.97 -51.66 16.52
CA ILE F 673 -13.26 -50.44 16.89
C ILE F 673 -12.56 -50.63 18.23
N LEU F 674 -13.30 -51.12 19.23
CA LEU F 674 -12.73 -51.35 20.55
C LEU F 674 -11.67 -52.44 20.53
N LYS F 675 -11.75 -53.37 19.60
CA LYS F 675 -10.61 -54.23 19.36
C LYS F 675 -9.45 -53.43 18.78
N ALA F 676 -9.74 -52.58 17.79
CA ALA F 676 -8.69 -51.85 17.12
C ALA F 676 -8.14 -50.71 17.97
N GLN F 677 -8.96 -50.08 18.79
CA GLN F 677 -8.46 -48.99 19.60
C GLN F 677 -7.59 -49.48 20.74
N LEU F 678 -7.86 -50.68 21.25
CA LEU F 678 -7.16 -51.18 22.42
C LEU F 678 -6.03 -52.11 22.04
N ARG F 679 -5.51 -51.98 20.82
CA ARG F 679 -4.40 -52.81 20.39
C ARG F 679 -3.11 -52.49 21.13
N LYS F 680 -2.98 -51.27 21.65
CA LYS F 680 -1.75 -50.85 22.31
C LYS F 680 -1.99 -50.58 23.79
N THR F 681 -3.09 -51.05 24.33
CA THR F 681 -3.37 -50.77 25.72
C THR F 681 -3.34 -52.04 26.54
N PRO F 682 -2.71 -52.03 27.70
CA PRO F 682 -2.72 -53.23 28.56
C PRO F 682 -4.07 -53.39 29.23
N VAL F 683 -5.01 -53.99 28.51
CA VAL F 683 -6.37 -54.11 29.01
C VAL F 683 -6.46 -55.30 29.96
N SER F 684 -7.50 -55.32 30.79
CA SER F 684 -7.76 -56.46 31.63
C SER F 684 -8.23 -57.65 30.81
N LYS F 685 -8.27 -58.80 31.46
CA LYS F 685 -8.68 -60.04 30.80
C LYS F 685 -10.16 -60.31 30.91
N ASP F 686 -10.84 -59.74 31.92
CA ASP F 686 -12.26 -59.96 32.08
C ASP F 686 -13.11 -59.08 31.18
N VAL F 687 -12.49 -58.36 30.26
CA VAL F 687 -13.18 -57.31 29.53
C VAL F 687 -14.05 -57.94 28.44
N ASP F 688 -15.35 -57.86 28.62
CA ASP F 688 -16.29 -58.27 27.59
C ASP F 688 -16.59 -57.03 26.77
N LEU F 689 -15.85 -56.86 25.67
CA LEU F 689 -16.10 -55.77 24.76
C LEU F 689 -17.44 -55.91 24.08
N ALA F 690 -17.93 -57.14 23.90
CA ALA F 690 -19.24 -57.34 23.32
C ALA F 690 -20.34 -56.89 24.27
N TYR F 691 -20.17 -57.14 25.56
CA TYR F 691 -21.08 -56.58 26.55
C TYR F 691 -20.99 -55.07 26.59
N ILE F 692 -19.79 -54.53 26.35
CA ILE F 692 -19.68 -53.11 26.09
C ILE F 692 -20.38 -52.76 24.78
N ALA F 693 -20.11 -53.55 23.73
CA ALA F 693 -20.74 -53.31 22.43
C ALA F 693 -22.25 -53.52 22.47
N SER F 694 -22.74 -54.35 23.39
CA SER F 694 -24.18 -54.45 23.61
C SER F 694 -24.72 -53.14 24.17
N LYS F 695 -24.04 -52.60 25.18
CA LYS F 695 -24.55 -51.42 25.85
C LYS F 695 -24.28 -50.16 25.04
N THR F 696 -23.17 -50.10 24.32
CA THR F 696 -22.88 -48.97 23.46
C THR F 696 -23.67 -49.15 22.17
N HIS F 697 -24.71 -48.35 21.99
CA HIS F 697 -25.49 -48.40 20.76
C HIS F 697 -25.42 -47.12 19.96
N GLY F 698 -25.82 -45.99 20.52
CA GLY F 698 -25.80 -44.75 19.80
C GLY F 698 -24.46 -44.05 19.84
N PHE F 699 -23.44 -44.71 20.38
CA PHE F 699 -22.18 -44.06 20.66
C PHE F 699 -21.26 -44.17 19.45
N SER F 700 -20.66 -43.05 19.08
CA SER F 700 -19.79 -43.02 17.92
C SER F 700 -18.46 -43.70 18.22
N GLY F 701 -17.65 -43.86 17.17
CA GLY F 701 -16.30 -44.36 17.36
C GLY F 701 -15.43 -43.38 18.12
N ALA F 702 -15.73 -42.09 17.99
CA ALA F 702 -15.09 -41.10 18.84
C ALA F 702 -15.54 -41.25 20.29
N ASP F 703 -16.80 -41.61 20.50
CA ASP F 703 -17.31 -41.81 21.85
C ASP F 703 -16.62 -42.97 22.53
N LEU F 704 -16.34 -44.03 21.78
CA LEU F 704 -15.70 -45.21 22.35
C LEU F 704 -14.28 -44.90 22.80
N ALA F 705 -13.54 -44.17 21.97
CA ALA F 705 -12.22 -43.70 22.37
C ALA F 705 -12.30 -42.72 23.52
N PHE F 706 -13.37 -41.94 23.57
CA PHE F 706 -13.58 -41.00 24.67
C PHE F 706 -13.84 -41.74 25.97
N ILE F 707 -14.51 -42.89 25.91
CA ILE F 707 -14.74 -43.71 27.09
C ILE F 707 -13.43 -44.27 27.61
N THR F 708 -12.56 -44.71 26.70
CA THR F 708 -11.27 -45.24 27.09
C THR F 708 -10.38 -44.16 27.68
N GLN F 709 -10.47 -42.94 27.16
CA GLN F 709 -9.76 -41.81 27.75
C GLN F 709 -10.28 -41.51 29.15
N ARG F 710 -11.58 -41.69 29.35
CA ARG F 710 -12.12 -41.61 30.70
C ARG F 710 -11.65 -42.77 31.54
N ALA F 711 -11.69 -43.98 30.99
CA ALA F 711 -11.38 -45.19 31.76
C ALA F 711 -9.92 -45.27 32.13
N VAL F 712 -9.03 -44.83 31.23
CA VAL F 712 -7.62 -44.74 31.56
C VAL F 712 -7.39 -43.68 32.63
N LYS F 713 -8.10 -42.55 32.50
CA LYS F 713 -8.09 -41.56 33.57
C LYS F 713 -8.67 -42.12 34.85
N LEU F 714 -9.71 -42.95 34.74
CA LEU F 714 -10.20 -43.69 35.91
C LEU F 714 -9.17 -44.70 36.39
N ALA F 715 -8.39 -45.27 35.46
CA ALA F 715 -7.33 -46.18 35.88
C ALA F 715 -6.20 -45.42 36.54
N ILE F 716 -5.89 -44.21 36.05
CA ILE F 716 -4.87 -43.40 36.69
C ILE F 716 -5.41 -42.82 37.99
N LYS F 717 -6.73 -42.66 38.09
CA LYS F 717 -7.36 -42.38 39.38
C LYS F 717 -7.37 -43.62 40.26
N GLU F 718 -6.90 -44.75 39.73
CA GLU F 718 -6.51 -45.84 40.61
C GLU F 718 -5.00 -46.01 40.65
N SER F 719 -4.31 -45.62 39.56
CA SER F 719 -2.89 -45.97 39.47
C SER F 719 -2.05 -45.07 40.34
N ILE F 720 -2.00 -43.78 40.02
CA ILE F 720 -1.20 -42.89 40.85
C ILE F 720 -1.92 -42.51 42.12
N ALA F 721 -3.22 -42.80 42.20
CA ALA F 721 -3.87 -42.77 43.50
C ALA F 721 -3.28 -43.81 44.41
N ALA F 722 -3.07 -45.03 43.91
CA ALA F 722 -2.36 -46.03 44.68
C ALA F 722 -0.90 -45.66 44.91
N GLU F 723 -0.33 -44.87 44.02
CA GLU F 723 1.06 -44.45 44.14
C GLU F 723 1.21 -43.35 45.19
N ILE F 724 0.09 -42.74 45.57
CA ILE F 724 0.10 -41.67 46.55
C ILE F 724 -0.33 -42.20 47.92
N GLU F 725 -0.97 -43.36 47.94
CA GLU F 725 -1.43 -43.98 49.18
C GLU F 725 -0.29 -44.72 49.87
N PRO F 745 1.08 -51.87 40.11
CA PRO F 745 1.06 -50.72 39.20
C PRO F 745 -0.22 -50.59 38.40
N VAL F 746 -1.17 -51.50 38.66
CA VAL F 746 -2.40 -51.76 37.89
C VAL F 746 -2.26 -51.51 36.39
N PRO F 747 -1.47 -52.30 35.64
CA PRO F 747 -1.51 -52.14 34.18
C PRO F 747 -2.64 -52.94 33.55
N GLU F 748 -3.86 -52.76 34.04
CA GLU F 748 -5.03 -53.44 33.52
C GLU F 748 -6.23 -52.52 33.59
N LEU F 749 -7.10 -52.61 32.60
CA LEU F 749 -8.22 -51.70 32.48
C LEU F 749 -9.48 -52.45 32.89
N THR F 750 -9.87 -52.32 34.16
CA THR F 750 -10.84 -53.23 34.74
C THR F 750 -12.24 -52.93 34.25
N LYS F 751 -13.13 -53.88 34.52
CA LYS F 751 -14.55 -53.63 34.35
C LYS F 751 -15.02 -52.55 35.31
N ARG F 752 -14.41 -52.49 36.50
CA ARG F 752 -14.67 -51.40 37.44
C ARG F 752 -14.19 -50.07 36.89
N HIS F 753 -13.09 -50.06 36.15
CA HIS F 753 -12.71 -48.88 35.41
C HIS F 753 -13.71 -48.59 34.31
N PHE F 754 -14.33 -49.64 33.78
CA PHE F 754 -15.23 -49.46 32.65
C PHE F 754 -16.64 -49.13 33.11
N GLU F 755 -17.19 -49.90 34.06
CA GLU F 755 -18.59 -49.72 34.45
C GLU F 755 -18.82 -48.39 35.14
N GLU F 756 -17.78 -47.77 35.67
CA GLU F 756 -17.89 -46.36 36.02
C GLU F 756 -18.03 -45.50 34.78
N ALA F 757 -17.14 -45.69 33.80
CA ALA F 757 -17.24 -44.92 32.56
C ALA F 757 -18.43 -45.36 31.73
N MET F 758 -18.84 -46.62 31.84
CA MET F 758 -20.06 -47.07 31.17
C MET F 758 -21.29 -46.43 31.78
N ARG F 759 -21.31 -46.26 33.10
CA ARG F 759 -22.39 -45.49 33.71
C ARG F 759 -22.25 -44.01 33.33
N ASP F 760 -21.02 -43.53 33.21
CA ASP F 760 -20.78 -42.15 32.82
C ASP F 760 -20.80 -41.96 31.32
N ALA F 761 -21.15 -42.99 30.56
CA ALA F 761 -21.13 -42.89 29.11
C ALA F 761 -22.27 -41.99 28.63
N ARG F 762 -21.98 -41.21 27.60
CA ARG F 762 -22.93 -40.24 27.10
C ARG F 762 -22.82 -40.15 25.58
N ARG F 763 -23.97 -40.16 24.92
CA ARG F 763 -24.02 -40.12 23.47
C ARG F 763 -23.79 -38.70 22.97
N SER F 764 -23.03 -38.59 21.88
CA SER F 764 -22.67 -37.30 21.33
C SER F 764 -23.47 -36.93 20.09
N VAL F 765 -24.22 -37.88 19.53
CA VAL F 765 -24.93 -37.65 18.27
C VAL F 765 -26.40 -37.90 18.51
N SER F 766 -27.24 -36.91 18.20
CA SER F 766 -28.66 -37.12 18.26
C SER F 766 -29.13 -37.96 17.08
N ASP F 767 -30.13 -38.80 17.32
CA ASP F 767 -30.66 -39.62 16.26
C ASP F 767 -31.48 -38.81 15.26
N VAL F 768 -32.04 -37.68 15.71
CA VAL F 768 -32.76 -36.81 14.78
C VAL F 768 -31.78 -36.13 13.85
N GLU F 769 -30.54 -35.94 14.28
CA GLU F 769 -29.49 -35.52 13.36
C GLU F 769 -29.19 -36.63 12.38
N ILE F 770 -29.24 -37.88 12.84
CA ILE F 770 -28.98 -39.03 11.97
C ILE F 770 -30.08 -39.15 10.94
N ARG F 771 -31.33 -38.87 11.33
CA ARG F 771 -32.46 -38.93 10.42
C ARG F 771 -32.36 -37.89 9.32
N ARG F 772 -31.64 -36.79 9.57
CA ARG F 772 -31.23 -35.93 8.47
C ARG F 772 -30.30 -36.68 7.54
N TYR F 773 -29.16 -37.15 8.09
CA TYR F 773 -28.13 -37.80 7.29
C TYR F 773 -28.63 -39.07 6.64
N GLU F 774 -29.54 -39.80 7.28
CA GLU F 774 -30.09 -40.99 6.64
C GLU F 774 -31.00 -40.62 5.49
N ALA F 775 -31.66 -39.45 5.58
CA ALA F 775 -32.39 -38.96 4.42
C ALA F 775 -31.43 -38.50 3.34
N PHE F 776 -30.29 -37.95 3.72
CA PHE F 776 -29.24 -37.71 2.74
C PHE F 776 -28.65 -39.03 2.25
N ALA F 777 -28.48 -39.99 3.16
CA ALA F 777 -28.06 -41.33 2.75
C ALA F 777 -29.12 -42.02 1.93
N GLN F 778 -30.40 -41.72 2.18
CA GLN F 778 -31.42 -42.14 1.22
C GLN F 778 -31.28 -41.36 -0.07
N GLN F 779 -31.22 -40.04 0.02
CA GLN F 779 -31.12 -39.23 -1.19
C GLN F 779 -30.50 -37.90 -0.85
N MET F 780 -29.28 -37.68 -1.29
CA MET F 780 -28.76 -36.33 -1.39
C MET F 780 -28.68 -35.86 -2.85
N LYS F 781 -28.85 -36.75 -3.82
CA LYS F 781 -28.69 -36.39 -5.23
C LYS F 781 -29.75 -35.40 -5.71
N ASN F 782 -30.85 -35.23 -4.97
CA ASN F 782 -31.76 -34.12 -5.20
C ASN F 782 -31.12 -32.77 -4.91
N ALA F 783 -30.12 -32.73 -4.02
CA ALA F 783 -29.33 -31.55 -3.64
C ALA F 783 -30.17 -30.39 -3.11
N ASN G 215 21.94 -23.03 -34.27
CA ASN G 215 21.74 -21.88 -33.41
C ASN G 215 21.29 -20.71 -34.25
N GLU G 216 21.26 -20.93 -35.57
CA GLU G 216 20.85 -19.90 -36.49
C GLU G 216 19.59 -20.39 -37.18
N VAL G 217 18.52 -19.62 -37.11
CA VAL G 217 17.16 -20.12 -37.25
C VAL G 217 16.60 -19.76 -38.62
N GLY G 218 16.14 -20.78 -39.36
CA GLY G 218 15.41 -20.57 -40.58
C GLY G 218 13.91 -20.71 -40.38
N TYR G 219 13.18 -20.65 -41.50
CA TYR G 219 11.74 -20.84 -41.42
C TYR G 219 11.38 -22.28 -41.06
N ASP G 220 12.21 -23.23 -41.44
CA ASP G 220 11.90 -24.62 -41.19
C ASP G 220 12.06 -24.98 -39.73
N ASP G 221 12.83 -24.19 -38.99
CA ASP G 221 13.11 -24.50 -37.61
C ASP G 221 11.92 -24.18 -36.71
N ILE G 222 11.04 -23.31 -37.17
CA ILE G 222 9.78 -23.03 -36.50
C ILE G 222 8.69 -23.74 -37.28
N GLY G 223 7.64 -24.16 -36.58
CA GLY G 223 6.53 -24.78 -37.28
C GLY G 223 5.25 -24.59 -36.51
N GLY G 224 4.15 -24.79 -37.24
CA GLY G 224 2.83 -24.82 -36.67
C GLY G 224 2.05 -23.51 -36.76
N CYS G 225 2.68 -22.39 -36.44
CA CYS G 225 1.99 -21.11 -36.41
C CYS G 225 2.18 -20.46 -37.78
N ARG G 226 1.51 -21.04 -38.77
CA ARG G 226 1.73 -20.62 -40.15
C ARG G 226 1.02 -19.32 -40.44
N LYS G 227 -0.19 -19.17 -39.89
CA LYS G 227 -0.97 -17.96 -40.09
C LYS G 227 -0.29 -16.75 -39.49
N GLN G 228 0.36 -16.94 -38.36
CA GLN G 228 1.09 -15.87 -37.71
C GLN G 228 2.33 -15.49 -38.52
N LEU G 229 3.03 -16.49 -39.05
CA LEU G 229 4.18 -16.20 -39.89
C LEU G 229 3.76 -15.61 -41.22
N ALA G 230 2.54 -15.92 -41.65
CA ALA G 230 1.99 -15.27 -42.84
C ALA G 230 1.79 -13.78 -42.60
N GLN G 231 1.48 -13.41 -41.35
CA GLN G 231 1.32 -11.99 -41.04
C GLN G 231 2.66 -11.29 -41.05
N ILE G 232 3.67 -11.88 -40.43
CA ILE G 232 4.92 -11.19 -40.18
C ILE G 232 5.71 -11.02 -41.47
N ARG G 233 5.63 -11.99 -42.37
CA ARG G 233 6.23 -11.83 -43.68
C ARG G 233 5.58 -10.70 -44.46
N GLU G 234 4.28 -10.49 -44.26
CA GLU G 234 3.64 -9.30 -44.83
C GLU G 234 4.09 -8.04 -44.10
N MET G 235 4.48 -8.16 -42.85
CA MET G 235 4.80 -6.99 -42.06
C MET G 235 6.28 -6.67 -42.01
N VAL G 236 7.16 -7.66 -42.15
CA VAL G 236 8.58 -7.47 -41.98
C VAL G 236 9.36 -7.83 -43.25
N GLU G 237 9.12 -9.04 -43.77
CA GLU G 237 9.78 -9.46 -45.00
C GLU G 237 9.37 -8.59 -46.17
N LEU G 238 8.10 -8.23 -46.21
CA LEU G 238 7.57 -7.47 -47.34
C LEU G 238 8.10 -6.04 -47.44
N PRO G 239 8.17 -5.22 -46.38
CA PRO G 239 8.71 -3.87 -46.60
C PRO G 239 10.19 -3.85 -46.84
N LEU G 240 10.90 -4.89 -46.46
CA LEU G 240 12.36 -4.80 -46.55
C LEU G 240 12.85 -5.20 -47.94
N ARG G 241 12.47 -6.39 -48.41
CA ARG G 241 12.92 -6.79 -49.74
C ARG G 241 12.20 -6.06 -50.84
N HIS G 242 11.03 -5.48 -50.54
CA HIS G 242 10.32 -4.63 -51.50
C HIS G 242 9.73 -3.44 -50.78
N PRO G 243 10.53 -2.41 -50.52
CA PRO G 243 9.96 -1.15 -50.04
C PRO G 243 9.26 -0.39 -51.14
N GLN G 244 9.49 -0.78 -52.40
CA GLN G 244 8.90 -0.09 -53.53
C GLN G 244 7.40 -0.29 -53.57
N LEU G 245 6.90 -1.39 -53.01
CA LEU G 245 5.48 -1.69 -53.04
C LEU G 245 4.69 -0.66 -52.26
N PHE G 246 5.12 -0.38 -51.04
CA PHE G 246 4.52 0.69 -50.27
C PHE G 246 4.85 2.04 -50.87
N LYS G 247 5.99 2.12 -51.57
CA LYS G 247 6.30 3.34 -52.29
C LYS G 247 5.43 3.48 -53.53
N SER G 248 5.15 2.37 -54.22
CA SER G 248 4.29 2.45 -55.39
C SER G 248 2.84 2.69 -54.99
N ILE G 249 2.37 2.02 -53.94
CA ILE G 249 0.99 2.23 -53.53
C ILE G 249 0.87 3.51 -52.73
N GLY G 250 1.97 4.04 -52.22
CA GLY G 250 1.93 5.32 -51.52
C GLY G 250 1.36 5.24 -50.13
N ILE G 251 1.67 4.19 -49.38
CA ILE G 251 1.29 4.12 -47.97
C ILE G 251 2.55 4.06 -47.14
N LYS G 252 2.38 4.23 -45.87
CA LYS G 252 3.51 4.16 -44.98
C LYS G 252 3.73 2.73 -44.54
N PRO G 253 4.96 2.24 -44.56
CA PRO G 253 5.25 0.92 -43.99
C PRO G 253 5.06 0.93 -42.48
N PRO G 254 4.38 -0.08 -41.95
CA PRO G 254 4.22 -0.17 -40.49
C PRO G 254 5.55 -0.52 -39.83
N ARG G 255 5.97 0.34 -38.91
CA ARG G 255 7.20 0.12 -38.14
C ARG G 255 6.90 -0.29 -36.72
N GLY G 256 5.69 -0.80 -36.46
CA GLY G 256 5.24 -1.08 -35.12
C GLY G 256 4.84 -2.52 -34.87
N VAL G 257 5.66 -3.45 -35.34
CA VAL G 257 5.39 -4.87 -35.17
C VAL G 257 5.56 -5.24 -33.70
N LEU G 258 4.50 -5.79 -33.11
CA LEU G 258 4.52 -6.24 -31.72
C LEU G 258 4.10 -7.70 -31.65
N LEU G 259 4.93 -8.51 -31.01
CA LEU G 259 4.62 -9.90 -30.74
C LEU G 259 4.20 -10.07 -29.30
N TYR G 260 3.27 -10.99 -29.05
CA TYR G 260 2.87 -11.31 -27.69
C TYR G 260 2.21 -12.68 -27.69
N GLY G 261 2.11 -13.25 -26.50
CA GLY G 261 1.49 -14.53 -26.32
C GLY G 261 1.79 -15.08 -24.95
N PRO G 262 1.59 -16.38 -24.77
CA PRO G 262 2.01 -17.03 -23.54
C PRO G 262 3.52 -17.12 -23.48
N PRO G 263 4.10 -17.31 -22.30
CA PRO G 263 5.55 -17.45 -22.21
C PRO G 263 6.02 -18.75 -22.82
N GLY G 264 7.24 -18.73 -23.34
CA GLY G 264 7.84 -19.95 -23.86
C GLY G 264 7.16 -20.48 -25.10
N THR G 265 6.73 -19.61 -25.99
CA THR G 265 6.00 -20.01 -27.19
C THR G 265 6.73 -19.65 -28.47
N GLY G 266 8.05 -19.66 -28.44
CA GLY G 266 8.79 -19.40 -29.66
C GLY G 266 8.82 -17.96 -30.06
N LYS G 267 8.45 -17.05 -29.15
CA LYS G 267 8.41 -15.64 -29.49
C LYS G 267 9.82 -15.10 -29.75
N THR G 268 10.78 -15.53 -28.95
CA THR G 268 12.16 -15.23 -29.28
C THR G 268 12.59 -16.03 -30.50
N LEU G 269 12.03 -17.23 -30.66
CA LEU G 269 12.44 -18.10 -31.76
C LEU G 269 11.96 -17.57 -33.11
N MET G 270 10.74 -17.04 -33.16
CA MET G 270 10.22 -16.55 -34.42
C MET G 270 10.85 -15.24 -34.85
N ALA G 271 11.54 -14.56 -33.94
CA ALA G 271 12.24 -13.34 -34.30
C ALA G 271 13.38 -13.63 -35.28
N ARG G 272 14.31 -14.48 -34.86
CA ARG G 272 15.40 -14.86 -35.73
C ARG G 272 14.94 -15.71 -36.90
N ALA G 273 13.80 -16.39 -36.76
CA ALA G 273 13.23 -17.11 -37.89
C ALA G 273 12.84 -16.17 -39.03
N VAL G 274 12.50 -14.94 -38.70
CA VAL G 274 12.32 -13.92 -39.72
C VAL G 274 13.63 -13.20 -40.01
N ALA G 275 14.39 -12.90 -38.96
CA ALA G 275 15.56 -12.04 -39.09
C ALA G 275 16.67 -12.69 -39.88
N ASN G 276 16.89 -13.99 -39.68
CA ASN G 276 17.93 -14.65 -40.43
C ASN G 276 17.50 -14.96 -41.85
N GLU G 277 16.21 -14.85 -42.15
CA GLU G 277 15.70 -15.09 -43.48
C GLU G 277 15.48 -13.81 -44.26
N THR G 278 16.11 -12.73 -43.83
CA THR G 278 16.22 -11.53 -44.63
C THR G 278 17.66 -11.38 -45.09
N GLY G 279 17.87 -10.41 -45.98
CA GLY G 279 19.20 -9.97 -46.29
C GLY G 279 19.45 -8.66 -45.59
N ALA G 280 18.64 -8.39 -44.57
CA ALA G 280 18.66 -7.13 -43.86
C ALA G 280 19.62 -7.19 -42.70
N PHE G 281 20.06 -6.02 -42.25
CA PHE G 281 20.80 -5.93 -41.02
C PHE G 281 19.88 -6.27 -39.85
N PHE G 282 20.46 -6.84 -38.80
CA PHE G 282 19.71 -7.17 -37.61
C PHE G 282 20.42 -6.60 -36.39
N PHE G 283 19.62 -6.07 -35.46
CA PHE G 283 20.14 -5.70 -34.17
C PHE G 283 19.28 -6.35 -33.10
N LEU G 284 19.92 -6.77 -32.02
CA LEU G 284 19.24 -7.48 -30.95
C LEU G 284 19.28 -6.66 -29.68
N ILE G 285 18.13 -6.58 -29.01
CA ILE G 285 18.00 -5.95 -27.71
C ILE G 285 17.33 -6.93 -26.78
N ASN G 286 17.98 -7.23 -25.65
CA ASN G 286 17.30 -7.95 -24.59
C ASN G 286 16.74 -6.96 -23.58
N GLY G 287 15.59 -7.29 -23.03
CA GLY G 287 14.95 -6.53 -21.99
C GLY G 287 15.80 -6.35 -20.75
N PRO G 288 16.09 -7.45 -20.03
CA PRO G 288 16.90 -7.33 -18.81
C PRO G 288 18.33 -6.92 -19.05
N GLU G 289 18.84 -7.00 -20.27
CA GLU G 289 20.21 -6.58 -20.52
C GLU G 289 20.34 -5.07 -20.39
N ILE G 290 19.34 -4.33 -20.86
CA ILE G 290 19.34 -2.89 -20.67
C ILE G 290 19.09 -2.55 -19.22
N MET G 291 18.17 -3.28 -18.58
CA MET G 291 17.86 -3.02 -17.19
C MET G 291 18.98 -3.46 -16.25
N SER G 292 19.86 -4.35 -16.72
CA SER G 292 21.05 -4.68 -15.94
C SER G 292 22.02 -3.50 -15.87
N LYS G 293 22.00 -2.63 -16.87
CA LYS G 293 23.00 -1.60 -16.98
C LYS G 293 22.77 -0.50 -15.96
N MET G 294 23.77 0.36 -15.81
CA MET G 294 23.68 1.43 -14.85
C MET G 294 22.88 2.60 -15.41
N ALA G 295 22.72 3.62 -14.58
CA ALA G 295 21.85 4.74 -14.91
C ALA G 295 22.50 5.63 -15.97
N GLY G 296 21.70 6.04 -16.94
CA GLY G 296 22.20 6.84 -18.05
C GLY G 296 22.87 6.03 -19.14
N GLU G 297 23.73 5.09 -18.76
CA GLU G 297 24.41 4.24 -19.71
C GLU G 297 23.44 3.29 -20.39
N SER G 298 22.38 2.88 -19.69
CA SER G 298 21.38 2.00 -20.28
C SER G 298 20.63 2.70 -21.39
N GLU G 299 20.27 3.96 -21.18
CA GLU G 299 19.62 4.74 -22.22
C GLU G 299 20.57 5.12 -23.34
N SER G 300 21.87 5.05 -23.08
CA SER G 300 22.84 5.31 -24.14
C SER G 300 22.80 4.21 -25.19
N ASN G 301 22.63 2.97 -24.75
CA ASN G 301 22.69 1.83 -25.66
C ASN G 301 21.52 1.82 -26.62
N LEU G 302 20.38 2.36 -26.19
CA LEU G 302 19.24 2.49 -27.10
C LEU G 302 19.53 3.52 -28.18
N ARG G 303 20.20 4.60 -27.80
CA ARG G 303 20.62 5.57 -28.78
C ARG G 303 21.72 5.00 -29.66
N LYS G 304 22.58 4.18 -29.07
CA LYS G 304 23.55 3.45 -29.88
C LYS G 304 22.90 2.39 -30.74
N ALA G 305 21.72 1.92 -30.37
CA ALA G 305 21.03 0.91 -31.18
C ALA G 305 20.54 1.53 -32.49
N PHE G 306 19.78 2.62 -32.38
CA PHE G 306 19.02 3.07 -33.54
C PHE G 306 19.89 3.78 -34.54
N GLU G 307 21.00 4.36 -34.09
CA GLU G 307 21.92 5.00 -35.01
C GLU G 307 22.58 3.99 -35.92
N GLU G 308 22.86 2.80 -35.39
CA GLU G 308 23.41 1.76 -36.24
C GLU G 308 22.37 1.23 -37.21
N ALA G 309 21.11 1.17 -36.77
CA ALA G 309 20.06 0.69 -37.65
C ALA G 309 19.72 1.73 -38.71
N GLU G 310 19.71 3.01 -38.34
CA GLU G 310 19.53 4.04 -39.34
C GLU G 310 20.77 4.25 -40.18
N LYS G 311 21.91 3.71 -39.75
CA LYS G 311 23.07 3.64 -40.63
C LYS G 311 22.88 2.53 -41.65
N ASN G 312 22.77 1.29 -41.18
CA ASN G 312 22.54 0.15 -42.06
C ASN G 312 21.04 0.05 -42.30
N SER G 313 20.54 0.83 -43.25
CA SER G 313 19.13 1.16 -43.39
C SER G 313 18.17 -0.02 -43.61
N PRO G 314 18.50 -1.08 -44.38
CA PRO G 314 17.67 -2.28 -44.25
C PRO G 314 17.97 -2.94 -42.92
N ALA G 315 17.11 -2.73 -41.93
CA ALA G 315 17.47 -3.06 -40.56
C ALA G 315 16.28 -3.67 -39.84
N ILE G 316 16.59 -4.60 -38.95
CA ILE G 316 15.60 -5.25 -38.09
C ILE G 316 16.04 -5.05 -36.65
N ILE G 317 15.15 -4.45 -35.86
CA ILE G 317 15.40 -4.27 -34.45
C ILE G 317 14.39 -5.14 -33.71
N PHE G 318 14.87 -6.24 -33.16
CA PHE G 318 14.03 -7.04 -32.29
C PHE G 318 14.38 -6.78 -30.84
N ILE G 319 13.36 -6.60 -30.02
CA ILE G 319 13.52 -6.38 -28.59
C ILE G 319 12.79 -7.50 -27.87
N ASP G 320 13.53 -8.39 -27.23
CA ASP G 320 12.90 -9.43 -26.45
C ASP G 320 12.57 -8.88 -25.07
N GLU G 321 11.40 -9.28 -24.56
CA GLU G 321 10.89 -8.96 -23.22
C GLU G 321 10.81 -7.44 -23.03
N ILE G 322 9.94 -6.86 -23.85
CA ILE G 322 9.78 -5.42 -23.93
C ILE G 322 9.18 -4.86 -22.65
N ASP G 323 8.45 -5.67 -21.89
CA ASP G 323 7.81 -5.16 -20.68
C ASP G 323 8.80 -4.89 -19.56
N SER G 324 9.98 -5.51 -19.61
CA SER G 324 10.98 -5.27 -18.58
C SER G 324 11.58 -3.88 -18.70
N ILE G 325 11.74 -3.37 -19.91
CA ILE G 325 12.15 -1.99 -20.09
C ILE G 325 10.98 -1.06 -20.22
N ALA G 326 9.76 -1.58 -20.35
CA ALA G 326 8.58 -0.74 -20.48
C ALA G 326 7.43 -1.31 -19.68
N PRO G 327 7.39 -1.04 -18.38
CA PRO G 327 6.16 -1.31 -17.64
C PRO G 327 5.19 -0.15 -17.81
N LYS G 328 4.08 -0.19 -17.08
CA LYS G 328 3.23 0.99 -17.00
C LYS G 328 3.95 2.08 -16.22
N ARG G 329 3.90 3.32 -16.74
CA ARG G 329 4.45 4.45 -16.02
C ARG G 329 3.62 4.78 -14.79
N GLU G 330 2.35 4.41 -14.79
CA GLU G 330 1.56 4.56 -13.57
C GLU G 330 1.99 3.56 -12.51
N LYS G 331 2.33 2.34 -12.93
CA LYS G 331 2.68 1.28 -11.99
C LYS G 331 4.15 0.98 -12.15
N THR G 332 4.97 1.81 -11.52
CA THR G 332 6.42 1.70 -11.48
C THR G 332 6.91 2.64 -10.39
N ASN G 333 8.16 2.41 -9.97
CA ASN G 333 8.72 3.17 -8.87
C ASN G 333 9.94 3.98 -9.27
N GLY G 334 10.91 3.35 -9.92
CA GLY G 334 12.14 4.05 -10.24
C GLY G 334 11.96 4.97 -11.43
N GLU G 335 12.52 6.17 -11.30
CA GLU G 335 12.54 7.10 -12.42
C GLU G 335 13.49 6.63 -13.51
N VAL G 336 14.46 5.80 -13.17
CA VAL G 336 15.34 5.19 -14.15
C VAL G 336 14.53 4.31 -15.08
N GLU G 337 13.55 3.60 -14.53
CA GLU G 337 12.56 2.93 -15.39
C GLU G 337 11.76 3.93 -16.18
N ARG G 338 11.43 5.07 -15.58
CA ARG G 338 10.62 6.05 -16.27
C ARG G 338 11.42 6.78 -17.34
N ARG G 339 12.74 6.89 -17.16
CA ARG G 339 13.56 7.49 -18.21
C ARG G 339 13.67 6.56 -19.41
N VAL G 340 13.89 5.27 -19.15
CA VAL G 340 14.17 4.36 -20.25
C VAL G 340 12.90 4.06 -21.04
N VAL G 341 11.75 4.18 -20.40
CA VAL G 341 10.49 4.24 -21.14
C VAL G 341 10.45 5.50 -21.98
N SER G 342 10.79 6.62 -21.35
CA SER G 342 10.77 7.91 -22.04
C SER G 342 11.87 7.99 -23.09
N GLN G 343 12.95 7.25 -22.89
CA GLN G 343 13.94 7.14 -23.95
C GLN G 343 13.38 6.36 -25.12
N LEU G 344 12.59 5.33 -24.83
CA LEU G 344 12.06 4.48 -25.88
C LEU G 344 10.98 5.20 -26.68
N LEU G 345 10.07 5.88 -25.98
CA LEU G 345 9.00 6.62 -26.63
C LEU G 345 9.54 7.73 -27.51
N THR G 346 10.65 8.34 -27.09
CA THR G 346 11.29 9.36 -27.89
C THR G 346 11.90 8.75 -29.14
N LEU G 347 12.68 7.69 -28.97
CA LEU G 347 13.47 7.17 -30.08
C LEU G 347 12.63 6.41 -31.09
N MET G 348 11.46 5.91 -30.70
CA MET G 348 10.55 5.33 -31.68
C MET G 348 10.04 6.39 -32.64
N ASP G 349 9.75 7.58 -32.13
CA ASP G 349 9.24 8.65 -32.95
C ASP G 349 10.32 9.34 -33.74
N GLY G 350 11.58 9.26 -33.31
CA GLY G 350 12.67 9.84 -34.04
C GLY G 350 13.02 9.11 -35.32
N MET G 351 12.44 7.95 -35.56
CA MET G 351 12.69 7.18 -36.76
C MET G 351 12.05 7.84 -37.97
N LYS G 352 12.43 7.35 -39.15
CA LYS G 352 11.90 7.86 -40.40
C LYS G 352 11.40 6.72 -41.27
N ALA G 353 10.50 7.07 -42.19
CA ALA G 353 10.06 6.10 -43.19
C ALA G 353 11.14 5.84 -44.22
N ARG G 354 11.99 6.83 -44.50
CA ARG G 354 13.13 6.64 -45.39
C ARG G 354 14.22 5.79 -44.75
N SER G 355 14.17 5.60 -43.43
CA SER G 355 15.13 4.73 -42.78
C SER G 355 14.91 3.27 -43.17
N ASN G 356 13.65 2.90 -43.41
CA ASN G 356 13.23 1.53 -43.75
C ASN G 356 13.70 0.53 -42.69
N VAL G 357 13.47 0.89 -41.44
CA VAL G 357 13.94 0.13 -40.29
C VAL G 357 12.72 -0.36 -39.53
N VAL G 358 12.68 -1.66 -39.25
CA VAL G 358 11.51 -2.29 -38.65
C VAL G 358 11.84 -2.62 -37.20
N VAL G 359 10.96 -2.22 -36.31
CA VAL G 359 11.10 -2.49 -34.88
C VAL G 359 10.21 -3.65 -34.51
N MET G 360 10.81 -4.72 -34.01
CA MET G 360 10.09 -5.86 -33.49
C MET G 360 10.19 -5.87 -31.97
N ALA G 361 9.13 -6.31 -31.32
CA ALA G 361 9.12 -6.40 -29.86
C ALA G 361 8.24 -7.58 -29.47
N ALA G 362 8.67 -8.28 -28.44
CA ALA G 362 7.95 -9.44 -27.95
C ALA G 362 7.78 -9.37 -26.45
N THR G 363 6.67 -9.92 -25.98
CA THR G 363 6.43 -10.04 -24.56
C THR G 363 5.55 -11.24 -24.30
N ASN G 364 5.46 -11.61 -23.03
CA ASN G 364 4.48 -12.55 -22.57
C ASN G 364 3.36 -11.89 -21.79
N ARG G 365 3.52 -10.63 -21.41
CA ARG G 365 2.50 -9.86 -20.70
C ARG G 365 2.20 -8.64 -21.54
N PRO G 366 1.24 -8.74 -22.46
CA PRO G 366 0.87 -7.58 -23.29
C PRO G 366 0.14 -6.51 -22.52
N ASN G 367 -0.36 -6.79 -21.33
CA ASN G 367 -1.10 -5.80 -20.57
C ASN G 367 -0.22 -4.96 -19.66
N SER G 368 0.94 -5.47 -19.25
CA SER G 368 1.83 -4.75 -18.36
C SER G 368 2.56 -3.60 -19.05
N ILE G 369 2.46 -3.50 -20.37
CA ILE G 369 3.18 -2.49 -21.12
C ILE G 369 2.51 -1.14 -20.92
N ASP G 370 3.29 -0.07 -20.93
CA ASP G 370 2.76 1.27 -21.09
C ASP G 370 2.01 1.35 -22.43
N PRO G 371 0.72 1.71 -22.42
CA PRO G 371 -0.05 1.70 -23.68
C PRO G 371 0.35 2.78 -24.68
N ALA G 372 1.18 3.75 -24.29
CA ALA G 372 1.64 4.77 -25.23
C ALA G 372 2.48 4.17 -26.34
N LEU G 373 3.16 3.05 -26.06
CA LEU G 373 3.80 2.29 -27.13
C LEU G 373 2.77 1.68 -28.05
N ARG G 374 1.72 1.10 -27.48
CA ARG G 374 0.69 0.42 -28.26
C ARG G 374 -0.23 1.38 -29.00
N ARG G 375 -0.03 2.68 -28.85
CA ARG G 375 -0.77 3.65 -29.63
C ARG G 375 -0.18 3.78 -31.03
N PHE G 376 -0.75 4.65 -31.84
CA PHE G 376 -0.43 4.70 -33.25
C PHE G 376 0.92 5.36 -33.49
N GLY G 377 1.60 4.92 -34.54
CA GLY G 377 2.90 5.42 -34.87
C GLY G 377 4.04 4.69 -34.21
N ARG G 378 3.80 4.05 -33.07
CA ARG G 378 4.84 3.37 -32.34
C ARG G 378 4.69 1.86 -32.40
N PHE G 379 3.54 1.33 -31.98
CA PHE G 379 3.24 -0.09 -32.17
C PHE G 379 1.78 -0.23 -32.49
N ASP G 380 1.51 -0.67 -33.71
CA ASP G 380 0.18 -0.87 -34.24
C ASP G 380 -0.13 -2.33 -34.52
N ARG G 381 0.88 -3.13 -34.79
CA ARG G 381 0.67 -4.49 -35.24
C ARG G 381 0.74 -5.43 -34.05
N GLU G 382 -0.40 -5.59 -33.39
CA GLU G 382 -0.54 -6.58 -32.33
C GLU G 382 -0.60 -7.96 -32.97
N VAL G 383 0.41 -8.79 -32.74
CA VAL G 383 0.45 -10.13 -33.30
C VAL G 383 0.51 -11.11 -32.13
N ASP G 384 -0.56 -11.87 -31.96
CA ASP G 384 -0.62 -12.90 -30.94
C ASP G 384 -0.10 -14.22 -31.48
N ILE G 385 0.60 -14.96 -30.62
CA ILE G 385 1.05 -16.31 -30.93
C ILE G 385 0.26 -17.25 -30.04
N GLY G 386 -0.77 -17.88 -30.61
CA GLY G 386 -1.64 -18.73 -29.82
C GLY G 386 -1.06 -20.10 -29.55
N ILE G 387 -1.76 -20.84 -28.71
CA ILE G 387 -1.42 -22.24 -28.45
C ILE G 387 -1.74 -23.06 -29.69
N PRO G 388 -0.80 -23.87 -30.19
CA PRO G 388 -1.04 -24.59 -31.43
C PRO G 388 -2.02 -25.74 -31.26
N ASP G 389 -2.62 -26.12 -32.39
CA ASP G 389 -3.50 -27.26 -32.46
C ASP G 389 -2.69 -28.55 -32.37
N PRO G 390 -3.33 -29.71 -32.19
CA PRO G 390 -2.58 -30.97 -32.30
C PRO G 390 -1.95 -31.21 -33.66
N THR G 391 -2.45 -30.58 -34.72
CA THR G 391 -1.78 -30.64 -36.00
C THR G 391 -0.45 -29.91 -35.96
N GLY G 392 -0.46 -28.67 -35.47
CA GLY G 392 0.75 -27.87 -35.49
C GLY G 392 1.76 -28.32 -34.47
N ARG G 393 1.30 -28.82 -33.33
CA ARG G 393 2.27 -29.27 -32.35
C ARG G 393 2.87 -30.61 -32.75
N LEU G 394 2.19 -31.36 -33.61
CA LEU G 394 2.81 -32.53 -34.24
C LEU G 394 4.04 -32.12 -35.04
N GLU G 395 3.92 -31.03 -35.78
CA GLU G 395 5.04 -30.48 -36.54
C GLU G 395 6.18 -30.07 -35.62
N ILE G 396 5.83 -29.52 -34.45
CA ILE G 396 6.83 -29.05 -33.50
C ILE G 396 7.61 -30.23 -32.92
N LEU G 397 6.93 -31.35 -32.71
CA LEU G 397 7.61 -32.56 -32.25
C LEU G 397 8.58 -33.07 -33.29
N GLN G 398 8.21 -32.97 -34.56
CA GLN G 398 9.08 -33.41 -35.64
C GLN G 398 10.30 -32.54 -35.76
N ILE G 399 10.20 -31.28 -35.33
CA ILE G 399 11.35 -30.39 -35.34
C ILE G 399 12.37 -30.83 -34.32
N HIS G 400 11.91 -31.20 -33.13
CA HIS G 400 12.87 -31.52 -32.08
C HIS G 400 13.39 -32.94 -32.20
N THR G 401 12.58 -33.85 -32.72
CA THR G 401 12.97 -35.24 -32.79
C THR G 401 13.79 -35.60 -34.01
N LYS G 402 13.80 -34.75 -35.04
CA LYS G 402 14.60 -35.04 -36.22
C LYS G 402 16.09 -34.92 -35.93
N ASN G 403 16.46 -34.18 -34.90
CA ASN G 403 17.82 -34.21 -34.41
C ASN G 403 18.03 -35.39 -33.48
N MET G 404 16.97 -35.82 -32.80
CA MET G 404 17.07 -36.89 -31.84
C MET G 404 17.25 -38.24 -32.54
N LYS G 405 17.68 -39.23 -31.77
CA LYS G 405 17.81 -40.60 -32.23
C LYS G 405 16.72 -41.42 -31.55
N LEU G 406 15.78 -41.90 -32.34
CA LEU G 406 14.60 -42.54 -31.78
C LEU G 406 14.59 -44.02 -32.12
N ALA G 407 13.61 -44.71 -31.56
CA ALA G 407 13.28 -46.07 -31.97
C ALA G 407 12.07 -46.01 -32.89
N ASP G 408 11.80 -47.14 -33.54
CA ASP G 408 10.78 -47.19 -34.57
C ASP G 408 9.37 -47.23 -34.01
N ASP G 409 9.21 -47.49 -32.72
CA ASP G 409 7.91 -47.51 -32.09
C ASP G 409 7.32 -46.11 -31.89
N VAL G 410 8.12 -45.07 -32.10
CA VAL G 410 7.74 -43.71 -31.73
C VAL G 410 6.66 -43.23 -32.68
N ASP G 411 5.48 -42.95 -32.13
CA ASP G 411 4.38 -42.35 -32.86
C ASP G 411 4.17 -40.97 -32.28
N LEU G 412 4.70 -39.96 -32.97
CA LEU G 412 4.48 -38.58 -32.56
C LEU G 412 3.03 -38.20 -32.73
N GLU G 413 2.35 -38.79 -33.72
CA GLU G 413 0.95 -38.50 -33.95
C GLU G 413 0.09 -39.00 -32.80
N GLN G 414 0.48 -40.15 -32.23
CA GLN G 414 -0.15 -40.58 -30.99
C GLN G 414 0.17 -39.64 -29.86
N ILE G 415 1.40 -39.12 -29.82
CA ILE G 415 1.77 -38.16 -28.79
C ILE G 415 1.01 -36.85 -28.98
N ALA G 416 1.02 -36.34 -30.22
CA ALA G 416 0.41 -35.04 -30.49
C ALA G 416 -1.09 -35.06 -30.28
N ALA G 417 -1.72 -36.22 -30.46
CA ALA G 417 -3.11 -36.36 -30.06
C ALA G 417 -3.26 -36.28 -28.55
N GLU G 418 -2.32 -36.87 -27.82
CA GLU G 418 -2.43 -36.96 -26.37
C GLU G 418 -1.92 -35.71 -25.67
N THR G 419 -1.40 -34.74 -26.40
CA THR G 419 -0.94 -33.49 -25.84
C THR G 419 -1.85 -32.38 -26.34
N HIS G 420 -2.39 -31.58 -25.43
CA HIS G 420 -3.53 -30.75 -25.78
C HIS G 420 -3.31 -29.27 -25.49
N GLY G 421 -2.61 -28.97 -24.41
CA GLY G 421 -2.42 -27.59 -24.06
C GLY G 421 -0.97 -27.24 -23.85
N TYR G 422 -0.08 -27.83 -24.63
CA TYR G 422 1.34 -27.64 -24.41
C TYR G 422 1.86 -26.56 -25.35
N VAL G 423 2.79 -25.77 -24.86
CA VAL G 423 3.57 -24.89 -25.71
C VAL G 423 4.73 -25.70 -26.23
N GLY G 424 5.47 -25.15 -27.20
CA GLY G 424 6.64 -25.82 -27.72
C GLY G 424 7.73 -26.02 -26.69
N SER G 425 7.80 -25.14 -25.69
CA SER G 425 8.73 -25.33 -24.59
C SER G 425 8.35 -26.56 -23.77
N ASP G 426 7.05 -26.78 -23.59
CA ASP G 426 6.61 -28.00 -22.93
C ASP G 426 6.92 -29.22 -23.77
N LEU G 427 6.81 -29.09 -25.08
CA LEU G 427 7.09 -30.21 -25.96
C LEU G 427 8.58 -30.48 -26.06
N ALA G 428 9.38 -29.42 -26.03
CA ALA G 428 10.83 -29.61 -26.05
C ALA G 428 11.29 -30.23 -24.74
N ALA G 429 10.67 -29.83 -23.63
CA ALA G 429 10.93 -30.52 -22.37
C ALA G 429 10.39 -31.94 -22.39
N LEU G 430 9.29 -32.15 -23.11
CA LEU G 430 8.75 -33.50 -23.27
C LEU G 430 9.71 -34.38 -24.06
N CYS G 431 10.32 -33.82 -25.10
CA CYS G 431 11.33 -34.57 -25.83
C CYS G 431 12.57 -34.79 -25.00
N SER G 432 12.94 -33.81 -24.18
CA SER G 432 14.12 -33.96 -23.36
C SER G 432 13.88 -34.91 -22.21
N GLU G 433 12.63 -35.08 -21.79
CA GLU G 433 12.35 -35.94 -20.65
C GLU G 433 12.44 -37.41 -21.02
N ALA G 434 11.79 -37.80 -22.13
CA ALA G 434 11.81 -39.19 -22.55
C ALA G 434 13.20 -39.63 -23.00
N ALA G 435 14.05 -38.68 -23.40
CA ALA G 435 15.44 -39.01 -23.67
C ALA G 435 16.15 -39.44 -22.39
N MET G 436 15.85 -38.79 -21.27
CA MET G 436 16.54 -39.11 -20.03
C MET G 436 16.12 -40.47 -19.51
N GLN G 437 14.82 -40.79 -19.60
CA GLN G 437 14.35 -42.11 -19.18
C GLN G 437 14.95 -43.20 -20.04
N GLN G 438 15.17 -42.91 -21.32
CA GLN G 438 15.91 -43.83 -22.18
C GLN G 438 17.33 -44.05 -21.66
N ILE G 439 17.94 -42.99 -21.13
CA ILE G 439 19.27 -43.13 -20.53
C ILE G 439 19.17 -43.84 -19.19
N ARG G 440 18.07 -43.63 -18.47
CA ARG G 440 17.86 -44.29 -17.18
C ARG G 440 17.78 -45.80 -17.34
N GLU G 441 17.21 -46.24 -18.45
CA GLU G 441 17.21 -47.66 -18.80
C GLU G 441 18.60 -48.17 -19.12
N LYS G 442 19.52 -47.31 -19.50
CA LYS G 442 20.86 -47.71 -19.86
C LYS G 442 21.87 -47.49 -18.76
N MET G 443 21.43 -46.93 -17.62
CA MET G 443 22.33 -46.64 -16.50
C MET G 443 22.93 -47.89 -15.89
N ASP G 444 22.26 -49.03 -16.00
CA ASP G 444 22.87 -50.29 -15.60
C ASP G 444 24.06 -50.63 -16.47
N LEU G 445 24.02 -50.26 -17.74
CA LEU G 445 25.12 -50.54 -18.65
C LEU G 445 26.15 -49.42 -18.68
N ILE G 446 25.97 -48.38 -17.88
CA ILE G 446 26.83 -47.22 -17.92
C ILE G 446 27.40 -47.00 -16.53
N ASP G 447 28.72 -47.03 -16.43
CA ASP G 447 29.41 -46.78 -15.18
C ASP G 447 29.94 -45.36 -15.17
N LEU G 448 29.56 -44.59 -14.17
CA LEU G 448 29.87 -43.17 -14.12
C LEU G 448 31.30 -42.88 -13.71
N ASP G 449 31.96 -43.83 -13.05
CA ASP G 449 33.38 -43.66 -12.75
C ASP G 449 34.25 -43.73 -13.99
N GLU G 450 33.75 -44.34 -15.06
CA GLU G 450 34.42 -44.31 -16.35
C GLU G 450 34.46 -42.88 -16.88
N ASP G 451 35.53 -42.58 -17.58
CA ASP G 451 35.72 -41.26 -18.14
C ASP G 451 35.06 -41.12 -19.50
N THR G 452 34.78 -42.24 -20.16
CA THR G 452 34.12 -42.27 -21.45
C THR G 452 33.41 -43.60 -21.60
N ILE G 453 32.10 -43.56 -21.83
CA ILE G 453 31.37 -44.78 -22.06
C ILE G 453 31.59 -45.24 -23.51
N ASP G 454 31.42 -46.53 -23.74
CA ASP G 454 31.65 -47.11 -25.05
C ASP G 454 30.53 -46.72 -26.03
N ALA G 455 30.79 -46.92 -27.31
CA ALA G 455 29.86 -46.47 -28.34
C ALA G 455 28.74 -47.44 -28.60
N GLU G 456 28.83 -48.67 -28.07
CA GLU G 456 27.80 -49.67 -28.36
C GLU G 456 26.50 -49.35 -27.64
N VAL G 457 26.61 -48.83 -26.42
CA VAL G 457 25.40 -48.37 -25.75
C VAL G 457 24.91 -47.06 -26.36
N LEU G 458 25.79 -46.33 -27.03
CA LEU G 458 25.36 -45.11 -27.71
C LEU G 458 24.53 -45.45 -28.93
N ASP G 459 24.91 -46.52 -29.63
CA ASP G 459 24.16 -46.93 -30.81
C ASP G 459 22.84 -47.55 -30.41
N SER G 460 22.79 -48.26 -29.29
CA SER G 460 21.54 -48.79 -28.79
C SER G 460 20.69 -47.75 -28.11
N LEU G 461 21.21 -46.55 -27.90
CA LEU G 461 20.48 -45.49 -27.21
C LEU G 461 19.45 -44.92 -28.19
N GLY G 462 18.30 -45.57 -28.26
CA GLY G 462 17.22 -45.11 -29.11
C GLY G 462 15.95 -44.99 -28.30
N VAL G 463 15.34 -43.81 -28.30
CA VAL G 463 14.26 -43.52 -27.38
C VAL G 463 12.99 -44.25 -27.82
N THR G 464 12.38 -44.96 -26.87
CA THR G 464 11.18 -45.73 -27.14
C THR G 464 9.94 -44.87 -27.05
N MET G 465 8.86 -45.41 -27.58
CA MET G 465 7.54 -44.80 -27.44
C MET G 465 7.10 -44.80 -25.99
N ASP G 466 7.49 -45.84 -25.24
CA ASP G 466 7.08 -45.95 -23.85
C ASP G 466 7.80 -44.94 -22.98
N ASN G 467 8.98 -44.47 -23.41
CA ASN G 467 9.62 -43.36 -22.72
C ASN G 467 8.76 -42.11 -22.77
N PHE G 468 8.11 -41.86 -23.91
CA PHE G 468 7.16 -40.77 -23.98
C PHE G 468 5.90 -41.08 -23.19
N ARG G 469 5.53 -42.36 -23.13
CA ARG G 469 4.43 -42.75 -22.25
C ARG G 469 4.82 -42.54 -20.79
N TYR G 470 6.08 -42.78 -20.47
CA TYR G 470 6.60 -42.31 -19.19
C TYR G 470 6.61 -40.79 -19.13
N ALA G 471 7.06 -40.16 -20.21
CA ALA G 471 7.23 -38.71 -20.17
C ALA G 471 5.90 -37.97 -20.25
N LEU G 472 4.81 -38.64 -20.54
CA LEU G 472 3.53 -37.95 -20.51
C LEU G 472 2.94 -37.89 -19.12
N GLY G 473 3.40 -38.74 -18.20
CA GLY G 473 2.78 -38.76 -16.89
C GLY G 473 3.61 -38.07 -15.84
N VAL G 474 4.78 -37.59 -16.24
CA VAL G 474 5.68 -36.88 -15.33
C VAL G 474 5.25 -35.42 -15.22
N SER G 475 6.05 -34.65 -14.48
CA SER G 475 5.79 -33.23 -14.19
C SER G 475 6.02 -32.23 -15.32
N ASN G 476 6.62 -32.66 -16.43
CA ASN G 476 6.84 -31.76 -17.56
C ASN G 476 5.44 -31.32 -17.98
N PRO G 477 4.58 -32.30 -18.23
CA PRO G 477 3.15 -32.25 -18.58
C PRO G 477 2.25 -31.28 -17.82
N SER G 478 2.64 -30.79 -16.64
CA SER G 478 2.11 -29.52 -16.17
C SER G 478 2.40 -28.44 -17.20
N ALA G 479 1.37 -27.93 -17.83
CA ALA G 479 1.52 -26.93 -18.86
C ALA G 479 1.17 -25.56 -18.32
N LEU G 480 1.06 -24.61 -19.23
CA LEU G 480 0.57 -23.27 -18.93
C LEU G 480 -0.78 -23.15 -19.61
N ARG G 481 -1.84 -23.53 -18.90
CA ARG G 481 -3.18 -23.49 -19.44
C ARG G 481 -4.12 -22.66 -18.57
N GLU G 482 -3.59 -21.95 -17.59
CA GLU G 482 -4.39 -21.27 -16.59
C GLU G 482 -4.75 -19.86 -17.00
N VAL G 483 -4.90 -19.61 -18.30
CA VAL G 483 -5.20 -18.28 -18.81
C VAL G 483 -6.47 -18.33 -19.64
N ALA G 484 -6.87 -17.18 -20.18
CA ALA G 484 -8.00 -17.11 -21.11
C ALA G 484 -7.52 -17.55 -22.48
N VAL G 485 -7.88 -18.75 -22.87
CA VAL G 485 -7.33 -19.38 -24.05
C VAL G 485 -8.37 -19.37 -25.17
N VAL G 486 -7.89 -19.40 -26.42
CA VAL G 486 -8.72 -19.70 -27.57
C VAL G 486 -8.27 -21.03 -28.15
N GLU G 487 -9.22 -21.90 -28.44
CA GLU G 487 -8.91 -23.25 -28.91
C GLU G 487 -10.09 -23.80 -29.67
N VAL G 488 -9.83 -24.39 -30.83
CA VAL G 488 -10.87 -25.04 -31.61
C VAL G 488 -11.31 -26.30 -30.88
N PRO G 489 -12.59 -26.59 -30.85
CA PRO G 489 -13.07 -27.76 -30.10
C PRO G 489 -12.89 -29.06 -30.86
N ASN G 490 -13.41 -30.15 -30.30
CA ASN G 490 -13.32 -31.46 -30.90
C ASN G 490 -14.62 -32.23 -30.95
N VAL G 491 -15.59 -31.90 -30.11
CA VAL G 491 -16.85 -32.62 -30.08
C VAL G 491 -17.69 -32.18 -31.28
N ARG G 492 -18.59 -33.05 -31.73
CA ARG G 492 -19.42 -32.77 -32.89
C ARG G 492 -20.87 -33.09 -32.57
N TRP G 493 -21.71 -32.99 -33.61
CA TRP G 493 -23.14 -33.15 -33.41
C TRP G 493 -23.51 -34.60 -33.15
N GLU G 494 -22.71 -35.53 -33.67
CA GLU G 494 -22.98 -36.95 -33.49
C GLU G 494 -22.69 -37.36 -32.05
N ASP G 495 -21.78 -36.65 -31.40
CA ASP G 495 -21.39 -36.97 -30.04
C ASP G 495 -22.36 -36.40 -29.00
N ILE G 496 -23.34 -35.63 -29.43
CA ILE G 496 -24.38 -35.12 -28.55
C ILE G 496 -25.69 -35.70 -29.06
N GLY G 497 -26.25 -36.64 -28.30
CA GLY G 497 -27.47 -37.32 -28.72
C GLY G 497 -28.70 -36.49 -28.40
N GLY G 498 -29.66 -36.54 -29.30
CA GLY G 498 -30.93 -35.86 -29.10
C GLY G 498 -30.82 -34.35 -29.20
N LEU G 499 -31.94 -33.71 -28.84
CA LEU G 499 -32.10 -32.24 -28.80
C LEU G 499 -31.82 -31.60 -30.15
N GLU G 500 -32.26 -32.27 -31.21
CA GLU G 500 -32.05 -31.79 -32.57
C GLU G 500 -32.81 -30.50 -32.86
N GLN G 501 -33.85 -30.20 -32.09
CA GLN G 501 -34.58 -28.95 -32.25
C GLN G 501 -33.69 -27.76 -31.93
N VAL G 502 -33.08 -27.77 -30.75
CA VAL G 502 -32.17 -26.69 -30.40
C VAL G 502 -30.84 -26.81 -31.11
N LYS G 503 -30.53 -27.98 -31.67
CA LYS G 503 -29.43 -28.06 -32.61
C LYS G 503 -29.69 -27.17 -33.81
N GLN G 504 -30.85 -27.34 -34.43
CA GLN G 504 -31.24 -26.52 -35.58
C GLN G 504 -31.43 -25.07 -35.20
N GLU G 505 -31.81 -24.81 -33.95
CA GLU G 505 -31.92 -23.43 -33.48
C GLU G 505 -30.57 -22.75 -33.48
N LEU G 506 -29.52 -23.47 -33.08
CA LEU G 506 -28.18 -22.94 -33.20
C LEU G 506 -27.76 -22.88 -34.66
N LYS G 507 -28.24 -23.83 -35.47
CA LYS G 507 -28.02 -23.75 -36.90
C LYS G 507 -28.71 -22.53 -37.48
N GLU G 508 -29.87 -22.17 -36.93
CA GLU G 508 -30.49 -20.89 -37.28
C GLU G 508 -29.66 -19.73 -36.75
N GLN G 509 -29.51 -19.65 -35.43
CA GLN G 509 -29.18 -18.38 -34.81
C GLN G 509 -27.71 -18.02 -34.95
N VAL G 510 -26.80 -18.98 -34.86
CA VAL G 510 -25.39 -18.65 -34.87
C VAL G 510 -24.69 -19.13 -36.12
N GLN G 511 -25.25 -20.08 -36.86
CA GLN G 511 -24.53 -20.58 -38.02
C GLN G 511 -24.86 -19.78 -39.25
N TYR G 512 -26.09 -19.28 -39.35
CA TYR G 512 -26.45 -18.40 -40.45
C TYR G 512 -25.65 -17.09 -40.48
N PRO G 513 -25.36 -16.39 -39.36
CA PRO G 513 -24.50 -15.20 -39.50
C PRO G 513 -23.07 -15.51 -39.85
N VAL G 514 -22.49 -16.57 -39.27
CA VAL G 514 -21.09 -16.85 -39.54
C VAL G 514 -20.91 -17.41 -40.93
N ASP G 515 -21.96 -17.95 -41.54
CA ASP G 515 -21.86 -18.45 -42.90
C ASP G 515 -22.34 -17.44 -43.93
N HIS G 516 -23.39 -16.69 -43.65
CA HIS G 516 -23.98 -15.80 -44.64
C HIS G 516 -24.38 -14.47 -44.03
N PRO G 517 -23.48 -13.50 -44.00
CA PRO G 517 -23.88 -12.12 -43.67
C PRO G 517 -24.55 -11.42 -44.83
N GLU G 518 -24.59 -12.04 -46.00
CA GLU G 518 -25.07 -11.39 -47.20
C GLU G 518 -26.57 -11.16 -47.16
N LYS G 519 -27.30 -12.03 -46.48
CA LYS G 519 -28.74 -11.85 -46.41
C LYS G 519 -29.13 -10.72 -45.46
N PHE G 520 -28.24 -10.38 -44.53
CA PHE G 520 -28.55 -9.34 -43.55
C PHE G 520 -28.53 -7.98 -44.20
N LEU G 521 -27.44 -7.69 -44.92
CA LEU G 521 -27.35 -6.48 -45.72
C LEU G 521 -28.35 -6.49 -46.86
N LYS G 522 -28.77 -7.67 -47.32
CA LYS G 522 -29.94 -7.73 -48.18
C LYS G 522 -31.19 -7.27 -47.46
N PHE G 523 -31.32 -7.63 -46.19
CA PHE G 523 -32.54 -7.36 -45.45
C PHE G 523 -32.40 -6.20 -44.49
N GLY G 524 -31.23 -5.59 -44.39
CA GLY G 524 -31.04 -4.40 -43.59
C GLY G 524 -31.13 -4.61 -42.10
N LEU G 525 -30.97 -5.84 -41.62
CA LEU G 525 -31.22 -6.16 -40.23
C LEU G 525 -30.01 -6.84 -39.61
N SER G 526 -29.52 -6.28 -38.52
CA SER G 526 -28.49 -6.94 -37.75
C SER G 526 -29.13 -8.00 -36.85
N PRO G 527 -28.48 -9.13 -36.65
CA PRO G 527 -29.09 -10.23 -35.91
C PRO G 527 -29.01 -9.99 -34.40
N SER G 528 -29.55 -10.93 -33.67
CA SER G 528 -29.35 -11.00 -32.23
C SER G 528 -28.06 -11.74 -31.97
N ARG G 529 -27.12 -11.06 -31.32
CA ARG G 529 -25.84 -11.69 -31.04
C ARG G 529 -25.79 -12.40 -29.69
N GLY G 530 -26.87 -12.34 -28.91
CA GLY G 530 -26.83 -12.86 -27.56
C GLY G 530 -27.69 -14.07 -27.28
N VAL G 531 -27.04 -15.21 -27.06
CA VAL G 531 -27.72 -16.48 -26.85
C VAL G 531 -27.43 -16.96 -25.44
N LEU G 532 -28.49 -17.28 -24.70
CA LEU G 532 -28.37 -17.82 -23.37
C LEU G 532 -28.88 -19.25 -23.36
N PHE G 533 -28.04 -20.17 -22.91
CA PHE G 533 -28.46 -21.53 -22.65
C PHE G 533 -28.96 -21.65 -21.23
N TYR G 534 -30.02 -22.43 -21.05
CA TYR G 534 -30.47 -22.71 -19.70
C TYR G 534 -31.16 -24.05 -19.67
N GLY G 535 -31.42 -24.51 -18.45
CA GLY G 535 -32.08 -25.78 -18.23
C GLY G 535 -31.66 -26.37 -16.90
N PRO G 536 -32.01 -27.63 -16.68
CA PRO G 536 -31.53 -28.32 -15.50
C PRO G 536 -30.05 -28.60 -15.60
N PRO G 537 -29.38 -28.82 -14.47
CA PRO G 537 -27.94 -29.13 -14.50
C PRO G 537 -27.68 -30.49 -15.10
N GLY G 538 -26.43 -30.67 -15.53
CA GLY G 538 -25.99 -31.95 -16.07
C GLY G 538 -26.65 -32.35 -17.36
N THR G 539 -26.92 -31.39 -18.24
CA THR G 539 -27.59 -31.66 -19.49
C THR G 539 -26.70 -31.37 -20.69
N GLY G 540 -25.38 -31.43 -20.51
CA GLY G 540 -24.46 -31.36 -21.62
C GLY G 540 -24.38 -29.99 -22.25
N LYS G 541 -24.76 -28.95 -21.50
CA LYS G 541 -24.79 -27.61 -22.05
C LYS G 541 -23.41 -27.07 -22.33
N THR G 542 -22.40 -27.62 -21.66
CA THR G 542 -21.03 -27.24 -21.93
C THR G 542 -20.60 -27.67 -23.32
N MET G 543 -21.00 -28.87 -23.74
CA MET G 543 -20.53 -29.39 -25.01
C MET G 543 -21.25 -28.79 -26.20
N LEU G 544 -22.35 -28.08 -25.96
CA LEU G 544 -23.19 -27.62 -27.06
C LEU G 544 -22.49 -26.54 -27.86
N ALA G 545 -21.89 -25.58 -27.15
CA ALA G 545 -21.17 -24.50 -27.83
C ALA G 545 -19.89 -25.00 -28.48
N LYS G 546 -19.33 -26.09 -27.96
CA LYS G 546 -18.12 -26.63 -28.55
C LYS G 546 -18.42 -27.29 -29.88
N ALA G 547 -19.53 -28.01 -29.97
CA ALA G 547 -19.85 -28.73 -31.19
C ALA G 547 -20.26 -27.80 -32.32
N VAL G 548 -20.87 -26.67 -31.98
CA VAL G 548 -21.27 -25.75 -33.03
C VAL G 548 -20.08 -24.91 -33.51
N ALA G 549 -19.10 -24.64 -32.64
CA ALA G 549 -17.89 -24.00 -33.12
C ALA G 549 -17.05 -24.96 -33.93
N ASN G 550 -17.17 -26.25 -33.64
CA ASN G 550 -16.51 -27.26 -34.43
C ASN G 550 -17.19 -27.45 -35.77
N GLU G 551 -18.48 -27.15 -35.87
CA GLU G 551 -19.14 -27.26 -37.17
C GLU G 551 -18.70 -26.16 -38.10
N CYS G 552 -19.06 -24.91 -37.80
CA CYS G 552 -18.76 -23.81 -38.69
C CYS G 552 -17.34 -23.29 -38.54
N ALA G 553 -16.47 -24.05 -37.88
CA ALA G 553 -15.03 -23.83 -37.81
C ALA G 553 -14.66 -22.49 -37.17
N ALA G 554 -15.57 -21.92 -36.40
CA ALA G 554 -15.27 -20.70 -35.69
C ALA G 554 -14.37 -21.00 -34.52
N ASN G 555 -13.62 -19.98 -34.11
CA ASN G 555 -12.77 -20.14 -32.96
C ASN G 555 -13.60 -20.18 -31.69
N PHE G 556 -13.03 -20.72 -30.63
CA PHE G 556 -13.82 -20.96 -29.45
C PHE G 556 -13.04 -20.54 -28.23
N ILE G 557 -13.72 -19.85 -27.32
CA ILE G 557 -13.16 -19.42 -26.06
C ILE G 557 -14.07 -19.90 -24.95
N SER G 558 -13.60 -20.82 -24.14
CA SER G 558 -14.33 -21.32 -23.00
C SER G 558 -13.97 -20.48 -21.78
N VAL G 559 -14.96 -19.87 -21.16
CA VAL G 559 -14.76 -19.13 -19.92
C VAL G 559 -15.77 -19.66 -18.91
N LYS G 560 -15.27 -20.14 -17.77
CA LYS G 560 -16.18 -20.55 -16.71
C LYS G 560 -16.41 -19.40 -15.75
N GLY G 561 -17.31 -19.65 -14.80
CA GLY G 561 -17.69 -18.70 -13.78
C GLY G 561 -16.56 -18.24 -12.88
N PRO G 562 -15.99 -19.16 -12.08
CA PRO G 562 -14.90 -18.76 -11.18
C PRO G 562 -13.62 -18.38 -11.88
N GLU G 563 -13.48 -18.68 -13.17
CA GLU G 563 -12.35 -18.18 -13.94
C GLU G 563 -12.35 -16.67 -14.01
N LEU G 564 -13.54 -16.06 -14.02
CA LEU G 564 -13.64 -14.63 -13.87
C LEU G 564 -13.20 -14.19 -12.50
N LEU G 565 -13.64 -14.93 -11.48
CA LEU G 565 -13.43 -14.50 -10.10
C LEU G 565 -12.01 -14.75 -9.65
N SER G 566 -11.48 -15.93 -9.94
CA SER G 566 -10.11 -16.27 -9.54
C SER G 566 -9.08 -15.45 -10.27
N MET G 567 -9.38 -15.02 -11.49
CA MET G 567 -8.51 -14.04 -12.09
C MET G 567 -8.79 -12.64 -11.60
N TRP G 568 -9.87 -12.43 -10.83
CA TRP G 568 -10.09 -11.13 -10.24
C TRP G 568 -9.73 -11.08 -8.77
N PHE G 569 -9.33 -12.20 -8.18
CA PHE G 569 -8.60 -12.09 -6.94
C PHE G 569 -7.18 -11.64 -7.21
N GLY G 570 -6.66 -11.96 -8.39
CA GLY G 570 -5.45 -11.39 -8.94
C GLY G 570 -5.68 -10.22 -9.88
N GLU G 571 -6.95 -9.86 -10.11
CA GLU G 571 -7.41 -8.71 -10.88
C GLU G 571 -6.89 -8.75 -12.32
N SER G 572 -7.40 -9.72 -13.06
CA SER G 572 -7.18 -9.81 -14.50
C SER G 572 -8.50 -9.48 -15.20
N GLU G 573 -8.76 -8.18 -15.39
CA GLU G 573 -9.98 -7.75 -16.06
C GLU G 573 -9.72 -7.08 -17.40
N SER G 574 -8.49 -6.64 -17.65
CA SER G 574 -8.14 -6.27 -19.01
C SER G 574 -8.14 -7.50 -19.90
N ASN G 575 -7.75 -8.64 -19.31
CA ASN G 575 -7.88 -9.92 -19.98
C ASN G 575 -9.33 -10.24 -20.31
N ILE G 576 -10.25 -9.82 -19.43
CA ILE G 576 -11.67 -9.98 -19.70
C ILE G 576 -12.08 -9.14 -20.90
N ARG G 577 -11.54 -7.92 -20.98
CA ARG G 577 -11.68 -7.16 -22.22
C ARG G 577 -10.92 -7.84 -23.34
N ASP G 578 -9.74 -8.40 -23.05
CA ASP G 578 -8.95 -9.06 -24.08
C ASP G 578 -9.56 -10.36 -24.53
N ILE G 579 -10.44 -10.96 -23.73
CA ILE G 579 -11.28 -12.05 -24.22
C ILE G 579 -12.06 -11.60 -25.45
N PHE G 580 -12.69 -10.44 -25.34
CA PHE G 580 -13.42 -9.91 -26.48
C PHE G 580 -12.49 -9.41 -27.56
N ASP G 581 -11.31 -8.95 -27.16
CA ASP G 581 -10.36 -8.43 -28.14
C ASP G 581 -9.71 -9.56 -28.92
N LYS G 582 -9.33 -10.63 -28.22
CA LYS G 582 -8.73 -11.76 -28.92
C LYS G 582 -9.76 -12.48 -29.76
N ALA G 583 -11.01 -12.54 -29.30
CA ALA G 583 -12.07 -13.06 -30.15
C ALA G 583 -12.33 -12.13 -31.33
N ARG G 584 -12.17 -10.83 -31.11
CA ARG G 584 -12.15 -9.90 -32.23
C ARG G 584 -10.92 -10.11 -33.08
N ALA G 585 -9.79 -10.45 -32.45
CA ALA G 585 -8.60 -10.79 -33.22
C ALA G 585 -8.76 -12.14 -33.91
N ALA G 586 -9.47 -13.07 -33.28
CA ALA G 586 -9.72 -14.38 -33.87
C ALA G 586 -11.14 -14.52 -34.40
N ALA G 587 -11.70 -13.43 -34.93
CA ALA G 587 -12.98 -13.52 -35.59
C ALA G 587 -12.83 -14.34 -36.87
N PRO G 588 -13.75 -15.28 -37.15
CA PRO G 588 -14.95 -15.67 -36.41
C PRO G 588 -14.66 -16.46 -35.14
N CYS G 589 -15.27 -16.03 -34.06
CA CYS G 589 -15.07 -16.70 -32.78
C CYS G 589 -16.36 -16.61 -31.99
N VAL G 590 -16.58 -17.63 -31.16
CA VAL G 590 -17.68 -17.63 -30.21
C VAL G 590 -17.08 -17.60 -28.81
N VAL G 591 -17.67 -16.80 -27.95
CA VAL G 591 -17.22 -16.67 -26.57
C VAL G 591 -18.24 -17.37 -25.69
N PHE G 592 -17.79 -18.37 -24.97
CA PHE G 592 -18.67 -19.22 -24.19
C PHE G 592 -18.48 -18.93 -22.72
N LEU G 593 -19.57 -18.62 -22.04
CA LEU G 593 -19.56 -18.25 -20.64
C LEU G 593 -20.19 -19.37 -19.84
N ASP G 594 -19.36 -20.31 -19.40
CA ASP G 594 -19.86 -21.41 -18.59
C ASP G 594 -20.10 -20.94 -17.17
N GLU G 595 -21.09 -21.59 -16.53
CA GLU G 595 -21.36 -21.47 -15.10
C GLU G 595 -21.71 -20.04 -14.71
N LEU G 596 -22.79 -19.53 -15.32
CA LEU G 596 -23.21 -18.18 -15.01
C LEU G 596 -23.82 -18.05 -13.63
N ASP G 597 -24.26 -19.17 -13.04
CA ASP G 597 -24.69 -19.17 -11.66
C ASP G 597 -23.56 -18.82 -10.71
N SER G 598 -22.31 -19.16 -11.07
CA SER G 598 -21.15 -18.82 -10.25
C SER G 598 -20.95 -17.33 -10.16
N ILE G 599 -21.33 -16.59 -11.19
CA ILE G 599 -21.30 -15.14 -11.13
C ILE G 599 -22.36 -14.64 -10.14
N ALA G 600 -23.53 -15.27 -10.15
CA ALA G 600 -24.48 -15.03 -9.07
C ALA G 600 -23.98 -15.56 -7.74
N LYS G 601 -23.22 -16.67 -7.76
CA LYS G 601 -22.74 -17.23 -6.50
C LYS G 601 -21.48 -16.51 -6.01
N ALA G 602 -20.97 -15.54 -6.77
CA ALA G 602 -19.98 -14.61 -6.23
C ALA G 602 -20.56 -13.80 -5.07
N ARG G 603 -21.84 -13.44 -5.17
CA ARG G 603 -22.62 -12.96 -4.03
C ARG G 603 -23.63 -14.02 -3.60
N GLY G 604 -23.25 -15.29 -3.62
CA GLY G 604 -24.08 -16.37 -3.11
C GLY G 604 -25.17 -16.88 -4.03
N GLY G 605 -25.83 -15.96 -4.72
CA GLY G 605 -26.94 -16.27 -5.62
C GLY G 605 -27.67 -14.99 -5.97
N SER G 606 -28.96 -15.12 -6.28
CA SER G 606 -29.82 -13.95 -6.26
C SER G 606 -30.43 -13.76 -4.88
N ILE G 607 -30.67 -14.87 -4.17
CA ILE G 607 -30.89 -14.77 -2.73
C ILE G 607 -29.56 -14.44 -2.04
N GLY G 608 -28.63 -15.40 -2.06
CA GLY G 608 -27.23 -15.21 -1.71
C GLY G 608 -26.96 -14.63 -0.35
N ASP G 609 -25.99 -13.71 -0.30
CA ASP G 609 -25.68 -12.90 0.87
C ASP G 609 -26.41 -11.57 0.85
N ALA G 610 -27.65 -11.59 0.33
CA ALA G 610 -28.57 -10.50 -0.04
C ALA G 610 -28.13 -9.79 -1.31
N GLY G 611 -26.91 -10.06 -1.78
CA GLY G 611 -26.45 -9.53 -3.05
C GLY G 611 -26.86 -10.48 -4.17
N GLY G 612 -27.39 -9.90 -5.24
CA GLY G 612 -27.86 -10.68 -6.35
C GLY G 612 -26.77 -11.14 -7.28
N ALA G 613 -27.10 -11.35 -8.55
CA ALA G 613 -26.09 -11.70 -9.53
C ALA G 613 -25.15 -10.54 -9.82
N SER G 614 -25.65 -9.31 -9.70
CA SER G 614 -24.89 -8.11 -10.04
C SER G 614 -23.76 -7.88 -9.04
N ASP G 615 -22.55 -7.80 -9.56
CA ASP G 615 -21.37 -7.37 -8.82
C ASP G 615 -20.45 -6.68 -9.82
N ARG G 616 -19.17 -6.62 -9.48
CA ARG G 616 -18.19 -6.00 -10.36
C ARG G 616 -17.99 -6.80 -11.65
N VAL G 617 -18.33 -8.09 -11.62
CA VAL G 617 -18.18 -8.92 -12.81
C VAL G 617 -19.22 -8.56 -13.84
N VAL G 618 -20.49 -8.43 -13.40
CA VAL G 618 -21.58 -8.14 -14.32
C VAL G 618 -21.42 -6.77 -14.94
N ASN G 619 -21.13 -5.78 -14.10
CA ASN G 619 -20.91 -4.40 -14.52
C ASN G 619 -19.74 -4.27 -15.49
N GLN G 620 -18.75 -5.14 -15.39
CA GLN G 620 -17.72 -5.21 -16.39
C GLN G 620 -18.24 -5.86 -17.66
N LEU G 621 -19.00 -6.94 -17.52
CA LEU G 621 -19.42 -7.70 -18.69
C LEU G 621 -20.47 -6.95 -19.49
N LEU G 622 -21.39 -6.25 -18.81
CA LEU G 622 -22.40 -5.49 -19.50
C LEU G 622 -21.80 -4.36 -20.33
N THR G 623 -20.67 -3.81 -19.87
CA THR G 623 -19.95 -2.85 -20.69
C THR G 623 -19.33 -3.53 -21.89
N GLU G 624 -18.63 -4.64 -21.64
CA GLU G 624 -17.91 -5.31 -22.71
C GLU G 624 -18.83 -6.02 -23.68
N MET G 625 -20.00 -6.46 -23.22
CA MET G 625 -20.95 -7.04 -24.15
C MET G 625 -21.59 -5.96 -25.01
N ASP G 626 -21.87 -4.81 -24.42
CA ASP G 626 -22.37 -3.68 -25.19
C ASP G 626 -21.27 -2.98 -25.97
N GLY G 627 -20.01 -3.22 -25.64
CA GLY G 627 -18.92 -2.59 -26.36
C GLY G 627 -18.49 -3.39 -27.57
N MET G 628 -19.39 -4.22 -28.09
CA MET G 628 -19.12 -5.04 -29.24
C MET G 628 -19.87 -4.47 -30.44
N THR G 629 -19.16 -4.36 -31.56
CA THR G 629 -19.79 -3.90 -32.79
C THR G 629 -20.72 -4.99 -33.31
N SER G 630 -21.94 -4.59 -33.66
CA SER G 630 -22.90 -5.53 -34.22
C SER G 630 -22.50 -6.05 -35.59
N LYS G 631 -21.62 -5.32 -36.29
CA LYS G 631 -21.10 -5.83 -37.55
C LYS G 631 -20.20 -7.04 -37.35
N LYS G 632 -19.54 -7.12 -36.18
CA LYS G 632 -18.62 -8.21 -35.91
C LYS G 632 -19.37 -9.53 -35.76
N ASN G 633 -18.80 -10.59 -36.33
CA ASN G 633 -19.33 -11.93 -36.21
C ASN G 633 -18.89 -12.61 -34.93
N VAL G 634 -18.18 -11.88 -34.08
CA VAL G 634 -17.80 -12.37 -32.76
C VAL G 634 -19.05 -12.60 -31.94
N PHE G 635 -19.18 -13.80 -31.39
CA PHE G 635 -20.45 -14.19 -30.80
C PHE G 635 -20.24 -14.53 -29.34
N VAL G 636 -21.28 -14.29 -28.55
CA VAL G 636 -21.26 -14.52 -27.11
C VAL G 636 -22.31 -15.55 -26.77
N ILE G 637 -21.90 -16.63 -26.11
CA ILE G 637 -22.79 -17.71 -25.74
C ILE G 637 -22.79 -17.85 -24.23
N GLY G 638 -23.96 -17.69 -23.62
CA GLY G 638 -24.11 -17.83 -22.20
C GLY G 638 -24.82 -19.12 -21.86
N ALA G 639 -24.43 -19.72 -20.73
CA ALA G 639 -25.02 -20.97 -20.30
C ALA G 639 -25.04 -21.04 -18.79
N THR G 640 -26.22 -21.30 -18.24
CA THR G 640 -26.35 -21.55 -16.82
C THR G 640 -27.35 -22.68 -16.63
N ASN G 641 -27.45 -23.12 -15.39
CA ASN G 641 -28.50 -24.03 -14.99
C ASN G 641 -29.47 -23.41 -14.00
N ARG G 642 -29.18 -22.19 -13.53
CA ARG G 642 -30.05 -21.47 -12.61
C ARG G 642 -30.45 -20.14 -13.24
N PRO G 643 -31.32 -20.16 -14.24
CA PRO G 643 -31.57 -18.95 -15.03
C PRO G 643 -32.47 -17.94 -14.35
N GLU G 644 -33.28 -18.38 -13.38
CA GLU G 644 -34.05 -17.44 -12.58
C GLU G 644 -33.14 -16.55 -11.76
N GLN G 645 -32.00 -17.10 -11.36
CA GLN G 645 -31.08 -16.48 -10.44
C GLN G 645 -30.09 -15.57 -11.12
N LEU G 646 -30.41 -15.12 -12.33
CA LEU G 646 -29.62 -14.15 -13.05
C LEU G 646 -30.47 -12.91 -13.29
N ASP G 647 -29.83 -11.75 -13.28
CA ASP G 647 -30.54 -10.50 -13.47
C ASP G 647 -31.01 -10.35 -14.91
N PRO G 648 -32.15 -9.69 -15.13
CA PRO G 648 -32.58 -9.41 -16.50
C PRO G 648 -31.79 -8.31 -17.18
N ALA G 649 -30.93 -7.60 -16.45
CA ALA G 649 -30.04 -6.62 -17.07
C ALA G 649 -29.05 -7.29 -17.99
N LEU G 650 -28.62 -8.50 -17.65
CA LEU G 650 -27.82 -9.29 -18.58
C LEU G 650 -28.69 -9.96 -19.62
N CYS G 651 -29.95 -10.25 -19.28
CA CYS G 651 -30.91 -10.79 -20.22
C CYS G 651 -31.54 -9.71 -21.09
N ARG G 652 -31.02 -8.50 -21.06
CA ARG G 652 -31.58 -7.41 -21.82
C ARG G 652 -31.37 -7.65 -23.31
N PRO G 653 -32.33 -7.28 -24.15
CA PRO G 653 -32.12 -7.36 -25.59
C PRO G 653 -30.99 -6.47 -26.05
N GLY G 654 -30.22 -6.97 -27.02
CA GLY G 654 -28.95 -6.42 -27.38
C GLY G 654 -27.80 -7.10 -26.67
N ARG G 655 -28.02 -7.57 -25.45
CA ARG G 655 -27.01 -8.29 -24.69
C ARG G 655 -27.15 -9.80 -24.78
N LEU G 656 -28.23 -10.34 -24.23
CA LEU G 656 -28.53 -11.76 -24.30
C LEU G 656 -30.04 -11.88 -24.38
N ASP G 657 -30.56 -11.98 -25.59
CA ASP G 657 -31.99 -12.05 -25.80
C ASP G 657 -32.47 -13.41 -26.26
N GLN G 658 -31.61 -14.23 -26.84
CA GLN G 658 -31.99 -15.59 -27.19
C GLN G 658 -31.81 -16.47 -25.97
N LEU G 659 -32.88 -17.15 -25.57
CA LEU G 659 -32.87 -17.99 -24.38
C LEU G 659 -33.31 -19.39 -24.81
N ILE G 660 -32.45 -20.36 -24.56
CA ILE G 660 -32.64 -21.70 -25.08
C ILE G 660 -32.73 -22.67 -23.91
N TYR G 661 -33.90 -23.25 -23.74
CA TYR G 661 -34.10 -24.27 -22.72
C TYR G 661 -33.51 -25.58 -23.20
N VAL G 662 -32.81 -26.26 -22.29
CA VAL G 662 -32.22 -27.55 -22.59
C VAL G 662 -32.96 -28.59 -21.76
N PRO G 663 -33.95 -29.27 -22.30
CA PRO G 663 -34.68 -30.28 -21.53
C PRO G 663 -33.88 -31.56 -21.36
N LEU G 664 -34.41 -32.44 -20.54
CA LEU G 664 -33.91 -33.81 -20.52
C LEU G 664 -34.30 -34.50 -21.83
N PRO G 665 -33.49 -35.44 -22.29
CA PRO G 665 -33.89 -36.22 -23.45
C PRO G 665 -34.99 -37.19 -23.09
N ASP G 666 -35.68 -37.68 -24.12
CA ASP G 666 -36.60 -38.79 -23.93
C ASP G 666 -35.79 -40.08 -23.95
N GLU G 667 -36.51 -41.21 -23.97
CA GLU G 667 -35.86 -42.50 -24.12
C GLU G 667 -35.20 -42.66 -25.47
N ALA G 668 -35.71 -41.99 -26.51
CA ALA G 668 -35.03 -41.96 -27.79
C ALA G 668 -33.79 -41.10 -27.73
N GLY G 669 -33.86 -40.00 -26.99
CA GLY G 669 -32.67 -39.20 -26.75
C GLY G 669 -31.68 -39.94 -25.88
N ARG G 670 -32.19 -40.58 -24.82
CA ARG G 670 -31.35 -41.41 -23.97
C ARG G 670 -30.78 -42.60 -24.72
N LEU G 671 -31.51 -43.09 -25.73
CA LEU G 671 -30.93 -44.09 -26.63
C LEU G 671 -29.79 -43.49 -27.44
N SER G 672 -30.01 -42.30 -27.99
CA SER G 672 -29.01 -41.67 -28.84
C SER G 672 -27.77 -41.26 -28.06
N ILE G 673 -27.94 -40.92 -26.80
CA ILE G 673 -26.80 -40.59 -25.96
C ILE G 673 -25.97 -41.83 -25.68
N LEU G 674 -26.63 -42.91 -25.26
CA LEU G 674 -25.94 -44.15 -24.97
C LEU G 674 -25.35 -44.78 -26.21
N LYS G 675 -25.91 -44.50 -27.38
CA LYS G 675 -25.20 -44.82 -28.61
C LYS G 675 -23.97 -43.93 -28.75
N ALA G 676 -24.13 -42.63 -28.50
CA ALA G 676 -23.03 -41.71 -28.69
C ALA G 676 -21.98 -41.82 -27.60
N GLN G 677 -22.38 -42.13 -26.36
CA GLN G 677 -21.38 -42.22 -25.32
C GLN G 677 -20.54 -43.48 -25.44
N LEU G 678 -21.11 -44.55 -25.99
CA LEU G 678 -20.42 -45.82 -26.05
C LEU G 678 -19.75 -46.06 -27.38
N ARG G 679 -19.46 -44.99 -28.12
CA ARG G 679 -18.80 -45.11 -29.41
C ARG G 679 -17.37 -45.60 -29.28
N LYS G 680 -16.74 -45.39 -28.14
CA LYS G 680 -15.34 -45.75 -27.96
C LYS G 680 -15.18 -46.83 -26.89
N THR G 681 -16.26 -47.50 -26.54
CA THR G 681 -16.17 -48.50 -25.50
C THR G 681 -16.43 -49.88 -26.08
N PRO G 682 -15.63 -50.87 -25.71
CA PRO G 682 -15.89 -52.23 -26.18
C PRO G 682 -17.06 -52.85 -25.44
N VAL G 683 -18.27 -52.54 -25.89
CA VAL G 683 -19.46 -52.97 -25.20
C VAL G 683 -19.77 -54.42 -25.59
N SER G 684 -20.58 -55.08 -24.77
CA SER G 684 -21.06 -56.41 -25.11
C SER G 684 -22.06 -56.35 -26.26
N LYS G 685 -22.38 -57.52 -26.80
CA LYS G 685 -23.29 -57.63 -27.91
C LYS G 685 -24.73 -57.82 -27.49
N ASP G 686 -24.97 -58.31 -26.27
CA ASP G 686 -26.32 -58.54 -25.80
C ASP G 686 -26.98 -57.27 -25.25
N VAL G 687 -26.32 -56.12 -25.41
CA VAL G 687 -26.73 -54.91 -24.73
C VAL G 687 -27.95 -54.32 -25.43
N ASP G 688 -29.10 -54.38 -24.77
CA ASP G 688 -30.29 -53.71 -25.25
C ASP G 688 -30.31 -52.34 -24.61
N LEU G 689 -29.76 -51.36 -25.33
CA LEU G 689 -29.78 -49.98 -24.87
C LEU G 689 -31.19 -49.44 -24.80
N ALA G 690 -32.10 -49.95 -25.64
CA ALA G 690 -33.48 -49.53 -25.59
C ALA G 690 -34.16 -50.03 -24.33
N TYR G 691 -33.85 -51.26 -23.92
CA TYR G 691 -34.32 -51.75 -22.63
C TYR G 691 -33.71 -50.96 -21.49
N ILE G 692 -32.46 -50.51 -21.68
CA ILE G 692 -31.91 -49.53 -20.76
C ILE G 692 -32.68 -48.22 -20.89
N ALA G 693 -32.90 -47.77 -22.14
CA ALA G 693 -33.64 -46.54 -22.38
C ALA G 693 -35.10 -46.63 -21.93
N SER G 694 -35.66 -47.84 -21.91
CA SER G 694 -36.98 -48.01 -21.31
C SER G 694 -36.92 -47.75 -19.82
N LYS G 695 -35.93 -48.34 -19.15
CA LYS G 695 -35.86 -48.22 -17.70
C LYS G 695 -35.32 -46.88 -17.26
N THR G 696 -34.42 -46.28 -18.01
CA THR G 696 -33.93 -44.94 -17.71
C THR G 696 -34.96 -43.95 -18.20
N HIS G 697 -35.68 -43.32 -17.28
CA HIS G 697 -36.65 -42.30 -17.64
C HIS G 697 -36.28 -40.92 -17.10
N GLY G 698 -36.16 -40.77 -15.79
CA GLY G 698 -35.84 -39.49 -15.22
C GLY G 698 -34.36 -39.18 -15.19
N PHE G 699 -33.55 -40.03 -15.81
CA PHE G 699 -32.11 -39.96 -15.67
C PHE G 699 -31.53 -39.03 -16.73
N SER G 700 -30.66 -38.13 -16.29
CA SER G 700 -30.07 -37.16 -17.21
C SER G 700 -29.02 -37.83 -18.09
N GLY G 701 -28.52 -37.07 -19.07
CA GLY G 701 -27.42 -37.55 -19.87
C GLY G 701 -26.14 -37.68 -19.08
N ALA G 702 -25.99 -36.86 -18.04
CA ALA G 702 -24.91 -37.05 -17.09
C ALA G 702 -25.11 -38.33 -16.29
N ASP G 703 -26.36 -38.67 -15.97
CA ASP G 703 -26.64 -39.89 -15.23
C ASP G 703 -26.28 -41.12 -16.03
N LEU G 704 -26.51 -41.07 -17.34
CA LEU G 704 -26.23 -42.23 -18.19
C LEU G 704 -24.74 -42.47 -18.28
N ALA G 705 -23.96 -41.40 -18.43
CA ALA G 705 -22.51 -41.53 -18.39
C ALA G 705 -22.04 -41.96 -17.01
N PHE G 706 -22.74 -41.53 -15.97
CA PHE G 706 -22.40 -41.93 -14.61
C PHE G 706 -22.65 -43.43 -14.41
N ILE G 707 -23.68 -43.97 -15.06
CA ILE G 707 -23.95 -45.40 -14.98
C ILE G 707 -22.85 -46.19 -15.65
N THR G 708 -22.37 -45.69 -16.80
CA THR G 708 -21.28 -46.37 -17.50
C THR G 708 -19.98 -46.30 -16.71
N GLN G 709 -19.75 -45.18 -16.02
CA GLN G 709 -18.60 -45.09 -15.13
C GLN G 709 -18.72 -46.08 -13.98
N ARG G 710 -19.93 -46.29 -13.50
CA ARG G 710 -20.15 -47.37 -12.54
C ARG G 710 -19.96 -48.73 -13.18
N ALA G 711 -20.52 -48.92 -14.38
CA ALA G 711 -20.50 -50.23 -15.01
C ALA G 711 -19.11 -50.63 -15.45
N VAL G 712 -18.31 -49.68 -15.93
CA VAL G 712 -16.91 -49.95 -16.24
C VAL G 712 -16.16 -50.27 -14.97
N LYS G 713 -16.43 -49.53 -13.89
CA LYS G 713 -15.89 -49.87 -12.59
C LYS G 713 -16.38 -51.24 -12.14
N LEU G 714 -17.64 -51.57 -12.43
CA LEU G 714 -18.12 -52.92 -12.20
C LEU G 714 -17.44 -53.92 -13.13
N ALA G 715 -17.09 -53.48 -14.34
CA ALA G 715 -16.35 -54.35 -15.23
C ALA G 715 -14.92 -54.53 -14.76
N ILE G 716 -14.32 -53.49 -14.21
CA ILE G 716 -12.98 -53.61 -13.65
C ILE G 716 -13.03 -54.36 -12.33
N LYS G 717 -14.18 -54.31 -11.64
CA LYS G 717 -14.42 -55.21 -10.52
C LYS G 717 -14.70 -56.64 -11.01
N GLU G 718 -14.74 -56.82 -12.33
CA GLU G 718 -14.60 -58.16 -12.86
C GLU G 718 -13.26 -58.33 -13.55
N SER G 719 -12.69 -57.25 -14.09
CA SER G 719 -11.52 -57.39 -14.95
C SER G 719 -10.27 -57.67 -14.15
N ILE G 720 -9.85 -56.71 -13.34
CA ILE G 720 -8.64 -56.94 -12.55
C ILE G 720 -8.95 -57.77 -11.32
N ALA G 721 -10.23 -57.95 -11.00
CA ALA G 721 -10.57 -58.99 -10.05
C ALA G 721 -10.21 -60.35 -10.61
N ALA G 722 -10.53 -60.61 -11.88
CA ALA G 722 -10.08 -61.83 -12.54
C ALA G 722 -8.57 -61.86 -12.70
N GLU G 723 -7.95 -60.70 -12.78
CA GLU G 723 -6.50 -60.62 -12.93
C GLU G 723 -5.78 -61.03 -11.65
N ILE G 724 -6.50 -60.92 -10.53
CA ILE G 724 -5.94 -61.28 -9.23
C ILE G 724 -6.62 -62.52 -8.66
N GLU G 725 -7.65 -62.99 -9.35
CA GLU G 725 -8.39 -64.17 -8.92
C GLU G 725 -7.52 -65.42 -8.98
N PRO G 745 -9.78 -61.30 -20.67
CA PRO G 745 -9.56 -59.91 -20.28
C PRO G 745 -10.85 -59.13 -20.07
N VAL G 746 -11.99 -59.81 -20.26
CA VAL G 746 -13.36 -59.26 -20.38
C VAL G 746 -13.42 -57.87 -21.02
N PRO G 747 -13.10 -57.70 -22.32
CA PRO G 747 -13.35 -56.40 -22.93
C PRO G 747 -14.79 -56.26 -23.42
N GLU G 748 -15.75 -56.54 -22.56
CA GLU G 748 -17.16 -56.43 -22.89
C GLU G 748 -17.94 -55.94 -21.69
N LEU G 749 -18.95 -55.13 -21.93
CA LEU G 749 -19.69 -54.50 -20.85
C LEU G 749 -21.04 -55.20 -20.72
N THR G 750 -21.12 -56.18 -19.83
CA THR G 750 -22.21 -57.13 -19.85
C THR G 750 -23.49 -56.51 -19.32
N LYS G 751 -24.59 -57.23 -19.56
CA LYS G 751 -25.84 -56.91 -18.90
C LYS G 751 -25.72 -57.10 -17.39
N ARG G 752 -24.92 -58.09 -16.98
CA ARG G 752 -24.61 -58.26 -15.57
C ARG G 752 -23.82 -57.11 -15.02
N HIS G 753 -22.94 -56.51 -15.82
CA HIS G 753 -22.32 -55.25 -15.44
C HIS G 753 -23.35 -54.14 -15.41
N PHE G 754 -24.38 -54.25 -16.23
CA PHE G 754 -25.35 -53.18 -16.33
C PHE G 754 -26.44 -53.33 -15.30
N GLU G 755 -27.04 -54.53 -15.18
CA GLU G 755 -28.19 -54.71 -14.29
C GLU G 755 -27.82 -54.55 -12.83
N GLU G 756 -26.55 -54.69 -12.49
CA GLU G 756 -26.10 -54.22 -11.19
C GLU G 756 -26.17 -52.69 -11.12
N ALA G 757 -25.59 -52.01 -12.10
CA ALA G 757 -25.64 -50.55 -12.12
C ALA G 757 -27.06 -50.05 -12.42
N MET G 758 -27.85 -50.84 -13.18
CA MET G 758 -29.24 -50.47 -13.39
C MET G 758 -30.05 -50.59 -12.11
N ARG G 759 -29.76 -51.59 -11.29
CA ARG G 759 -30.37 -51.64 -9.97
C ARG G 759 -29.81 -50.54 -9.08
N ASP G 760 -28.53 -50.20 -9.26
CA ASP G 760 -27.90 -49.15 -8.50
C ASP G 760 -28.15 -47.78 -9.10
N ALA G 761 -28.96 -47.69 -10.15
CA ALA G 761 -29.17 -46.42 -10.83
C ALA G 761 -30.00 -45.49 -9.95
N ARG G 762 -29.67 -44.20 -10.01
CA ARG G 762 -30.30 -43.23 -9.13
C ARG G 762 -30.45 -41.91 -9.89
N ARG G 763 -31.64 -41.33 -9.80
CA ARG G 763 -31.94 -40.09 -10.49
C ARG G 763 -31.33 -38.90 -9.75
N SER G 764 -30.79 -37.96 -10.52
CA SER G 764 -30.12 -36.80 -9.97
C SER G 764 -30.97 -35.55 -10.01
N VAL G 765 -32.08 -35.55 -10.73
CA VAL G 765 -32.89 -34.36 -10.93
C VAL G 765 -34.29 -34.64 -10.42
N SER G 766 -34.77 -33.81 -9.50
CA SER G 766 -36.16 -33.92 -9.07
C SER G 766 -37.08 -33.38 -10.14
N ASP G 767 -38.24 -34.01 -10.26
CA ASP G 767 -39.22 -33.55 -11.24
C ASP G 767 -39.89 -32.25 -10.81
N VAL G 768 -39.92 -31.98 -9.51
CA VAL G 768 -40.46 -30.71 -9.03
C VAL G 768 -39.50 -29.58 -9.37
N GLU G 769 -38.21 -29.89 -9.49
CA GLU G 769 -37.27 -28.93 -10.05
C GLU G 769 -37.56 -28.72 -11.52
N ILE G 770 -37.95 -29.78 -12.21
CA ILE G 770 -38.27 -29.69 -13.63
C ILE G 770 -39.51 -28.86 -13.84
N ARG G 771 -40.49 -29.00 -12.94
CA ARG G 771 -41.72 -28.22 -13.01
C ARG G 771 -41.47 -26.74 -12.83
N ARG G 772 -40.40 -26.37 -12.14
CA ARG G 772 -39.93 -25.00 -12.20
C ARG G 772 -39.50 -24.66 -13.61
N TYR G 773 -38.51 -25.41 -14.13
CA TYR G 773 -37.93 -25.14 -15.44
C TYR G 773 -38.95 -25.26 -16.56
N GLU G 774 -39.91 -26.17 -16.42
CA GLU G 774 -40.95 -26.27 -17.45
C GLU G 774 -41.88 -25.06 -17.39
N ALA G 775 -42.07 -24.49 -16.21
CA ALA G 775 -42.78 -23.22 -16.14
C ALA G 775 -41.95 -22.09 -16.72
N PHE G 776 -40.63 -22.15 -16.55
CA PHE G 776 -39.77 -21.24 -17.29
C PHE G 776 -39.77 -21.57 -18.77
N ALA G 777 -39.77 -22.86 -19.10
CA ALA G 777 -39.92 -23.26 -20.50
C ALA G 777 -41.30 -22.91 -21.04
N GLN G 778 -42.32 -22.92 -20.18
CA GLN G 778 -43.57 -22.31 -20.60
C GLN G 778 -43.43 -20.81 -20.73
N GLN G 779 -42.89 -20.16 -19.69
CA GLN G 779 -42.75 -18.72 -19.74
C GLN G 779 -41.66 -18.29 -18.78
N MET G 780 -40.55 -17.84 -19.32
CA MET G 780 -39.62 -17.04 -18.54
C MET G 780 -39.66 -15.57 -18.96
N LYS G 781 -40.31 -15.23 -20.08
CA LYS G 781 -40.29 -13.86 -20.58
C LYS G 781 -41.02 -12.88 -19.67
N ASN G 782 -41.83 -13.38 -18.72
CA ASN G 782 -42.34 -12.54 -17.65
C ASN G 782 -41.22 -12.07 -16.71
N ALA G 783 -40.12 -12.84 -16.62
CA ALA G 783 -38.92 -12.53 -15.82
C ALA G 783 -39.20 -12.31 -14.33
#